data_2JZJ
#
_entry.id   2JZJ
#
_entity_poly.entity_id   1
_entity_poly.type   'polypeptide(L)'
_entity_poly.pdbx_seq_one_letter_code
;MQCNFANSCTGVELYGYILRGDCINEDGHPHATSINLNYYIGNDNGRLEYPGESFGSSCVKTALNDGHTLTASCKGADGQ
YHDSSMDLNYVVGNSYGYMEPCRASNADHVLKSSSELEHHHHHH
;
_entity_poly.pdbx_strand_id   A
#
# COMPACT_ATOMS: atom_id res chain seq x y z
N MET A 1 12.62 -11.40 5.74
CA MET A 1 12.98 -9.97 5.80
C MET A 1 11.80 -9.10 5.38
N GLN A 2 11.46 -9.14 4.09
CA GLN A 2 10.35 -8.34 3.56
C GLN A 2 10.59 -6.85 3.83
N CYS A 3 9.53 -6.06 3.79
CA CYS A 3 9.65 -4.64 4.04
C CYS A 3 9.04 -4.31 5.40
N ASN A 4 7.72 -4.50 5.52
CA ASN A 4 6.99 -4.26 6.76
C ASN A 4 7.23 -2.87 7.30
N PHE A 5 6.69 -1.84 6.66
CA PHE A 5 6.88 -0.47 7.14
C PHE A 5 6.45 -0.34 8.60
N ALA A 6 5.39 -1.05 8.95
CA ALA A 6 4.82 -1.04 10.29
C ALA A 6 5.80 -1.41 11.40
N ASN A 7 6.88 -2.12 11.08
CA ASN A 7 7.85 -2.55 12.09
C ASN A 7 8.53 -1.37 12.79
N SER A 8 8.64 -0.26 12.09
CA SER A 8 9.28 0.91 12.66
C SER A 8 8.46 2.16 12.39
N CYS A 9 7.21 1.96 12.02
CA CYS A 9 6.32 3.08 11.73
C CYS A 9 5.15 3.08 12.71
N THR A 10 4.85 4.24 13.27
CA THR A 10 3.77 4.37 14.24
C THR A 10 2.85 5.54 13.89
N GLY A 11 1.59 5.43 14.31
CA GLY A 11 0.62 6.47 14.05
C GLY A 11 0.37 6.66 12.58
N VAL A 12 -0.13 5.61 11.94
CA VAL A 12 -0.40 5.65 10.51
C VAL A 12 -1.86 6.01 10.21
N GLU A 13 -2.04 6.96 9.32
CA GLU A 13 -3.36 7.41 8.91
C GLU A 13 -3.51 7.30 7.40
N LEU A 14 -4.75 7.22 6.92
CA LEU A 14 -5.02 7.11 5.50
C LEU A 14 -6.21 7.96 5.10
N TYR A 15 -5.98 8.88 4.17
CA TYR A 15 -7.02 9.75 3.66
C TYR A 15 -7.06 9.69 2.14
N GLY A 16 -8.03 8.95 1.61
CA GLY A 16 -8.17 8.83 0.17
C GLY A 16 -7.17 7.87 -0.45
N TYR A 17 -5.89 8.19 -0.29
CA TYR A 17 -4.81 7.36 -0.83
C TYR A 17 -3.46 7.86 -0.29
N ILE A 18 -3.49 8.48 0.88
CA ILE A 18 -2.28 9.02 1.50
C ILE A 18 -2.02 8.38 2.85
N LEU A 19 -0.94 7.62 2.94
CA LEU A 19 -0.56 6.95 4.17
C LEU A 19 0.51 7.77 4.85
N ARG A 20 0.20 8.32 6.00
CA ARG A 20 1.17 9.13 6.71
C ARG A 20 1.38 8.60 8.12
N GLY A 21 2.61 8.65 8.57
CA GLY A 21 2.94 8.18 9.89
C GLY A 21 4.34 8.56 10.32
N ASP A 22 4.71 8.15 11.52
CA ASP A 22 6.02 8.44 12.05
C ASP A 22 6.90 7.19 11.96
N CYS A 23 7.85 7.22 11.06
CA CYS A 23 8.74 6.08 10.88
C CYS A 23 10.13 6.43 11.41
N ILE A 24 10.69 5.52 12.19
CA ILE A 24 12.00 5.73 12.79
C ILE A 24 13.12 5.62 11.76
N ASN A 25 14.08 6.54 11.84
CA ASN A 25 15.20 6.55 10.92
C ASN A 25 16.44 5.96 11.59
N GLU A 26 17.62 6.09 10.98
CA GLU A 26 18.84 5.55 11.55
C GLU A 26 19.18 6.21 12.89
N ASP A 27 18.72 7.44 13.08
CA ASP A 27 18.98 8.18 14.31
C ASP A 27 18.24 7.56 15.50
N GLY A 28 17.17 6.82 15.21
CA GLY A 28 16.41 6.19 16.26
C GLY A 28 15.21 7.00 16.67
N HIS A 29 14.95 8.08 15.94
CA HIS A 29 13.82 8.94 16.21
C HIS A 29 12.77 8.82 15.12
N PRO A 30 11.48 8.87 15.50
CA PRO A 30 10.37 8.77 14.56
C PRO A 30 10.26 10.03 13.69
N HIS A 31 10.33 9.83 12.38
CA HIS A 31 10.23 10.92 11.44
C HIS A 31 8.93 10.81 10.65
N ALA A 32 8.19 11.90 10.58
CA ALA A 32 6.93 11.92 9.86
C ALA A 32 7.14 11.84 8.36
N THR A 33 6.57 10.81 7.76
CA THR A 33 6.66 10.60 6.33
C THR A 33 5.31 10.20 5.79
N SER A 34 5.06 10.49 4.53
CA SER A 34 3.79 10.15 3.92
C SER A 34 4.02 9.47 2.59
N ILE A 35 3.12 8.57 2.24
CA ILE A 35 3.23 7.84 0.99
C ILE A 35 1.90 7.85 0.25
N ASN A 36 1.96 7.89 -1.07
CA ASN A 36 0.76 7.88 -1.88
C ASN A 36 0.53 6.50 -2.46
N LEU A 37 -0.35 5.76 -1.81
CA LEU A 37 -0.69 4.39 -2.21
C LEU A 37 -1.25 4.36 -3.62
N ASN A 38 -1.85 5.48 -4.01
CA ASN A 38 -2.46 5.62 -5.33
C ASN A 38 -1.46 5.35 -6.45
N TYR A 39 -0.18 5.54 -6.18
CA TYR A 39 0.84 5.34 -7.20
C TYR A 39 1.64 4.06 -6.95
N TYR A 40 1.24 3.25 -5.98
CA TYR A 40 1.98 2.02 -5.69
C TYR A 40 1.08 0.80 -5.65
N ILE A 41 -0.21 1.01 -5.53
CA ILE A 41 -1.16 -0.09 -5.45
C ILE A 41 -2.14 -0.04 -6.62
N GLY A 42 -2.52 -1.22 -7.11
CA GLY A 42 -3.45 -1.28 -8.21
C GLY A 42 -4.73 -1.98 -7.84
N ASN A 43 -5.65 -2.08 -8.78
CA ASN A 43 -6.93 -2.73 -8.54
C ASN A 43 -7.24 -3.72 -9.65
N ASP A 44 -7.02 -5.00 -9.36
CA ASP A 44 -7.27 -6.07 -10.32
C ASP A 44 -8.54 -6.81 -9.95
N ASN A 45 -9.50 -6.85 -10.87
CA ASN A 45 -10.77 -7.53 -10.65
C ASN A 45 -11.49 -6.92 -9.46
N GLY A 46 -11.31 -5.61 -9.26
CA GLY A 46 -11.95 -4.92 -8.16
C GLY A 46 -11.33 -5.28 -6.83
N ARG A 47 -10.09 -5.76 -6.88
CA ARG A 47 -9.37 -6.15 -5.68
C ARG A 47 -8.08 -5.36 -5.56
N LEU A 48 -7.57 -5.26 -4.35
CA LEU A 48 -6.35 -4.53 -4.10
C LEU A 48 -5.14 -5.40 -4.42
N GLU A 49 -4.37 -4.98 -5.41
CA GLU A 49 -3.19 -5.72 -5.80
C GLU A 49 -1.96 -5.00 -5.28
N TYR A 50 -0.96 -5.76 -4.86
CA TYR A 50 0.27 -5.20 -4.32
C TYR A 50 0.79 -4.13 -5.12
N PRO A 51 1.36 -4.34 -6.24
CA PRO A 51 1.81 -3.23 -6.83
C PRO A 51 1.04 -2.85 -8.06
N GLY A 52 0.57 -1.67 -8.02
CA GLY A 52 -0.24 -1.18 -9.09
C GLY A 52 -0.13 0.31 -9.28
N GLU A 53 -1.11 0.86 -9.97
CA GLU A 53 -1.15 2.28 -10.25
C GLU A 53 -2.59 2.77 -10.35
N SER A 54 -2.82 3.95 -9.80
CA SER A 54 -4.12 4.62 -9.79
C SER A 54 -5.27 3.71 -9.34
N PHE A 55 -5.12 3.06 -8.19
CA PHE A 55 -6.18 2.21 -7.68
C PHE A 55 -7.29 3.07 -7.09
N GLY A 56 -6.90 4.15 -6.41
CA GLY A 56 -7.84 5.05 -5.77
C GLY A 56 -8.79 5.70 -6.75
N SER A 57 -8.41 5.67 -8.01
CA SER A 57 -9.19 6.22 -9.08
C SER A 57 -10.46 5.40 -9.30
N SER A 58 -10.44 4.13 -8.88
CA SER A 58 -11.57 3.24 -9.02
C SER A 58 -11.81 2.47 -7.71
N CYS A 59 -11.32 3.02 -6.61
CA CYS A 59 -11.47 2.39 -5.30
C CYS A 59 -11.96 3.40 -4.28
N VAL A 60 -12.77 2.93 -3.35
CA VAL A 60 -13.31 3.78 -2.28
C VAL A 60 -13.19 3.08 -0.94
N LYS A 61 -13.45 3.81 0.14
CA LYS A 61 -13.38 3.26 1.50
C LYS A 61 -11.94 2.90 1.86
N THR A 62 -11.01 3.73 1.40
CA THR A 62 -9.59 3.53 1.66
C THR A 62 -9.26 3.70 3.14
N ALA A 63 -8.79 2.64 3.77
CA ALA A 63 -8.44 2.67 5.18
C ALA A 63 -7.33 1.67 5.48
N LEU A 64 -6.64 1.84 6.60
CA LEU A 64 -5.56 0.95 6.98
C LEU A 64 -5.93 0.13 8.20
N ASN A 65 -5.85 -1.18 8.07
CA ASN A 65 -6.16 -2.09 9.17
C ASN A 65 -4.88 -2.48 9.89
N ASP A 66 -4.89 -2.29 11.20
CA ASP A 66 -3.76 -2.62 12.08
C ASP A 66 -2.45 -2.00 11.58
N GLY A 67 -2.56 -0.91 10.83
CA GLY A 67 -1.41 -0.20 10.30
C GLY A 67 -0.48 -1.08 9.47
N HIS A 68 -1.03 -1.98 8.68
CA HIS A 68 -0.22 -2.85 7.83
C HIS A 68 -0.96 -3.32 6.59
N THR A 69 -2.28 -3.39 6.69
CA THR A 69 -3.11 -3.84 5.59
C THR A 69 -4.03 -2.74 5.09
N LEU A 70 -4.04 -2.52 3.79
CA LEU A 70 -4.91 -1.50 3.20
C LEU A 70 -6.24 -2.13 2.84
N THR A 71 -7.33 -1.44 3.09
CA THR A 71 -8.64 -1.94 2.76
C THR A 71 -9.40 -0.94 1.91
N ALA A 72 -10.00 -1.44 0.85
CA ALA A 72 -10.77 -0.59 -0.05
C ALA A 72 -11.66 -1.43 -0.96
N SER A 73 -12.68 -0.79 -1.51
CA SER A 73 -13.62 -1.44 -2.40
C SER A 73 -13.35 -0.92 -3.82
N CYS A 74 -13.07 -1.83 -4.74
CA CYS A 74 -12.75 -1.44 -6.11
C CYS A 74 -13.65 -2.13 -7.13
N LYS A 75 -13.79 -1.48 -8.27
CA LYS A 75 -14.60 -2.01 -9.36
C LYS A 75 -13.69 -2.72 -10.37
N GLY A 76 -14.19 -3.78 -10.99
CA GLY A 76 -13.40 -4.49 -11.98
C GLY A 76 -13.79 -5.94 -12.12
N ALA A 77 -14.24 -6.53 -11.02
CA ALA A 77 -14.67 -7.93 -11.00
C ALA A 77 -15.69 -8.24 -12.08
N ASP A 78 -16.63 -7.34 -12.27
CA ASP A 78 -17.68 -7.52 -13.28
C ASP A 78 -18.54 -6.27 -13.35
N GLY A 79 -17.89 -5.13 -13.58
CA GLY A 79 -18.60 -3.87 -13.65
C GLY A 79 -19.17 -3.48 -12.30
N GLN A 80 -18.73 -4.20 -11.28
CA GLN A 80 -19.18 -3.97 -9.92
C GLN A 80 -17.97 -3.88 -9.00
N TYR A 81 -18.18 -3.31 -7.83
CA TYR A 81 -17.11 -3.15 -6.86
C TYR A 81 -17.16 -4.29 -5.84
N HIS A 82 -16.10 -4.41 -5.04
CA HIS A 82 -16.02 -5.44 -4.02
C HIS A 82 -15.01 -5.02 -2.98
N ASP A 83 -15.36 -5.21 -1.72
CA ASP A 83 -14.48 -4.85 -0.61
C ASP A 83 -13.31 -5.80 -0.54
N SER A 84 -12.11 -5.26 -0.54
CA SER A 84 -10.91 -6.07 -0.50
C SER A 84 -9.85 -5.44 0.41
N SER A 85 -8.79 -6.19 0.64
CA SER A 85 -7.70 -5.72 1.47
C SER A 85 -6.38 -6.14 0.83
N MET A 86 -5.32 -5.43 1.19
CA MET A 86 -4.01 -5.71 0.66
C MET A 86 -2.94 -5.55 1.73
N ASP A 87 -2.18 -6.60 1.97
CA ASP A 87 -1.11 -6.54 2.94
C ASP A 87 0.03 -5.73 2.36
N LEU A 88 0.19 -4.51 2.84
CA LEU A 88 1.22 -3.60 2.37
C LEU A 88 2.57 -4.02 2.92
N ASN A 89 2.54 -4.97 3.85
CA ASN A 89 3.74 -5.50 4.47
C ASN A 89 4.82 -5.85 3.45
N TYR A 90 4.41 -6.23 2.24
CA TYR A 90 5.36 -6.58 1.19
C TYR A 90 5.23 -5.64 0.00
N VAL A 91 4.65 -4.47 0.23
CA VAL A 91 4.50 -3.48 -0.83
C VAL A 91 5.03 -2.12 -0.38
N VAL A 92 5.34 -2.00 0.91
CA VAL A 92 5.85 -0.77 1.48
C VAL A 92 6.72 -1.07 2.70
N GLY A 93 7.79 -0.30 2.88
CA GLY A 93 8.66 -0.50 4.01
C GLY A 93 9.25 0.80 4.49
N ASN A 94 9.90 0.74 5.65
CA ASN A 94 10.53 1.92 6.22
C ASN A 94 12.02 1.89 5.94
N SER A 95 12.54 3.00 5.45
CA SER A 95 13.95 3.10 5.16
C SER A 95 14.48 4.44 5.59
N TYR A 96 15.03 4.48 6.80
CA TYR A 96 15.63 5.69 7.35
C TYR A 96 14.58 6.79 7.52
N GLY A 97 13.43 6.41 8.06
CA GLY A 97 12.34 7.36 8.28
C GLY A 97 11.90 8.02 6.99
N TYR A 98 12.15 7.36 5.88
CA TYR A 98 11.79 7.89 4.59
C TYR A 98 10.90 6.91 3.85
N MET A 99 9.90 7.45 3.16
CA MET A 99 8.95 6.65 2.39
C MET A 99 9.68 5.77 1.36
N GLU A 100 9.64 4.47 1.59
CA GLU A 100 10.28 3.52 0.70
C GLU A 100 9.39 2.31 0.46
N PRO A 101 8.37 2.45 -0.39
CA PRO A 101 7.46 1.37 -0.71
C PRO A 101 8.09 0.34 -1.63
N CYS A 102 8.63 -0.69 -1.03
CA CYS A 102 9.27 -1.77 -1.78
C CYS A 102 8.27 -2.89 -2.02
N ARG A 103 7.89 -3.06 -3.27
CA ARG A 103 6.94 -4.10 -3.64
C ARG A 103 7.68 -5.39 -3.94
N ALA A 104 7.04 -6.52 -3.70
CA ALA A 104 7.64 -7.81 -3.97
C ALA A 104 6.95 -8.48 -5.15
N SER A 105 6.93 -7.78 -6.28
CA SER A 105 6.30 -8.26 -7.50
C SER A 105 6.50 -7.25 -8.62
N ASN A 106 5.38 -6.72 -9.11
CA ASN A 106 5.38 -5.71 -10.19
C ASN A 106 6.15 -6.20 -11.40
N ALA A 107 5.73 -7.33 -11.93
CA ALA A 107 6.37 -7.93 -13.09
C ALA A 107 5.82 -7.30 -14.39
N ASP A 108 6.22 -7.89 -15.52
CA ASP A 108 5.83 -7.44 -16.86
C ASP A 108 5.75 -5.92 -16.98
N HIS A 109 4.54 -5.38 -16.95
CA HIS A 109 4.36 -3.93 -17.02
C HIS A 109 2.99 -3.56 -16.49
N VAL A 110 1.95 -3.96 -17.22
CA VAL A 110 0.59 -3.67 -16.81
C VAL A 110 -0.07 -4.91 -16.23
N LEU A 111 0.30 -5.22 -15.01
CA LEU A 111 -0.23 -6.38 -14.29
C LEU A 111 -1.63 -6.10 -13.77
N LYS A 112 -2.09 -4.89 -14.02
CA LYS A 112 -3.42 -4.45 -13.60
C LYS A 112 -4.45 -4.80 -14.67
N SER A 113 -4.01 -5.66 -15.59
CA SER A 113 -4.84 -6.13 -16.70
C SER A 113 -5.47 -4.94 -17.44
N SER A 114 -4.64 -3.98 -17.81
CA SER A 114 -5.12 -2.79 -18.49
C SER A 114 -4.49 -2.70 -19.87
N SER A 115 -5.28 -3.06 -20.88
CA SER A 115 -4.81 -3.03 -22.26
C SER A 115 -4.58 -1.61 -22.71
N GLU A 116 -5.42 -0.71 -22.23
CA GLU A 116 -5.32 0.70 -22.58
C GLU A 116 -5.22 1.56 -21.34
N MET A 1 15.93 -9.32 4.27
CA MET A 1 15.69 -7.86 4.36
C MET A 1 14.29 -7.57 4.86
N GLN A 2 13.30 -7.69 3.97
CA GLN A 2 11.89 -7.43 4.29
C GLN A 2 11.64 -5.94 4.46
N CYS A 3 10.53 -5.49 3.90
CA CYS A 3 10.15 -4.08 3.97
C CYS A 3 9.37 -3.82 5.25
N ASN A 4 8.10 -4.25 5.28
CA ASN A 4 7.23 -4.09 6.45
C ASN A 4 7.38 -2.72 7.11
N PHE A 5 6.85 -1.68 6.47
CA PHE A 5 6.95 -0.33 7.02
C PHE A 5 6.39 -0.27 8.45
N ALA A 6 5.29 -0.97 8.68
CA ALA A 6 4.60 -0.99 9.96
C ALA A 6 5.48 -1.43 11.13
N ASN A 7 6.56 -2.16 10.87
CA ASN A 7 7.43 -2.63 11.94
C ASN A 7 8.26 -1.49 12.52
N SER A 8 8.40 -0.41 11.77
CA SER A 8 9.17 0.73 12.23
C SER A 8 8.38 2.03 12.05
N CYS A 9 7.10 1.90 11.74
CA CYS A 9 6.23 3.05 11.54
C CYS A 9 5.08 3.04 12.53
N THR A 10 4.84 4.18 13.15
CA THR A 10 3.76 4.32 14.12
C THR A 10 2.87 5.50 13.77
N GLY A 11 1.64 5.49 14.31
CA GLY A 11 0.69 6.55 14.05
C GLY A 11 0.42 6.74 12.58
N VAL A 12 0.20 5.65 11.87
CA VAL A 12 -0.07 5.70 10.45
C VAL A 12 -1.55 5.90 10.16
N GLU A 13 -1.85 6.94 9.42
CA GLU A 13 -3.23 7.27 9.05
C GLU A 13 -3.38 7.30 7.54
N LEU A 14 -4.52 6.84 7.06
CA LEU A 14 -4.80 6.81 5.64
C LEU A 14 -6.03 7.68 5.34
N TYR A 15 -5.79 8.78 4.64
CA TYR A 15 -6.86 9.69 4.29
C TYR A 15 -6.75 10.09 2.83
N GLY A 16 -7.62 9.52 2.00
CA GLY A 16 -7.62 9.83 0.59
C GLY A 16 -6.41 9.24 -0.13
N TYR A 17 -6.19 7.94 0.06
CA TYR A 17 -5.08 7.22 -0.56
C TYR A 17 -3.71 7.74 -0.09
N ILE A 18 -3.72 8.50 1.02
CA ILE A 18 -2.49 9.06 1.56
C ILE A 18 -2.20 8.50 2.94
N LEU A 19 -1.10 7.78 3.05
CA LEU A 19 -0.70 7.18 4.31
C LEU A 19 0.41 7.99 4.95
N ARG A 20 0.13 8.59 6.07
CA ARG A 20 1.14 9.38 6.76
C ARG A 20 1.37 8.82 8.15
N GLY A 21 2.60 8.88 8.60
CA GLY A 21 2.91 8.40 9.92
C GLY A 21 4.33 8.72 10.32
N ASP A 22 4.73 8.22 11.48
CA ASP A 22 6.07 8.45 11.99
C ASP A 22 6.88 7.18 11.92
N CYS A 23 7.86 7.15 11.04
CA CYS A 23 8.72 5.99 10.90
C CYS A 23 10.08 6.28 11.48
N ILE A 24 10.59 5.37 12.29
CA ILE A 24 11.88 5.54 12.94
C ILE A 24 13.01 5.45 11.93
N ASN A 25 13.96 6.38 12.03
CA ASN A 25 15.09 6.41 11.12
C ASN A 25 16.34 5.89 11.84
N GLU A 26 17.49 5.97 11.17
CA GLU A 26 18.76 5.52 11.73
C GLU A 26 18.99 6.09 13.13
N ASP A 27 18.63 7.35 13.31
CA ASP A 27 18.79 8.05 14.58
C ASP A 27 18.06 7.36 15.73
N GLY A 28 17.02 6.61 15.41
CA GLY A 28 16.27 5.92 16.44
C GLY A 28 15.01 6.68 16.82
N HIS A 29 14.82 7.82 16.18
CA HIS A 29 13.66 8.65 16.44
C HIS A 29 12.66 8.58 15.30
N PRO A 30 11.36 8.66 15.63
CA PRO A 30 10.29 8.63 14.64
C PRO A 30 10.27 9.88 13.76
N HIS A 31 10.38 9.68 12.46
CA HIS A 31 10.37 10.76 11.49
C HIS A 31 9.08 10.74 10.69
N ALA A 32 8.39 11.86 10.64
CA ALA A 32 7.14 11.96 9.92
C ALA A 32 7.34 11.84 8.41
N THR A 33 6.62 10.90 7.82
CA THR A 33 6.69 10.65 6.40
C THR A 33 5.30 10.28 5.88
N SER A 34 5.10 10.45 4.59
CA SER A 34 3.82 10.13 3.98
C SER A 34 3.99 9.45 2.63
N ILE A 35 3.08 8.55 2.31
CA ILE A 35 3.14 7.84 1.06
C ILE A 35 1.79 7.88 0.36
N ASN A 36 1.81 7.98 -0.96
CA ASN A 36 0.58 8.02 -1.73
C ASN A 36 0.38 6.66 -2.39
N LEU A 37 -0.40 5.81 -1.73
CA LEU A 37 -0.68 4.45 -2.20
C LEU A 37 -1.32 4.43 -3.58
N ASN A 38 -1.89 5.56 -3.96
CA ASN A 38 -2.55 5.69 -5.24
C ASN A 38 -1.64 5.31 -6.41
N TYR A 39 -0.36 5.57 -6.26
CA TYR A 39 0.61 5.26 -7.31
C TYR A 39 1.46 4.05 -6.96
N TYR A 40 1.03 3.26 -5.98
CA TYR A 40 1.77 2.08 -5.57
C TYR A 40 0.91 0.83 -5.56
N ILE A 41 -0.39 0.99 -5.41
CA ILE A 41 -1.32 -0.14 -5.39
C ILE A 41 -2.18 -0.13 -6.65
N GLY A 42 -2.49 -1.30 -7.18
CA GLY A 42 -3.31 -1.38 -8.38
C GLY A 42 -4.64 -2.07 -8.13
N ASN A 43 -5.50 -2.02 -9.15
CA ASN A 43 -6.82 -2.64 -9.05
C ASN A 43 -6.90 -3.91 -9.89
N ASP A 44 -7.04 -5.04 -9.22
CA ASP A 44 -7.15 -6.32 -9.89
C ASP A 44 -8.56 -6.86 -9.73
N ASN A 45 -9.35 -6.77 -10.81
CA ASN A 45 -10.75 -7.20 -10.87
C ASN A 45 -11.55 -6.80 -9.61
N GLY A 46 -11.36 -5.56 -9.17
CA GLY A 46 -12.08 -5.07 -8.01
C GLY A 46 -11.40 -5.38 -6.70
N ARG A 47 -10.18 -5.88 -6.77
CA ARG A 47 -9.40 -6.22 -5.60
C ARG A 47 -8.13 -5.39 -5.53
N LEU A 48 -7.57 -5.32 -4.33
CA LEU A 48 -6.35 -4.55 -4.11
C LEU A 48 -5.14 -5.40 -4.47
N GLU A 49 -4.42 -4.95 -5.48
CA GLU A 49 -3.23 -5.63 -5.94
C GLU A 49 -2.00 -4.90 -5.45
N TYR A 50 -1.11 -5.64 -4.77
CA TYR A 50 0.12 -5.11 -4.21
C TYR A 50 0.73 -4.09 -5.01
N PRO A 51 1.29 -4.35 -6.12
CA PRO A 51 1.84 -3.28 -6.71
C PRO A 51 1.12 -2.86 -7.96
N GLY A 52 0.66 -1.68 -7.91
CA GLY A 52 -0.09 -1.17 -9.00
C GLY A 52 0.01 0.33 -9.14
N GLU A 53 -0.94 0.90 -9.87
CA GLU A 53 -0.98 2.34 -10.11
C GLU A 53 -2.41 2.77 -10.46
N SER A 54 -2.78 3.95 -9.96
CA SER A 54 -4.09 4.53 -10.20
C SER A 54 -5.24 3.64 -9.73
N PHE A 55 -5.06 2.95 -8.61
CA PHE A 55 -6.11 2.09 -8.10
C PHE A 55 -7.25 2.95 -7.59
N GLY A 56 -6.91 4.12 -7.05
CA GLY A 56 -7.92 5.03 -6.52
C GLY A 56 -8.90 5.50 -7.57
N SER A 57 -8.50 5.36 -8.82
CA SER A 57 -9.33 5.74 -9.95
C SER A 57 -10.56 4.84 -10.04
N SER A 58 -10.53 3.72 -9.33
CA SER A 58 -11.64 2.77 -9.33
C SER A 58 -11.79 2.10 -7.95
N CYS A 59 -11.24 2.74 -6.91
CA CYS A 59 -11.32 2.20 -5.57
C CYS A 59 -11.74 3.26 -4.57
N VAL A 60 -12.60 2.88 -3.63
CA VAL A 60 -13.07 3.79 -2.60
C VAL A 60 -13.02 3.11 -1.24
N LYS A 61 -13.39 3.84 -0.18
CA LYS A 61 -13.39 3.32 1.18
C LYS A 61 -11.99 2.86 1.60
N THR A 62 -11.00 3.68 1.28
CA THR A 62 -9.61 3.35 1.63
C THR A 62 -9.34 3.58 3.12
N ALA A 63 -8.85 2.54 3.78
CA ALA A 63 -8.56 2.59 5.20
C ALA A 63 -7.38 1.69 5.51
N LEU A 64 -6.76 1.88 6.66
CA LEU A 64 -5.61 1.07 7.04
C LEU A 64 -5.88 0.29 8.32
N ASN A 65 -5.87 -1.03 8.21
CA ASN A 65 -6.12 -1.89 9.35
C ASN A 65 -4.81 -2.28 10.02
N ASP A 66 -4.77 -2.05 11.33
CA ASP A 66 -3.61 -2.36 12.17
C ASP A 66 -2.32 -1.71 11.64
N GLY A 67 -2.49 -0.65 10.86
CA GLY A 67 -1.37 0.07 10.30
C GLY A 67 -0.45 -0.74 9.40
N HIS A 68 -0.98 -1.76 8.74
CA HIS A 68 -0.16 -2.59 7.84
C HIS A 68 -0.97 -3.15 6.67
N THR A 69 -2.28 -3.16 6.80
CA THR A 69 -3.14 -3.68 5.75
C THR A 69 -4.04 -2.58 5.19
N LEU A 70 -4.03 -2.43 3.87
CA LEU A 70 -4.87 -1.45 3.22
C LEU A 70 -6.20 -2.09 2.88
N THR A 71 -7.27 -1.38 3.13
CA THR A 71 -8.60 -1.89 2.85
C THR A 71 -9.37 -0.92 1.98
N ALA A 72 -9.95 -1.42 0.91
CA ALA A 72 -10.73 -0.59 0.00
C ALA A 72 -11.66 -1.44 -0.84
N SER A 73 -12.58 -0.79 -1.51
CA SER A 73 -13.53 -1.46 -2.37
C SER A 73 -13.32 -0.98 -3.80
N CYS A 74 -13.03 -1.91 -4.70
CA CYS A 74 -12.77 -1.55 -6.09
C CYS A 74 -13.73 -2.23 -7.04
N LYS A 75 -14.01 -1.55 -8.15
CA LYS A 75 -14.86 -2.08 -9.19
C LYS A 75 -13.99 -2.64 -10.30
N GLY A 76 -14.43 -3.69 -10.97
CA GLY A 76 -13.64 -4.24 -12.06
C GLY A 76 -13.88 -5.72 -12.29
N ALA A 77 -14.36 -6.41 -11.27
CA ALA A 77 -14.62 -7.84 -11.37
C ALA A 77 -15.67 -8.12 -12.45
N ASP A 78 -16.69 -7.29 -12.50
CA ASP A 78 -17.77 -7.45 -13.48
C ASP A 78 -18.76 -6.29 -13.37
N GLY A 79 -18.25 -5.08 -13.53
CA GLY A 79 -19.08 -3.89 -13.46
C GLY A 79 -19.53 -3.57 -12.04
N GLN A 80 -19.10 -4.40 -11.10
CA GLN A 80 -19.45 -4.23 -9.69
C GLN A 80 -18.19 -4.12 -8.85
N TYR A 81 -18.35 -3.63 -7.64
CA TYR A 81 -17.23 -3.48 -6.73
C TYR A 81 -17.38 -4.44 -5.56
N HIS A 82 -16.32 -4.60 -4.79
CA HIS A 82 -16.33 -5.50 -3.65
C HIS A 82 -15.27 -5.08 -2.65
N ASP A 83 -15.48 -5.39 -1.38
CA ASP A 83 -14.54 -5.05 -0.33
C ASP A 83 -13.32 -5.95 -0.40
N SER A 84 -12.15 -5.34 -0.38
CA SER A 84 -10.91 -6.10 -0.46
C SER A 84 -9.85 -5.46 0.43
N SER A 85 -8.77 -6.18 0.67
CA SER A 85 -7.68 -5.68 1.48
C SER A 85 -6.35 -6.06 0.84
N MET A 86 -5.30 -5.39 1.26
CA MET A 86 -3.98 -5.63 0.73
C MET A 86 -2.93 -5.48 1.82
N ASP A 87 -2.17 -6.53 2.06
CA ASP A 87 -1.10 -6.47 3.05
C ASP A 87 0.06 -5.69 2.46
N LEU A 88 0.22 -4.46 2.94
CA LEU A 88 1.26 -3.57 2.47
C LEU A 88 2.61 -3.98 3.02
N ASN A 89 2.57 -4.93 3.95
CA ASN A 89 3.78 -5.46 4.57
C ASN A 89 4.87 -5.79 3.56
N TYR A 90 4.48 -6.16 2.34
CA TYR A 90 5.45 -6.49 1.31
C TYR A 90 5.30 -5.59 0.09
N VAL A 91 4.71 -4.41 0.30
CA VAL A 91 4.53 -3.46 -0.78
C VAL A 91 5.11 -2.09 -0.40
N VAL A 92 5.47 -1.95 0.87
CA VAL A 92 6.05 -0.71 1.38
C VAL A 92 6.90 -0.98 2.63
N GLY A 93 8.05 -0.32 2.71
CA GLY A 93 8.92 -0.50 3.84
C GLY A 93 9.42 0.82 4.38
N ASN A 94 10.19 0.75 5.45
CA ASN A 94 10.74 1.95 6.07
C ASN A 94 12.25 2.02 5.85
N SER A 95 12.71 3.10 5.26
CA SER A 95 14.12 3.28 5.02
C SER A 95 14.57 4.61 5.57
N TYR A 96 15.19 4.56 6.75
CA TYR A 96 15.69 5.76 7.41
C TYR A 96 14.59 6.78 7.66
N GLY A 97 13.46 6.30 8.19
CA GLY A 97 12.33 7.16 8.49
C GLY A 97 11.79 7.87 7.26
N TYR A 98 12.02 7.29 6.10
CA TYR A 98 11.57 7.89 4.85
C TYR A 98 10.80 6.87 4.02
N MET A 99 9.84 7.37 3.26
CA MET A 99 9.00 6.54 2.41
C MET A 99 9.81 5.73 1.39
N GLU A 100 9.71 4.41 1.48
CA GLU A 100 10.38 3.50 0.56
C GLU A 100 9.51 2.29 0.29
N PRO A 101 8.49 2.45 -0.56
CA PRO A 101 7.56 1.37 -0.90
C PRO A 101 8.18 0.34 -1.84
N CYS A 102 8.73 -0.70 -1.24
CA CYS A 102 9.35 -1.77 -2.00
C CYS A 102 8.39 -2.94 -2.14
N ARG A 103 7.95 -3.19 -3.36
CA ARG A 103 7.03 -4.27 -3.63
C ARG A 103 7.79 -5.56 -3.87
N ALA A 104 7.23 -6.68 -3.43
CA ALA A 104 7.86 -7.97 -3.63
C ALA A 104 7.20 -8.72 -4.77
N SER A 105 6.91 -7.99 -5.85
CA SER A 105 6.27 -8.56 -7.02
C SER A 105 6.37 -7.57 -8.19
N ASN A 106 5.22 -7.17 -8.70
CA ASN A 106 5.12 -6.23 -9.83
C ASN A 106 5.60 -6.90 -11.12
N ALA A 107 5.61 -8.22 -11.09
CA ALA A 107 6.02 -9.02 -12.24
C ALA A 107 5.03 -10.15 -12.46
N ASP A 108 4.37 -10.11 -13.61
CA ASP A 108 3.37 -11.11 -13.95
C ASP A 108 3.35 -11.26 -15.48
N HIS A 109 2.32 -11.85 -16.03
CA HIS A 109 2.21 -12.02 -17.47
C HIS A 109 1.98 -10.66 -18.11
N VAL A 110 0.89 -10.01 -17.70
CA VAL A 110 0.55 -8.69 -18.22
C VAL A 110 0.86 -7.65 -17.15
N LEU A 111 2.09 -7.71 -16.68
CA LEU A 111 2.58 -6.79 -15.65
C LEU A 111 4.09 -6.70 -15.74
N LYS A 112 4.57 -5.76 -16.52
CA LYS A 112 6.00 -5.57 -16.68
C LYS A 112 6.45 -4.33 -15.94
N SER A 113 7.48 -4.48 -15.12
CA SER A 113 8.04 -3.38 -14.34
C SER A 113 8.80 -2.40 -15.24
N SER A 114 8.14 -1.86 -16.24
CA SER A 114 8.75 -0.91 -17.16
C SER A 114 7.69 0.03 -17.74
N SER A 115 7.92 1.32 -17.58
CA SER A 115 7.00 2.33 -18.09
C SER A 115 7.24 2.54 -19.58
N GLU A 116 8.45 2.22 -20.00
CA GLU A 116 8.84 2.37 -21.39
C GLU A 116 9.25 1.03 -21.98
N MET A 1 16.21 -8.64 4.73
CA MET A 1 15.31 -8.79 3.58
C MET A 1 13.94 -8.20 3.90
N GLN A 2 13.02 -8.28 2.95
CA GLN A 2 11.65 -7.77 3.09
C GLN A 2 11.65 -6.25 3.28
N CYS A 3 10.49 -5.71 3.59
CA CYS A 3 10.35 -4.28 3.81
C CYS A 3 9.66 -4.02 5.14
N ASN A 4 8.38 -4.40 5.24
CA ASN A 4 7.60 -4.23 6.47
C ASN A 4 7.64 -2.79 6.98
N PHE A 5 7.01 -1.88 6.23
CA PHE A 5 6.98 -0.47 6.62
C PHE A 5 6.43 -0.29 8.04
N ALA A 6 5.34 -0.97 8.32
CA ALA A 6 4.66 -0.89 9.60
C ALA A 6 5.52 -1.32 10.79
N ASN A 7 6.55 -2.12 10.52
CA ASN A 7 7.42 -2.60 11.59
C ASN A 7 8.19 -1.46 12.26
N SER A 8 8.31 -0.34 11.56
CA SER A 8 9.03 0.81 12.09
C SER A 8 8.25 2.10 11.84
N CYS A 9 6.95 1.97 11.68
CA CYS A 9 6.08 3.11 11.42
C CYS A 9 4.85 3.04 12.31
N THR A 10 4.50 4.16 12.94
CA THR A 10 3.34 4.21 13.83
C THR A 10 2.51 5.47 13.56
N GLY A 11 1.29 5.48 14.08
CA GLY A 11 0.40 6.60 13.89
C GLY A 11 0.10 6.86 12.43
N VAL A 12 -0.18 5.79 11.70
CA VAL A 12 -0.46 5.88 10.28
C VAL A 12 -1.92 6.25 10.02
N GLU A 13 -2.12 7.11 9.03
CA GLU A 13 -3.45 7.56 8.64
C GLU A 13 -3.60 7.44 7.13
N LEU A 14 -4.82 7.18 6.67
CA LEU A 14 -5.07 7.05 5.24
C LEU A 14 -6.29 7.85 4.82
N TYR A 15 -6.06 8.83 3.96
CA TYR A 15 -7.12 9.68 3.45
C TYR A 15 -7.09 9.67 1.93
N GLY A 16 -8.10 9.04 1.32
CA GLY A 16 -8.16 8.97 -0.13
C GLY A 16 -7.22 7.91 -0.69
N TYR A 17 -5.92 8.17 -0.59
CA TYR A 17 -4.90 7.26 -1.08
C TYR A 17 -3.51 7.72 -0.61
N ILE A 18 -3.49 8.37 0.54
CA ILE A 18 -2.25 8.89 1.10
C ILE A 18 -2.00 8.30 2.47
N LEU A 19 -0.94 7.53 2.61
CA LEU A 19 -0.58 6.92 3.88
C LEU A 19 0.45 7.79 4.55
N ARG A 20 0.10 8.38 5.66
CA ARG A 20 1.03 9.23 6.37
C ARG A 20 1.19 8.76 7.81
N GLY A 21 2.40 8.79 8.31
CA GLY A 21 2.65 8.36 9.67
C GLY A 21 4.04 8.72 10.13
N ASP A 22 4.41 8.21 11.29
CA ASP A 22 5.72 8.46 11.86
C ASP A 22 6.59 7.22 11.78
N CYS A 23 7.61 7.28 10.94
CA CYS A 23 8.51 6.15 10.78
C CYS A 23 9.84 6.47 11.43
N ILE A 24 10.34 5.54 12.21
CA ILE A 24 11.60 5.73 12.93
C ILE A 24 12.79 5.73 11.99
N ASN A 25 13.76 6.60 12.28
CA ASN A 25 14.96 6.71 11.47
C ASN A 25 16.17 6.14 12.22
N GLU A 26 17.37 6.33 11.69
CA GLU A 26 18.60 5.82 12.31
C GLU A 26 18.75 6.33 13.75
N ASP A 27 18.29 7.55 14.00
CA ASP A 27 18.38 8.18 15.31
C ASP A 27 17.55 7.44 16.35
N GLY A 28 16.53 6.72 15.90
CA GLY A 28 15.68 5.98 16.80
C GLY A 28 14.43 6.75 17.14
N HIS A 29 14.24 7.87 16.46
CA HIS A 29 13.08 8.72 16.67
C HIS A 29 12.19 8.68 15.44
N PRO A 30 10.86 8.74 15.66
CA PRO A 30 9.88 8.73 14.58
C PRO A 30 9.93 10.00 13.74
N HIS A 31 9.92 9.82 12.42
CA HIS A 31 9.97 10.92 11.48
C HIS A 31 8.70 10.91 10.64
N ALA A 32 8.08 12.07 10.49
CA ALA A 32 6.85 12.19 9.71
C ALA A 32 7.10 11.97 8.24
N THR A 33 6.40 11.00 7.67
CA THR A 33 6.53 10.68 6.26
C THR A 33 5.17 10.31 5.68
N SER A 34 5.05 10.41 4.37
CA SER A 34 3.82 10.09 3.68
C SER A 34 4.08 9.36 2.39
N ILE A 35 3.19 8.44 2.04
CA ILE A 35 3.32 7.66 0.82
C ILE A 35 2.00 7.66 0.05
N ASN A 36 2.09 7.64 -1.27
CA ASN A 36 0.91 7.60 -2.11
C ASN A 36 0.68 6.19 -2.62
N LEU A 37 -0.18 5.46 -1.92
CA LEU A 37 -0.50 4.08 -2.28
C LEU A 37 -1.07 4.01 -3.69
N ASN A 38 -1.68 5.11 -4.09
CA ASN A 38 -2.31 5.22 -5.40
C ASN A 38 -1.34 4.89 -6.54
N TYR A 39 -0.06 5.13 -6.32
CA TYR A 39 0.94 4.88 -7.36
C TYR A 39 1.73 3.59 -7.10
N TYR A 40 1.35 2.83 -6.08
CA TYR A 40 2.07 1.60 -5.77
C TYR A 40 1.16 0.39 -5.72
N ILE A 41 -0.13 0.63 -5.55
CA ILE A 41 -1.10 -0.45 -5.48
C ILE A 41 -2.10 -0.35 -6.63
N GLY A 42 -2.50 -1.51 -7.13
CA GLY A 42 -3.44 -1.54 -8.22
C GLY A 42 -4.71 -2.27 -7.86
N ASN A 43 -5.66 -2.28 -8.78
CA ASN A 43 -6.93 -2.93 -8.56
C ASN A 43 -7.23 -3.90 -9.69
N ASP A 44 -7.24 -5.17 -9.37
CA ASP A 44 -7.51 -6.21 -10.34
C ASP A 44 -8.86 -6.86 -10.06
N ASN A 45 -9.79 -6.69 -10.98
CA ASN A 45 -11.12 -7.27 -10.86
C ASN A 45 -11.81 -6.77 -9.59
N GLY A 46 -11.60 -5.49 -9.29
CA GLY A 46 -12.20 -4.90 -8.11
C GLY A 46 -11.53 -5.30 -6.82
N ARG A 47 -10.36 -5.91 -6.93
CA ARG A 47 -9.61 -6.34 -5.75
C ARG A 47 -8.27 -5.64 -5.68
N LEU A 48 -7.77 -5.47 -4.47
CA LEU A 48 -6.49 -4.81 -4.24
C LEU A 48 -5.34 -5.75 -4.56
N GLU A 49 -4.41 -5.26 -5.37
CA GLU A 49 -3.25 -6.03 -5.77
C GLU A 49 -1.99 -5.29 -5.35
N TYR A 50 -1.06 -6.01 -4.72
CA TYR A 50 0.20 -5.44 -4.24
C TYR A 50 0.74 -4.47 -5.12
N PRO A 51 1.16 -4.78 -6.28
CA PRO A 51 1.67 -3.75 -6.97
C PRO A 51 0.81 -3.33 -8.13
N GLY A 52 0.56 -2.07 -8.16
CA GLY A 52 -0.28 -1.54 -9.19
C GLY A 52 -0.17 -0.06 -9.35
N GLU A 53 -1.15 0.53 -10.01
CA GLU A 53 -1.19 1.96 -10.25
C GLU A 53 -2.63 2.45 -10.35
N SER A 54 -2.85 3.64 -9.82
CA SER A 54 -4.14 4.33 -9.84
C SER A 54 -5.29 3.46 -9.31
N PHE A 55 -5.12 2.82 -8.17
CA PHE A 55 -6.20 2.02 -7.60
C PHE A 55 -7.28 2.95 -7.04
N GLY A 56 -6.83 3.99 -6.32
CA GLY A 56 -7.74 4.93 -5.68
C GLY A 56 -8.65 5.63 -6.66
N SER A 57 -8.25 5.60 -7.92
CA SER A 57 -9.00 6.21 -8.99
C SER A 57 -10.34 5.48 -9.20
N SER A 58 -10.45 4.28 -8.65
CA SER A 58 -11.66 3.49 -8.77
C SER A 58 -11.88 2.66 -7.50
N CYS A 59 -11.38 3.16 -6.38
CA CYS A 59 -11.52 2.46 -5.10
C CYS A 59 -11.96 3.43 -4.00
N VAL A 60 -12.70 2.92 -3.03
CA VAL A 60 -13.19 3.72 -1.91
C VAL A 60 -13.02 2.98 -0.59
N LYS A 61 -13.31 3.67 0.52
CA LYS A 61 -13.18 3.12 1.86
C LYS A 61 -11.75 2.74 2.20
N THR A 62 -10.81 3.57 1.77
CA THR A 62 -9.39 3.33 2.02
C THR A 62 -9.08 3.42 3.51
N ALA A 63 -8.56 2.33 4.07
CA ALA A 63 -8.20 2.28 5.48
C ALA A 63 -7.07 1.28 5.69
N LEU A 64 -6.31 1.44 6.75
CA LEU A 64 -5.20 0.54 7.02
C LEU A 64 -5.43 -0.29 8.28
N ASN A 65 -5.60 -1.60 8.08
CA ASN A 65 -5.81 -2.52 9.18
C ASN A 65 -4.51 -2.74 9.91
N ASP A 66 -4.48 -2.35 11.19
CA ASP A 66 -3.29 -2.48 12.03
C ASP A 66 -2.10 -1.76 11.40
N GLY A 67 -2.40 -0.78 10.54
CA GLY A 67 -1.38 -0.02 9.87
C GLY A 67 -0.45 -0.85 9.00
N HIS A 68 -0.93 -1.97 8.47
CA HIS A 68 -0.09 -2.82 7.63
C HIS A 68 -0.87 -3.38 6.43
N THR A 69 -2.17 -3.52 6.60
CA THR A 69 -3.02 -4.04 5.54
C THR A 69 -3.93 -2.95 5.01
N LEU A 70 -3.91 -2.73 3.71
CA LEU A 70 -4.76 -1.73 3.11
C LEU A 70 -6.09 -2.34 2.71
N THR A 71 -7.16 -1.73 3.14
CA THR A 71 -8.50 -2.21 2.82
C THR A 71 -9.23 -1.17 2.02
N ALA A 72 -9.80 -1.58 0.91
CA ALA A 72 -10.56 -0.68 0.05
C ALA A 72 -11.43 -1.47 -0.90
N SER A 73 -12.51 -0.83 -1.33
CA SER A 73 -13.43 -1.45 -2.26
C SER A 73 -13.19 -0.89 -3.65
N CYS A 74 -12.92 -1.77 -4.60
CA CYS A 74 -12.63 -1.35 -5.96
C CYS A 74 -13.62 -1.93 -6.96
N LYS A 75 -13.81 -1.22 -8.06
CA LYS A 75 -14.71 -1.66 -9.11
C LYS A 75 -13.91 -2.32 -10.24
N GLY A 76 -14.48 -3.37 -10.82
CA GLY A 76 -13.83 -4.06 -11.92
C GLY A 76 -14.32 -5.49 -12.07
N ALA A 77 -14.67 -6.10 -10.96
CA ALA A 77 -15.18 -7.46 -10.92
C ALA A 77 -16.38 -7.68 -11.83
N ASP A 78 -17.27 -6.70 -11.88
CA ASP A 78 -18.48 -6.81 -12.70
C ASP A 78 -19.17 -5.46 -12.77
N GLY A 79 -18.40 -4.42 -13.07
CA GLY A 79 -18.95 -3.08 -13.15
C GLY A 79 -19.38 -2.56 -11.79
N GLN A 80 -19.07 -3.33 -10.76
CA GLN A 80 -19.40 -2.96 -9.40
C GLN A 80 -18.17 -3.03 -8.52
N TYR A 81 -18.26 -2.50 -7.32
CA TYR A 81 -17.15 -2.49 -6.39
C TYR A 81 -17.14 -3.76 -5.54
N HIS A 82 -16.03 -3.98 -4.83
CA HIS A 82 -15.85 -5.14 -3.96
C HIS A 82 -14.83 -4.82 -2.88
N ASP A 83 -15.18 -5.08 -1.63
CA ASP A 83 -14.28 -4.80 -0.51
C ASP A 83 -13.10 -5.76 -0.50
N SER A 84 -11.91 -5.23 -0.72
CA SER A 84 -10.71 -6.05 -0.76
C SER A 84 -9.62 -5.48 0.15
N SER A 85 -8.66 -6.32 0.49
CA SER A 85 -7.56 -5.91 1.35
C SER A 85 -6.25 -6.29 0.71
N MET A 86 -5.17 -5.72 1.21
CA MET A 86 -3.85 -5.98 0.68
C MET A 86 -2.79 -5.79 1.76
N ASP A 87 -1.97 -6.79 2.01
CA ASP A 87 -0.92 -6.66 3.01
C ASP A 87 0.22 -5.83 2.42
N LEU A 88 0.34 -4.61 2.89
CA LEU A 88 1.36 -3.69 2.41
C LEU A 88 2.70 -4.01 3.02
N ASN A 89 2.70 -4.92 3.99
CA ASN A 89 3.94 -5.33 4.66
C ASN A 89 5.02 -5.70 3.65
N TYR A 90 4.61 -6.16 2.47
CA TYR A 90 5.57 -6.53 1.45
C TYR A 90 5.45 -5.66 0.22
N VAL A 91 4.85 -4.47 0.40
CA VAL A 91 4.71 -3.53 -0.70
C VAL A 91 5.22 -2.14 -0.31
N VAL A 92 5.48 -1.94 0.99
CA VAL A 92 6.02 -0.67 1.50
C VAL A 92 7.16 -0.92 2.47
N GLY A 93 8.14 -0.04 2.47
CA GLY A 93 9.29 -0.18 3.36
C GLY A 93 9.70 1.16 3.95
N ASN A 94 10.54 1.12 4.98
CA ASN A 94 11.01 2.34 5.65
C ASN A 94 12.52 2.34 5.81
N SER A 95 13.14 3.46 5.46
CA SER A 95 14.58 3.62 5.57
C SER A 95 14.92 5.01 6.06
N TYR A 96 15.46 5.09 7.27
CA TYR A 96 15.86 6.35 7.88
C TYR A 96 14.67 7.30 8.02
N GLY A 97 13.54 6.75 8.46
CA GLY A 97 12.35 7.56 8.64
C GLY A 97 11.86 8.18 7.34
N TYR A 98 12.26 7.58 6.23
CA TYR A 98 11.88 8.07 4.92
C TYR A 98 11.19 6.95 4.16
N MET A 99 10.11 7.32 3.48
CA MET A 99 9.32 6.36 2.73
C MET A 99 10.07 5.79 1.53
N GLU A 100 10.12 4.48 1.45
CA GLU A 100 10.74 3.78 0.33
C GLU A 100 9.98 2.49 0.04
N PRO A 101 8.74 2.61 -0.44
CA PRO A 101 7.87 1.48 -0.76
C PRO A 101 8.51 0.48 -1.72
N CYS A 102 8.74 -0.72 -1.22
CA CYS A 102 9.32 -1.79 -2.01
C CYS A 102 8.39 -2.99 -2.03
N ARG A 103 8.10 -3.49 -3.22
CA ARG A 103 7.20 -4.62 -3.37
C ARG A 103 7.97 -5.84 -3.85
N ALA A 104 7.51 -7.02 -3.47
CA ALA A 104 8.15 -8.25 -3.90
C ALA A 104 7.39 -8.90 -5.04
N SER A 105 7.09 -8.10 -6.07
CA SER A 105 6.36 -8.56 -7.21
C SER A 105 6.51 -7.53 -8.32
N ASN A 106 5.50 -7.48 -9.18
CA ASN A 106 5.46 -6.57 -10.33
C ASN A 106 6.59 -6.90 -11.31
N ALA A 107 7.06 -8.14 -11.24
CA ALA A 107 8.14 -8.61 -12.08
C ALA A 107 8.34 -10.11 -11.87
N ASP A 108 8.45 -10.48 -10.60
CA ASP A 108 8.65 -11.88 -10.23
C ASP A 108 7.32 -12.56 -9.93
N HIS A 109 7.33 -13.89 -9.93
CA HIS A 109 6.14 -14.71 -9.68
C HIS A 109 5.15 -14.60 -10.84
N VAL A 110 4.23 -15.55 -10.90
CA VAL A 110 3.23 -15.57 -11.95
C VAL A 110 1.87 -15.19 -11.38
N LEU A 111 1.52 -13.93 -11.51
CA LEU A 111 0.25 -13.43 -11.03
C LEU A 111 -0.83 -13.69 -12.07
N LYS A 112 -1.13 -14.97 -12.25
CA LYS A 112 -2.13 -15.39 -13.21
C LYS A 112 -2.91 -16.58 -12.68
N SER A 113 -3.11 -16.60 -11.37
CA SER A 113 -3.84 -17.70 -10.72
C SER A 113 -3.14 -19.03 -11.01
N SER A 114 -1.84 -18.95 -11.26
CA SER A 114 -1.04 -20.12 -11.58
C SER A 114 0.35 -19.94 -10.96
N SER A 115 0.92 -21.03 -10.48
CA SER A 115 2.24 -20.99 -9.87
C SER A 115 3.31 -20.97 -10.94
N GLU A 116 3.02 -21.61 -12.06
CA GLU A 116 3.94 -21.67 -13.17
C GLU A 116 3.39 -20.92 -14.37
N MET A 1 12.20 -8.92 -1.11
CA MET A 1 12.94 -8.14 -0.09
C MET A 1 12.00 -7.72 1.03
N GLN A 2 12.52 -7.67 2.25
CA GLN A 2 11.72 -7.28 3.40
C GLN A 2 11.67 -5.76 3.50
N CYS A 3 10.46 -5.23 3.64
CA CYS A 3 10.26 -3.80 3.73
C CYS A 3 9.52 -3.44 5.01
N ASN A 4 8.28 -3.93 5.13
CA ASN A 4 7.41 -3.74 6.30
C ASN A 4 7.60 -2.39 7.01
N PHE A 5 7.02 -1.34 6.46
CA PHE A 5 7.14 0.01 7.05
C PHE A 5 6.55 0.05 8.47
N ALA A 6 5.52 -0.77 8.71
CA ALA A 6 4.84 -0.81 10.00
C ALA A 6 5.72 -1.31 11.14
N ASN A 7 6.76 -2.07 10.83
CA ASN A 7 7.64 -2.60 11.87
C ASN A 7 8.49 -1.50 12.49
N SER A 8 8.40 -0.31 11.91
CA SER A 8 9.14 0.84 12.43
C SER A 8 8.33 2.11 12.25
N CYS A 9 7.01 1.97 12.22
CA CYS A 9 6.13 3.11 12.06
C CYS A 9 4.99 3.06 13.07
N THR A 10 4.54 4.22 13.49
CA THR A 10 3.45 4.31 14.45
C THR A 10 2.51 5.45 14.10
N GLY A 11 1.24 5.27 14.42
CA GLY A 11 0.24 6.29 14.12
C GLY A 11 0.10 6.55 12.64
N VAL A 12 -0.22 5.51 11.89
CA VAL A 12 -0.39 5.62 10.45
C VAL A 12 -1.85 5.87 10.09
N GLU A 13 -2.06 6.83 9.21
CA GLU A 13 -3.40 7.19 8.78
C GLU A 13 -3.48 7.21 7.25
N LEU A 14 -4.60 6.77 6.71
CA LEU A 14 -4.80 6.74 5.27
C LEU A 14 -5.79 7.80 4.84
N TYR A 15 -5.29 8.79 4.11
CA TYR A 15 -6.13 9.88 3.62
C TYR A 15 -6.39 9.70 2.13
N GLY A 16 -7.55 9.13 1.80
CA GLY A 16 -7.91 8.92 0.41
C GLY A 16 -7.05 7.86 -0.28
N TYR A 17 -5.77 8.14 -0.41
CA TYR A 17 -4.82 7.25 -1.06
C TYR A 17 -3.38 7.52 -0.62
N ILE A 18 -3.23 8.24 0.49
CA ILE A 18 -1.90 8.56 1.02
C ILE A 18 -1.78 8.06 2.45
N LEU A 19 -0.68 7.38 2.72
CA LEU A 19 -0.42 6.84 4.04
C LEU A 19 0.60 7.69 4.75
N ARG A 20 0.20 8.32 5.82
CA ARG A 20 1.11 9.16 6.57
C ARG A 20 1.27 8.62 7.97
N GLY A 21 2.50 8.59 8.46
CA GLY A 21 2.74 8.08 9.79
C GLY A 21 4.11 8.47 10.31
N ASP A 22 4.41 8.03 11.52
CA ASP A 22 5.70 8.32 12.13
C ASP A 22 6.61 7.11 12.04
N CYS A 23 7.58 7.17 11.14
CA CYS A 23 8.50 6.06 10.96
C CYS A 23 9.85 6.41 11.57
N ILE A 24 10.39 5.48 12.34
CA ILE A 24 11.67 5.68 13.02
C ILE A 24 12.83 5.57 12.05
N ASN A 25 13.75 6.52 12.11
CA ASN A 25 14.91 6.53 11.24
C ASN A 25 16.13 6.03 12.00
N GLU A 26 17.32 6.13 11.40
CA GLU A 26 18.56 5.66 12.03
C GLU A 26 18.77 6.32 13.41
N ASP A 27 18.28 7.54 13.57
CA ASP A 27 18.42 8.30 14.81
C ASP A 27 17.70 7.61 15.96
N GLY A 28 16.72 6.77 15.63
CA GLY A 28 15.96 6.09 16.66
C GLY A 28 14.74 6.86 17.06
N HIS A 29 14.49 7.95 16.33
CA HIS A 29 13.34 8.81 16.58
C HIS A 29 12.35 8.73 15.44
N PRO A 30 11.05 8.77 15.75
CA PRO A 30 9.99 8.70 14.75
C PRO A 30 9.92 9.98 13.90
N HIS A 31 10.06 9.80 12.60
CA HIS A 31 10.02 10.90 11.65
C HIS A 31 8.76 10.78 10.80
N ALA A 32 7.99 11.84 10.74
CA ALA A 32 6.75 11.85 9.96
C ALA A 32 7.03 11.70 8.47
N THR A 33 6.42 10.70 7.87
CA THR A 33 6.58 10.44 6.45
C THR A 33 5.23 10.11 5.84
N SER A 34 5.11 10.25 4.54
CA SER A 34 3.87 9.97 3.85
C SER A 34 4.13 9.27 2.54
N ILE A 35 3.30 8.30 2.21
CA ILE A 35 3.46 7.55 0.97
C ILE A 35 2.17 7.60 0.16
N ASN A 36 2.30 7.60 -1.16
CA ASN A 36 1.13 7.64 -2.04
C ASN A 36 0.85 6.25 -2.58
N LEU A 37 -0.04 5.52 -1.91
CA LEU A 37 -0.38 4.15 -2.32
C LEU A 37 -0.96 4.11 -3.73
N ASN A 38 -1.56 5.22 -4.15
CA ASN A 38 -2.18 5.30 -5.47
C ASN A 38 -1.16 5.07 -6.60
N TYR A 39 0.12 5.17 -6.30
CA TYR A 39 1.14 4.95 -7.31
C TYR A 39 1.89 3.65 -7.04
N TYR A 40 1.42 2.88 -6.06
CA TYR A 40 2.08 1.62 -5.72
C TYR A 40 1.11 0.45 -5.70
N ILE A 41 -0.17 0.72 -5.51
CA ILE A 41 -1.19 -0.32 -5.47
C ILE A 41 -2.12 -0.17 -6.66
N GLY A 42 -2.55 -1.29 -7.23
CA GLY A 42 -3.44 -1.25 -8.37
C GLY A 42 -4.79 -1.88 -8.09
N ASN A 43 -5.69 -1.76 -9.05
CA ASN A 43 -7.04 -2.32 -8.93
C ASN A 43 -7.21 -3.50 -9.89
N ASP A 44 -7.17 -4.71 -9.34
CA ASP A 44 -7.32 -5.89 -10.16
C ASP A 44 -8.62 -6.62 -9.84
N ASN A 45 -9.58 -6.54 -10.77
CA ASN A 45 -10.87 -7.21 -10.63
C ASN A 45 -11.59 -6.72 -9.38
N GLY A 46 -11.47 -5.41 -9.13
CA GLY A 46 -12.11 -4.81 -7.98
C GLY A 46 -11.43 -5.18 -6.68
N ARG A 47 -10.18 -5.58 -6.76
CA ARG A 47 -9.42 -5.98 -5.59
C ARG A 47 -8.12 -5.19 -5.48
N LEU A 48 -7.64 -4.98 -4.25
CA LEU A 48 -6.39 -4.28 -4.01
C LEU A 48 -5.21 -5.17 -4.40
N GLU A 49 -4.47 -4.77 -5.43
CA GLU A 49 -3.32 -5.54 -5.87
C GLU A 49 -2.02 -4.82 -5.52
N TYR A 50 -1.18 -5.56 -4.78
CA TYR A 50 0.11 -5.11 -4.27
C TYR A 50 0.83 -4.25 -5.15
N PRO A 51 1.16 -4.59 -6.33
CA PRO A 51 1.81 -3.63 -7.01
C PRO A 51 1.07 -3.16 -8.22
N GLY A 52 0.61 -1.99 -8.10
CA GLY A 52 -0.19 -1.42 -9.13
C GLY A 52 -0.05 0.07 -9.26
N GLU A 53 -0.99 0.68 -9.97
CA GLU A 53 -1.01 2.12 -10.19
C GLU A 53 -2.44 2.61 -10.39
N SER A 54 -2.74 3.77 -9.85
CA SER A 54 -4.05 4.41 -9.97
C SER A 54 -5.20 3.50 -9.52
N PHE A 55 -5.11 2.98 -8.30
CA PHE A 55 -6.17 2.13 -7.78
C PHE A 55 -7.32 3.01 -7.31
N GLY A 56 -6.97 4.20 -6.80
CA GLY A 56 -7.95 5.14 -6.30
C GLY A 56 -8.94 5.56 -7.36
N SER A 57 -8.54 5.35 -8.60
CA SER A 57 -9.35 5.69 -9.76
C SER A 57 -10.62 4.83 -9.81
N SER A 58 -10.62 3.72 -9.09
CA SER A 58 -11.80 2.83 -9.05
C SER A 58 -11.96 2.20 -7.68
N CYS A 59 -11.25 2.72 -6.70
CA CYS A 59 -11.32 2.21 -5.33
C CYS A 59 -11.77 3.31 -4.38
N VAL A 60 -12.63 2.94 -3.45
CA VAL A 60 -13.14 3.86 -2.45
C VAL A 60 -13.13 3.22 -1.08
N LYS A 61 -13.50 4.00 -0.05
CA LYS A 61 -13.53 3.51 1.32
C LYS A 61 -12.16 3.01 1.77
N THR A 62 -11.13 3.79 1.42
CA THR A 62 -9.76 3.45 1.77
C THR A 62 -9.53 3.50 3.28
N ALA A 63 -8.89 2.46 3.80
CA ALA A 63 -8.58 2.37 5.21
C ALA A 63 -7.34 1.49 5.41
N LEU A 64 -6.75 1.58 6.58
CA LEU A 64 -5.57 0.78 6.86
C LEU A 64 -5.81 -0.11 8.08
N ASN A 65 -5.83 -1.41 7.83
CA ASN A 65 -6.06 -2.40 8.87
C ASN A 65 -4.76 -2.72 9.59
N ASP A 66 -4.75 -2.47 10.89
CA ASP A 66 -3.59 -2.72 11.75
C ASP A 66 -2.33 -2.06 11.22
N GLY A 67 -2.52 -0.93 10.55
CA GLY A 67 -1.42 -0.15 9.99
C GLY A 67 -0.46 -0.94 9.14
N HIS A 68 -0.96 -1.91 8.37
CA HIS A 68 -0.09 -2.72 7.50
C HIS A 68 -0.83 -3.20 6.27
N THR A 69 -2.13 -3.37 6.39
CA THR A 69 -2.94 -3.85 5.30
C THR A 69 -3.92 -2.76 4.83
N LEU A 70 -3.96 -2.53 3.53
CA LEU A 70 -4.85 -1.54 2.95
C LEU A 70 -6.17 -2.19 2.60
N THR A 71 -7.25 -1.59 3.07
CA THR A 71 -8.58 -2.09 2.81
C THR A 71 -9.39 -1.08 2.05
N ALA A 72 -10.00 -1.51 0.97
CA ALA A 72 -10.82 -0.63 0.17
C ALA A 72 -11.77 -1.43 -0.71
N SER A 73 -12.71 -0.73 -1.33
CA SER A 73 -13.67 -1.36 -2.20
C SER A 73 -13.42 -0.87 -3.62
N CYS A 74 -13.07 -1.79 -4.50
CA CYS A 74 -12.77 -1.44 -5.87
C CYS A 74 -13.74 -2.09 -6.84
N LYS A 75 -13.99 -1.39 -7.94
CA LYS A 75 -14.88 -1.88 -8.99
C LYS A 75 -14.06 -2.48 -10.13
N GLY A 76 -14.56 -3.55 -10.73
CA GLY A 76 -13.87 -4.18 -11.84
C GLY A 76 -14.24 -5.63 -12.01
N ALA A 77 -14.54 -6.27 -10.90
CA ALA A 77 -14.93 -7.69 -10.90
C ALA A 77 -16.09 -7.97 -11.85
N ASP A 78 -17.07 -7.07 -11.88
CA ASP A 78 -18.24 -7.23 -12.75
C ASP A 78 -19.09 -5.98 -12.73
N GLY A 79 -18.45 -4.84 -12.98
CA GLY A 79 -19.15 -3.57 -12.98
C GLY A 79 -19.58 -3.12 -11.59
N GLN A 80 -19.26 -3.93 -10.60
CA GLN A 80 -19.61 -3.63 -9.22
C GLN A 80 -18.35 -3.54 -8.39
N TYR A 81 -18.46 -2.95 -7.22
CA TYR A 81 -17.32 -2.80 -6.33
C TYR A 81 -17.27 -4.00 -5.39
N HIS A 82 -16.15 -4.18 -4.70
CA HIS A 82 -15.99 -5.29 -3.78
C HIS A 82 -14.95 -4.95 -2.72
N ASP A 83 -15.33 -5.12 -1.46
CA ASP A 83 -14.43 -4.85 -0.34
C ASP A 83 -13.31 -5.87 -0.34
N SER A 84 -12.08 -5.38 -0.39
CA SER A 84 -10.92 -6.26 -0.40
C SER A 84 -9.79 -5.64 0.41
N SER A 85 -8.70 -6.37 0.57
CA SER A 85 -7.57 -5.87 1.32
C SER A 85 -6.26 -6.27 0.65
N MET A 86 -5.21 -5.57 1.01
CA MET A 86 -3.89 -5.83 0.48
C MET A 86 -2.84 -5.59 1.55
N ASP A 87 -2.01 -6.58 1.83
CA ASP A 87 -0.98 -6.41 2.83
C ASP A 87 0.18 -5.61 2.26
N LEU A 88 0.27 -4.37 2.69
CA LEU A 88 1.31 -3.46 2.22
C LEU A 88 2.62 -3.78 2.91
N ASN A 89 2.55 -4.67 3.89
CA ASN A 89 3.72 -5.09 4.66
C ASN A 89 4.87 -5.50 3.73
N TYR A 90 4.54 -5.96 2.52
CA TYR A 90 5.56 -6.37 1.58
C TYR A 90 5.51 -5.53 0.31
N VAL A 91 4.89 -4.35 0.39
CA VAL A 91 4.81 -3.45 -0.75
C VAL A 91 5.36 -2.08 -0.40
N VAL A 92 5.56 -1.84 0.90
CA VAL A 92 6.10 -0.57 1.37
C VAL A 92 6.94 -0.78 2.63
N GLY A 93 8.10 -0.12 2.68
CA GLY A 93 8.96 -0.25 3.83
C GLY A 93 9.46 1.08 4.33
N ASN A 94 10.16 1.05 5.45
CA ASN A 94 10.71 2.26 6.04
C ASN A 94 12.23 2.22 5.95
N SER A 95 12.80 3.26 5.36
CA SER A 95 14.23 3.34 5.22
C SER A 95 14.73 4.72 5.62
N TYR A 96 15.31 4.79 6.82
CA TYR A 96 15.85 6.02 7.36
C TYR A 96 14.73 7.03 7.58
N GLY A 97 13.60 6.53 8.09
CA GLY A 97 12.46 7.38 8.34
C GLY A 97 11.95 8.03 7.08
N TYR A 98 12.17 7.38 5.95
CA TYR A 98 11.76 7.93 4.67
C TYR A 98 10.89 6.93 3.92
N MET A 99 9.94 7.47 3.16
CA MET A 99 9.02 6.66 2.36
C MET A 99 9.75 5.87 1.28
N GLU A 100 9.95 4.58 1.51
CA GLU A 100 10.61 3.72 0.53
C GLU A 100 9.81 2.43 0.34
N PRO A 101 8.75 2.49 -0.47
CA PRO A 101 7.91 1.33 -0.75
C PRO A 101 8.58 0.35 -1.71
N CYS A 102 8.68 -0.90 -1.29
CA CYS A 102 9.31 -1.91 -2.11
C CYS A 102 8.49 -3.20 -2.13
N ARG A 103 8.16 -3.66 -3.32
CA ARG A 103 7.40 -4.88 -3.50
C ARG A 103 8.26 -5.94 -4.18
N ALA A 104 7.99 -7.20 -3.90
CA ALA A 104 8.75 -8.27 -4.52
C ALA A 104 7.94 -8.91 -5.65
N SER A 105 7.43 -8.07 -6.55
CA SER A 105 6.64 -8.50 -7.66
C SER A 105 6.64 -7.39 -8.71
N ASN A 106 5.50 -7.21 -9.35
CA ASN A 106 5.30 -6.20 -10.40
C ASN A 106 6.27 -6.42 -11.56
N ALA A 107 5.94 -7.37 -12.40
CA ALA A 107 6.74 -7.70 -13.55
C ALA A 107 5.87 -8.00 -14.75
N ASP A 108 6.49 -8.23 -15.90
CA ASP A 108 5.76 -8.54 -17.13
C ASP A 108 4.99 -9.84 -17.00
N HIS A 109 5.69 -10.91 -16.71
CA HIS A 109 5.07 -12.22 -16.57
C HIS A 109 5.12 -12.70 -15.12
N VAL A 110 6.01 -12.11 -14.32
CA VAL A 110 6.12 -12.47 -12.92
C VAL A 110 5.13 -11.67 -12.10
N LEU A 111 3.86 -11.95 -12.34
CA LEU A 111 2.77 -11.28 -11.63
C LEU A 111 1.75 -12.33 -11.21
N LYS A 112 1.87 -12.77 -9.96
CA LYS A 112 0.97 -13.78 -9.41
C LYS A 112 -0.46 -13.25 -9.32
N SER A 113 -1.33 -13.80 -10.16
CA SER A 113 -2.74 -13.41 -10.16
C SER A 113 -3.39 -13.89 -8.87
N SER A 114 -3.67 -12.97 -7.96
CA SER A 114 -4.28 -13.32 -6.69
C SER A 114 -5.38 -12.34 -6.31
N SER A 115 -6.31 -12.13 -7.22
CA SER A 115 -7.44 -11.22 -6.98
C SER A 115 -8.32 -11.83 -5.89
N GLU A 116 -8.64 -13.10 -6.09
CA GLU A 116 -9.44 -13.86 -5.15
C GLU A 116 -8.73 -15.16 -4.83
N MET A 1 14.64 -10.02 2.68
CA MET A 1 14.76 -8.55 2.83
C MET A 1 13.76 -8.04 3.85
N GLN A 2 12.47 -8.17 3.53
CA GLN A 2 11.38 -7.72 4.38
C GLN A 2 11.36 -6.21 4.52
N CYS A 3 10.30 -5.61 4.00
CA CYS A 3 10.14 -4.17 4.06
C CYS A 3 9.44 -3.79 5.38
N ASN A 4 8.20 -4.26 5.52
CA ASN A 4 7.39 -4.04 6.73
C ASN A 4 7.49 -2.61 7.25
N PHE A 5 6.91 -1.66 6.53
CA PHE A 5 6.92 -0.26 6.94
C PHE A 5 6.38 -0.12 8.37
N ALA A 6 5.42 -0.98 8.70
CA ALA A 6 4.77 -0.98 10.00
C ALA A 6 5.71 -1.34 11.15
N ASN A 7 6.81 -2.03 10.84
CA ASN A 7 7.77 -2.44 11.87
C ASN A 7 8.41 -1.25 12.55
N SER A 8 8.49 -0.13 11.87
CA SER A 8 9.09 1.05 12.44
C SER A 8 8.19 2.28 12.27
N CYS A 9 6.92 2.05 11.94
CA CYS A 9 5.99 3.15 11.74
C CYS A 9 4.85 3.11 12.74
N THR A 10 4.48 4.29 13.22
CA THR A 10 3.41 4.44 14.18
C THR A 10 2.55 5.64 13.82
N GLY A 11 1.29 5.62 14.24
CA GLY A 11 0.38 6.71 13.96
C GLY A 11 0.16 6.89 12.47
N VAL A 12 -0.36 5.87 11.81
CA VAL A 12 -0.60 5.93 10.38
C VAL A 12 -2.04 6.35 10.07
N GLU A 13 -2.19 7.19 9.05
CA GLU A 13 -3.50 7.67 8.64
C GLU A 13 -3.66 7.51 7.13
N LEU A 14 -4.89 7.28 6.68
CA LEU A 14 -5.15 7.12 5.27
C LEU A 14 -6.35 7.95 4.84
N TYR A 15 -6.12 8.88 3.92
CA TYR A 15 -7.18 9.74 3.41
C TYR A 15 -7.22 9.68 1.89
N GLY A 16 -8.17 8.91 1.36
CA GLY A 16 -8.31 8.79 -0.08
C GLY A 16 -7.29 7.85 -0.69
N TYR A 17 -6.02 8.22 -0.57
CA TYR A 17 -4.93 7.41 -1.12
C TYR A 17 -3.57 7.89 -0.60
N ILE A 18 -3.57 8.61 0.52
CA ILE A 18 -2.34 9.09 1.12
C ILE A 18 -2.11 8.46 2.49
N LEU A 19 -0.95 7.85 2.68
CA LEU A 19 -0.61 7.19 3.94
C LEU A 19 0.49 7.96 4.65
N ARG A 20 0.19 8.53 5.80
CA ARG A 20 1.20 9.24 6.54
C ARG A 20 1.42 8.56 7.87
N GLY A 21 2.67 8.46 8.27
CA GLY A 21 3.00 7.84 9.53
C GLY A 21 4.37 8.23 10.01
N ASP A 22 4.68 7.91 11.25
CA ASP A 22 5.97 8.24 11.82
C ASP A 22 6.86 7.00 11.83
N CYS A 23 7.87 6.99 10.99
CA CYS A 23 8.79 5.86 10.92
C CYS A 23 10.13 6.22 11.54
N ILE A 24 10.63 5.33 12.38
CA ILE A 24 11.90 5.53 13.08
C ILE A 24 13.07 5.53 12.11
N ASN A 25 14.03 6.43 12.34
CA ASN A 25 15.21 6.53 11.49
C ASN A 25 16.44 6.12 12.29
N GLU A 26 17.63 6.40 11.76
CA GLU A 26 18.88 6.04 12.44
C GLU A 26 18.95 6.65 13.84
N ASP A 27 18.38 7.84 13.99
CA ASP A 27 18.38 8.55 15.28
C ASP A 27 17.68 7.74 16.36
N GLY A 28 16.73 6.91 15.96
CA GLY A 28 16.00 6.10 16.91
C GLY A 28 14.67 6.71 17.25
N HIS A 29 14.43 7.89 16.70
CA HIS A 29 13.18 8.60 16.92
C HIS A 29 12.31 8.56 15.67
N PRO A 30 10.99 8.47 15.87
CA PRO A 30 10.01 8.42 14.77
C PRO A 30 9.99 9.70 13.93
N HIS A 31 10.12 9.54 12.62
CA HIS A 31 10.12 10.66 11.68
C HIS A 31 8.89 10.59 10.78
N ALA A 32 8.19 11.72 10.66
CA ALA A 32 7.00 11.79 9.84
C ALA A 32 7.31 11.58 8.36
N THR A 33 6.58 10.65 7.76
CA THR A 33 6.75 10.32 6.35
C THR A 33 5.39 10.04 5.74
N SER A 34 5.29 10.13 4.42
CA SER A 34 4.03 9.88 3.74
C SER A 34 4.25 9.10 2.46
N ILE A 35 3.25 8.30 2.08
CA ILE A 35 3.32 7.52 0.86
C ILE A 35 2.02 7.64 0.09
N ASN A 36 2.11 7.66 -1.22
CA ASN A 36 0.92 7.76 -2.05
C ASN A 36 0.58 6.37 -2.61
N LEU A 37 -0.35 5.70 -1.94
CA LEU A 37 -0.75 4.34 -2.32
C LEU A 37 -1.30 4.31 -3.74
N ASN A 38 -1.76 5.46 -4.22
CA ASN A 38 -2.33 5.57 -5.55
C ASN A 38 -1.38 5.06 -6.64
N TYR A 39 -0.08 5.15 -6.40
CA TYR A 39 0.89 4.70 -7.39
C TYR A 39 1.59 3.42 -6.96
N TYR A 40 1.08 2.77 -5.92
CA TYR A 40 1.67 1.52 -5.44
C TYR A 40 0.64 0.42 -5.29
N ILE A 41 -0.61 0.75 -5.47
CA ILE A 41 -1.67 -0.23 -5.40
C ILE A 41 -2.55 -0.11 -6.62
N GLY A 42 -2.84 -1.24 -7.23
CA GLY A 42 -3.66 -1.26 -8.42
C GLY A 42 -5.01 -1.89 -8.17
N ASN A 43 -5.85 -1.86 -9.20
CA ASN A 43 -7.18 -2.43 -9.10
C ASN A 43 -7.31 -3.61 -10.04
N ASP A 44 -7.22 -4.81 -9.49
CA ASP A 44 -7.34 -6.01 -10.27
C ASP A 44 -8.63 -6.76 -9.94
N ASN A 45 -9.58 -6.69 -10.86
CA ASN A 45 -10.89 -7.35 -10.70
C ASN A 45 -11.56 -6.87 -9.41
N GLY A 46 -11.54 -5.55 -9.21
CA GLY A 46 -12.16 -4.96 -8.03
C GLY A 46 -11.44 -5.29 -6.75
N ARG A 47 -10.19 -5.68 -6.87
CA ARG A 47 -9.38 -6.04 -5.71
C ARG A 47 -8.10 -5.22 -5.66
N LEU A 48 -7.64 -4.98 -4.44
CA LEU A 48 -6.41 -4.21 -4.21
C LEU A 48 -5.18 -5.04 -4.59
N GLU A 49 -4.37 -4.51 -5.49
CA GLU A 49 -3.18 -5.19 -5.94
C GLU A 49 -1.92 -4.44 -5.46
N TYR A 50 -1.08 -5.18 -4.75
CA TYR A 50 0.17 -4.70 -4.13
C TYR A 50 1.08 -3.89 -4.92
N PRO A 51 1.17 -3.96 -6.20
CA PRO A 51 2.09 -3.07 -6.72
C PRO A 51 1.59 -2.17 -7.83
N GLY A 52 0.35 -2.32 -8.00
CA GLY A 52 -0.40 -1.65 -9.01
C GLY A 52 -0.34 -0.14 -9.00
N GLU A 53 -1.13 0.49 -9.87
CA GLU A 53 -1.17 1.93 -9.98
C GLU A 53 -2.55 2.42 -10.38
N SER A 54 -2.93 3.57 -9.83
CA SER A 54 -4.20 4.22 -10.10
C SER A 54 -5.40 3.41 -9.61
N PHE A 55 -5.31 2.86 -8.41
CA PHE A 55 -6.43 2.08 -7.86
C PHE A 55 -7.55 3.03 -7.42
N GLY A 56 -7.15 4.18 -6.86
CA GLY A 56 -8.10 5.17 -6.37
C GLY A 56 -9.10 5.63 -7.42
N SER A 57 -8.77 5.41 -8.69
CA SER A 57 -9.63 5.79 -9.79
C SER A 57 -10.97 5.02 -9.73
N SER A 58 -10.97 3.89 -9.05
CA SER A 58 -12.17 3.08 -8.92
C SER A 58 -12.26 2.42 -7.55
N CYS A 59 -11.51 2.95 -6.58
CA CYS A 59 -11.51 2.41 -5.24
C CYS A 59 -11.86 3.48 -4.21
N VAL A 60 -12.64 3.09 -3.22
CA VAL A 60 -13.04 4.00 -2.15
C VAL A 60 -12.98 3.28 -0.80
N LYS A 61 -13.26 4.03 0.27
CA LYS A 61 -13.23 3.49 1.63
C LYS A 61 -11.85 2.97 1.99
N THR A 62 -10.84 3.77 1.68
CA THR A 62 -9.47 3.42 1.97
C THR A 62 -9.17 3.51 3.47
N ALA A 63 -8.64 2.43 4.03
CA ALA A 63 -8.29 2.39 5.44
C ALA A 63 -7.15 1.41 5.67
N LEU A 64 -6.38 1.62 6.72
CA LEU A 64 -5.25 0.77 7.03
C LEU A 64 -5.53 -0.07 8.28
N ASN A 65 -5.63 -1.37 8.10
CA ASN A 65 -5.87 -2.28 9.20
C ASN A 65 -4.59 -2.55 9.96
N ASP A 66 -4.58 -2.15 11.23
CA ASP A 66 -3.44 -2.31 12.12
C ASP A 66 -2.15 -1.76 11.50
N GLY A 67 -2.31 -0.69 10.74
CA GLY A 67 -1.19 -0.01 10.10
C GLY A 67 -0.29 -0.91 9.26
N HIS A 68 -0.86 -1.91 8.59
CA HIS A 68 -0.05 -2.79 7.75
C HIS A 68 -0.81 -3.31 6.53
N THR A 69 -2.13 -3.37 6.64
CA THR A 69 -2.95 -3.85 5.54
C THR A 69 -3.88 -2.78 5.02
N LEU A 70 -3.90 -2.57 3.73
CA LEU A 70 -4.78 -1.58 3.13
C LEU A 70 -6.09 -2.23 2.76
N THR A 71 -7.19 -1.59 3.13
CA THR A 71 -8.51 -2.11 2.84
C THR A 71 -9.33 -1.09 2.09
N ALA A 72 -9.93 -1.51 0.98
CA ALA A 72 -10.77 -0.63 0.18
C ALA A 72 -11.69 -1.44 -0.74
N SER A 73 -12.65 -0.77 -1.35
CA SER A 73 -13.59 -1.40 -2.25
C SER A 73 -13.38 -0.88 -3.66
N CYS A 74 -13.15 -1.78 -4.61
CA CYS A 74 -12.90 -1.40 -5.99
C CYS A 74 -13.86 -2.06 -6.96
N LYS A 75 -14.11 -1.40 -8.08
CA LYS A 75 -14.97 -1.93 -9.12
C LYS A 75 -14.11 -2.55 -10.22
N GLY A 76 -14.55 -3.67 -10.76
CA GLY A 76 -13.81 -4.32 -11.82
C GLY A 76 -14.13 -5.78 -11.96
N ALA A 77 -14.44 -6.41 -10.83
CA ALA A 77 -14.79 -7.83 -10.78
C ALA A 77 -15.87 -8.18 -11.80
N ASP A 78 -16.87 -7.33 -11.91
CA ASP A 78 -17.96 -7.55 -12.86
C ASP A 78 -18.84 -6.31 -12.96
N GLY A 79 -18.21 -5.18 -13.22
CA GLY A 79 -18.94 -3.93 -13.33
C GLY A 79 -19.43 -3.42 -12.00
N GLN A 80 -19.10 -4.15 -10.95
CA GLN A 80 -19.51 -3.79 -9.61
C GLN A 80 -18.28 -3.72 -8.72
N TYR A 81 -18.45 -3.11 -7.55
CA TYR A 81 -17.36 -2.97 -6.61
C TYR A 81 -17.39 -4.10 -5.58
N HIS A 82 -16.27 -4.32 -4.91
CA HIS A 82 -16.16 -5.34 -3.90
C HIS A 82 -15.06 -4.98 -2.92
N ASP A 83 -15.32 -5.24 -1.65
CA ASP A 83 -14.36 -4.96 -0.60
C ASP A 83 -13.21 -5.95 -0.65
N SER A 84 -12.00 -5.44 -0.52
CA SER A 84 -10.81 -6.26 -0.54
C SER A 84 -9.72 -5.64 0.31
N SER A 85 -8.62 -6.35 0.46
CA SER A 85 -7.51 -5.85 1.25
C SER A 85 -6.20 -6.18 0.58
N MET A 86 -5.15 -5.52 1.01
CA MET A 86 -3.83 -5.74 0.47
C MET A 86 -2.77 -5.54 1.55
N ASP A 87 -1.98 -6.56 1.79
CA ASP A 87 -0.93 -6.51 2.78
C ASP A 87 0.20 -5.62 2.29
N LEU A 88 0.30 -4.44 2.87
CA LEU A 88 1.32 -3.47 2.48
C LEU A 88 2.65 -3.84 3.11
N ASN A 89 2.61 -4.83 3.99
CA ASN A 89 3.80 -5.32 4.69
C ASN A 89 4.96 -5.58 3.73
N TYR A 90 4.64 -5.96 2.49
CA TYR A 90 5.69 -6.21 1.50
C TYR A 90 5.56 -5.26 0.32
N VAL A 91 4.90 -4.12 0.54
CA VAL A 91 4.75 -3.12 -0.51
C VAL A 91 5.28 -1.77 -0.06
N VAL A 92 5.49 -1.63 1.26
CA VAL A 92 6.03 -0.40 1.81
C VAL A 92 7.15 -0.73 2.78
N GLY A 93 8.30 -0.11 2.59
CA GLY A 93 9.41 -0.35 3.48
C GLY A 93 9.94 0.94 4.08
N ASN A 94 10.54 0.84 5.26
CA ASN A 94 11.09 2.00 5.93
C ASN A 94 12.61 2.02 5.81
N SER A 95 13.12 3.04 5.15
CA SER A 95 14.55 3.19 4.98
C SER A 95 15.04 4.39 5.78
N TYR A 96 15.32 4.16 7.05
CA TYR A 96 15.82 5.22 7.93
C TYR A 96 14.83 6.36 8.04
N GLY A 97 13.65 6.05 8.55
CA GLY A 97 12.60 7.05 8.72
C GLY A 97 12.24 7.73 7.41
N TYR A 98 12.40 7.04 6.30
CA TYR A 98 12.10 7.62 5.01
C TYR A 98 11.29 6.65 4.16
N MET A 99 10.39 7.21 3.37
CA MET A 99 9.52 6.44 2.49
C MET A 99 10.29 5.76 1.37
N GLU A 100 10.28 4.43 1.37
CA GLU A 100 10.92 3.65 0.33
C GLU A 100 10.11 2.40 0.06
N PRO A 101 8.96 2.56 -0.62
CA PRO A 101 8.08 1.45 -0.98
C PRO A 101 8.79 0.38 -1.80
N CYS A 102 8.25 -0.83 -1.76
CA CYS A 102 8.84 -1.94 -2.49
C CYS A 102 7.76 -2.81 -3.12
N ARG A 103 7.99 -3.32 -4.31
CA ARG A 103 7.01 -4.18 -4.93
C ARG A 103 7.59 -5.59 -5.01
N ALA A 104 6.73 -6.59 -4.90
CA ALA A 104 7.21 -7.96 -4.94
C ALA A 104 7.09 -8.55 -6.35
N SER A 105 6.90 -7.66 -7.32
CA SER A 105 6.78 -8.06 -8.72
C SER A 105 6.66 -6.84 -9.64
N ASN A 106 5.42 -6.49 -9.90
CA ASN A 106 5.07 -5.37 -10.79
C ASN A 106 5.79 -5.52 -12.14
N ALA A 107 5.89 -6.76 -12.58
CA ALA A 107 6.54 -7.09 -13.84
C ALA A 107 5.94 -8.36 -14.40
N ASP A 108 5.77 -8.41 -15.70
CA ASP A 108 5.16 -9.56 -16.38
C ASP A 108 6.07 -10.77 -16.47
N HIS A 109 6.46 -11.33 -15.34
CA HIS A 109 7.27 -12.54 -15.32
C HIS A 109 6.69 -13.54 -14.34
N VAL A 110 6.42 -13.09 -13.12
CA VAL A 110 5.82 -13.95 -12.11
C VAL A 110 4.62 -13.25 -11.50
N LEU A 111 3.80 -12.70 -12.36
CA LEU A 111 2.60 -11.97 -11.96
C LEU A 111 1.57 -11.98 -13.07
N LYS A 112 0.79 -13.04 -13.14
CA LYS A 112 -0.24 -13.15 -14.14
C LYS A 112 -1.54 -13.64 -13.51
N SER A 113 -2.46 -12.70 -13.27
CA SER A 113 -3.75 -13.04 -12.69
C SER A 113 -4.66 -13.67 -13.76
N SER A 114 -4.14 -14.67 -14.43
CA SER A 114 -4.86 -15.37 -15.47
C SER A 114 -4.77 -16.87 -15.26
N SER A 115 -5.86 -17.45 -14.79
CA SER A 115 -5.92 -18.88 -14.54
C SER A 115 -5.85 -19.65 -15.86
N GLU A 116 -6.73 -19.30 -16.78
CA GLU A 116 -6.78 -19.96 -18.07
C GLU A 116 -5.99 -19.15 -19.10
N MET A 1 14.54 -9.63 7.23
CA MET A 1 14.19 -9.65 5.79
C MET A 1 12.81 -9.04 5.60
N GLN A 2 12.46 -8.73 4.35
CA GLN A 2 11.17 -8.14 3.99
C GLN A 2 11.12 -6.67 4.37
N CYS A 3 10.38 -5.88 3.62
CA CYS A 3 10.27 -4.46 3.86
C CYS A 3 9.59 -4.16 5.20
N ASN A 4 8.30 -4.49 5.32
CA ASN A 4 7.54 -4.27 6.55
C ASN A 4 7.60 -2.81 7.00
N PHE A 5 6.81 -1.96 6.35
CA PHE A 5 6.78 -0.54 6.72
C PHE A 5 6.31 -0.38 8.17
N ALA A 6 5.25 -1.10 8.53
CA ALA A 6 4.66 -1.04 9.86
C ALA A 6 5.64 -1.42 10.97
N ASN A 7 6.68 -2.16 10.60
CA ASN A 7 7.69 -2.62 11.55
C ASN A 7 8.29 -1.48 12.35
N SER A 8 8.44 -0.32 11.71
CA SER A 8 9.02 0.84 12.38
C SER A 8 8.21 2.11 12.11
N CYS A 9 6.95 1.94 11.75
CA CYS A 9 6.09 3.07 11.47
C CYS A 9 4.92 3.10 12.44
N THR A 10 4.64 4.28 13.01
CA THR A 10 3.56 4.43 13.97
C THR A 10 2.70 5.65 13.64
N GLY A 11 1.45 5.61 14.09
CA GLY A 11 0.52 6.71 13.86
C GLY A 11 0.32 6.97 12.38
N VAL A 12 -0.32 6.02 11.71
CA VAL A 12 -0.55 6.13 10.27
C VAL A 12 -2.00 6.43 9.95
N GLU A 13 -2.21 7.45 9.11
CA GLU A 13 -3.55 7.86 8.68
C GLU A 13 -3.70 7.66 7.18
N LEU A 14 -4.89 7.32 6.76
CA LEU A 14 -5.17 7.10 5.34
C LEU A 14 -6.45 7.80 4.92
N TYR A 15 -6.33 8.68 3.94
CA TYR A 15 -7.47 9.42 3.42
C TYR A 15 -7.45 9.41 1.89
N GLY A 16 -8.25 8.55 1.30
CA GLY A 16 -8.32 8.46 -0.16
C GLY A 16 -7.18 7.64 -0.75
N TYR A 17 -5.96 8.13 -0.57
CA TYR A 17 -4.78 7.43 -1.08
C TYR A 17 -3.50 7.99 -0.48
N ILE A 18 -3.63 8.67 0.65
CA ILE A 18 -2.47 9.26 1.31
C ILE A 18 -2.25 8.63 2.68
N LEU A 19 -1.09 8.01 2.87
CA LEU A 19 -0.75 7.38 4.14
C LEU A 19 0.38 8.15 4.78
N ARG A 20 0.12 8.75 5.91
CA ARG A 20 1.16 9.50 6.60
C ARG A 20 1.36 8.94 7.99
N GLY A 21 2.61 8.84 8.40
CA GLY A 21 2.91 8.33 9.71
C GLY A 21 4.32 8.65 10.13
N ASP A 22 4.67 8.22 11.33
CA ASP A 22 5.99 8.46 11.88
C ASP A 22 6.81 7.18 11.84
N CYS A 23 7.80 7.15 10.98
CA CYS A 23 8.66 5.98 10.85
C CYS A 23 10.04 6.28 11.41
N ILE A 24 10.54 5.36 12.22
CA ILE A 24 11.84 5.52 12.86
C ILE A 24 12.98 5.48 11.84
N ASN A 25 13.95 6.36 12.01
CA ASN A 25 15.10 6.42 11.11
C ASN A 25 16.34 5.86 11.81
N GLU A 26 17.51 6.00 11.19
CA GLU A 26 18.76 5.48 11.77
C GLU A 26 19.02 6.06 13.16
N ASP A 27 18.54 7.27 13.39
CA ASP A 27 18.72 7.96 14.68
C ASP A 27 18.00 7.22 15.80
N GLY A 28 17.00 6.43 15.45
CA GLY A 28 16.24 5.70 16.44
C GLY A 28 14.98 6.42 16.85
N HIS A 29 14.78 7.60 16.27
CA HIS A 29 13.60 8.40 16.56
C HIS A 29 12.65 8.39 15.37
N PRO A 30 11.34 8.48 15.63
CA PRO A 30 10.31 8.47 14.59
C PRO A 30 10.30 9.78 13.78
N HIS A 31 10.34 9.63 12.46
CA HIS A 31 10.33 10.77 11.55
C HIS A 31 9.07 10.73 10.69
N ALA A 32 8.35 11.83 10.68
CA ALA A 32 7.12 11.96 9.90
C ALA A 32 7.38 11.81 8.41
N THR A 33 6.64 10.90 7.79
CA THR A 33 6.74 10.65 6.37
C THR A 33 5.37 10.31 5.81
N SER A 34 5.20 10.44 4.51
CA SER A 34 3.92 10.14 3.89
C SER A 34 4.12 9.43 2.57
N ILE A 35 3.23 8.49 2.29
CA ILE A 35 3.30 7.72 1.06
C ILE A 35 2.00 7.83 0.29
N ASN A 36 2.10 7.87 -1.03
CA ASN A 36 0.94 7.93 -1.88
C ASN A 36 0.70 6.56 -2.50
N LEU A 37 -0.13 5.78 -1.83
CA LEU A 37 -0.46 4.41 -2.23
C LEU A 37 -1.01 4.38 -3.64
N ASN A 38 -1.56 5.50 -4.07
CA ASN A 38 -2.14 5.62 -5.40
C ASN A 38 -1.16 5.23 -6.50
N TYR A 39 0.12 5.48 -6.28
CA TYR A 39 1.12 5.17 -7.30
C TYR A 39 1.86 3.87 -6.99
N TYR A 40 1.37 3.11 -6.02
CA TYR A 40 2.03 1.86 -5.64
C TYR A 40 1.09 0.67 -5.62
N ILE A 41 -0.19 0.92 -5.38
CA ILE A 41 -1.18 -0.14 -5.32
C ILE A 41 -2.13 -0.07 -6.51
N GLY A 42 -2.51 -1.23 -7.03
CA GLY A 42 -3.40 -1.28 -8.16
C GLY A 42 -4.66 -2.04 -7.85
N ASN A 43 -5.65 -1.89 -8.71
CA ASN A 43 -6.92 -2.59 -8.52
C ASN A 43 -7.11 -3.62 -9.62
N ASP A 44 -7.08 -4.89 -9.24
CA ASP A 44 -7.25 -5.98 -10.17
C ASP A 44 -8.57 -6.69 -9.93
N ASN A 45 -9.48 -6.58 -10.90
CA ASN A 45 -10.80 -7.20 -10.81
C ASN A 45 -11.55 -6.75 -9.57
N GLY A 46 -11.37 -5.47 -9.21
CA GLY A 46 -12.03 -4.93 -8.04
C GLY A 46 -11.36 -5.32 -6.74
N ARG A 47 -10.14 -5.84 -6.85
CA ARG A 47 -9.39 -6.26 -5.68
C ARG A 47 -8.10 -5.48 -5.55
N LEU A 48 -7.69 -5.21 -4.32
CA LEU A 48 -6.45 -4.49 -4.06
C LEU A 48 -5.27 -5.40 -4.33
N GLU A 49 -4.50 -5.05 -5.35
CA GLU A 49 -3.33 -5.80 -5.74
C GLU A 49 -2.08 -5.07 -5.30
N TYR A 50 -1.16 -5.80 -4.69
CA TYR A 50 0.11 -5.25 -4.19
C TYR A 50 0.64 -4.24 -5.03
N PRO A 51 1.11 -4.53 -6.18
CA PRO A 51 1.63 -3.47 -6.83
C PRO A 51 0.80 -3.03 -8.02
N GLY A 52 0.53 -1.77 -8.03
CA GLY A 52 -0.29 -1.23 -9.06
C GLY A 52 -0.13 0.26 -9.20
N GLU A 53 -1.13 0.87 -9.84
CA GLU A 53 -1.14 2.31 -10.07
C GLU A 53 -2.58 2.82 -10.23
N SER A 54 -2.84 3.99 -9.66
CA SER A 54 -4.13 4.66 -9.72
C SER A 54 -5.29 3.77 -9.27
N PHE A 55 -5.14 3.08 -8.14
CA PHE A 55 -6.21 2.23 -7.64
C PHE A 55 -7.33 3.12 -7.09
N GLY A 56 -6.94 4.21 -6.42
CA GLY A 56 -7.90 5.13 -5.80
C GLY A 56 -8.85 5.73 -6.81
N SER A 57 -8.45 5.67 -8.08
CA SER A 57 -9.24 6.19 -9.18
C SER A 57 -10.56 5.42 -9.33
N SER A 58 -10.60 4.20 -8.79
CA SER A 58 -11.79 3.36 -8.84
C SER A 58 -11.95 2.56 -7.56
N CYS A 59 -11.44 3.11 -6.46
CA CYS A 59 -11.53 2.45 -5.16
C CYS A 59 -12.03 3.44 -4.11
N VAL A 60 -12.78 2.91 -3.15
CA VAL A 60 -13.33 3.74 -2.07
C VAL A 60 -13.18 3.01 -0.74
N LYS A 61 -13.52 3.72 0.36
CA LYS A 61 -13.43 3.18 1.71
C LYS A 61 -12.00 2.80 2.07
N THR A 62 -11.06 3.66 1.69
CA THR A 62 -9.65 3.42 1.98
C THR A 62 -9.35 3.55 3.46
N ALA A 63 -8.78 2.49 4.04
CA ALA A 63 -8.43 2.48 5.46
C ALA A 63 -7.28 1.53 5.71
N LEU A 64 -6.55 1.74 6.79
CA LEU A 64 -5.41 0.89 7.12
C LEU A 64 -5.68 0.10 8.40
N ASN A 65 -5.79 -1.21 8.26
CA ASN A 65 -6.02 -2.08 9.41
C ASN A 65 -4.74 -2.28 10.20
N ASP A 66 -4.77 -1.82 11.45
CA ASP A 66 -3.64 -1.93 12.38
C ASP A 66 -2.40 -1.17 11.87
N GLY A 67 -2.58 -0.45 10.76
CA GLY A 67 -1.49 0.30 10.18
C GLY A 67 -0.50 -0.56 9.43
N HIS A 68 -0.98 -1.61 8.77
CA HIS A 68 -0.11 -2.50 8.00
C HIS A 68 -0.85 -3.09 6.79
N THR A 69 -2.16 -3.19 6.89
CA THR A 69 -2.97 -3.73 5.82
C THR A 69 -3.91 -2.66 5.27
N LEU A 70 -3.93 -2.50 3.96
CA LEU A 70 -4.81 -1.53 3.32
C LEU A 70 -6.14 -2.20 2.99
N THR A 71 -7.23 -1.52 3.25
CA THR A 71 -8.54 -2.07 2.97
C THR A 71 -9.36 -1.09 2.16
N ALA A 72 -9.93 -1.56 1.06
CA ALA A 72 -10.75 -0.72 0.21
C ALA A 72 -11.61 -1.57 -0.72
N SER A 73 -12.59 -0.93 -1.34
CA SER A 73 -13.48 -1.62 -2.26
C SER A 73 -13.29 -1.02 -3.65
N CYS A 74 -13.05 -1.88 -4.63
CA CYS A 74 -12.83 -1.42 -5.99
C CYS A 74 -13.73 -2.12 -6.99
N LYS A 75 -13.95 -1.45 -8.11
CA LYS A 75 -14.75 -1.98 -9.21
C LYS A 75 -13.83 -2.55 -10.28
N GLY A 76 -14.32 -3.54 -11.03
CA GLY A 76 -13.52 -4.12 -12.09
C GLY A 76 -13.82 -5.59 -12.33
N ALA A 77 -14.30 -6.26 -11.31
CA ALA A 77 -14.66 -7.68 -11.40
C ALA A 77 -15.64 -7.93 -12.54
N ASP A 78 -16.61 -7.04 -12.67
CA ASP A 78 -17.63 -7.14 -13.71
C ASP A 78 -18.58 -5.96 -13.61
N GLY A 79 -18.02 -4.76 -13.71
CA GLY A 79 -18.81 -3.54 -13.61
C GLY A 79 -19.28 -3.27 -12.19
N GLN A 80 -18.94 -4.19 -11.30
CA GLN A 80 -19.31 -4.08 -9.90
C GLN A 80 -18.08 -4.02 -9.02
N TYR A 81 -18.29 -3.61 -7.77
CA TYR A 81 -17.19 -3.49 -6.82
C TYR A 81 -17.22 -4.65 -5.83
N HIS A 82 -16.14 -4.81 -5.09
CA HIS A 82 -16.00 -5.86 -4.08
C HIS A 82 -15.06 -5.39 -2.98
N ASP A 83 -15.27 -5.92 -1.78
CA ASP A 83 -14.44 -5.56 -0.64
C ASP A 83 -13.16 -6.39 -0.64
N SER A 84 -12.02 -5.73 -0.51
CA SER A 84 -10.75 -6.43 -0.49
C SER A 84 -9.73 -5.71 0.37
N SER A 85 -8.61 -6.37 0.60
CA SER A 85 -7.54 -5.81 1.42
C SER A 85 -6.19 -6.08 0.78
N MET A 86 -5.18 -5.38 1.24
CA MET A 86 -3.85 -5.53 0.70
C MET A 86 -2.81 -5.41 1.81
N ASP A 87 -2.11 -6.49 2.09
CA ASP A 87 -1.08 -6.47 3.11
C ASP A 87 0.12 -5.69 2.57
N LEU A 88 0.26 -4.46 3.04
CA LEU A 88 1.33 -3.58 2.57
C LEU A 88 2.67 -3.97 3.16
N ASN A 89 2.63 -4.89 4.12
CA ASN A 89 3.86 -5.36 4.76
C ASN A 89 4.92 -5.76 3.74
N TYR A 90 4.48 -6.19 2.57
CA TYR A 90 5.42 -6.59 1.53
C TYR A 90 5.31 -5.70 0.30
N VAL A 91 4.75 -4.51 0.49
CA VAL A 91 4.61 -3.56 -0.61
C VAL A 91 5.18 -2.19 -0.22
N VAL A 92 5.39 -1.99 1.08
CA VAL A 92 5.96 -0.75 1.61
C VAL A 92 7.04 -1.06 2.61
N GLY A 93 8.07 -0.23 2.68
CA GLY A 93 9.15 -0.44 3.62
C GLY A 93 9.68 0.85 4.18
N ASN A 94 10.18 0.80 5.42
CA ASN A 94 10.73 1.99 6.06
C ASN A 94 12.21 2.09 5.76
N SER A 95 12.59 3.15 5.09
CA SER A 95 13.98 3.36 4.73
C SER A 95 14.54 4.62 5.38
N TYR A 96 14.98 4.47 6.64
CA TYR A 96 15.56 5.59 7.39
C TYR A 96 14.56 6.72 7.58
N GLY A 97 13.39 6.39 8.13
CA GLY A 97 12.36 7.37 8.35
C GLY A 97 11.93 8.04 7.06
N TYR A 98 12.07 7.32 5.97
CA TYR A 98 11.70 7.84 4.66
C TYR A 98 10.81 6.83 3.94
N MET A 99 9.83 7.36 3.22
CA MET A 99 8.89 6.51 2.50
C MET A 99 9.49 5.89 1.24
N GLU A 100 9.77 4.60 1.31
CA GLU A 100 10.31 3.86 0.19
C GLU A 100 9.60 2.51 0.07
N PRO A 101 8.40 2.53 -0.49
CA PRO A 101 7.58 1.33 -0.68
C PRO A 101 8.20 0.33 -1.65
N CYS A 102 8.74 -0.74 -1.11
CA CYS A 102 9.35 -1.78 -1.90
C CYS A 102 8.41 -2.98 -2.01
N ARG A 103 8.03 -3.33 -3.23
CA ARG A 103 7.14 -4.45 -3.45
C ARG A 103 7.94 -5.75 -3.49
N ALA A 104 7.34 -6.83 -3.02
CA ALA A 104 8.01 -8.12 -3.01
C ALA A 104 7.58 -8.99 -4.18
N SER A 105 7.03 -8.35 -5.19
CA SER A 105 6.57 -9.06 -6.37
C SER A 105 6.61 -8.11 -7.58
N ASN A 106 5.50 -8.04 -8.30
CA ASN A 106 5.36 -7.19 -9.50
C ASN A 106 6.21 -7.72 -10.67
N ALA A 107 6.85 -8.88 -10.43
CA ALA A 107 7.71 -9.53 -11.41
C ALA A 107 8.97 -8.72 -11.71
N ASP A 108 8.77 -7.50 -12.21
CA ASP A 108 9.86 -6.60 -12.54
C ASP A 108 9.35 -5.17 -12.64
N HIS A 109 8.48 -4.95 -13.61
CA HIS A 109 7.89 -3.65 -13.84
C HIS A 109 6.57 -3.81 -14.58
N VAL A 110 6.62 -4.53 -15.69
CA VAL A 110 5.44 -4.79 -16.49
C VAL A 110 4.93 -6.20 -16.21
N LEU A 111 4.09 -6.31 -15.18
CA LEU A 111 3.53 -7.59 -14.79
C LEU A 111 2.27 -7.89 -15.58
N LYS A 112 1.93 -7.00 -16.48
CA LYS A 112 0.75 -7.15 -17.32
C LYS A 112 1.01 -8.16 -18.42
N SER A 113 0.26 -9.24 -18.42
CA SER A 113 0.40 -10.26 -19.44
C SER A 113 -0.26 -9.76 -20.73
N SER A 114 0.45 -8.89 -21.43
CA SER A 114 -0.01 -8.30 -22.67
C SER A 114 1.19 -7.87 -23.50
N SER A 115 1.08 -8.03 -24.81
CA SER A 115 2.15 -7.68 -25.74
C SER A 115 2.30 -6.17 -25.83
N GLU A 116 1.20 -5.46 -25.64
CA GLU A 116 1.19 -4.02 -25.69
C GLU A 116 0.73 -3.44 -24.36
N MET A 1 11.87 -11.42 0.34
CA MET A 1 12.26 -10.52 1.44
C MET A 1 11.04 -9.78 1.96
N GLN A 2 11.19 -9.08 3.09
CA GLN A 2 10.09 -8.35 3.68
C GLN A 2 10.55 -6.96 4.10
N CYS A 3 9.79 -5.96 3.72
CA CYS A 3 10.10 -4.57 4.06
C CYS A 3 9.45 -4.21 5.40
N ASN A 4 8.15 -4.47 5.49
CA ASN A 4 7.39 -4.21 6.72
C ASN A 4 7.57 -2.80 7.24
N PHE A 5 6.97 -1.80 6.58
CA PHE A 5 7.10 -0.42 7.02
C PHE A 5 6.59 -0.25 8.46
N ALA A 6 5.53 -0.98 8.79
CA ALA A 6 4.90 -0.91 10.11
C ALA A 6 5.85 -1.27 11.24
N ASN A 7 6.92 -2.01 10.92
CA ASN A 7 7.88 -2.42 11.94
C ASN A 7 8.64 -1.22 12.50
N SER A 8 8.65 -0.13 11.75
CA SER A 8 9.36 1.06 12.19
C SER A 8 8.52 2.31 11.96
N CYS A 9 7.22 2.13 11.76
CA CYS A 9 6.30 3.24 11.52
C CYS A 9 5.15 3.21 12.51
N THR A 10 4.81 4.38 13.04
CA THR A 10 3.75 4.49 14.02
C THR A 10 2.80 5.64 13.67
N GLY A 11 1.53 5.47 14.00
CA GLY A 11 0.54 6.49 13.74
C GLY A 11 0.27 6.68 12.26
N VAL A 12 0.15 5.58 11.54
CA VAL A 12 -0.12 5.63 10.11
C VAL A 12 -1.60 5.83 9.81
N GLU A 13 -1.90 6.93 9.14
CA GLU A 13 -3.28 7.26 8.79
C GLU A 13 -3.46 7.29 7.29
N LEU A 14 -4.54 6.66 6.81
CA LEU A 14 -4.83 6.60 5.39
C LEU A 14 -6.02 7.48 5.04
N TYR A 15 -5.80 8.43 4.16
CA TYR A 15 -6.85 9.33 3.71
C TYR A 15 -6.99 9.31 2.19
N GLY A 16 -8.04 8.65 1.71
CA GLY A 16 -8.27 8.57 0.28
C GLY A 16 -7.32 7.59 -0.41
N TYR A 17 -6.04 7.93 -0.42
CA TYR A 17 -5.02 7.09 -1.04
C TYR A 17 -3.62 7.51 -0.59
N ILE A 18 -3.55 8.25 0.53
CA ILE A 18 -2.29 8.71 1.07
C ILE A 18 -2.12 8.20 2.49
N LEU A 19 -0.94 7.68 2.79
CA LEU A 19 -0.64 7.16 4.10
C LEU A 19 0.44 8.00 4.76
N ARG A 20 0.09 8.66 5.84
CA ARG A 20 1.05 9.49 6.55
C ARG A 20 1.24 8.95 7.96
N GLY A 21 2.47 8.98 8.43
CA GLY A 21 2.75 8.51 9.76
C GLY A 21 4.16 8.87 10.22
N ASP A 22 4.54 8.37 11.38
CA ASP A 22 5.86 8.65 11.93
C ASP A 22 6.72 7.41 11.89
N CYS A 23 7.71 7.41 11.02
CA CYS A 23 8.60 6.27 10.89
C CYS A 23 9.95 6.60 11.48
N ILE A 24 10.48 5.71 12.31
CA ILE A 24 11.75 5.92 12.98
C ILE A 24 12.90 5.88 11.96
N ASN A 25 13.88 6.76 12.15
CA ASN A 25 15.02 6.82 11.27
C ASN A 25 16.26 6.29 11.98
N GLU A 26 17.40 6.37 11.34
CA GLU A 26 18.67 5.91 11.90
C GLU A 26 18.92 6.46 13.31
N ASP A 27 18.50 7.71 13.52
CA ASP A 27 18.66 8.39 14.79
C ASP A 27 17.95 7.65 15.93
N GLY A 28 16.93 6.88 15.57
CA GLY A 28 16.18 6.15 16.57
C GLY A 28 14.93 6.89 16.98
N HIS A 29 14.69 8.01 16.31
CA HIS A 29 13.52 8.84 16.58
C HIS A 29 12.57 8.80 15.38
N PRO A 30 11.26 8.90 15.65
CA PRO A 30 10.23 8.87 14.61
C PRO A 30 10.20 10.15 13.77
N HIS A 31 10.13 9.98 12.47
CA HIS A 31 10.08 11.08 11.53
C HIS A 31 8.81 10.98 10.68
N ALA A 32 8.08 12.08 10.58
CA ALA A 32 6.85 12.11 9.82
C ALA A 32 7.11 11.93 8.32
N THR A 33 6.38 11.00 7.72
CA THR A 33 6.52 10.70 6.30
C THR A 33 5.15 10.36 5.72
N SER A 34 5.02 10.46 4.41
CA SER A 34 3.76 10.17 3.75
C SER A 34 4.00 9.41 2.45
N ILE A 35 3.15 8.43 2.17
CA ILE A 35 3.28 7.65 0.96
C ILE A 35 1.98 7.70 0.17
N ASN A 36 2.09 7.70 -1.15
CA ASN A 36 0.92 7.72 -2.02
C ASN A 36 0.68 6.32 -2.58
N LEU A 37 -0.13 5.54 -1.87
CA LEU A 37 -0.43 4.16 -2.25
C LEU A 37 -1.03 4.06 -3.65
N ASN A 38 -1.69 5.12 -4.09
CA ASN A 38 -2.33 5.15 -5.40
C ASN A 38 -1.33 4.90 -6.53
N TYR A 39 -0.06 5.13 -6.25
CA TYR A 39 0.96 4.92 -7.27
C TYR A 39 1.77 3.65 -7.00
N TYR A 40 1.33 2.85 -6.02
CA TYR A 40 2.05 1.63 -5.68
C TYR A 40 1.14 0.40 -5.64
N ILE A 41 -0.14 0.63 -5.38
CA ILE A 41 -1.11 -0.46 -5.31
C ILE A 41 -2.02 -0.42 -6.53
N GLY A 42 -2.35 -1.59 -7.08
CA GLY A 42 -3.19 -1.64 -8.24
C GLY A 42 -4.55 -2.23 -7.97
N ASN A 43 -5.47 -2.00 -8.89
CA ASN A 43 -6.83 -2.49 -8.79
C ASN A 43 -7.10 -3.53 -9.86
N ASP A 44 -7.22 -4.78 -9.43
CA ASP A 44 -7.49 -5.88 -10.34
C ASP A 44 -8.89 -6.43 -10.10
N ASN A 45 -9.79 -6.16 -11.06
CA ASN A 45 -11.17 -6.63 -10.98
C ASN A 45 -11.84 -6.23 -9.68
N GLY A 46 -11.57 -5.01 -9.24
CA GLY A 46 -12.18 -4.53 -8.02
C GLY A 46 -11.49 -5.04 -6.77
N ARG A 47 -10.26 -5.51 -6.91
CA ARG A 47 -9.51 -6.03 -5.79
C ARG A 47 -8.18 -5.32 -5.64
N LEU A 48 -7.66 -5.33 -4.41
CA LEU A 48 -6.41 -4.68 -4.09
C LEU A 48 -5.24 -5.63 -4.34
N GLU A 49 -4.43 -5.30 -5.31
CA GLU A 49 -3.28 -6.11 -5.66
C GLU A 49 -2.00 -5.39 -5.25
N TYR A 50 -1.04 -6.14 -4.67
CA TYR A 50 0.23 -5.58 -4.21
C TYR A 50 0.78 -4.59 -5.06
N PRO A 51 1.27 -4.89 -6.20
CA PRO A 51 1.80 -3.84 -6.86
C PRO A 51 0.97 -3.39 -8.03
N GLY A 52 0.72 -2.13 -8.05
CA GLY A 52 -0.08 -1.58 -9.08
C GLY A 52 0.00 -0.09 -9.18
N GLU A 53 -0.97 0.49 -9.86
CA GLU A 53 -1.05 1.93 -10.06
C GLU A 53 -2.48 2.36 -10.34
N SER A 54 -2.85 3.53 -9.85
CA SER A 54 -4.16 4.12 -10.07
C SER A 54 -5.31 3.24 -9.54
N PHE A 55 -5.13 2.64 -8.36
CA PHE A 55 -6.19 1.82 -7.80
C PHE A 55 -7.33 2.73 -7.33
N GLY A 56 -6.94 3.88 -6.78
CA GLY A 56 -7.90 4.85 -6.26
C GLY A 56 -8.86 5.35 -7.31
N SER A 57 -8.51 5.17 -8.59
CA SER A 57 -9.35 5.61 -9.70
C SER A 57 -10.70 4.87 -9.68
N SER A 58 -10.74 3.73 -8.99
CA SER A 58 -11.96 2.96 -8.89
C SER A 58 -12.08 2.29 -7.52
N CYS A 59 -11.41 2.87 -6.52
CA CYS A 59 -11.44 2.32 -5.17
C CYS A 59 -11.89 3.37 -4.16
N VAL A 60 -12.69 2.93 -3.22
CA VAL A 60 -13.20 3.78 -2.16
C VAL A 60 -13.11 3.03 -0.84
N LYS A 61 -13.48 3.69 0.26
CA LYS A 61 -13.47 3.08 1.59
C LYS A 61 -12.05 2.66 1.99
N THR A 62 -11.08 3.50 1.66
CA THR A 62 -9.69 3.22 1.98
C THR A 62 -9.41 3.32 3.49
N ALA A 63 -8.84 2.27 4.04
CA ALA A 63 -8.52 2.22 5.45
C ALA A 63 -7.34 1.30 5.69
N LEU A 64 -6.55 1.57 6.71
CA LEU A 64 -5.38 0.75 7.01
C LEU A 64 -5.63 -0.12 8.24
N ASN A 65 -5.67 -1.43 8.01
CA ASN A 65 -5.89 -2.39 9.08
C ASN A 65 -4.58 -2.69 9.77
N ASP A 66 -4.57 -2.48 11.08
CA ASP A 66 -3.39 -2.72 11.92
C ASP A 66 -2.18 -1.87 11.48
N GLY A 67 -2.42 -0.94 10.57
CA GLY A 67 -1.36 -0.08 10.08
C GLY A 67 -0.36 -0.82 9.20
N HIS A 68 -0.81 -1.85 8.49
CA HIS A 68 0.07 -2.62 7.61
C HIS A 68 -0.70 -3.21 6.42
N THR A 69 -2.02 -3.32 6.56
CA THR A 69 -2.86 -3.86 5.53
C THR A 69 -3.84 -2.79 5.02
N LEU A 70 -3.99 -2.69 3.72
CA LEU A 70 -4.90 -1.73 3.13
C LEU A 70 -6.22 -2.40 2.80
N THR A 71 -7.30 -1.79 3.23
CA THR A 71 -8.62 -2.32 2.96
C THR A 71 -9.44 -1.28 2.22
N ALA A 72 -10.05 -1.70 1.12
CA ALA A 72 -10.86 -0.80 0.32
C ALA A 72 -11.86 -1.58 -0.51
N SER A 73 -12.74 -0.85 -1.18
CA SER A 73 -13.75 -1.45 -2.03
C SER A 73 -13.53 -0.90 -3.43
N CYS A 74 -13.27 -1.79 -4.37
CA CYS A 74 -12.98 -1.37 -5.73
C CYS A 74 -13.92 -1.97 -6.76
N LYS A 75 -14.20 -1.18 -7.78
CA LYS A 75 -15.04 -1.61 -8.89
C LYS A 75 -14.15 -2.01 -10.07
N GLY A 76 -14.56 -3.00 -10.85
CA GLY A 76 -13.76 -3.39 -11.99
C GLY A 76 -14.01 -4.80 -12.49
N ALA A 77 -14.51 -5.67 -11.63
CA ALA A 77 -14.77 -7.05 -12.05
C ALA A 77 -15.94 -7.13 -13.03
N ASP A 78 -16.93 -6.27 -12.85
CA ASP A 78 -18.10 -6.25 -13.73
C ASP A 78 -18.95 -5.02 -13.49
N GLY A 79 -18.32 -3.84 -13.57
CA GLY A 79 -19.02 -2.59 -13.35
C GLY A 79 -19.45 -2.39 -11.90
N GLN A 80 -19.17 -3.37 -11.07
CA GLN A 80 -19.54 -3.33 -9.67
C GLN A 80 -18.31 -3.42 -8.78
N TYR A 81 -18.46 -2.99 -7.54
CA TYR A 81 -17.38 -3.00 -6.57
C TYR A 81 -17.44 -4.24 -5.67
N HIS A 82 -16.37 -4.46 -4.92
CA HIS A 82 -16.27 -5.57 -4.00
C HIS A 82 -15.27 -5.25 -2.89
N ASP A 83 -15.51 -5.80 -1.72
CA ASP A 83 -14.65 -5.59 -0.56
C ASP A 83 -13.33 -6.32 -0.75
N SER A 84 -12.21 -5.65 -0.50
CA SER A 84 -10.91 -6.26 -0.67
C SER A 84 -9.86 -5.65 0.25
N SER A 85 -8.77 -6.40 0.45
CA SER A 85 -7.67 -5.96 1.27
C SER A 85 -6.34 -6.29 0.60
N MET A 86 -5.31 -5.61 1.01
CA MET A 86 -3.97 -5.79 0.46
C MET A 86 -2.94 -5.57 1.55
N ASP A 87 -2.18 -6.60 1.89
CA ASP A 87 -1.17 -6.47 2.93
C ASP A 87 0.04 -5.72 2.41
N LEU A 88 0.16 -4.47 2.79
CA LEU A 88 1.26 -3.62 2.35
C LEU A 88 2.55 -4.01 3.06
N ASN A 89 2.41 -4.90 4.04
CA ASN A 89 3.54 -5.39 4.82
C ASN A 89 4.69 -5.78 3.91
N TYR A 90 4.37 -6.26 2.70
CA TYR A 90 5.39 -6.68 1.77
C TYR A 90 5.35 -5.86 0.48
N VAL A 91 4.82 -4.65 0.57
CA VAL A 91 4.76 -3.77 -0.60
C VAL A 91 5.30 -2.37 -0.27
N VAL A 92 5.64 -2.16 1.00
CA VAL A 92 6.17 -0.88 1.45
C VAL A 92 7.07 -1.05 2.68
N GLY A 93 8.13 -0.24 2.76
CA GLY A 93 9.05 -0.30 3.88
C GLY A 93 9.50 1.07 4.33
N ASN A 94 10.46 1.11 5.23
CA ASN A 94 10.98 2.37 5.76
C ASN A 94 12.50 2.37 5.75
N SER A 95 13.08 3.50 5.36
CA SER A 95 14.52 3.64 5.31
C SER A 95 14.91 5.06 5.70
N TYR A 96 15.64 5.18 6.80
CA TYR A 96 16.08 6.47 7.31
C TYR A 96 14.88 7.36 7.62
N GLY A 97 13.86 6.76 8.22
CA GLY A 97 12.66 7.49 8.59
C GLY A 97 11.99 8.14 7.38
N TYR A 98 12.11 7.52 6.22
CA TYR A 98 11.51 8.06 5.02
C TYR A 98 10.84 6.95 4.22
N MET A 99 9.77 7.30 3.52
CA MET A 99 9.01 6.36 2.71
C MET A 99 9.87 5.61 1.70
N GLU A 100 9.78 4.30 1.73
CA GLU A 100 10.51 3.43 0.81
C GLU A 100 9.63 2.25 0.42
N PRO A 101 8.68 2.49 -0.49
CA PRO A 101 7.75 1.45 -0.95
C PRO A 101 8.43 0.38 -1.78
N CYS A 102 8.84 -0.69 -1.12
CA CYS A 102 9.49 -1.80 -1.77
C CYS A 102 8.59 -3.03 -1.74
N ARG A 103 8.18 -3.49 -2.92
CA ARG A 103 7.32 -4.65 -3.02
C ARG A 103 8.16 -5.90 -3.14
N ALA A 104 7.67 -7.00 -2.60
CA ALA A 104 8.38 -8.26 -2.66
C ALA A 104 7.80 -9.16 -3.74
N SER A 105 7.35 -8.54 -4.81
CA SER A 105 6.76 -9.26 -5.91
C SER A 105 6.93 -8.41 -7.18
N ASN A 106 5.85 -8.27 -7.95
CA ASN A 106 5.86 -7.49 -9.20
C ASN A 106 6.80 -8.15 -10.22
N ALA A 107 7.09 -9.42 -10.01
CA ALA A 107 7.97 -10.17 -10.88
C ALA A 107 7.30 -10.43 -12.24
N ASP A 108 8.14 -10.66 -13.25
CA ASP A 108 7.65 -10.91 -14.61
C ASP A 108 7.12 -12.33 -14.75
N HIS A 109 5.83 -12.49 -14.56
CA HIS A 109 5.17 -13.77 -14.68
C HIS A 109 3.67 -13.56 -14.83
N VAL A 110 2.92 -14.63 -15.03
CA VAL A 110 1.48 -14.51 -15.20
C VAL A 110 0.79 -14.47 -13.85
N LEU A 111 0.75 -13.28 -13.26
CA LEU A 111 0.13 -13.09 -11.97
C LEU A 111 -1.34 -12.72 -12.13
N LYS A 112 -2.14 -13.73 -12.51
CA LYS A 112 -3.57 -13.54 -12.70
C LYS A 112 -4.31 -13.52 -11.36
N SER A 113 -3.72 -12.81 -10.40
CA SER A 113 -4.27 -12.69 -9.05
C SER A 113 -4.52 -14.08 -8.45
N SER A 114 -3.74 -15.05 -8.90
CA SER A 114 -3.86 -16.42 -8.45
C SER A 114 -2.64 -17.20 -8.88
N SER A 115 -2.24 -18.18 -8.08
CA SER A 115 -1.10 -19.01 -8.39
C SER A 115 -1.50 -20.05 -9.42
N GLU A 116 -2.80 -20.22 -9.56
CA GLU A 116 -3.34 -21.16 -10.51
C GLU A 116 -4.51 -20.51 -11.25
N MET A 1 13.31 -9.40 -0.76
CA MET A 1 13.66 -8.90 0.59
C MET A 1 12.42 -8.32 1.26
N GLN A 2 12.34 -8.46 2.58
CA GLN A 2 11.21 -7.94 3.34
C GLN A 2 11.41 -6.46 3.65
N CYS A 3 10.30 -5.75 3.80
CA CYS A 3 10.33 -4.32 4.08
C CYS A 3 9.58 -4.00 5.38
N ASN A 4 8.25 -4.00 5.33
CA ASN A 4 7.41 -3.74 6.50
C ASN A 4 7.60 -2.32 7.06
N PHE A 5 6.91 -1.34 6.48
CA PHE A 5 7.03 0.04 6.96
C PHE A 5 6.51 0.18 8.39
N ALA A 6 5.44 -0.56 8.70
CA ALA A 6 4.80 -0.53 10.01
C ALA A 6 5.72 -1.02 11.12
N ASN A 7 6.75 -1.76 10.73
CA ASN A 7 7.71 -2.33 11.69
C ASN A 7 8.28 -1.24 12.61
N SER A 8 8.41 -0.05 12.08
CA SER A 8 8.94 1.07 12.85
C SER A 8 8.15 2.34 12.55
N CYS A 9 6.85 2.19 12.32
CA CYS A 9 6.00 3.34 12.03
C CYS A 9 4.78 3.37 12.94
N THR A 10 4.46 4.54 13.46
CA THR A 10 3.32 4.72 14.33
C THR A 10 2.51 5.94 13.90
N GLY A 11 1.26 6.01 14.36
CA GLY A 11 0.40 7.12 14.03
C GLY A 11 0.17 7.25 12.54
N VAL A 12 -0.30 6.16 11.92
CA VAL A 12 -0.55 6.16 10.49
C VAL A 12 -2.02 6.46 10.18
N GLU A 13 -2.23 7.28 9.15
CA GLU A 13 -3.58 7.66 8.73
C GLU A 13 -3.72 7.57 7.22
N LEU A 14 -4.88 7.09 6.78
CA LEU A 14 -5.16 6.95 5.36
C LEU A 14 -6.39 7.76 4.96
N TYR A 15 -6.18 8.75 4.10
CA TYR A 15 -7.25 9.60 3.64
C TYR A 15 -7.29 9.58 2.11
N GLY A 16 -8.24 8.86 1.55
CA GLY A 16 -8.37 8.77 0.10
C GLY A 16 -7.36 7.82 -0.51
N TYR A 17 -6.09 8.20 -0.46
CA TYR A 17 -5.00 7.39 -1.02
C TYR A 17 -3.65 7.85 -0.49
N ILE A 18 -3.66 8.57 0.63
CA ILE A 18 -2.42 9.07 1.23
C ILE A 18 -2.18 8.41 2.59
N LEU A 19 -1.00 7.83 2.76
CA LEU A 19 -0.65 7.17 4.01
C LEU A 19 0.45 7.95 4.69
N ARG A 20 0.15 8.53 5.83
CA ARG A 20 1.16 9.26 6.56
C ARG A 20 1.37 8.63 7.91
N GLY A 21 2.61 8.54 8.32
CA GLY A 21 2.93 7.96 9.61
C GLY A 21 4.30 8.37 10.08
N ASP A 22 4.60 8.09 11.32
CA ASP A 22 5.89 8.40 11.90
C ASP A 22 6.78 7.18 11.84
N CYS A 23 7.73 7.19 10.93
CA CYS A 23 8.62 6.06 10.79
C CYS A 23 9.97 6.40 11.40
N ILE A 24 10.47 5.50 12.23
CA ILE A 24 11.75 5.69 12.90
C ILE A 24 12.91 5.51 11.95
N ASN A 25 13.87 6.41 12.04
CA ASN A 25 15.05 6.33 11.18
C ASN A 25 16.16 5.61 11.91
N GLU A 26 17.30 5.46 11.26
CA GLU A 26 18.45 4.77 11.83
C GLU A 26 18.80 5.28 13.23
N ASP A 27 18.72 6.59 13.41
CA ASP A 27 19.05 7.22 14.69
C ASP A 27 18.17 6.71 15.83
N GLY A 28 16.98 6.23 15.50
CA GLY A 28 16.08 5.73 16.52
C GLY A 28 14.96 6.69 16.82
N HIS A 29 14.94 7.80 16.11
CA HIS A 29 13.91 8.81 16.29
C HIS A 29 12.87 8.71 15.18
N PRO A 30 11.58 8.88 15.53
CA PRO A 30 10.49 8.81 14.56
C PRO A 30 10.45 10.04 13.66
N HIS A 31 10.25 9.81 12.37
CA HIS A 31 10.19 10.87 11.39
C HIS A 31 8.90 10.77 10.58
N ALA A 32 8.15 11.86 10.54
CA ALA A 32 6.89 11.90 9.82
C ALA A 32 7.12 11.76 8.31
N THR A 33 6.50 10.76 7.72
CA THR A 33 6.61 10.50 6.30
C THR A 33 5.25 10.17 5.72
N SER A 34 5.09 10.33 4.42
CA SER A 34 3.84 10.05 3.76
C SER A 34 4.05 9.34 2.44
N ILE A 35 3.17 8.41 2.12
CA ILE A 35 3.28 7.66 0.89
C ILE A 35 1.96 7.68 0.12
N ASN A 36 2.04 7.67 -1.20
CA ASN A 36 0.86 7.67 -2.04
C ASN A 36 0.59 6.27 -2.55
N LEU A 37 -0.32 5.57 -1.86
CA LEU A 37 -0.67 4.20 -2.21
C LEU A 37 -1.24 4.15 -3.61
N ASN A 38 -1.83 5.27 -4.03
CA ASN A 38 -2.45 5.39 -5.34
C ASN A 38 -1.49 5.00 -6.46
N TYR A 39 -0.21 5.28 -6.29
CA TYR A 39 0.76 4.98 -7.33
C TYR A 39 1.57 3.73 -7.01
N TYR A 40 1.15 2.98 -6.01
CA TYR A 40 1.87 1.77 -5.62
C TYR A 40 0.97 0.56 -5.55
N ILE A 41 -0.32 0.76 -5.39
CA ILE A 41 -1.29 -0.32 -5.33
C ILE A 41 -2.19 -0.28 -6.56
N GLY A 42 -2.49 -1.44 -7.10
CA GLY A 42 -3.34 -1.49 -8.27
C GLY A 42 -4.68 -2.17 -8.01
N ASN A 43 -5.59 -1.98 -8.94
CA ASN A 43 -6.94 -2.55 -8.85
C ASN A 43 -7.13 -3.64 -9.89
N ASP A 44 -7.13 -4.88 -9.45
CA ASP A 44 -7.32 -6.00 -10.36
C ASP A 44 -8.65 -6.68 -10.09
N ASN A 45 -9.60 -6.49 -11.01
CA ASN A 45 -10.93 -7.10 -10.91
C ASN A 45 -11.65 -6.64 -9.65
N GLY A 46 -11.50 -5.37 -9.32
CA GLY A 46 -12.13 -4.83 -8.14
C GLY A 46 -11.47 -5.29 -6.85
N ARG A 47 -10.25 -5.78 -6.98
CA ARG A 47 -9.49 -6.25 -5.82
C ARG A 47 -8.15 -5.54 -5.71
N LEU A 48 -7.73 -5.30 -4.48
CA LEU A 48 -6.46 -4.64 -4.21
C LEU A 48 -5.29 -5.58 -4.50
N GLU A 49 -4.40 -5.12 -5.36
CA GLU A 49 -3.22 -5.90 -5.73
C GLU A 49 -1.98 -5.17 -5.22
N TYR A 50 -1.00 -5.91 -4.69
CA TYR A 50 0.23 -5.32 -4.15
C TYR A 50 0.74 -4.27 -4.98
N PRO A 51 1.24 -4.52 -6.12
CA PRO A 51 1.73 -3.44 -6.75
C PRO A 51 0.91 -3.03 -7.95
N GLY A 52 0.61 -1.78 -7.99
CA GLY A 52 -0.19 -1.27 -9.05
C GLY A 52 -0.11 0.22 -9.19
N GLU A 53 -1.12 0.79 -9.85
CA GLU A 53 -1.21 2.22 -10.08
C GLU A 53 -2.65 2.67 -10.27
N SER A 54 -2.95 3.86 -9.79
CA SER A 54 -4.27 4.48 -9.90
C SER A 54 -5.40 3.57 -9.42
N PHE A 55 -5.22 2.90 -8.28
CA PHE A 55 -6.29 2.04 -7.75
C PHE A 55 -7.40 2.92 -7.19
N GLY A 56 -6.99 4.01 -6.53
CA GLY A 56 -7.94 4.93 -5.91
C GLY A 56 -8.90 5.54 -6.90
N SER A 57 -8.52 5.47 -8.16
CA SER A 57 -9.33 5.98 -9.26
C SER A 57 -10.64 5.20 -9.37
N SER A 58 -10.63 3.96 -8.89
CA SER A 58 -11.81 3.10 -8.93
C SER A 58 -11.99 2.36 -7.61
N CYS A 59 -11.37 2.87 -6.55
CA CYS A 59 -11.46 2.25 -5.24
C CYS A 59 -11.91 3.25 -4.20
N VAL A 60 -12.76 2.80 -3.29
CA VAL A 60 -13.28 3.64 -2.23
C VAL A 60 -13.14 2.93 -0.89
N LYS A 61 -13.51 3.63 0.19
CA LYS A 61 -13.43 3.07 1.54
C LYS A 61 -12.00 2.66 1.89
N THR A 62 -11.06 3.54 1.56
CA THR A 62 -9.65 3.29 1.84
C THR A 62 -9.33 3.40 3.33
N ALA A 63 -8.78 2.33 3.88
CA ALA A 63 -8.42 2.28 5.30
C ALA A 63 -7.21 1.38 5.52
N LEU A 64 -6.56 1.51 6.66
CA LEU A 64 -5.38 0.70 6.95
C LEU A 64 -5.56 -0.14 8.21
N ASN A 65 -5.62 -1.46 8.03
CA ASN A 65 -5.78 -2.40 9.14
C ASN A 65 -4.46 -2.56 9.88
N ASP A 66 -4.48 -2.21 11.16
CA ASP A 66 -3.32 -2.31 12.05
C ASP A 66 -2.10 -1.62 11.43
N GLY A 67 -2.37 -0.64 10.57
CA GLY A 67 -1.32 0.11 9.91
C GLY A 67 -0.37 -0.75 9.09
N HIS A 68 -0.88 -1.84 8.51
CA HIS A 68 -0.03 -2.70 7.69
C HIS A 68 -0.76 -3.21 6.46
N THR A 69 -2.07 -3.36 6.55
CA THR A 69 -2.87 -3.85 5.44
C THR A 69 -3.85 -2.78 4.96
N LEU A 70 -3.88 -2.56 3.67
CA LEU A 70 -4.80 -1.60 3.08
C LEU A 70 -6.11 -2.29 2.70
N THR A 71 -7.21 -1.69 3.09
CA THR A 71 -8.52 -2.24 2.78
C THR A 71 -9.35 -1.22 2.01
N ALA A 72 -9.93 -1.67 0.91
CA ALA A 72 -10.77 -0.81 0.09
C ALA A 72 -11.68 -1.63 -0.81
N SER A 73 -12.69 -0.96 -1.36
CA SER A 73 -13.64 -1.60 -2.26
C SER A 73 -13.44 -1.04 -3.66
N CYS A 74 -13.12 -1.91 -4.60
CA CYS A 74 -12.85 -1.47 -5.96
C CYS A 74 -13.81 -2.06 -6.98
N LYS A 75 -14.02 -1.33 -8.07
CA LYS A 75 -14.87 -1.77 -9.16
C LYS A 75 -14.01 -2.33 -10.29
N GLY A 76 -14.51 -3.37 -10.97
CA GLY A 76 -13.77 -3.94 -12.08
C GLY A 76 -14.13 -5.39 -12.33
N ALA A 77 -14.56 -6.07 -11.27
CA ALA A 77 -14.96 -7.47 -11.36
C ALA A 77 -16.07 -7.68 -12.38
N ASP A 78 -17.03 -6.75 -12.43
CA ASP A 78 -18.16 -6.83 -13.36
C ASP A 78 -18.99 -5.57 -13.27
N GLY A 79 -18.34 -4.42 -13.45
CA GLY A 79 -19.04 -3.15 -13.38
C GLY A 79 -19.52 -2.83 -11.99
N GLN A 80 -19.13 -3.67 -11.04
CA GLN A 80 -19.52 -3.50 -9.65
C GLN A 80 -18.27 -3.49 -8.78
N TYR A 81 -18.45 -3.15 -7.52
CA TYR A 81 -17.35 -3.08 -6.56
C TYR A 81 -17.31 -4.35 -5.70
N HIS A 82 -16.25 -4.49 -4.92
CA HIS A 82 -16.07 -5.63 -4.05
C HIS A 82 -15.07 -5.28 -2.96
N ASP A 83 -15.28 -5.82 -1.77
CA ASP A 83 -14.40 -5.57 -0.65
C ASP A 83 -13.12 -6.38 -0.78
N SER A 84 -11.98 -5.73 -0.57
CA SER A 84 -10.70 -6.41 -0.67
C SER A 84 -9.66 -5.74 0.21
N SER A 85 -8.55 -6.44 0.42
CA SER A 85 -7.47 -5.94 1.24
C SER A 85 -6.12 -6.27 0.60
N MET A 86 -5.10 -5.57 1.03
CA MET A 86 -3.75 -5.77 0.53
C MET A 86 -2.73 -5.51 1.62
N ASP A 87 -1.97 -6.53 1.97
CA ASP A 87 -0.95 -6.38 3.00
C ASP A 87 0.23 -5.60 2.44
N LEU A 88 0.36 -4.37 2.88
CA LEU A 88 1.43 -3.49 2.43
C LEU A 88 2.74 -3.86 3.07
N ASN A 89 2.68 -4.75 4.06
CA ASN A 89 3.87 -5.22 4.76
C ASN A 89 4.98 -5.63 3.79
N TYR A 90 4.60 -6.09 2.62
CA TYR A 90 5.58 -6.50 1.63
C TYR A 90 5.48 -5.67 0.36
N VAL A 91 4.89 -4.48 0.46
CA VAL A 91 4.77 -3.59 -0.69
C VAL A 91 5.32 -2.19 -0.35
N VAL A 92 5.59 -1.97 0.92
CA VAL A 92 6.13 -0.70 1.39
C VAL A 92 6.99 -0.91 2.64
N GLY A 93 8.09 -0.18 2.73
CA GLY A 93 8.98 -0.31 3.87
C GLY A 93 9.40 1.03 4.44
N ASN A 94 10.39 0.98 5.31
CA ASN A 94 10.92 2.16 5.98
C ASN A 94 12.43 2.17 5.92
N SER A 95 13.00 3.27 5.45
CA SER A 95 14.42 3.42 5.36
C SER A 95 14.82 4.82 5.78
N TYR A 96 15.51 4.92 6.91
CA TYR A 96 15.97 6.21 7.43
C TYR A 96 14.79 7.17 7.66
N GLY A 97 13.69 6.62 8.16
CA GLY A 97 12.50 7.43 8.41
C GLY A 97 11.94 8.04 7.14
N TYR A 98 12.30 7.49 6.01
CA TYR A 98 11.85 7.99 4.73
C TYR A 98 11.00 6.95 4.01
N MET A 99 10.01 7.43 3.25
CA MET A 99 9.12 6.55 2.50
C MET A 99 9.89 5.72 1.48
N GLU A 100 9.85 4.41 1.67
CA GLU A 100 10.51 3.49 0.75
C GLU A 100 9.58 2.34 0.44
N PRO A 101 8.62 2.55 -0.46
CA PRO A 101 7.65 1.53 -0.87
C PRO A 101 8.29 0.43 -1.70
N CYS A 102 8.87 -0.50 -1.01
CA CYS A 102 9.53 -1.62 -1.65
C CYS A 102 8.68 -2.87 -1.52
N ARG A 103 8.42 -3.50 -2.65
CA ARG A 103 7.63 -4.71 -2.68
C ARG A 103 8.52 -5.87 -3.06
N ALA A 104 8.19 -7.05 -2.57
CA ALA A 104 8.97 -8.23 -2.87
C ALA A 104 8.30 -9.07 -3.95
N SER A 105 7.75 -8.39 -4.94
CA SER A 105 7.08 -9.05 -6.03
C SER A 105 7.00 -8.09 -7.23
N ASN A 106 5.81 -7.88 -7.75
CA ASN A 106 5.56 -7.01 -8.91
C ASN A 106 6.12 -7.62 -10.17
N ALA A 107 7.42 -7.68 -10.21
CA ALA A 107 8.15 -8.23 -11.34
C ALA A 107 8.33 -9.72 -11.14
N ASP A 108 8.28 -10.14 -9.88
CA ASP A 108 8.42 -11.55 -9.53
C ASP A 108 7.04 -12.20 -9.49
N HIS A 109 6.25 -11.96 -10.51
CA HIS A 109 4.90 -12.51 -10.58
C HIS A 109 4.35 -12.38 -11.99
N VAL A 110 3.38 -13.22 -12.31
CA VAL A 110 2.74 -13.21 -13.61
C VAL A 110 1.71 -12.08 -13.70
N LEU A 111 2.22 -10.87 -13.88
CA LEU A 111 1.37 -9.69 -13.98
C LEU A 111 1.44 -9.12 -15.39
N LYS A 112 1.59 -10.01 -16.36
CA LYS A 112 1.67 -9.63 -17.76
C LYS A 112 0.26 -9.38 -18.30
N SER A 113 0.01 -8.15 -18.71
CA SER A 113 -1.29 -7.77 -19.25
C SER A 113 -1.45 -8.22 -20.70
N SER A 114 -1.40 -9.52 -20.92
CA SER A 114 -1.53 -10.09 -22.24
C SER A 114 -2.23 -11.43 -22.17
N SER A 115 -3.41 -11.51 -22.76
CA SER A 115 -4.17 -12.74 -22.78
C SER A 115 -3.45 -13.82 -23.57
N GLU A 116 -2.92 -13.43 -24.72
CA GLU A 116 -2.20 -14.35 -25.57
C GLU A 116 -0.73 -13.95 -25.63
N MET A 1 15.91 -7.81 4.83
CA MET A 1 15.39 -8.57 3.66
C MET A 1 13.98 -8.09 3.32
N GLN A 2 13.08 -8.15 4.30
CA GLN A 2 11.71 -7.70 4.09
C GLN A 2 11.57 -6.23 4.42
N CYS A 3 10.67 -5.55 3.73
CA CYS A 3 10.44 -4.13 3.94
C CYS A 3 9.69 -3.87 5.25
N ASN A 4 8.37 -4.11 5.24
CA ASN A 4 7.53 -3.90 6.43
C ASN A 4 7.64 -2.48 6.98
N PHE A 5 7.01 -1.53 6.30
CA PHE A 5 7.05 -0.14 6.73
C PHE A 5 6.47 0.02 8.13
N ALA A 6 5.42 -0.76 8.41
CA ALA A 6 4.71 -0.71 9.69
C ALA A 6 5.53 -1.24 10.85
N ASN A 7 6.52 -2.08 10.57
CA ASN A 7 7.36 -2.65 11.63
C ASN A 7 8.06 -1.56 12.43
N SER A 8 8.27 -0.42 11.80
CA SER A 8 8.94 0.69 12.45
C SER A 8 8.15 1.98 12.23
N CYS A 9 6.83 1.87 12.10
CA CYS A 9 5.99 3.04 11.89
C CYS A 9 4.80 3.02 12.83
N THR A 10 4.46 4.19 13.37
CA THR A 10 3.35 4.31 14.29
C THR A 10 2.45 5.48 13.93
N GLY A 11 1.17 5.37 14.25
CA GLY A 11 0.23 6.45 13.96
C GLY A 11 0.15 6.77 12.49
N VAL A 12 -0.49 5.89 11.74
CA VAL A 12 -0.64 6.08 10.31
C VAL A 12 -2.10 6.35 9.93
N GLU A 13 -2.30 7.20 8.94
CA GLU A 13 -3.63 7.54 8.46
C GLU A 13 -3.70 7.36 6.95
N LEU A 14 -4.91 7.14 6.45
CA LEU A 14 -5.12 6.97 5.02
C LEU A 14 -6.28 7.83 4.53
N TYR A 15 -5.96 8.87 3.77
CA TYR A 15 -6.97 9.76 3.24
C TYR A 15 -7.03 9.68 1.72
N GLY A 16 -8.02 8.94 1.24
CA GLY A 16 -8.22 8.79 -0.20
C GLY A 16 -7.24 7.80 -0.82
N TYR A 17 -5.96 8.12 -0.76
CA TYR A 17 -4.92 7.28 -1.32
C TYR A 17 -3.53 7.69 -0.83
N ILE A 18 -3.47 8.36 0.31
CA ILE A 18 -2.20 8.80 0.89
C ILE A 18 -2.01 8.23 2.27
N LEU A 19 -0.82 7.70 2.52
CA LEU A 19 -0.49 7.10 3.81
C LEU A 19 0.56 7.94 4.52
N ARG A 20 0.24 8.45 5.69
CA ARG A 20 1.19 9.25 6.43
C ARG A 20 1.33 8.71 7.83
N GLY A 21 2.54 8.69 8.34
CA GLY A 21 2.78 8.19 9.67
C GLY A 21 4.17 8.53 10.17
N ASP A 22 4.50 8.03 11.35
CA ASP A 22 5.79 8.27 11.95
C ASP A 22 6.65 7.02 11.88
N CYS A 23 7.66 7.04 11.03
CA CYS A 23 8.53 5.89 10.88
C CYS A 23 9.87 6.19 11.55
N ILE A 24 10.35 5.25 12.35
CA ILE A 24 11.60 5.41 13.07
C ILE A 24 12.79 5.31 12.14
N ASN A 25 13.77 6.18 12.32
CA ASN A 25 14.95 6.18 11.48
C ASN A 25 16.11 5.50 12.22
N GLU A 26 17.31 5.49 11.62
CA GLU A 26 18.46 4.85 12.24
C GLU A 26 18.77 5.41 13.63
N ASP A 27 18.39 6.66 13.85
CA ASP A 27 18.61 7.34 15.12
C ASP A 27 17.81 6.69 16.25
N GLY A 28 16.71 6.03 15.89
CA GLY A 28 15.88 5.39 16.88
C GLY A 28 14.67 6.23 17.24
N HIS A 29 14.53 7.34 16.56
CA HIS A 29 13.41 8.25 16.78
C HIS A 29 12.50 8.27 15.56
N PRO A 30 11.18 8.33 15.79
CA PRO A 30 10.19 8.37 14.71
C PRO A 30 10.23 9.67 13.92
N HIS A 31 10.14 9.54 12.61
CA HIS A 31 10.14 10.67 11.70
C HIS A 31 8.89 10.63 10.84
N ALA A 32 8.24 11.77 10.69
CA ALA A 32 7.02 11.86 9.90
C ALA A 32 7.32 11.71 8.41
N THR A 33 6.64 10.77 7.78
CA THR A 33 6.81 10.52 6.36
C THR A 33 5.46 10.22 5.73
N SER A 34 5.37 10.35 4.42
CA SER A 34 4.12 10.10 3.73
C SER A 34 4.37 9.37 2.42
N ILE A 35 3.45 8.50 2.06
CA ILE A 35 3.56 7.75 0.83
C ILE A 35 2.25 7.82 0.05
N ASN A 36 2.34 7.84 -1.27
CA ASN A 36 1.15 7.91 -2.10
C ASN A 36 0.83 6.54 -2.69
N LEU A 37 -0.06 5.80 -2.02
CA LEU A 37 -0.43 4.44 -2.44
C LEU A 37 -0.99 4.43 -3.86
N ASN A 38 -1.56 5.55 -4.28
CA ASN A 38 -2.16 5.69 -5.60
C ASN A 38 -1.18 5.34 -6.72
N TYR A 39 0.10 5.53 -6.48
CA TYR A 39 1.11 5.24 -7.48
C TYR A 39 1.86 3.95 -7.19
N TYR A 40 1.40 3.19 -6.18
CA TYR A 40 2.08 1.95 -5.82
C TYR A 40 1.14 0.75 -5.75
N ILE A 41 -0.15 1.01 -5.57
CA ILE A 41 -1.13 -0.08 -5.48
C ILE A 41 -2.08 -0.03 -6.67
N GLY A 42 -2.45 -1.21 -7.19
CA GLY A 42 -3.35 -1.26 -8.33
C GLY A 42 -4.65 -1.97 -8.04
N ASN A 43 -5.59 -1.88 -8.98
CA ASN A 43 -6.90 -2.50 -8.84
C ASN A 43 -7.05 -3.67 -9.80
N ASP A 44 -7.09 -4.87 -9.25
CA ASP A 44 -7.24 -6.08 -10.06
C ASP A 44 -8.61 -6.71 -9.84
N ASN A 45 -9.48 -6.59 -10.83
CA ASN A 45 -10.84 -7.17 -10.79
C ASN A 45 -11.57 -6.74 -9.52
N GLY A 46 -11.43 -5.49 -9.14
CA GLY A 46 -12.09 -4.98 -7.96
C GLY A 46 -11.39 -5.34 -6.67
N ARG A 47 -10.13 -5.75 -6.77
CA ARG A 47 -9.35 -6.14 -5.61
C ARG A 47 -8.06 -5.34 -5.53
N LEU A 48 -7.55 -5.18 -4.33
CA LEU A 48 -6.32 -4.44 -4.11
C LEU A 48 -5.12 -5.32 -4.39
N GLU A 49 -4.37 -4.96 -5.42
CA GLU A 49 -3.18 -5.71 -5.77
C GLU A 49 -1.95 -4.92 -5.40
N TYR A 50 -1.01 -5.60 -4.75
CA TYR A 50 0.26 -5.04 -4.29
C TYR A 50 0.77 -4.02 -5.15
N PRO A 51 1.23 -4.28 -6.30
CA PRO A 51 1.72 -3.22 -6.96
C PRO A 51 0.85 -2.79 -8.11
N GLY A 52 0.63 -1.53 -8.16
CA GLY A 52 -0.21 -1.00 -9.18
C GLY A 52 -0.16 0.50 -9.29
N GLU A 53 -1.16 1.05 -9.97
CA GLU A 53 -1.26 2.49 -10.19
C GLU A 53 -2.73 2.89 -10.39
N SER A 54 -3.06 4.08 -9.92
CA SER A 54 -4.40 4.65 -10.05
C SER A 54 -5.51 3.72 -9.53
N PHE A 55 -5.27 3.08 -8.39
CA PHE A 55 -6.29 2.19 -7.83
C PHE A 55 -7.45 3.00 -7.27
N GLY A 56 -7.13 4.17 -6.70
CA GLY A 56 -8.14 5.03 -6.10
C GLY A 56 -9.17 5.50 -7.11
N SER A 57 -8.80 5.41 -8.37
CA SER A 57 -9.66 5.80 -9.47
C SER A 57 -10.92 4.93 -9.52
N SER A 58 -10.83 3.73 -8.97
CA SER A 58 -11.98 2.82 -8.96
C SER A 58 -12.13 2.13 -7.60
N CYS A 59 -11.57 2.76 -6.56
CA CYS A 59 -11.65 2.20 -5.22
C CYS A 59 -12.20 3.21 -4.22
N VAL A 60 -12.90 2.69 -3.21
CA VAL A 60 -13.50 3.52 -2.17
C VAL A 60 -13.30 2.87 -0.79
N LYS A 61 -13.68 3.58 0.26
CA LYS A 61 -13.55 3.10 1.64
C LYS A 61 -12.10 2.79 1.99
N THR A 62 -11.20 3.65 1.54
CA THR A 62 -9.77 3.46 1.81
C THR A 62 -9.45 3.61 3.30
N ALA A 63 -8.94 2.55 3.91
CA ALA A 63 -8.59 2.55 5.32
C ALA A 63 -7.41 1.62 5.56
N LEU A 64 -6.59 1.93 6.55
CA LEU A 64 -5.42 1.12 6.87
C LEU A 64 -5.63 0.37 8.18
N ASN A 65 -5.69 -0.96 8.12
CA ASN A 65 -5.89 -1.76 9.31
C ASN A 65 -4.57 -2.12 9.96
N ASP A 66 -4.45 -1.77 11.24
CA ASP A 66 -3.26 -2.03 12.04
C ASP A 66 -2.04 -1.36 11.41
N GLY A 67 -2.30 -0.39 10.56
CA GLY A 67 -1.25 0.34 9.88
C GLY A 67 -0.32 -0.53 9.05
N HIS A 68 -0.85 -1.62 8.49
CA HIS A 68 -0.02 -2.51 7.69
C HIS A 68 -0.77 -3.00 6.46
N THR A 69 -2.08 -3.16 6.59
CA THR A 69 -2.90 -3.63 5.49
C THR A 69 -3.90 -2.57 5.04
N LEU A 70 -3.95 -2.37 3.74
CA LEU A 70 -4.88 -1.42 3.14
C LEU A 70 -6.18 -2.12 2.81
N THR A 71 -7.28 -1.53 3.22
CA THR A 71 -8.58 -2.09 2.95
C THR A 71 -9.41 -1.11 2.14
N ALA A 72 -9.99 -1.59 1.06
CA ALA A 72 -10.81 -0.75 0.20
C ALA A 72 -11.72 -1.60 -0.68
N SER A 73 -12.71 -0.96 -1.26
CA SER A 73 -13.66 -1.62 -2.13
C SER A 73 -13.46 -1.10 -3.55
N CYS A 74 -13.21 -2.00 -4.49
CA CYS A 74 -12.96 -1.59 -5.86
C CYS A 74 -13.88 -2.29 -6.85
N LYS A 75 -14.17 -1.60 -7.94
CA LYS A 75 -15.02 -2.14 -8.99
C LYS A 75 -14.18 -2.68 -10.15
N GLY A 76 -14.65 -3.73 -10.80
CA GLY A 76 -13.92 -4.29 -11.92
C GLY A 76 -14.23 -5.76 -12.16
N ALA A 77 -14.54 -6.47 -11.08
CA ALA A 77 -14.86 -7.89 -11.17
C ALA A 77 -16.00 -8.16 -12.15
N ASP A 78 -17.02 -7.33 -12.10
CA ASP A 78 -18.18 -7.48 -12.97
C ASP A 78 -19.09 -6.26 -12.88
N GLY A 79 -18.51 -5.09 -13.12
CA GLY A 79 -19.28 -3.85 -13.06
C GLY A 79 -19.74 -3.52 -11.66
N GLN A 80 -19.32 -4.34 -10.72
CA GLN A 80 -19.66 -4.19 -9.32
C GLN A 80 -18.38 -4.09 -8.51
N TYR A 81 -18.49 -3.56 -7.30
CA TYR A 81 -17.34 -3.42 -6.45
C TYR A 81 -17.32 -4.51 -5.38
N HIS A 82 -16.21 -4.61 -4.67
CA HIS A 82 -16.06 -5.60 -3.62
C HIS A 82 -14.99 -5.14 -2.65
N ASP A 83 -15.23 -5.32 -1.38
CA ASP A 83 -14.28 -4.92 -0.36
C ASP A 83 -13.17 -5.93 -0.23
N SER A 84 -11.94 -5.48 -0.43
CA SER A 84 -10.78 -6.34 -0.35
C SER A 84 -9.69 -5.67 0.48
N SER A 85 -8.57 -6.35 0.64
CA SER A 85 -7.48 -5.80 1.40
C SER A 85 -6.15 -6.06 0.71
N MET A 86 -5.14 -5.34 1.14
CA MET A 86 -3.81 -5.45 0.57
C MET A 86 -2.76 -5.26 1.64
N ASP A 87 -2.00 -6.29 1.96
CA ASP A 87 -0.97 -6.16 2.99
C ASP A 87 0.21 -5.38 2.41
N LEU A 88 0.33 -4.14 2.84
CA LEU A 88 1.38 -3.25 2.37
C LEU A 88 2.71 -3.62 3.01
N ASN A 89 2.68 -4.51 3.99
CA ASN A 89 3.89 -4.95 4.67
C ASN A 89 4.96 -5.40 3.68
N TYR A 90 4.55 -5.84 2.50
CA TYR A 90 5.49 -6.27 1.49
C TYR A 90 5.39 -5.43 0.23
N VAL A 91 4.85 -4.23 0.36
CA VAL A 91 4.74 -3.32 -0.78
C VAL A 91 5.35 -1.95 -0.45
N VAL A 92 5.57 -1.71 0.85
CA VAL A 92 6.20 -0.48 1.34
C VAL A 92 7.18 -0.79 2.45
N GLY A 93 8.26 -0.03 2.51
CA GLY A 93 9.26 -0.23 3.54
C GLY A 93 9.69 1.08 4.16
N ASN A 94 10.61 1.00 5.11
CA ASN A 94 11.10 2.18 5.81
C ASN A 94 12.62 2.19 5.85
N SER A 95 13.21 3.29 5.42
CA SER A 95 14.65 3.44 5.43
C SER A 95 15.04 4.81 5.97
N TYR A 96 15.56 4.84 7.18
CA TYR A 96 15.98 6.07 7.83
C TYR A 96 14.79 7.01 7.99
N GLY A 97 13.66 6.45 8.40
CA GLY A 97 12.46 7.23 8.60
C GLY A 97 11.97 7.89 7.33
N TYR A 98 12.36 7.34 6.19
CA TYR A 98 11.98 7.89 4.91
C TYR A 98 11.16 6.88 4.11
N MET A 99 10.22 7.40 3.32
CA MET A 99 9.34 6.57 2.50
C MET A 99 10.12 5.73 1.48
N GLU A 100 9.98 4.41 1.56
CA GLU A 100 10.65 3.50 0.64
C GLU A 100 9.70 2.42 0.19
N PRO A 101 8.85 2.72 -0.79
CA PRO A 101 7.89 1.76 -1.32
C PRO A 101 8.54 0.63 -2.11
N CYS A 102 8.89 -0.42 -1.39
CA CYS A 102 9.52 -1.59 -1.98
C CYS A 102 8.61 -2.79 -1.86
N ARG A 103 8.30 -3.41 -2.99
CA ARG A 103 7.43 -4.57 -3.00
C ARG A 103 8.25 -5.84 -3.09
N ALA A 104 7.73 -6.91 -2.53
CA ALA A 104 8.40 -8.20 -2.55
C ALA A 104 7.81 -9.10 -3.61
N SER A 105 7.19 -8.50 -4.60
CA SER A 105 6.57 -9.21 -5.66
C SER A 105 6.71 -8.40 -6.96
N ASN A 106 5.67 -8.41 -7.78
CA ASN A 106 5.64 -7.71 -9.06
C ASN A 106 6.67 -8.28 -10.04
N ALA A 107 6.18 -9.04 -11.00
CA ALA A 107 7.03 -9.66 -12.00
C ALA A 107 7.21 -8.75 -13.21
N ASP A 108 6.24 -7.90 -13.48
CA ASP A 108 6.30 -7.00 -14.62
C ASP A 108 5.90 -5.59 -14.19
N HIS A 109 6.69 -4.60 -14.60
CA HIS A 109 6.43 -3.22 -14.25
C HIS A 109 5.32 -2.62 -15.11
N VAL A 110 5.18 -3.14 -16.32
CA VAL A 110 4.15 -2.66 -17.23
C VAL A 110 2.90 -3.53 -17.12
N LEU A 111 2.20 -3.36 -16.01
CA LEU A 111 0.99 -4.12 -15.74
C LEU A 111 -0.24 -3.23 -15.96
N LYS A 112 -0.06 -2.20 -16.77
CA LYS A 112 -1.14 -1.27 -17.06
C LYS A 112 -2.06 -1.84 -18.12
N SER A 113 -3.19 -2.38 -17.69
CA SER A 113 -4.16 -2.95 -18.61
C SER A 113 -5.01 -1.85 -19.23
N SER A 114 -4.44 -1.19 -20.22
CA SER A 114 -5.12 -0.10 -20.92
C SER A 114 -4.55 0.04 -22.32
N SER A 115 -4.95 1.05 -23.04
CA SER A 115 -4.45 1.27 -24.38
C SER A 115 -3.13 2.01 -24.32
N GLU A 116 -3.12 3.14 -23.62
CA GLU A 116 -1.93 3.96 -23.49
C GLU A 116 -1.62 4.21 -22.02
N MET A 1 15.89 -7.05 1.80
CA MET A 1 15.14 -8.14 2.46
C MET A 1 13.80 -7.63 2.97
N GLN A 2 12.78 -7.74 2.11
CA GLN A 2 11.42 -7.29 2.44
C GLN A 2 11.38 -5.78 2.61
N CYS A 3 10.24 -5.27 3.06
CA CYS A 3 10.07 -3.84 3.27
C CYS A 3 9.68 -3.56 4.72
N ASN A 4 8.41 -3.85 5.07
CA ASN A 4 7.89 -3.65 6.43
C ASN A 4 7.94 -2.20 6.89
N PHE A 5 7.09 -1.33 6.33
CA PHE A 5 7.08 0.06 6.77
C PHE A 5 6.58 0.15 8.22
N ALA A 6 5.61 -0.69 8.55
CA ALA A 6 5.02 -0.74 9.89
C ALA A 6 5.99 -1.21 10.94
N ASN A 7 7.06 -1.89 10.50
CA ASN A 7 8.07 -2.42 11.40
C ASN A 7 8.58 -1.35 12.34
N SER A 8 8.74 -0.14 11.82
CA SER A 8 9.23 0.96 12.62
C SER A 8 8.36 2.20 12.44
N CYS A 9 7.10 2.01 12.11
CA CYS A 9 6.19 3.14 11.92
C CYS A 9 5.05 3.10 12.91
N THR A 10 4.69 4.27 13.43
CA THR A 10 3.60 4.39 14.39
C THR A 10 2.72 5.59 14.05
N GLY A 11 1.45 5.51 14.44
CA GLY A 11 0.52 6.60 14.20
C GLY A 11 0.29 6.85 12.72
N VAL A 12 -0.16 5.82 12.01
CA VAL A 12 -0.40 5.94 10.59
C VAL A 12 -1.89 6.11 10.27
N GLU A 13 -2.19 7.07 9.40
CA GLU A 13 -3.57 7.34 9.00
C GLU A 13 -3.69 7.33 7.48
N LEU A 14 -4.87 7.02 6.98
CA LEU A 14 -5.11 6.97 5.54
C LEU A 14 -6.32 7.80 5.13
N TYR A 15 -6.09 8.78 4.27
CA TYR A 15 -7.16 9.61 3.77
C TYR A 15 -7.15 9.63 2.25
N GLY A 16 -8.12 8.98 1.64
CA GLY A 16 -8.20 8.93 0.19
C GLY A 16 -7.25 7.93 -0.40
N TYR A 17 -5.97 8.26 -0.40
CA TYR A 17 -4.93 7.38 -0.94
C TYR A 17 -3.54 7.81 -0.46
N ILE A 18 -3.50 8.51 0.66
CA ILE A 18 -2.23 8.97 1.23
C ILE A 18 -2.04 8.41 2.65
N LEU A 19 -0.90 7.79 2.88
CA LEU A 19 -0.59 7.20 4.17
C LEU A 19 0.49 8.00 4.87
N ARG A 20 0.17 8.62 5.98
CA ARG A 20 1.16 9.39 6.71
C ARG A 20 1.36 8.82 8.09
N GLY A 21 2.60 8.77 8.52
CA GLY A 21 2.89 8.26 9.84
C GLY A 21 4.29 8.60 10.27
N ASP A 22 4.68 8.08 11.43
CA ASP A 22 5.99 8.33 11.98
C ASP A 22 6.85 7.07 11.88
N CYS A 23 7.83 7.10 10.99
CA CYS A 23 8.73 5.96 10.82
C CYS A 23 10.08 6.30 11.42
N ILE A 24 10.61 5.39 12.23
CA ILE A 24 11.87 5.59 12.91
C ILE A 24 13.06 5.58 11.93
N ASN A 25 14.02 6.45 12.17
CA ASN A 25 15.21 6.54 11.33
C ASN A 25 16.42 6.00 12.07
N GLU A 26 17.59 6.15 11.46
CA GLU A 26 18.85 5.68 12.04
C GLU A 26 19.02 6.12 13.50
N ASP A 27 18.66 7.37 13.76
CA ASP A 27 18.79 7.98 15.09
C ASP A 27 17.98 7.22 16.15
N GLY A 28 16.96 6.50 15.71
CA GLY A 28 16.13 5.76 16.64
C GLY A 28 14.90 6.54 17.02
N HIS A 29 14.73 7.69 16.36
CA HIS A 29 13.58 8.55 16.60
C HIS A 29 12.63 8.52 15.41
N PRO A 30 11.33 8.62 15.68
CA PRO A 30 10.30 8.62 14.64
C PRO A 30 10.36 9.86 13.75
N HIS A 31 10.33 9.63 12.45
CA HIS A 31 10.39 10.68 11.45
C HIS A 31 9.09 10.72 10.67
N ALA A 32 8.52 11.90 10.55
CA ALA A 32 7.26 12.08 9.82
C ALA A 32 7.45 11.80 8.34
N THR A 33 6.72 10.82 7.84
CA THR A 33 6.80 10.44 6.43
C THR A 33 5.42 10.11 5.89
N SER A 34 5.28 10.15 4.57
CA SER A 34 4.02 9.88 3.93
C SER A 34 4.22 9.07 2.66
N ILE A 35 3.25 8.22 2.35
CA ILE A 35 3.31 7.38 1.17
C ILE A 35 2.04 7.57 0.33
N ASN A 36 2.20 7.44 -0.98
CA ASN A 36 1.09 7.59 -1.89
C ASN A 36 0.68 6.21 -2.41
N LEU A 37 -0.18 5.53 -1.66
CA LEU A 37 -0.65 4.17 -2.01
C LEU A 37 -1.24 4.14 -3.41
N ASN A 38 -1.72 5.28 -3.86
CA ASN A 38 -2.34 5.43 -5.17
C ASN A 38 -1.44 4.91 -6.30
N TYR A 39 -0.13 4.90 -6.07
CA TYR A 39 0.80 4.46 -7.12
C TYR A 39 1.52 3.17 -6.75
N TYR A 40 1.08 2.51 -5.68
CA TYR A 40 1.71 1.26 -5.25
C TYR A 40 0.68 0.15 -5.10
N ILE A 41 -0.57 0.52 -5.20
CA ILE A 41 -1.64 -0.45 -5.11
C ILE A 41 -2.54 -0.29 -6.31
N GLY A 42 -2.89 -1.41 -6.92
CA GLY A 42 -3.77 -1.38 -8.07
C GLY A 42 -5.05 -2.10 -7.78
N ASN A 43 -5.92 -2.18 -8.78
CA ASN A 43 -7.18 -2.86 -8.59
C ASN A 43 -7.41 -3.91 -9.67
N ASP A 44 -7.17 -5.16 -9.31
CA ASP A 44 -7.36 -6.26 -10.24
C ASP A 44 -8.68 -6.97 -9.95
N ASN A 45 -9.61 -6.88 -10.89
CA ASN A 45 -10.93 -7.49 -10.76
C ASN A 45 -11.64 -6.96 -9.52
N GLY A 46 -11.44 -5.68 -9.24
CA GLY A 46 -12.07 -5.04 -8.10
C GLY A 46 -11.42 -5.42 -6.79
N ARG A 47 -10.19 -5.89 -6.85
CA ARG A 47 -9.46 -6.29 -5.66
C ARG A 47 -8.15 -5.52 -5.56
N LEU A 48 -7.74 -5.22 -4.34
CA LEU A 48 -6.52 -4.47 -4.10
C LEU A 48 -5.28 -5.32 -4.39
N GLU A 49 -4.45 -4.84 -5.30
CA GLU A 49 -3.25 -5.55 -5.67
C GLU A 49 -2.01 -4.81 -5.12
N TYR A 50 -1.07 -5.59 -4.61
CA TYR A 50 0.16 -5.12 -4.00
C TYR A 50 1.06 -4.32 -4.81
N PRO A 51 1.07 -4.37 -6.09
CA PRO A 51 2.00 -3.51 -6.65
C PRO A 51 1.51 -2.61 -7.73
N GLY A 52 0.25 -2.62 -7.79
CA GLY A 52 -0.52 -1.92 -8.78
C GLY A 52 -0.37 -0.42 -8.77
N GLU A 53 -1.14 0.24 -9.62
CA GLU A 53 -1.11 1.70 -9.73
C GLU A 53 -2.48 2.25 -10.08
N SER A 54 -2.77 3.45 -9.59
CA SER A 54 -4.01 4.16 -9.84
C SER A 54 -5.25 3.37 -9.39
N PHE A 55 -5.20 2.79 -8.19
CA PHE A 55 -6.34 2.05 -7.68
C PHE A 55 -7.44 3.02 -7.25
N GLY A 56 -7.04 4.16 -6.66
CA GLY A 56 -7.99 5.15 -6.18
C GLY A 56 -8.91 5.63 -7.26
N SER A 57 -8.45 5.51 -8.50
CA SER A 57 -9.21 5.91 -9.66
C SER A 57 -10.50 5.11 -9.79
N SER A 58 -10.57 3.97 -9.10
CA SER A 58 -11.76 3.14 -9.13
C SER A 58 -11.93 2.39 -7.80
N CYS A 59 -11.42 2.99 -6.72
CA CYS A 59 -11.50 2.39 -5.40
C CYS A 59 -11.99 3.40 -4.36
N VAL A 60 -12.76 2.91 -3.41
CA VAL A 60 -13.30 3.74 -2.34
C VAL A 60 -13.17 3.03 -1.00
N LYS A 61 -13.56 3.70 0.09
CA LYS A 61 -13.49 3.14 1.43
C LYS A 61 -12.05 2.82 1.84
N THR A 62 -11.13 3.70 1.50
CA THR A 62 -9.73 3.49 1.82
C THR A 62 -9.47 3.61 3.34
N ALA A 63 -8.90 2.55 3.91
CA ALA A 63 -8.57 2.51 5.33
C ALA A 63 -7.35 1.62 5.54
N LEU A 64 -6.70 1.76 6.69
CA LEU A 64 -5.51 0.97 6.98
C LEU A 64 -5.67 0.16 8.27
N ASN A 65 -5.71 -1.16 8.14
CA ASN A 65 -5.84 -2.04 9.30
C ASN A 65 -4.51 -2.29 9.96
N ASP A 66 -4.45 -1.94 11.24
CA ASP A 66 -3.25 -2.11 12.07
C ASP A 66 -2.01 -1.49 11.43
N GLY A 67 -2.25 -0.50 10.57
CA GLY A 67 -1.17 0.19 9.90
C GLY A 67 -0.26 -0.73 9.10
N HIS A 68 -0.84 -1.71 8.43
CA HIS A 68 -0.05 -2.64 7.61
C HIS A 68 -0.85 -3.15 6.42
N THR A 69 -2.15 -3.26 6.58
CA THR A 69 -3.02 -3.73 5.51
C THR A 69 -4.00 -2.65 5.07
N LEU A 70 -4.07 -2.44 3.76
CA LEU A 70 -4.97 -1.45 3.20
C LEU A 70 -6.28 -2.11 2.81
N THR A 71 -7.38 -1.51 3.22
CA THR A 71 -8.69 -2.03 2.89
C THR A 71 -9.45 -1.02 2.05
N ALA A 72 -10.01 -1.49 0.94
CA ALA A 72 -10.78 -0.63 0.05
C ALA A 72 -11.64 -1.47 -0.88
N SER A 73 -12.62 -0.82 -1.47
CA SER A 73 -13.53 -1.49 -2.38
C SER A 73 -13.28 -0.96 -3.80
N CYS A 74 -13.02 -1.85 -4.73
CA CYS A 74 -12.74 -1.45 -6.10
C CYS A 74 -13.66 -2.12 -7.11
N LYS A 75 -13.81 -1.47 -8.25
CA LYS A 75 -14.63 -2.00 -9.34
C LYS A 75 -13.74 -2.68 -10.38
N GLY A 76 -14.26 -3.71 -11.04
CA GLY A 76 -13.47 -4.40 -12.05
C GLY A 76 -13.87 -5.85 -12.24
N ALA A 77 -14.39 -6.44 -11.18
CA ALA A 77 -14.84 -7.84 -11.22
C ALA A 77 -15.85 -8.07 -12.33
N ASP A 78 -16.80 -7.13 -12.47
CA ASP A 78 -17.83 -7.22 -13.49
C ASP A 78 -18.64 -5.93 -13.52
N GLY A 79 -17.94 -4.82 -13.72
CA GLY A 79 -18.61 -3.52 -13.77
C GLY A 79 -19.12 -3.09 -12.41
N GLN A 80 -18.87 -3.91 -11.40
CA GLN A 80 -19.29 -3.63 -10.04
C GLN A 80 -18.10 -3.61 -9.11
N TYR A 81 -18.30 -3.03 -7.94
CA TYR A 81 -17.24 -2.94 -6.95
C TYR A 81 -17.27 -4.14 -6.00
N HIS A 82 -16.17 -4.37 -5.32
CA HIS A 82 -16.06 -5.47 -4.38
C HIS A 82 -15.13 -5.06 -3.25
N ASP A 83 -15.40 -5.55 -2.05
CA ASP A 83 -14.58 -5.23 -0.90
C ASP A 83 -13.36 -6.13 -0.87
N SER A 84 -12.19 -5.55 -0.60
CA SER A 84 -10.96 -6.31 -0.55
C SER A 84 -9.92 -5.62 0.32
N SER A 85 -8.81 -6.31 0.55
CA SER A 85 -7.73 -5.78 1.35
C SER A 85 -6.39 -6.14 0.73
N MET A 86 -5.35 -5.46 1.16
CA MET A 86 -4.02 -5.70 0.65
C MET A 86 -2.97 -5.41 1.71
N ASP A 87 -2.20 -6.42 2.08
CA ASP A 87 -1.15 -6.25 3.06
C ASP A 87 0.00 -5.47 2.45
N LEU A 88 0.14 -4.23 2.90
CA LEU A 88 1.16 -3.33 2.41
C LEU A 88 2.48 -3.61 3.11
N ASN A 89 2.43 -4.45 4.13
CA ASN A 89 3.61 -4.82 4.91
C ASN A 89 4.78 -5.22 4.01
N TYR A 90 4.48 -5.75 2.83
CA TYR A 90 5.53 -6.15 1.91
C TYR A 90 5.48 -5.36 0.61
N VAL A 91 4.75 -4.24 0.62
CA VAL A 91 4.65 -3.41 -0.58
C VAL A 91 5.18 -2.00 -0.28
N VAL A 92 5.54 -1.78 0.97
CA VAL A 92 6.09 -0.50 1.42
C VAL A 92 6.96 -0.70 2.65
N GLY A 93 8.15 -0.15 2.63
CA GLY A 93 9.06 -0.27 3.75
C GLY A 93 9.56 1.06 4.28
N ASN A 94 10.38 0.98 5.31
CA ASN A 94 10.95 2.17 5.93
C ASN A 94 12.46 2.15 5.82
N SER A 95 13.03 3.22 5.28
CA SER A 95 14.46 3.33 5.14
C SER A 95 14.97 4.66 5.69
N TYR A 96 15.44 4.63 6.93
CA TYR A 96 15.98 5.82 7.58
C TYR A 96 14.92 6.90 7.72
N GLY A 97 13.79 6.52 8.29
CA GLY A 97 12.70 7.45 8.50
C GLY A 97 12.11 7.96 7.19
N TYR A 98 12.40 7.27 6.10
CA TYR A 98 11.90 7.68 4.80
C TYR A 98 11.04 6.57 4.21
N MET A 99 9.99 6.97 3.52
CA MET A 99 9.08 6.00 2.92
C MET A 99 9.71 5.33 1.70
N GLU A 100 9.81 4.01 1.76
CA GLU A 100 10.39 3.24 0.67
C GLU A 100 9.44 2.12 0.27
N PRO A 101 8.37 2.48 -0.46
CA PRO A 101 7.37 1.53 -0.92
C PRO A 101 7.88 0.64 -2.05
N CYS A 102 8.20 -0.59 -1.72
CA CYS A 102 8.70 -1.53 -2.69
C CYS A 102 7.59 -2.44 -3.20
N ARG A 103 7.20 -2.27 -4.46
CA ARG A 103 6.14 -3.09 -5.04
C ARG A 103 6.71 -4.46 -5.35
N ALA A 104 5.88 -5.47 -5.31
CA ALA A 104 6.34 -6.81 -5.57
C ALA A 104 6.11 -7.24 -7.01
N SER A 105 7.17 -7.15 -7.81
CA SER A 105 7.18 -7.55 -9.21
C SER A 105 6.45 -6.57 -10.10
N ASN A 106 5.16 -6.49 -9.89
CA ASN A 106 4.28 -5.61 -10.66
C ASN A 106 4.30 -5.97 -12.14
N ALA A 107 3.29 -6.69 -12.56
CA ALA A 107 3.17 -7.11 -13.95
C ALA A 107 1.71 -7.36 -14.30
N ASP A 108 1.29 -6.81 -15.42
CA ASP A 108 -0.09 -6.95 -15.89
C ASP A 108 -0.33 -8.30 -16.53
N HIS A 109 0.74 -8.94 -17.00
CA HIS A 109 0.63 -10.24 -17.63
C HIS A 109 1.53 -11.26 -16.96
N VAL A 110 2.82 -11.00 -16.95
CA VAL A 110 3.79 -11.93 -16.37
C VAL A 110 3.94 -11.71 -14.88
N LEU A 111 2.83 -11.77 -14.17
CA LEU A 111 2.81 -11.59 -12.72
C LEU A 111 3.20 -12.90 -12.04
N LYS A 112 4.46 -13.25 -12.15
CA LYS A 112 4.96 -14.48 -11.57
C LYS A 112 6.06 -14.17 -10.57
N SER A 113 5.76 -14.32 -9.29
CA SER A 113 6.73 -14.06 -8.23
C SER A 113 7.95 -14.98 -8.37
N SER A 114 8.96 -14.49 -9.08
CA SER A 114 10.18 -15.25 -9.31
C SER A 114 11.24 -14.35 -9.93
N SER A 115 11.61 -13.31 -9.19
CA SER A 115 12.61 -12.35 -9.65
C SER A 115 13.96 -13.01 -9.90
N GLU A 116 14.37 -13.88 -9.00
CA GLU A 116 15.65 -14.55 -9.12
C GLU A 116 15.46 -16.07 -9.14
N MET A 1 16.11 -7.38 3.90
CA MET A 1 15.44 -7.65 2.61
C MET A 1 13.94 -7.37 2.70
N GLN A 2 13.33 -7.71 3.84
CA GLN A 2 11.92 -7.46 4.05
C GLN A 2 11.69 -5.98 4.31
N CYS A 3 10.82 -5.38 3.52
CA CYS A 3 10.51 -3.97 3.65
C CYS A 3 9.82 -3.70 4.99
N ASN A 4 8.60 -4.21 5.15
CA ASN A 4 7.83 -4.06 6.39
C ASN A 4 7.85 -2.63 6.95
N PHE A 5 7.13 -1.70 6.32
CA PHE A 5 7.11 -0.33 6.81
C PHE A 5 6.58 -0.29 8.26
N ALA A 6 5.52 -1.06 8.50
CA ALA A 6 4.87 -1.13 9.80
C ALA A 6 5.82 -1.55 10.92
N ASN A 7 6.92 -2.20 10.56
CA ASN A 7 7.91 -2.68 11.52
C ASN A 7 8.51 -1.52 12.32
N SER A 8 8.56 -0.34 11.72
CA SER A 8 9.13 0.82 12.38
C SER A 8 8.31 2.07 12.10
N CYS A 9 7.05 1.89 11.78
CA CYS A 9 6.17 3.01 11.49
C CYS A 9 4.96 2.98 12.42
N THR A 10 4.65 4.13 13.00
CA THR A 10 3.53 4.26 13.93
C THR A 10 2.68 5.48 13.59
N GLY A 11 1.45 5.51 14.09
CA GLY A 11 0.57 6.63 13.84
C GLY A 11 0.33 6.87 12.36
N VAL A 12 -0.06 5.82 11.66
CA VAL A 12 -0.29 5.92 10.23
C VAL A 12 -1.77 6.10 9.91
N GLU A 13 -2.07 6.96 8.95
CA GLU A 13 -3.46 7.22 8.57
C GLU A 13 -3.57 7.24 7.05
N LEU A 14 -4.74 6.89 6.55
CA LEU A 14 -4.97 6.85 5.11
C LEU A 14 -6.08 7.80 4.68
N TYR A 15 -5.69 8.85 3.98
CA TYR A 15 -6.65 9.84 3.49
C TYR A 15 -6.85 9.66 1.99
N GLY A 16 -7.91 8.97 1.59
CA GLY A 16 -8.20 8.75 0.19
C GLY A 16 -7.23 7.78 -0.48
N TYR A 17 -5.96 8.17 -0.55
CA TYR A 17 -4.94 7.34 -1.18
C TYR A 17 -3.54 7.68 -0.65
N ILE A 18 -3.47 8.47 0.42
CA ILE A 18 -2.18 8.85 0.98
C ILE A 18 -2.01 8.25 2.38
N LEU A 19 -0.84 7.69 2.61
CA LEU A 19 -0.52 7.09 3.89
C LEU A 19 0.56 7.90 4.56
N ARG A 20 0.23 8.52 5.66
CA ARG A 20 1.21 9.31 6.39
C ARG A 20 1.38 8.75 7.78
N GLY A 21 2.61 8.69 8.25
CA GLY A 21 2.84 8.17 9.57
C GLY A 21 4.17 8.63 10.14
N ASP A 22 4.46 8.13 11.32
CA ASP A 22 5.70 8.45 12.01
C ASP A 22 6.60 7.23 12.00
N CYS A 23 7.61 7.25 11.15
CA CYS A 23 8.52 6.13 11.04
C CYS A 23 9.86 6.49 11.65
N ILE A 24 10.38 5.60 12.49
CA ILE A 24 11.64 5.82 13.17
C ILE A 24 12.81 5.77 12.19
N ASN A 25 13.76 6.67 12.37
CA ASN A 25 14.93 6.73 11.52
C ASN A 25 16.17 6.34 12.33
N GLU A 26 17.36 6.57 11.77
CA GLU A 26 18.60 6.22 12.46
C GLU A 26 18.73 6.93 13.80
N ASP A 27 18.10 8.09 13.92
CA ASP A 27 18.13 8.88 15.16
C ASP A 27 17.43 8.15 16.29
N GLY A 28 16.46 7.33 15.95
CA GLY A 28 15.71 6.59 16.96
C GLY A 28 14.39 7.25 17.23
N HIS A 29 14.20 8.44 16.69
CA HIS A 29 12.98 9.19 16.87
C HIS A 29 12.11 9.06 15.63
N PRO A 30 10.79 8.98 15.83
CA PRO A 30 9.83 8.87 14.73
C PRO A 30 9.82 10.11 13.84
N HIS A 31 10.09 9.90 12.57
CA HIS A 31 10.12 10.97 11.58
C HIS A 31 8.86 10.90 10.72
N ALA A 32 8.25 12.06 10.50
CA ALA A 32 7.03 12.15 9.71
C ALA A 32 7.32 11.90 8.23
N THR A 33 6.60 10.95 7.66
CA THR A 33 6.75 10.61 6.26
C THR A 33 5.40 10.22 5.67
N SER A 34 5.28 10.30 4.36
CA SER A 34 4.03 9.96 3.69
C SER A 34 4.30 9.17 2.41
N ILE A 35 3.32 8.38 2.00
CA ILE A 35 3.43 7.58 0.79
C ILE A 35 2.11 7.58 0.05
N ASN A 36 2.16 7.57 -1.27
CA ASN A 36 0.95 7.53 -2.06
C ASN A 36 0.69 6.11 -2.55
N LEU A 37 -0.27 5.44 -1.93
CA LEU A 37 -0.60 4.05 -2.29
C LEU A 37 -1.14 3.97 -3.70
N ASN A 38 -1.65 5.08 -4.21
CA ASN A 38 -2.23 5.12 -5.55
C ASN A 38 -1.19 4.84 -6.63
N TYR A 39 0.09 4.88 -6.27
CA TYR A 39 1.16 4.59 -7.22
C TYR A 39 1.79 3.23 -6.94
N TYR A 40 1.33 2.54 -5.90
CA TYR A 40 1.91 1.24 -5.56
C TYR A 40 0.86 0.16 -5.42
N ILE A 41 -0.40 0.54 -5.44
CA ILE A 41 -1.47 -0.41 -5.37
C ILE A 41 -2.38 -0.22 -6.56
N GLY A 42 -2.75 -1.32 -7.19
CA GLY A 42 -3.61 -1.25 -8.35
C GLY A 42 -4.96 -1.88 -8.11
N ASN A 43 -5.81 -1.82 -9.12
CA ASN A 43 -7.15 -2.36 -9.03
C ASN A 43 -7.30 -3.54 -9.98
N ASP A 44 -7.26 -4.74 -9.43
CA ASP A 44 -7.41 -5.95 -10.22
C ASP A 44 -8.82 -6.49 -10.02
N ASN A 45 -9.67 -6.27 -11.02
CA ASN A 45 -11.06 -6.72 -11.00
C ASN A 45 -11.77 -6.38 -9.69
N GLY A 46 -11.58 -5.15 -9.23
CA GLY A 46 -12.22 -4.71 -8.01
C GLY A 46 -11.48 -5.13 -6.75
N ARG A 47 -10.25 -5.55 -6.89
CA ARG A 47 -9.44 -5.98 -5.75
C ARG A 47 -8.15 -5.20 -5.66
N LEU A 48 -7.70 -4.98 -4.44
CA LEU A 48 -6.46 -4.25 -4.20
C LEU A 48 -5.26 -5.10 -4.58
N GLU A 49 -4.46 -4.60 -5.51
CA GLU A 49 -3.29 -5.34 -5.96
C GLU A 49 -2.00 -4.67 -5.49
N TYR A 50 -1.16 -5.47 -4.84
CA TYR A 50 0.12 -5.06 -4.24
C TYR A 50 1.05 -4.28 -5.07
N PRO A 51 1.11 -4.38 -6.35
CA PRO A 51 2.04 -3.52 -6.91
C PRO A 51 1.57 -2.67 -8.04
N GLY A 52 0.31 -2.61 -8.07
CA GLY A 52 -0.43 -1.93 -9.08
C GLY A 52 -0.29 -0.42 -9.08
N GLU A 53 -1.07 0.22 -9.95
CA GLU A 53 -1.07 1.66 -10.07
C GLU A 53 -2.48 2.17 -10.36
N SER A 54 -2.78 3.37 -9.87
CA SER A 54 -4.06 4.02 -10.07
C SER A 54 -5.25 3.19 -9.57
N PHE A 55 -5.27 2.88 -8.28
CA PHE A 55 -6.37 2.11 -7.73
C PHE A 55 -7.48 3.06 -7.25
N GLY A 56 -7.07 4.21 -6.72
CA GLY A 56 -8.00 5.20 -6.20
C GLY A 56 -9.00 5.67 -7.24
N SER A 57 -8.65 5.46 -8.50
CA SER A 57 -9.48 5.83 -9.62
C SER A 57 -10.82 5.08 -9.59
N SER A 58 -10.84 3.92 -8.95
CA SER A 58 -12.06 3.12 -8.86
C SER A 58 -12.18 2.45 -7.49
N CYS A 59 -11.58 3.05 -6.46
CA CYS A 59 -11.63 2.48 -5.12
C CYS A 59 -12.08 3.51 -4.10
N VAL A 60 -12.71 3.01 -3.04
CA VAL A 60 -13.22 3.82 -1.93
C VAL A 60 -13.12 3.02 -0.63
N LYS A 61 -13.47 3.65 0.49
CA LYS A 61 -13.41 3.00 1.80
C LYS A 61 -11.97 2.60 2.14
N THR A 62 -11.04 3.50 1.86
CA THR A 62 -9.63 3.28 2.12
C THR A 62 -9.31 3.34 3.61
N ALA A 63 -8.70 2.28 4.12
CA ALA A 63 -8.32 2.19 5.52
C ALA A 63 -7.10 1.30 5.67
N LEU A 64 -6.35 1.47 6.74
CA LEU A 64 -5.15 0.67 6.98
C LEU A 64 -5.31 -0.15 8.26
N ASN A 65 -5.40 -1.47 8.09
CA ASN A 65 -5.55 -2.39 9.21
C ASN A 65 -4.24 -2.51 9.97
N ASP A 66 -4.27 -2.11 11.24
CA ASP A 66 -3.08 -2.17 12.12
C ASP A 66 -1.86 -1.50 11.47
N GLY A 67 -2.13 -0.64 10.50
CA GLY A 67 -1.07 0.05 9.81
C GLY A 67 -0.15 -0.87 9.03
N HIS A 68 -0.71 -1.93 8.42
CA HIS A 68 0.10 -2.86 7.63
C HIS A 68 -0.67 -3.38 6.41
N THR A 69 -1.98 -3.47 6.54
CA THR A 69 -2.83 -3.96 5.46
C THR A 69 -3.79 -2.86 4.98
N LEU A 70 -3.91 -2.71 3.68
CA LEU A 70 -4.82 -1.73 3.11
C LEU A 70 -6.15 -2.39 2.77
N THR A 71 -7.23 -1.77 3.18
CA THR A 71 -8.55 -2.27 2.88
C THR A 71 -9.36 -1.22 2.14
N ALA A 72 -10.00 -1.63 1.06
CA ALA A 72 -10.81 -0.73 0.26
C ALA A 72 -11.71 -1.52 -0.67
N SER A 73 -12.73 -0.85 -1.19
CA SER A 73 -13.67 -1.49 -2.09
C SER A 73 -13.46 -0.91 -3.48
N CYS A 74 -13.24 -1.78 -4.45
CA CYS A 74 -13.00 -1.32 -5.81
C CYS A 74 -13.94 -1.97 -6.79
N LYS A 75 -14.26 -1.22 -7.84
CA LYS A 75 -15.13 -1.70 -8.90
C LYS A 75 -14.29 -2.16 -10.09
N GLY A 76 -14.73 -3.20 -10.78
CA GLY A 76 -13.99 -3.66 -11.94
C GLY A 76 -14.24 -5.12 -12.27
N ALA A 77 -14.69 -5.90 -11.29
CA ALA A 77 -14.95 -7.32 -11.49
C ALA A 77 -16.05 -7.53 -12.53
N ASP A 78 -17.07 -6.67 -12.49
CA ASP A 78 -18.20 -6.76 -13.41
C ASP A 78 -19.11 -5.54 -13.23
N GLY A 79 -18.53 -4.36 -13.35
CA GLY A 79 -19.28 -3.12 -13.18
C GLY A 79 -19.65 -2.86 -11.73
N GLN A 80 -19.33 -3.81 -10.86
CA GLN A 80 -19.63 -3.69 -9.44
C GLN A 80 -18.36 -3.61 -8.62
N TYR A 81 -18.49 -3.17 -7.38
CA TYR A 81 -17.36 -3.05 -6.47
C TYR A 81 -17.36 -4.19 -5.47
N HIS A 82 -16.25 -4.36 -4.77
CA HIS A 82 -16.12 -5.42 -3.76
C HIS A 82 -15.00 -5.07 -2.78
N ASP A 83 -15.33 -5.11 -1.50
CA ASP A 83 -14.37 -4.83 -0.44
C ASP A 83 -13.25 -5.87 -0.44
N SER A 84 -12.03 -5.39 -0.57
CA SER A 84 -10.86 -6.26 -0.59
C SER A 84 -9.75 -5.68 0.26
N SER A 85 -8.66 -6.42 0.39
CA SER A 85 -7.54 -5.96 1.18
C SER A 85 -6.22 -6.33 0.53
N MET A 86 -5.16 -5.67 0.95
CA MET A 86 -3.83 -5.92 0.43
C MET A 86 -2.80 -5.65 1.52
N ASP A 87 -1.98 -6.65 1.82
CA ASP A 87 -0.98 -6.48 2.85
C ASP A 87 0.21 -5.69 2.29
N LEU A 88 0.30 -4.44 2.72
CA LEU A 88 1.36 -3.54 2.28
C LEU A 88 2.68 -3.88 2.95
N ASN A 89 2.61 -4.75 3.94
CA ASN A 89 3.79 -5.19 4.67
C ASN A 89 4.89 -5.65 3.71
N TYR A 90 4.51 -6.12 2.53
CA TYR A 90 5.49 -6.58 1.55
C TYR A 90 5.44 -5.72 0.28
N VAL A 91 4.88 -4.52 0.39
CA VAL A 91 4.79 -3.62 -0.75
C VAL A 91 5.38 -2.25 -0.39
N VAL A 92 5.67 -2.06 0.88
CA VAL A 92 6.25 -0.81 1.36
C VAL A 92 7.06 -1.03 2.64
N GLY A 93 8.20 -0.36 2.73
CA GLY A 93 9.04 -0.48 3.91
C GLY A 93 9.52 0.86 4.41
N ASN A 94 10.25 0.84 5.51
CA ASN A 94 10.78 2.07 6.10
C ASN A 94 12.29 2.03 6.13
N SER A 95 12.91 3.02 5.51
CA SER A 95 14.34 3.11 5.46
C SER A 95 14.81 4.44 6.01
N TYR A 96 15.25 4.43 7.27
CA TYR A 96 15.75 5.62 7.94
C TYR A 96 14.66 6.69 8.03
N GLY A 97 13.49 6.28 8.53
CA GLY A 97 12.37 7.20 8.67
C GLY A 97 11.97 7.86 7.37
N TYR A 98 12.23 7.20 6.25
CA TYR A 98 11.90 7.75 4.97
C TYR A 98 11.14 6.74 4.12
N MET A 99 10.16 7.23 3.39
CA MET A 99 9.30 6.42 2.53
C MET A 99 10.12 5.61 1.52
N GLU A 100 10.04 4.28 1.65
CA GLU A 100 10.73 3.37 0.76
C GLU A 100 9.84 2.16 0.45
N PRO A 101 8.83 2.35 -0.41
CA PRO A 101 7.91 1.29 -0.79
C PRO A 101 8.53 0.31 -1.77
N CYS A 102 8.74 -0.92 -1.32
CA CYS A 102 9.34 -1.95 -2.15
C CYS A 102 8.49 -3.22 -2.16
N ARG A 103 8.22 -3.71 -3.35
CA ARG A 103 7.44 -4.94 -3.49
C ARG A 103 8.32 -6.04 -4.07
N ALA A 104 8.04 -7.28 -3.72
CA ALA A 104 8.81 -8.39 -4.23
C ALA A 104 8.03 -9.14 -5.31
N SER A 105 7.51 -8.39 -6.27
CA SER A 105 6.75 -8.95 -7.36
C SER A 105 6.59 -7.90 -8.46
N ASN A 106 5.34 -7.60 -8.82
CA ASN A 106 4.99 -6.61 -9.85
C ASN A 106 5.37 -7.05 -11.25
N ALA A 107 6.62 -7.40 -11.41
CA ALA A 107 7.15 -7.82 -12.72
C ALA A 107 7.55 -9.28 -12.71
N ASP A 108 7.92 -9.80 -11.55
CA ASP A 108 8.35 -11.19 -11.45
C ASP A 108 7.89 -11.80 -10.12
N HIS A 109 8.35 -13.01 -9.83
CA HIS A 109 8.01 -13.73 -8.59
C HIS A 109 6.57 -14.23 -8.63
N VAL A 110 5.62 -13.31 -8.62
CA VAL A 110 4.22 -13.66 -8.65
C VAL A 110 3.42 -12.60 -9.40
N LEU A 111 3.21 -12.85 -10.68
CA LEU A 111 2.45 -11.95 -11.53
C LEU A 111 1.50 -12.75 -12.40
N LYS A 112 0.45 -13.26 -11.78
CA LYS A 112 -0.55 -14.06 -12.48
C LYS A 112 -1.91 -13.40 -12.36
N SER A 113 -2.33 -12.71 -13.42
CA SER A 113 -3.61 -12.04 -13.44
C SER A 113 -4.74 -13.06 -13.49
N SER A 114 -5.55 -13.09 -12.45
CA SER A 114 -6.65 -14.04 -12.38
C SER A 114 -7.99 -13.32 -12.37
N SER A 115 -8.46 -12.96 -13.57
CA SER A 115 -9.73 -12.26 -13.72
C SER A 115 -10.90 -13.17 -13.33
N GLU A 116 -10.96 -14.34 -13.95
CA GLU A 116 -12.02 -15.30 -13.66
C GLU A 116 -11.45 -16.51 -12.94
N MET A 1 13.66 -9.53 0.04
CA MET A 1 13.86 -8.60 1.17
C MET A 1 12.52 -8.23 1.81
N GLN A 2 12.44 -8.33 3.12
CA GLN A 2 11.21 -8.01 3.83
C GLN A 2 11.20 -6.53 4.20
N CYS A 3 10.23 -5.81 3.66
CA CYS A 3 10.10 -4.38 3.91
C CYS A 3 9.36 -4.11 5.21
N ASN A 4 8.03 -4.31 5.19
CA ASN A 4 7.18 -4.11 6.36
C ASN A 4 7.39 -2.73 7.00
N PHE A 5 6.86 -1.68 6.37
CA PHE A 5 7.02 -0.33 6.90
C PHE A 5 6.48 -0.25 8.33
N ALA A 6 5.35 -0.91 8.56
CA ALA A 6 4.68 -0.91 9.86
C ALA A 6 5.56 -1.39 11.01
N ASN A 7 6.59 -2.16 10.69
CA ASN A 7 7.49 -2.68 11.72
C ASN A 7 8.31 -1.57 12.37
N SER A 8 8.45 -0.45 11.67
CA SER A 8 9.20 0.68 12.20
C SER A 8 8.45 1.99 12.00
N CYS A 9 7.16 1.89 11.78
CA CYS A 9 6.32 3.05 11.56
C CYS A 9 5.15 3.05 12.56
N THR A 10 4.91 4.20 13.18
CA THR A 10 3.85 4.33 14.17
C THR A 10 2.94 5.50 13.83
N GLY A 11 1.70 5.43 14.30
CA GLY A 11 0.74 6.49 14.06
C GLY A 11 0.48 6.71 12.59
N VAL A 12 -0.07 5.70 11.93
CA VAL A 12 -0.35 5.78 10.51
C VAL A 12 -1.81 6.13 10.24
N GLU A 13 -2.01 7.08 9.34
CA GLU A 13 -3.35 7.53 8.98
C GLU A 13 -3.51 7.55 7.46
N LEU A 14 -4.64 7.06 6.98
CA LEU A 14 -4.90 7.01 5.55
C LEU A 14 -6.17 7.78 5.20
N TYR A 15 -6.02 8.73 4.29
CA TYR A 15 -7.12 9.55 3.83
C TYR A 15 -7.11 9.63 2.31
N GLY A 16 -8.14 9.07 1.68
CA GLY A 16 -8.23 9.06 0.23
C GLY A 16 -7.30 8.03 -0.40
N TYR A 17 -6.01 8.33 -0.33
CA TYR A 17 -4.96 7.46 -0.87
C TYR A 17 -3.60 7.94 -0.38
N ILE A 18 -3.61 8.62 0.75
CA ILE A 18 -2.39 9.17 1.32
C ILE A 18 -2.16 8.61 2.71
N LEU A 19 -1.11 7.81 2.85
CA LEU A 19 -0.75 7.21 4.12
C LEU A 19 0.35 8.00 4.79
N ARG A 20 0.05 8.60 5.91
CA ARG A 20 1.05 9.37 6.63
C ARG A 20 1.31 8.73 7.99
N GLY A 21 2.55 8.71 8.38
CA GLY A 21 2.89 8.14 9.66
C GLY A 21 4.28 8.54 10.11
N ASP A 22 4.64 8.10 11.31
CA ASP A 22 5.94 8.41 11.87
C ASP A 22 6.81 7.17 11.84
N CYS A 23 7.79 7.17 10.96
CA CYS A 23 8.68 6.03 10.83
C CYS A 23 10.03 6.36 11.45
N ILE A 24 10.52 5.44 12.27
CA ILE A 24 11.78 5.63 12.96
C ILE A 24 12.96 5.56 12.00
N ASN A 25 13.92 6.44 12.20
CA ASN A 25 15.11 6.50 11.36
C ASN A 25 16.32 5.93 12.10
N GLU A 26 17.51 6.10 11.54
CA GLU A 26 18.73 5.58 12.15
C GLU A 26 18.95 6.14 13.57
N ASP A 27 18.46 7.35 13.81
CA ASP A 27 18.60 8.00 15.12
C ASP A 27 17.78 7.30 16.18
N GLY A 28 16.72 6.64 15.76
CA GLY A 28 15.85 5.97 16.70
C GLY A 28 14.63 6.81 17.02
N HIS A 29 14.53 7.94 16.35
CA HIS A 29 13.41 8.84 16.55
C HIS A 29 12.47 8.79 15.34
N PRO A 30 11.15 8.80 15.61
CA PRO A 30 10.12 8.76 14.56
C PRO A 30 10.16 9.99 13.65
N HIS A 31 10.23 9.73 12.36
CA HIS A 31 10.27 10.77 11.34
C HIS A 31 8.94 10.78 10.58
N ALA A 32 8.38 11.97 10.39
CA ALA A 32 7.11 12.11 9.69
C ALA A 32 7.28 11.91 8.19
N THR A 33 6.60 10.90 7.66
CA THR A 33 6.65 10.58 6.24
C THR A 33 5.24 10.30 5.71
N SER A 34 5.06 10.46 4.41
CA SER A 34 3.77 10.23 3.80
C SER A 34 3.94 9.52 2.47
N ILE A 35 3.09 8.55 2.20
CA ILE A 35 3.16 7.79 0.97
C ILE A 35 1.83 7.81 0.23
N ASN A 36 1.88 7.80 -1.10
CA ASN A 36 0.68 7.77 -1.91
C ASN A 36 0.48 6.38 -2.49
N LEU A 37 -0.41 5.63 -1.84
CA LEU A 37 -0.70 4.26 -2.24
C LEU A 37 -1.30 4.21 -3.64
N ASN A 38 -1.89 5.33 -4.04
CA ASN A 38 -2.52 5.45 -5.35
C ASN A 38 -1.55 5.11 -6.48
N TYR A 39 -0.27 5.39 -6.28
CA TYR A 39 0.73 5.14 -7.30
C TYR A 39 1.55 3.88 -6.99
N TYR A 40 1.10 3.07 -6.04
CA TYR A 40 1.83 1.86 -5.68
C TYR A 40 0.94 0.63 -5.63
N ILE A 41 -0.35 0.83 -5.39
CA ILE A 41 -1.30 -0.29 -5.33
C ILE A 41 -2.21 -0.26 -6.55
N GLY A 42 -2.53 -1.44 -7.07
CA GLY A 42 -3.39 -1.51 -8.23
C GLY A 42 -4.75 -2.12 -7.92
N ASN A 43 -5.54 -2.31 -8.96
CA ASN A 43 -6.88 -2.85 -8.81
C ASN A 43 -7.10 -4.01 -9.77
N ASP A 44 -7.10 -5.23 -9.23
CA ASP A 44 -7.33 -6.42 -10.02
C ASP A 44 -8.76 -6.92 -9.77
N ASN A 45 -9.60 -6.79 -10.80
CA ASN A 45 -11.01 -7.19 -10.78
C ASN A 45 -11.74 -6.80 -9.47
N GLY A 46 -11.54 -5.55 -9.05
CA GLY A 46 -12.19 -5.06 -7.86
C GLY A 46 -11.47 -5.43 -6.57
N ARG A 47 -10.24 -5.86 -6.69
CA ARG A 47 -9.45 -6.26 -5.53
C ARG A 47 -8.15 -5.48 -5.47
N LEU A 48 -7.73 -5.15 -4.25
CA LEU A 48 -6.49 -4.42 -4.03
C LEU A 48 -5.32 -5.33 -4.29
N GLU A 49 -4.49 -4.96 -5.24
CA GLU A 49 -3.33 -5.76 -5.58
C GLU A 49 -2.06 -5.04 -5.14
N TYR A 50 -1.11 -5.79 -4.59
CA TYR A 50 0.15 -5.23 -4.11
C TYR A 50 0.71 -4.25 -4.98
N PRO A 51 1.17 -4.56 -6.13
CA PRO A 51 1.71 -3.53 -6.81
C PRO A 51 0.91 -3.12 -8.01
N GLY A 52 0.55 -1.90 -8.00
CA GLY A 52 -0.26 -1.39 -9.06
C GLY A 52 -0.18 0.10 -9.19
N GLU A 53 -1.18 0.67 -9.86
CA GLU A 53 -1.25 2.10 -10.08
C GLU A 53 -2.69 2.53 -10.34
N SER A 54 -3.02 3.72 -9.85
CA SER A 54 -4.34 4.33 -10.02
C SER A 54 -5.47 3.44 -9.49
N PHE A 55 -5.28 2.81 -8.33
CA PHE A 55 -6.34 2.00 -7.76
C PHE A 55 -7.45 2.91 -7.24
N GLY A 56 -7.04 4.01 -6.61
CA GLY A 56 -7.98 4.95 -6.03
C GLY A 56 -8.93 5.54 -7.05
N SER A 57 -8.55 5.44 -8.30
CA SER A 57 -9.35 5.94 -9.41
C SER A 57 -10.67 5.16 -9.51
N SER A 58 -10.68 3.93 -9.02
CA SER A 58 -11.87 3.10 -9.05
C SER A 58 -12.04 2.35 -7.72
N CYS A 59 -11.48 2.91 -6.66
CA CYS A 59 -11.57 2.31 -5.34
C CYS A 59 -11.98 3.35 -4.32
N VAL A 60 -12.81 2.95 -3.38
CA VAL A 60 -13.29 3.84 -2.33
C VAL A 60 -13.20 3.16 -0.97
N LYS A 61 -13.46 3.93 0.09
CA LYS A 61 -13.42 3.42 1.46
C LYS A 61 -12.01 2.99 1.84
N THR A 62 -11.04 3.80 1.46
CA THR A 62 -9.64 3.53 1.77
C THR A 62 -9.36 3.66 3.26
N ALA A 63 -8.82 2.60 3.85
CA ALA A 63 -8.50 2.58 5.26
C ALA A 63 -7.36 1.60 5.52
N LEU A 64 -6.64 1.81 6.60
CA LEU A 64 -5.52 0.94 6.95
C LEU A 64 -5.84 0.11 8.18
N ASN A 65 -5.81 -1.21 8.04
CA ASN A 65 -6.10 -2.10 9.15
C ASN A 65 -4.83 -2.36 9.92
N ASP A 66 -4.86 -2.02 11.19
CA ASP A 66 -3.73 -2.19 12.12
C ASP A 66 -2.55 -1.26 11.78
N GLY A 67 -2.46 -0.86 10.52
CA GLY A 67 -1.39 0.00 10.08
C GLY A 67 -0.42 -0.73 9.18
N HIS A 68 -0.88 -1.83 8.57
CA HIS A 68 -0.04 -2.62 7.69
C HIS A 68 -0.81 -3.16 6.48
N THR A 69 -2.13 -3.22 6.61
CA THR A 69 -2.97 -3.73 5.55
C THR A 69 -3.91 -2.65 5.03
N LEU A 70 -3.92 -2.45 3.72
CA LEU A 70 -4.80 -1.47 3.13
C LEU A 70 -6.12 -2.14 2.74
N THR A 71 -7.21 -1.53 3.18
CA THR A 71 -8.54 -2.05 2.90
C THR A 71 -9.34 -1.04 2.11
N ALA A 72 -9.95 -1.49 1.03
CA ALA A 72 -10.77 -0.63 0.19
C ALA A 72 -11.68 -1.46 -0.71
N SER A 73 -12.67 -0.81 -1.29
CA SER A 73 -13.60 -1.47 -2.20
C SER A 73 -13.35 -0.97 -3.61
N CYS A 74 -13.12 -1.89 -4.52
CA CYS A 74 -12.82 -1.51 -5.90
C CYS A 74 -13.79 -2.13 -6.89
N LYS A 75 -14.04 -1.40 -7.96
CA LYS A 75 -14.89 -1.86 -9.04
C LYS A 75 -14.02 -2.38 -10.18
N GLY A 76 -14.47 -3.41 -10.86
CA GLY A 76 -13.70 -3.95 -11.97
C GLY A 76 -13.91 -5.42 -12.20
N ALA A 77 -14.48 -6.10 -11.21
CA ALA A 77 -14.75 -7.53 -11.33
C ALA A 77 -15.69 -7.81 -12.50
N ASP A 78 -16.67 -6.93 -12.66
CA ASP A 78 -17.65 -7.02 -13.74
C ASP A 78 -18.64 -5.87 -13.62
N GLY A 79 -18.12 -4.66 -13.70
CA GLY A 79 -18.95 -3.47 -13.59
C GLY A 79 -19.47 -3.25 -12.18
N GLN A 80 -19.02 -4.11 -11.26
CA GLN A 80 -19.43 -4.02 -9.87
C GLN A 80 -18.20 -3.92 -8.98
N TYR A 81 -18.40 -3.54 -7.73
CA TYR A 81 -17.30 -3.39 -6.78
C TYR A 81 -17.38 -4.44 -5.67
N HIS A 82 -16.28 -4.57 -4.93
CA HIS A 82 -16.20 -5.53 -3.84
C HIS A 82 -15.09 -5.08 -2.89
N ASP A 83 -15.29 -5.30 -1.60
CA ASP A 83 -14.30 -4.93 -0.60
C ASP A 83 -13.14 -5.91 -0.61
N SER A 84 -11.94 -5.41 -0.41
CA SER A 84 -10.76 -6.25 -0.39
C SER A 84 -9.66 -5.61 0.45
N SER A 85 -8.58 -6.32 0.64
CA SER A 85 -7.47 -5.82 1.42
C SER A 85 -6.15 -6.21 0.80
N MET A 86 -5.12 -5.45 1.11
CA MET A 86 -3.80 -5.69 0.59
C MET A 86 -2.75 -5.44 1.65
N ASP A 87 -1.94 -6.45 1.93
CA ASP A 87 -0.88 -6.35 2.91
C ASP A 87 0.26 -5.55 2.33
N LEU A 88 0.39 -4.31 2.78
CA LEU A 88 1.43 -3.42 2.33
C LEU A 88 2.77 -3.85 2.90
N ASN A 89 2.71 -4.80 3.82
CA ASN A 89 3.90 -5.35 4.47
C ASN A 89 4.98 -5.72 3.45
N TYR A 90 4.58 -6.11 2.24
CA TYR A 90 5.53 -6.47 1.22
C TYR A 90 5.40 -5.57 -0.01
N VAL A 91 4.85 -4.37 0.19
CA VAL A 91 4.68 -3.43 -0.91
C VAL A 91 5.26 -2.08 -0.54
N VAL A 92 5.65 -1.92 0.73
CA VAL A 92 6.23 -0.68 1.23
C VAL A 92 7.08 -0.94 2.48
N GLY A 93 8.20 -0.22 2.58
CA GLY A 93 9.10 -0.38 3.72
C GLY A 93 9.55 0.95 4.27
N ASN A 94 10.44 0.91 5.25
CA ASN A 94 10.96 2.11 5.87
C ASN A 94 12.48 2.09 5.92
N SER A 95 13.10 3.20 5.53
CA SER A 95 14.54 3.33 5.54
C SER A 95 14.94 4.73 5.96
N TYR A 96 15.56 4.82 7.14
CA TYR A 96 16.02 6.09 7.69
C TYR A 96 14.86 7.07 7.88
N GLY A 97 13.73 6.56 8.35
CA GLY A 97 12.56 7.39 8.58
C GLY A 97 12.05 8.02 7.30
N TYR A 98 12.34 7.37 6.19
CA TYR A 98 11.92 7.85 4.89
C TYR A 98 11.22 6.73 4.15
N MET A 99 10.14 7.08 3.46
CA MET A 99 9.36 6.09 2.73
C MET A 99 10.14 5.47 1.58
N GLU A 100 10.14 4.14 1.54
CA GLU A 100 10.78 3.40 0.48
C GLU A 100 9.89 2.21 0.12
N PRO A 101 8.82 2.49 -0.64
CA PRO A 101 7.85 1.48 -1.08
C PRO A 101 8.47 0.40 -1.94
N CYS A 102 8.87 -0.68 -1.31
CA CYS A 102 9.48 -1.80 -1.99
C CYS A 102 8.51 -2.96 -2.04
N ARG A 103 8.17 -3.37 -3.25
CA ARG A 103 7.25 -4.49 -3.45
C ARG A 103 8.03 -5.74 -3.83
N ALA A 104 7.51 -6.89 -3.46
CA ALA A 104 8.18 -8.15 -3.78
C ALA A 104 7.53 -8.81 -5.00
N SER A 105 7.10 -7.98 -5.95
CA SER A 105 6.48 -8.45 -7.15
C SER A 105 6.53 -7.33 -8.19
N ASN A 106 5.40 -7.10 -8.85
CA ASN A 106 5.26 -6.08 -9.89
C ASN A 106 6.16 -6.40 -11.07
N ALA A 107 5.56 -7.03 -12.07
CA ALA A 107 6.26 -7.45 -13.30
C ALA A 107 7.16 -8.65 -13.01
N ASP A 108 7.40 -8.91 -11.74
CA ASP A 108 8.22 -10.03 -11.31
C ASP A 108 7.49 -10.85 -10.27
N HIS A 109 8.02 -12.03 -9.97
CA HIS A 109 7.44 -12.95 -8.99
C HIS A 109 6.19 -13.62 -9.56
N VAL A 110 5.90 -14.79 -9.03
CA VAL A 110 4.75 -15.56 -9.48
C VAL A 110 3.55 -15.32 -8.57
N LEU A 111 2.75 -14.34 -8.97
CA LEU A 111 1.55 -13.98 -8.24
C LEU A 111 0.33 -14.65 -8.87
N LYS A 112 0.27 -15.96 -8.73
CA LYS A 112 -0.83 -16.75 -9.30
C LYS A 112 -1.96 -16.92 -8.31
N SER A 113 -3.12 -16.41 -8.66
CA SER A 113 -4.30 -16.55 -7.82
C SER A 113 -5.05 -17.79 -8.30
N SER A 114 -4.52 -18.96 -7.95
CA SER A 114 -5.10 -20.21 -8.36
C SER A 114 -5.89 -20.79 -7.21
N SER A 115 -7.16 -20.37 -7.14
CA SER A 115 -8.06 -20.79 -6.09
C SER A 115 -8.18 -22.31 -6.01
N GLU A 116 -8.50 -22.90 -7.14
CA GLU A 116 -8.69 -24.32 -7.24
C GLU A 116 -7.41 -25.00 -7.69
N MET A 1 12.40 -10.18 -0.24
CA MET A 1 12.45 -8.81 0.32
C MET A 1 11.19 -8.48 1.10
N GLN A 2 11.33 -8.36 2.41
CA GLN A 2 10.22 -8.02 3.27
C GLN A 2 10.55 -6.73 4.01
N CYS A 3 9.96 -5.65 3.53
CA CYS A 3 10.18 -4.33 4.10
C CYS A 3 9.43 -4.14 5.41
N ASN A 4 8.11 -4.29 5.37
CA ASN A 4 7.27 -4.12 6.56
C ASN A 4 7.34 -2.68 7.06
N PHE A 5 6.73 -1.77 6.31
CA PHE A 5 6.71 -0.35 6.66
C PHE A 5 6.17 -0.14 8.08
N ALA A 6 5.17 -0.93 8.44
CA ALA A 6 4.50 -0.84 9.73
C ALA A 6 5.41 -1.27 10.89
N ASN A 7 6.43 -2.06 10.59
CA ASN A 7 7.34 -2.54 11.63
C ASN A 7 8.21 -1.42 12.17
N SER A 8 8.26 -0.31 11.45
CA SER A 8 9.04 0.84 11.88
C SER A 8 8.20 2.11 11.91
N CYS A 9 6.91 1.98 11.64
CA CYS A 9 6.02 3.14 11.62
C CYS A 9 4.92 3.03 12.66
N THR A 10 4.65 4.14 13.33
CA THR A 10 3.62 4.22 14.34
C THR A 10 2.70 5.40 14.06
N GLY A 11 1.45 5.30 14.50
CA GLY A 11 0.49 6.36 14.29
C GLY A 11 0.30 6.70 12.82
N VAL A 12 -0.23 5.74 12.07
CA VAL A 12 -0.45 5.92 10.65
C VAL A 12 -1.90 6.24 10.34
N GLU A 13 -2.12 7.05 9.31
CA GLU A 13 -3.46 7.44 8.89
C GLU A 13 -3.57 7.41 7.38
N LEU A 14 -4.76 7.11 6.87
CA LEU A 14 -4.99 7.05 5.44
C LEU A 14 -6.10 8.01 5.03
N TYR A 15 -5.71 9.11 4.42
CA TYR A 15 -6.66 10.11 3.96
C TYR A 15 -6.31 10.56 2.55
N GLY A 16 -7.17 10.22 1.59
CA GLY A 16 -6.94 10.60 0.21
C GLY A 16 -5.86 9.76 -0.44
N TYR A 17 -5.86 8.47 -0.11
CA TYR A 17 -4.89 7.50 -0.65
C TYR A 17 -3.47 7.86 -0.19
N ILE A 18 -3.38 8.57 0.92
CA ILE A 18 -2.10 8.98 1.48
C ILE A 18 -1.89 8.37 2.85
N LEU A 19 -0.82 7.63 2.99
CA LEU A 19 -0.49 6.99 4.25
C LEU A 19 0.61 7.76 4.94
N ARG A 20 0.29 8.37 6.05
CA ARG A 20 1.29 9.11 6.79
C ARG A 20 1.49 8.50 8.16
N GLY A 21 2.74 8.35 8.54
CA GLY A 21 3.05 7.78 9.83
C GLY A 21 4.42 8.17 10.29
N ASP A 22 4.76 7.77 11.51
CA ASP A 22 6.06 8.08 12.07
C ASP A 22 6.95 6.87 11.98
N CYS A 23 7.93 6.93 11.08
CA CYS A 23 8.86 5.83 10.92
C CYS A 23 10.20 6.21 11.52
N ILE A 24 10.76 5.33 12.33
CA ILE A 24 12.04 5.58 12.99
C ILE A 24 13.18 5.56 11.98
N ASN A 25 14.06 6.54 12.10
CA ASN A 25 15.19 6.64 11.20
C ASN A 25 16.46 6.16 11.91
N GLU A 26 17.60 6.30 11.24
CA GLU A 26 18.89 5.87 11.80
C GLU A 26 19.15 6.50 13.18
N ASP A 27 18.65 7.72 13.38
CA ASP A 27 18.82 8.44 14.63
C ASP A 27 18.15 7.72 15.79
N GLY A 28 17.11 6.96 15.49
CA GLY A 28 16.39 6.24 16.52
C GLY A 28 15.11 6.92 16.92
N HIS A 29 14.84 8.05 16.28
CA HIS A 29 13.62 8.80 16.57
C HIS A 29 12.64 8.69 15.41
N PRO A 30 11.33 8.65 15.72
CA PRO A 30 10.27 8.55 14.72
C PRO A 30 10.17 9.81 13.84
N HIS A 31 10.32 9.62 12.55
CA HIS A 31 10.26 10.70 11.58
C HIS A 31 8.95 10.60 10.80
N ALA A 32 8.22 11.70 10.73
CA ALA A 32 6.96 11.74 10.01
C ALA A 32 7.18 11.61 8.51
N THR A 33 6.63 10.56 7.93
CA THR A 33 6.75 10.30 6.50
C THR A 33 5.39 9.98 5.91
N SER A 34 5.25 10.13 4.60
CA SER A 34 3.99 9.86 3.94
C SER A 34 4.19 9.13 2.63
N ILE A 35 3.23 8.28 2.29
CA ILE A 35 3.29 7.53 1.06
C ILE A 35 1.98 7.66 0.30
N ASN A 36 2.04 7.74 -1.01
CA ASN A 36 0.85 7.86 -1.83
C ASN A 36 0.53 6.50 -2.44
N LEU A 37 -0.30 5.73 -1.74
CA LEU A 37 -0.69 4.38 -2.17
C LEU A 37 -1.31 4.39 -3.56
N ASN A 38 -1.86 5.54 -3.93
CA ASN A 38 -2.52 5.71 -5.22
C ASN A 38 -1.62 5.30 -6.39
N TYR A 39 -0.31 5.48 -6.23
CA TYR A 39 0.61 5.13 -7.31
C TYR A 39 1.42 3.89 -6.96
N TYR A 40 0.98 3.14 -5.95
CA TYR A 40 1.71 1.93 -5.55
C TYR A 40 0.81 0.69 -5.51
N ILE A 41 -0.48 0.91 -5.33
CA ILE A 41 -1.43 -0.19 -5.30
C ILE A 41 -2.31 -0.16 -6.54
N GLY A 42 -2.60 -1.32 -7.08
CA GLY A 42 -3.43 -1.38 -8.27
C GLY A 42 -4.75 -2.08 -8.04
N ASN A 43 -5.68 -1.83 -8.95
CA ASN A 43 -7.00 -2.42 -8.90
C ASN A 43 -7.09 -3.59 -9.86
N ASP A 44 -7.06 -4.80 -9.32
CA ASP A 44 -7.12 -6.00 -10.15
C ASP A 44 -8.43 -6.73 -9.94
N ASN A 45 -9.33 -6.65 -10.93
CA ASN A 45 -10.62 -7.34 -10.87
C ASN A 45 -11.42 -6.89 -9.64
N GLY A 46 -11.31 -5.61 -9.31
CA GLY A 46 -12.03 -5.07 -8.17
C GLY A 46 -11.39 -5.46 -6.85
N ARG A 47 -10.14 -5.89 -6.92
CA ARG A 47 -9.40 -6.30 -5.73
C ARG A 47 -8.12 -5.51 -5.60
N LEU A 48 -7.64 -5.39 -4.38
CA LEU A 48 -6.41 -4.68 -4.10
C LEU A 48 -5.20 -5.55 -4.42
N GLU A 49 -4.45 -5.13 -5.42
CA GLU A 49 -3.26 -5.86 -5.83
C GLU A 49 -2.03 -5.10 -5.36
N TYR A 50 -1.07 -5.82 -4.80
CA TYR A 50 0.16 -5.24 -4.26
C TYR A 50 0.69 -4.20 -5.08
N PRO A 51 1.24 -4.43 -6.19
CA PRO A 51 1.73 -3.33 -6.79
C PRO A 51 0.92 -2.92 -8.00
N GLY A 52 0.52 -1.70 -7.96
CA GLY A 52 -0.28 -1.17 -9.01
C GLY A 52 -0.20 0.33 -9.11
N GLU A 53 -1.16 0.91 -9.83
CA GLU A 53 -1.20 2.36 -10.04
C GLU A 53 -2.63 2.82 -10.29
N SER A 54 -2.93 3.99 -9.76
CA SER A 54 -4.24 4.63 -9.89
C SER A 54 -5.39 3.73 -9.47
N PHE A 55 -5.24 3.01 -8.36
CA PHE A 55 -6.31 2.14 -7.89
C PHE A 55 -7.48 2.99 -7.40
N GLY A 56 -7.17 4.12 -6.78
CA GLY A 56 -8.18 5.01 -6.26
C GLY A 56 -9.18 5.48 -7.31
N SER A 57 -8.81 5.36 -8.57
CA SER A 57 -9.66 5.76 -9.68
C SER A 57 -10.93 4.91 -9.71
N SER A 58 -10.88 3.73 -9.10
CA SER A 58 -12.03 2.83 -9.06
C SER A 58 -12.15 2.15 -7.70
N CYS A 59 -11.58 2.76 -6.66
CA CYS A 59 -11.62 2.19 -5.33
C CYS A 59 -12.12 3.20 -4.31
N VAL A 60 -12.90 2.72 -3.35
CA VAL A 60 -13.44 3.56 -2.29
C VAL A 60 -13.27 2.88 -0.94
N LYS A 61 -13.59 3.61 0.14
CA LYS A 61 -13.49 3.08 1.50
C LYS A 61 -12.05 2.76 1.87
N THR A 62 -11.12 3.59 1.42
CA THR A 62 -9.71 3.38 1.70
C THR A 62 -9.42 3.57 3.19
N ALA A 63 -8.87 2.53 3.81
CA ALA A 63 -8.54 2.55 5.24
C ALA A 63 -7.38 1.60 5.50
N LEU A 64 -6.74 1.74 6.66
CA LEU A 64 -5.61 0.90 7.01
C LEU A 64 -5.89 0.09 8.28
N ASN A 65 -5.98 -1.22 8.12
CA ASN A 65 -6.23 -2.11 9.25
C ASN A 65 -4.96 -2.29 10.07
N ASP A 66 -5.02 -1.86 11.33
CA ASP A 66 -3.90 -1.97 12.28
C ASP A 66 -2.66 -1.24 11.76
N GLY A 67 -2.82 -0.48 10.69
CA GLY A 67 -1.71 0.27 10.12
C GLY A 67 -0.74 -0.61 9.34
N HIS A 68 -1.22 -1.68 8.73
CA HIS A 68 -0.34 -2.56 7.95
C HIS A 68 -1.07 -3.12 6.72
N THR A 69 -2.38 -3.22 6.81
CA THR A 69 -3.18 -3.74 5.72
C THR A 69 -4.13 -2.67 5.16
N LEU A 70 -4.14 -2.51 3.85
CA LEU A 70 -5.01 -1.53 3.22
C LEU A 70 -6.32 -2.20 2.86
N THR A 71 -7.41 -1.57 3.24
CA THR A 71 -8.73 -2.09 2.93
C THR A 71 -9.50 -1.12 2.05
N ALA A 72 -10.05 -1.62 0.97
CA ALA A 72 -10.82 -0.78 0.05
C ALA A 72 -11.69 -1.63 -0.86
N SER A 73 -12.71 -1.00 -1.42
CA SER A 73 -13.62 -1.68 -2.32
C SER A 73 -13.38 -1.15 -3.72
N CYS A 74 -13.08 -2.03 -4.66
CA CYS A 74 -12.78 -1.61 -6.02
C CYS A 74 -13.70 -2.24 -7.04
N LYS A 75 -13.95 -1.52 -8.11
CA LYS A 75 -14.78 -2.00 -9.21
C LYS A 75 -13.91 -2.51 -10.34
N GLY A 76 -14.30 -3.62 -10.95
CA GLY A 76 -13.55 -4.18 -12.05
C GLY A 76 -13.88 -5.64 -12.29
N ALA A 77 -14.20 -6.34 -11.21
CA ALA A 77 -14.56 -7.76 -11.26
C ALA A 77 -15.58 -8.06 -12.34
N ASP A 78 -16.59 -7.20 -12.46
CA ASP A 78 -17.63 -7.40 -13.46
C ASP A 78 -18.53 -6.17 -13.50
N GLY A 79 -17.91 -4.99 -13.59
CA GLY A 79 -18.67 -3.75 -13.61
C GLY A 79 -19.24 -3.42 -12.24
N GLN A 80 -18.86 -4.24 -11.26
CA GLN A 80 -19.30 -4.08 -9.89
C GLN A 80 -18.10 -3.94 -8.99
N TYR A 81 -18.33 -3.50 -7.76
CA TYR A 81 -17.26 -3.32 -6.79
C TYR A 81 -17.24 -4.48 -5.82
N HIS A 82 -16.13 -4.65 -5.12
CA HIS A 82 -15.97 -5.71 -4.14
C HIS A 82 -14.99 -5.28 -3.07
N ASP A 83 -15.35 -5.53 -1.81
CA ASP A 83 -14.49 -5.17 -0.68
C ASP A 83 -13.29 -6.11 -0.61
N SER A 84 -12.10 -5.54 -0.59
CA SER A 84 -10.89 -6.33 -0.54
C SER A 84 -9.85 -5.65 0.35
N SER A 85 -8.77 -6.36 0.63
CA SER A 85 -7.71 -5.82 1.45
C SER A 85 -6.36 -6.14 0.83
N MET A 86 -5.33 -5.47 1.28
CA MET A 86 -4.00 -5.68 0.76
C MET A 86 -2.96 -5.51 1.84
N ASP A 87 -2.18 -6.56 2.10
CA ASP A 87 -1.13 -6.47 3.08
C ASP A 87 0.01 -5.66 2.50
N LEU A 88 0.14 -4.43 2.97
CA LEU A 88 1.17 -3.51 2.48
C LEU A 88 2.51 -3.87 3.06
N ASN A 89 2.50 -4.80 4.00
CA ASN A 89 3.72 -5.27 4.64
C ASN A 89 4.82 -5.59 3.63
N TYR A 90 4.42 -6.04 2.44
CA TYR A 90 5.40 -6.37 1.42
C TYR A 90 5.23 -5.47 0.20
N VAL A 91 4.64 -4.29 0.40
CA VAL A 91 4.45 -3.34 -0.69
C VAL A 91 4.93 -1.94 -0.28
N VAL A 92 5.31 -1.79 1.00
CA VAL A 92 5.82 -0.53 1.52
C VAL A 92 6.97 -0.79 2.49
N GLY A 93 7.96 0.11 2.52
CA GLY A 93 9.07 -0.06 3.43
C GLY A 93 9.56 1.25 4.01
N ASN A 94 10.55 1.15 4.89
CA ASN A 94 11.13 2.31 5.54
C ASN A 94 12.67 2.27 5.49
N SER A 95 13.27 3.38 5.10
CA SER A 95 14.71 3.49 5.03
C SER A 95 15.16 4.86 5.50
N TYR A 96 15.80 4.90 6.67
CA TYR A 96 16.30 6.13 7.26
C TYR A 96 15.16 7.11 7.54
N GLY A 97 14.07 6.58 8.11
CA GLY A 97 12.91 7.39 8.42
C GLY A 97 12.31 8.01 7.17
N TYR A 98 12.52 7.36 6.05
CA TYR A 98 12.02 7.83 4.78
C TYR A 98 11.23 6.73 4.09
N MET A 99 10.15 7.13 3.43
CA MET A 99 9.28 6.18 2.74
C MET A 99 9.97 5.56 1.53
N GLU A 100 9.83 4.24 1.41
CA GLU A 100 10.40 3.49 0.30
C GLU A 100 9.57 2.23 0.05
N PRO A 101 8.36 2.40 -0.48
CA PRO A 101 7.45 1.30 -0.78
C PRO A 101 8.08 0.24 -1.69
N CYS A 102 8.47 -0.88 -1.10
CA CYS A 102 9.08 -1.96 -1.85
C CYS A 102 8.12 -3.11 -1.95
N ARG A 103 8.03 -3.70 -3.13
CA ARG A 103 7.15 -4.83 -3.33
C ARG A 103 7.99 -6.07 -3.59
N ALA A 104 7.49 -7.22 -3.18
CA ALA A 104 8.23 -8.47 -3.38
C ALA A 104 7.52 -9.37 -4.38
N SER A 105 7.32 -8.85 -5.59
CA SER A 105 6.65 -9.59 -6.65
C SER A 105 6.66 -8.76 -7.93
N ASN A 106 5.48 -8.24 -8.27
CA ASN A 106 5.30 -7.41 -9.47
C ASN A 106 5.56 -8.18 -10.75
N ALA A 107 4.48 -8.57 -11.40
CA ALA A 107 4.55 -9.30 -12.65
C ALA A 107 3.38 -8.91 -13.52
N ASP A 108 3.63 -8.63 -14.78
CA ASP A 108 2.57 -8.22 -15.69
C ASP A 108 1.92 -9.44 -16.33
N HIS A 109 0.59 -9.50 -16.23
CA HIS A 109 -0.22 -10.59 -16.80
C HIS A 109 -0.03 -11.91 -16.03
N VAL A 110 1.21 -12.31 -15.84
CA VAL A 110 1.52 -13.56 -15.14
C VAL A 110 1.64 -13.34 -13.64
N LEU A 111 0.57 -12.88 -13.05
CA LEU A 111 0.53 -12.62 -11.62
C LEU A 111 -0.68 -13.31 -10.99
N LYS A 112 -0.92 -14.55 -11.39
CA LYS A 112 -2.04 -15.32 -10.89
C LYS A 112 -1.58 -16.64 -10.29
N SER A 113 -0.34 -16.66 -9.81
CA SER A 113 0.27 -17.85 -9.24
C SER A 113 0.03 -19.07 -10.14
N SER A 114 -0.60 -20.12 -9.59
CA SER A 114 -0.91 -21.33 -10.34
C SER A 114 0.34 -22.14 -10.56
N SER A 115 0.50 -23.19 -9.78
CA SER A 115 1.66 -24.05 -9.86
C SER A 115 1.73 -24.72 -11.22
N GLU A 116 0.57 -25.19 -11.68
CA GLU A 116 0.46 -25.86 -12.96
C GLU A 116 0.05 -24.86 -14.04
N MET A 1 13.71 -9.51 -0.03
CA MET A 1 13.84 -8.14 0.50
C MET A 1 12.60 -7.76 1.31
N GLN A 2 12.76 -7.68 2.61
CA GLN A 2 11.67 -7.32 3.50
C GLN A 2 11.68 -5.81 3.72
N CYS A 3 10.51 -5.22 3.58
CA CYS A 3 10.36 -3.78 3.77
C CYS A 3 9.60 -3.46 5.04
N ASN A 4 8.30 -3.74 5.03
CA ASN A 4 7.43 -3.51 6.19
C ASN A 4 7.52 -2.07 6.71
N PHE A 5 6.76 -1.15 6.14
CA PHE A 5 6.78 0.24 6.61
C PHE A 5 6.30 0.30 8.07
N ALA A 6 5.31 -0.52 8.38
CA ALA A 6 4.72 -0.58 9.72
C ALA A 6 5.70 -1.10 10.76
N ASN A 7 6.74 -1.79 10.29
CA ASN A 7 7.76 -2.38 11.16
C ASN A 7 8.33 -1.34 12.12
N SER A 8 8.34 -0.08 11.72
CA SER A 8 8.84 0.98 12.56
C SER A 8 8.04 2.27 12.35
N CYS A 9 6.76 2.12 11.97
CA CYS A 9 5.91 3.28 11.76
C CYS A 9 4.71 3.26 12.71
N THR A 10 4.34 4.44 13.18
CA THR A 10 3.22 4.56 14.10
C THR A 10 2.35 5.78 13.75
N GLY A 11 1.10 5.74 14.18
CA GLY A 11 0.18 6.85 13.93
C GLY A 11 -0.11 7.05 12.46
N VAL A 12 -0.16 5.96 11.71
CA VAL A 12 -0.44 6.03 10.29
C VAL A 12 -1.88 6.43 9.99
N GLU A 13 -2.06 7.28 9.00
CA GLU A 13 -3.39 7.76 8.62
C GLU A 13 -3.55 7.65 7.10
N LEU A 14 -4.69 7.12 6.64
CA LEU A 14 -4.96 6.97 5.22
C LEU A 14 -6.22 7.74 4.82
N TYR A 15 -6.06 8.64 3.85
CA TYR A 15 -7.18 9.43 3.36
C TYR A 15 -7.27 9.35 1.84
N GLY A 16 -8.20 8.54 1.35
CA GLY A 16 -8.39 8.41 -0.08
C GLY A 16 -7.32 7.55 -0.73
N TYR A 17 -6.07 7.99 -0.63
CA TYR A 17 -4.95 7.26 -1.22
C TYR A 17 -3.61 7.78 -0.71
N ILE A 18 -3.62 8.49 0.41
CA ILE A 18 -2.39 9.03 0.99
C ILE A 18 -2.20 8.48 2.40
N LEU A 19 -1.03 7.91 2.65
CA LEU A 19 -0.72 7.33 3.95
C LEU A 19 0.43 8.06 4.61
N ARG A 20 0.16 8.71 5.72
CA ARG A 20 1.19 9.40 6.45
C ARG A 20 1.44 8.69 7.76
N GLY A 21 2.69 8.56 8.14
CA GLY A 21 3.02 7.90 9.37
C GLY A 21 4.36 8.32 9.91
N ASP A 22 4.60 8.01 11.16
CA ASP A 22 5.86 8.34 11.80
C ASP A 22 6.74 7.10 11.80
N CYS A 23 7.75 7.10 10.94
CA CYS A 23 8.65 5.96 10.82
C CYS A 23 9.98 6.28 11.48
N ILE A 24 10.45 5.36 12.30
CA ILE A 24 11.70 5.52 13.02
C ILE A 24 12.90 5.45 12.08
N ASN A 25 13.88 6.32 12.32
CA ASN A 25 15.07 6.36 11.50
C ASN A 25 16.26 5.82 12.29
N GLU A 26 17.47 5.95 11.75
CA GLU A 26 18.68 5.46 12.40
C GLU A 26 18.84 6.04 13.81
N ASP A 27 18.36 7.26 14.01
CA ASP A 27 18.44 7.95 15.30
C ASP A 27 17.64 7.23 16.38
N GLY A 28 16.69 6.40 15.96
CA GLY A 28 15.87 5.68 16.90
C GLY A 28 14.61 6.43 17.24
N HIS A 29 14.42 7.56 16.59
CA HIS A 29 13.23 8.38 16.80
C HIS A 29 12.36 8.40 15.56
N PRO A 30 11.03 8.51 15.75
CA PRO A 30 10.07 8.52 14.64
C PRO A 30 10.13 9.81 13.81
N HIS A 31 10.16 9.63 12.50
CA HIS A 31 10.22 10.73 11.56
C HIS A 31 8.97 10.70 10.68
N ALA A 32 8.32 11.84 10.51
CA ALA A 32 7.12 11.95 9.70
C ALA A 32 7.41 11.68 8.24
N THR A 33 6.66 10.77 7.66
CA THR A 33 6.79 10.40 6.26
C THR A 33 5.41 10.14 5.68
N SER A 34 5.27 10.31 4.38
CA SER A 34 3.99 10.09 3.73
C SER A 34 4.17 9.39 2.39
N ILE A 35 3.24 8.50 2.07
CA ILE A 35 3.30 7.75 0.82
C ILE A 35 1.98 7.88 0.07
N ASN A 36 2.08 7.94 -1.25
CA ASN A 36 0.89 8.03 -2.08
C ASN A 36 0.62 6.67 -2.70
N LEU A 37 -0.19 5.87 -2.00
CA LEU A 37 -0.52 4.51 -2.45
C LEU A 37 -1.15 4.50 -3.83
N ASN A 38 -1.74 5.63 -4.20
CA ASN A 38 -2.39 5.78 -5.49
C ASN A 38 -1.49 5.38 -6.65
N TYR A 39 -0.18 5.58 -6.49
CA TYR A 39 0.76 5.25 -7.55
C TYR A 39 1.59 4.03 -7.19
N TYR A 40 1.13 3.26 -6.21
CA TYR A 40 1.85 2.06 -5.78
C TYR A 40 0.96 0.83 -5.71
N ILE A 41 -0.34 1.03 -5.56
CA ILE A 41 -1.27 -0.08 -5.49
C ILE A 41 -2.19 -0.06 -6.71
N GLY A 42 -2.52 -1.24 -7.23
CA GLY A 42 -3.38 -1.30 -8.40
C GLY A 42 -4.69 -1.98 -8.14
N ASN A 43 -5.63 -1.77 -9.07
CA ASN A 43 -6.96 -2.35 -8.98
C ASN A 43 -7.07 -3.55 -9.91
N ASP A 44 -7.07 -4.75 -9.32
CA ASP A 44 -7.17 -5.97 -10.11
C ASP A 44 -8.51 -6.64 -9.88
N ASN A 45 -9.40 -6.51 -10.87
CA ASN A 45 -10.74 -7.11 -10.82
C ASN A 45 -11.48 -6.71 -9.55
N GLY A 46 -11.38 -5.44 -9.19
CA GLY A 46 -12.06 -4.95 -8.00
C GLY A 46 -11.36 -5.34 -6.71
N ARG A 47 -10.11 -5.75 -6.84
CA ARG A 47 -9.33 -6.17 -5.67
C ARG A 47 -8.05 -5.37 -5.57
N LEU A 48 -7.51 -5.32 -4.36
CA LEU A 48 -6.28 -4.58 -4.11
C LEU A 48 -5.07 -5.42 -4.45
N GLU A 49 -4.35 -5.00 -5.47
CA GLU A 49 -3.16 -5.69 -5.91
C GLU A 49 -1.93 -4.93 -5.43
N TYR A 50 -1.00 -5.65 -4.81
CA TYR A 50 0.23 -5.09 -4.29
C TYR A 50 0.76 -4.04 -5.10
N PRO A 51 1.29 -4.29 -6.23
CA PRO A 51 1.76 -3.21 -6.86
C PRO A 51 0.91 -2.82 -8.04
N GLY A 52 0.64 -1.56 -8.09
CA GLY A 52 -0.20 -1.07 -9.14
C GLY A 52 -0.16 0.42 -9.31
N GLU A 53 -1.15 0.95 -10.02
CA GLU A 53 -1.24 2.37 -10.28
C GLU A 53 -2.70 2.79 -10.46
N SER A 54 -3.01 3.99 -9.98
CA SER A 54 -4.34 4.59 -10.07
C SER A 54 -5.45 3.67 -9.58
N PHE A 55 -5.25 3.04 -8.43
CA PHE A 55 -6.28 2.18 -7.86
C PHE A 55 -7.40 3.04 -7.29
N GLY A 56 -7.02 4.18 -6.70
CA GLY A 56 -7.99 5.07 -6.08
C GLY A 56 -9.02 5.57 -7.07
N SER A 57 -8.69 5.47 -8.34
CA SER A 57 -9.56 5.88 -9.42
C SER A 57 -10.85 5.05 -9.42
N SER A 58 -10.77 3.83 -8.90
CA SER A 58 -11.93 2.95 -8.86
C SER A 58 -12.06 2.28 -7.48
N CYS A 59 -11.35 2.82 -6.49
CA CYS A 59 -11.37 2.27 -5.14
C CYS A 59 -11.84 3.30 -4.12
N VAL A 60 -12.64 2.85 -3.18
CA VAL A 60 -13.16 3.70 -2.11
C VAL A 60 -13.09 2.98 -0.78
N LYS A 61 -13.43 3.68 0.31
CA LYS A 61 -13.41 3.11 1.65
C LYS A 61 -12.00 2.68 2.04
N THR A 62 -11.04 3.51 1.70
CA THR A 62 -9.64 3.26 2.00
C THR A 62 -9.33 3.40 3.48
N ALA A 63 -8.74 2.37 4.05
CA ALA A 63 -8.38 2.36 5.47
C ALA A 63 -7.18 1.43 5.68
N LEU A 64 -6.52 1.56 6.81
CA LEU A 64 -5.35 0.74 7.12
C LEU A 64 -5.58 -0.12 8.36
N ASN A 65 -5.63 -1.44 8.16
CA ASN A 65 -5.82 -2.38 9.26
C ASN A 65 -4.54 -2.48 10.08
N ASP A 66 -4.65 -2.07 11.35
CA ASP A 66 -3.53 -2.09 12.31
C ASP A 66 -2.33 -1.26 11.81
N GLY A 67 -2.51 -0.58 10.69
CA GLY A 67 -1.45 0.24 10.13
C GLY A 67 -0.47 -0.54 9.28
N HIS A 68 -0.92 -1.63 8.67
CA HIS A 68 -0.03 -2.44 7.81
C HIS A 68 -0.77 -3.03 6.61
N THR A 69 -2.08 -3.18 6.73
CA THR A 69 -2.89 -3.75 5.67
C THR A 69 -3.86 -2.71 5.12
N LEU A 70 -3.90 -2.55 3.82
CA LEU A 70 -4.82 -1.60 3.21
C LEU A 70 -6.13 -2.28 2.86
N THR A 71 -7.22 -1.70 3.31
CA THR A 71 -8.53 -2.24 3.02
C THR A 71 -9.34 -1.23 2.23
N ALA A 72 -9.92 -1.68 1.13
CA ALA A 72 -10.73 -0.80 0.29
C ALA A 72 -11.66 -1.62 -0.60
N SER A 73 -12.57 -0.92 -1.26
CA SER A 73 -13.50 -1.57 -2.16
C SER A 73 -13.29 -1.03 -3.56
N CYS A 74 -12.99 -1.91 -4.49
CA CYS A 74 -12.73 -1.49 -5.86
C CYS A 74 -13.67 -2.16 -6.85
N LYS A 75 -13.95 -1.45 -7.93
CA LYS A 75 -14.82 -1.94 -8.98
C LYS A 75 -13.98 -2.47 -10.14
N GLY A 76 -14.47 -3.52 -10.79
CA GLY A 76 -13.75 -4.09 -11.92
C GLY A 76 -14.07 -5.56 -12.12
N ALA A 77 -14.42 -6.23 -11.03
CA ALA A 77 -14.77 -7.63 -11.05
C ALA A 77 -15.91 -7.93 -12.01
N ASP A 78 -16.89 -7.03 -12.07
CA ASP A 78 -18.05 -7.20 -12.94
C ASP A 78 -18.89 -5.95 -12.95
N GLY A 79 -18.24 -4.81 -13.18
CA GLY A 79 -18.95 -3.53 -13.19
C GLY A 79 -19.38 -3.13 -11.79
N GLN A 80 -19.04 -3.93 -10.82
CA GLN A 80 -19.38 -3.69 -9.43
C GLN A 80 -18.12 -3.70 -8.57
N TYR A 81 -18.25 -3.23 -7.35
CA TYR A 81 -17.13 -3.19 -6.43
C TYR A 81 -17.26 -4.28 -5.38
N HIS A 82 -16.20 -4.48 -4.61
CA HIS A 82 -16.19 -5.51 -3.58
C HIS A 82 -15.07 -5.22 -2.58
N ASP A 83 -15.30 -5.57 -1.31
CA ASP A 83 -14.32 -5.33 -0.25
C ASP A 83 -13.08 -6.20 -0.46
N SER A 84 -11.92 -5.57 -0.39
CA SER A 84 -10.65 -6.27 -0.56
C SER A 84 -9.59 -5.66 0.34
N SER A 85 -8.53 -6.40 0.58
CA SER A 85 -7.44 -5.91 1.41
C SER A 85 -6.11 -6.18 0.73
N MET A 86 -5.09 -5.46 1.14
CA MET A 86 -3.78 -5.59 0.58
C MET A 86 -2.72 -5.39 1.66
N ASP A 87 -1.98 -6.44 1.98
CA ASP A 87 -0.95 -6.35 3.00
C ASP A 87 0.23 -5.55 2.44
N LEU A 88 0.35 -4.31 2.88
CA LEU A 88 1.40 -3.42 2.42
C LEU A 88 2.74 -3.82 3.00
N ASN A 89 2.69 -4.75 3.94
CA ASN A 89 3.89 -5.26 4.58
C ASN A 89 4.97 -5.65 3.57
N TYR A 90 4.55 -6.03 2.37
CA TYR A 90 5.49 -6.41 1.34
C TYR A 90 5.31 -5.56 0.08
N VAL A 91 4.80 -4.35 0.26
CA VAL A 91 4.61 -3.43 -0.87
C VAL A 91 5.21 -2.06 -0.55
N VAL A 92 5.50 -1.83 0.73
CA VAL A 92 6.08 -0.57 1.17
C VAL A 92 6.86 -0.77 2.48
N GLY A 93 8.04 -0.17 2.56
CA GLY A 93 8.85 -0.30 3.76
C GLY A 93 9.38 1.02 4.27
N ASN A 94 10.23 0.94 5.28
CA ASN A 94 10.84 2.10 5.89
C ASN A 94 12.36 1.99 5.86
N SER A 95 13.00 3.07 5.45
CA SER A 95 14.45 3.12 5.40
C SER A 95 14.94 4.46 5.92
N TYR A 96 15.48 4.44 7.14
CA TYR A 96 16.00 5.64 7.78
C TYR A 96 14.91 6.69 7.94
N GLY A 97 13.76 6.25 8.43
CA GLY A 97 12.63 7.15 8.63
C GLY A 97 12.07 7.71 7.35
N TYR A 98 12.34 7.04 6.23
CA TYR A 98 11.84 7.51 4.95
C TYR A 98 11.11 6.39 4.24
N MET A 99 10.06 6.76 3.51
CA MET A 99 9.25 5.81 2.77
C MET A 99 10.04 5.11 1.66
N GLU A 100 9.95 3.79 1.64
CA GLU A 100 10.60 2.97 0.63
C GLU A 100 9.68 1.84 0.20
N PRO A 101 8.70 2.15 -0.65
CA PRO A 101 7.74 1.15 -1.13
C PRO A 101 8.38 0.12 -2.06
N CYS A 102 8.73 -1.01 -1.49
CA CYS A 102 9.32 -2.10 -2.26
C CYS A 102 8.41 -3.31 -2.23
N ARG A 103 8.19 -3.91 -3.38
CA ARG A 103 7.34 -5.09 -3.45
C ARG A 103 8.19 -6.33 -3.28
N ALA A 104 7.70 -7.28 -2.52
CA ALA A 104 8.43 -8.51 -2.29
C ALA A 104 7.75 -9.68 -2.99
N SER A 105 7.05 -9.37 -4.07
CA SER A 105 6.34 -10.39 -4.81
C SER A 105 6.18 -10.01 -6.28
N ASN A 106 5.26 -9.09 -6.52
CA ASN A 106 4.96 -8.61 -7.87
C ASN A 106 4.40 -9.73 -8.74
N ALA A 107 3.08 -9.76 -8.84
CA ALA A 107 2.40 -10.80 -9.61
C ALA A 107 2.50 -10.54 -11.12
N ASP A 108 2.02 -9.38 -11.55
CA ASP A 108 2.05 -9.02 -12.97
C ASP A 108 3.49 -8.73 -13.42
N HIS A 109 3.87 -9.35 -14.53
CA HIS A 109 5.22 -9.22 -15.08
C HIS A 109 5.42 -7.90 -15.84
N VAL A 110 4.53 -7.60 -16.78
CA VAL A 110 4.65 -6.39 -17.58
C VAL A 110 3.85 -5.25 -16.93
N LEU A 111 4.28 -4.89 -15.74
CA LEU A 111 3.62 -3.83 -14.98
C LEU A 111 4.47 -2.57 -14.98
N LYS A 112 4.44 -1.84 -16.07
CA LYS A 112 5.19 -0.60 -16.19
C LYS A 112 4.42 0.38 -17.06
N SER A 113 3.53 1.13 -16.42
CA SER A 113 2.72 2.11 -17.14
C SER A 113 3.52 3.39 -17.40
N SER A 114 4.78 3.21 -17.78
CA SER A 114 5.66 4.33 -18.06
C SER A 114 6.03 4.37 -19.54
N SER A 115 5.07 4.74 -20.36
CA SER A 115 5.30 4.83 -21.80
C SER A 115 6.05 6.11 -22.11
N GLU A 116 5.57 7.21 -21.54
CA GLU A 116 6.18 8.50 -21.73
C GLU A 116 6.59 9.09 -20.39
N MET A 1 14.14 -9.51 4.02
CA MET A 1 13.37 -9.72 2.77
C MET A 1 12.11 -8.87 2.78
N GLN A 2 11.33 -9.00 3.84
CA GLN A 2 10.10 -8.23 3.98
C GLN A 2 10.42 -6.82 4.45
N CYS A 3 9.83 -5.85 3.80
CA CYS A 3 10.06 -4.44 4.14
C CYS A 3 9.34 -4.08 5.44
N ASN A 4 8.03 -4.33 5.49
CA ASN A 4 7.21 -4.05 6.66
C ASN A 4 7.37 -2.61 7.14
N PHE A 5 6.80 -1.67 6.38
CA PHE A 5 6.86 -0.25 6.73
C PHE A 5 6.28 0.01 8.12
N ALA A 6 5.28 -0.78 8.47
CA ALA A 6 4.57 -0.64 9.74
C ALA A 6 5.43 -1.04 10.94
N ASN A 7 6.40 -1.91 10.73
CA ASN A 7 7.26 -2.36 11.83
C ASN A 7 8.15 -1.24 12.32
N SER A 8 8.35 -0.24 11.48
CA SER A 8 9.18 0.90 11.83
C SER A 8 8.38 2.20 11.79
N CYS A 9 7.06 2.08 11.65
CA CYS A 9 6.20 3.25 11.59
C CYS A 9 5.13 3.22 12.67
N THR A 10 4.78 4.39 13.17
CA THR A 10 3.76 4.52 14.20
C THR A 10 2.78 5.64 13.86
N GLY A 11 1.53 5.47 14.26
CA GLY A 11 0.51 6.47 14.00
C GLY A 11 0.30 6.71 12.52
N VAL A 12 -0.02 5.64 11.79
CA VAL A 12 -0.24 5.74 10.36
C VAL A 12 -1.73 5.80 10.03
N GLU A 13 -2.09 6.77 9.20
CA GLU A 13 -3.48 6.95 8.79
C GLU A 13 -3.59 7.02 7.27
N LEU A 14 -4.73 6.63 6.75
CA LEU A 14 -4.98 6.63 5.31
C LEU A 14 -6.04 7.66 4.94
N TYR A 15 -5.63 8.69 4.22
CA TYR A 15 -6.55 9.74 3.79
C TYR A 15 -6.81 9.63 2.29
N GLY A 16 -7.93 9.02 1.92
CA GLY A 16 -8.26 8.89 0.52
C GLY A 16 -7.39 7.85 -0.21
N TYR A 17 -6.11 8.15 -0.31
CA TYR A 17 -5.15 7.27 -0.97
C TYR A 17 -3.72 7.61 -0.56
N ILE A 18 -3.56 8.32 0.56
CA ILE A 18 -2.25 8.69 1.06
C ILE A 18 -2.06 8.15 2.48
N LEU A 19 -0.92 7.54 2.71
CA LEU A 19 -0.59 6.98 4.01
C LEU A 19 0.48 7.80 4.69
N ARG A 20 0.16 8.41 5.81
CA ARG A 20 1.14 9.21 6.51
C ARG A 20 1.33 8.68 7.90
N GLY A 21 2.57 8.71 8.36
CA GLY A 21 2.88 8.23 9.69
C GLY A 21 4.27 8.60 10.13
N ASP A 22 4.66 8.12 11.29
CA ASP A 22 5.98 8.40 11.84
C ASP A 22 6.87 7.17 11.77
N CYS A 23 7.86 7.20 10.89
CA CYS A 23 8.77 6.08 10.74
C CYS A 23 10.11 6.40 11.37
N ILE A 24 10.62 5.48 12.17
CA ILE A 24 11.89 5.67 12.87
C ILE A 24 13.06 5.65 11.90
N ASN A 25 14.01 6.55 12.11
CA ASN A 25 15.19 6.60 11.26
C ASN A 25 16.38 5.97 11.98
N GLU A 26 17.56 6.06 11.38
CA GLU A 26 18.78 5.49 11.96
C GLU A 26 19.02 5.99 13.39
N ASP A 27 18.71 7.25 13.62
CA ASP A 27 18.89 7.89 14.92
C ASP A 27 18.07 7.21 16.01
N GLY A 28 16.99 6.56 15.62
CA GLY A 28 16.15 5.88 16.60
C GLY A 28 14.90 6.66 16.92
N HIS A 29 14.77 7.83 16.34
CA HIS A 29 13.60 8.66 16.58
C HIS A 29 12.69 8.64 15.35
N PRO A 30 11.37 8.60 15.58
CA PRO A 30 10.37 8.57 14.51
C PRO A 30 10.31 9.88 13.71
N HIS A 31 10.27 9.75 12.41
CA HIS A 31 10.21 10.88 11.50
C HIS A 31 8.94 10.80 10.66
N ALA A 32 8.24 11.91 10.54
CA ALA A 32 7.01 11.96 9.77
C ALA A 32 7.27 11.76 8.29
N THR A 33 6.58 10.80 7.69
CA THR A 33 6.71 10.50 6.28
C THR A 33 5.36 10.11 5.71
N SER A 34 5.19 10.29 4.41
CA SER A 34 3.94 9.98 3.76
C SER A 34 4.16 9.24 2.45
N ILE A 35 3.19 8.42 2.08
CA ILE A 35 3.27 7.65 0.85
C ILE A 35 1.95 7.73 0.10
N ASN A 36 2.03 7.78 -1.22
CA ASN A 36 0.84 7.84 -2.04
C ASN A 36 0.52 6.45 -2.58
N LEU A 37 -0.34 5.72 -1.88
CA LEU A 37 -0.71 4.35 -2.26
C LEU A 37 -1.30 4.32 -3.67
N ASN A 38 -1.94 5.41 -4.05
CA ASN A 38 -2.57 5.53 -5.36
C ASN A 38 -1.62 5.18 -6.50
N TYR A 39 -0.33 5.42 -6.28
CA TYR A 39 0.67 5.13 -7.31
C TYR A 39 1.52 3.92 -6.96
N TYR A 40 1.11 3.16 -5.96
CA TYR A 40 1.87 1.98 -5.54
C TYR A 40 1.00 0.73 -5.46
N ILE A 41 -0.30 0.91 -5.33
CA ILE A 41 -1.22 -0.22 -5.27
C ILE A 41 -2.10 -0.23 -6.50
N GLY A 42 -2.39 -1.42 -7.01
CA GLY A 42 -3.22 -1.52 -8.20
C GLY A 42 -4.56 -2.17 -7.95
N ASN A 43 -5.44 -2.03 -8.92
CA ASN A 43 -6.78 -2.58 -8.84
C ASN A 43 -6.95 -3.74 -9.81
N ASP A 44 -7.10 -4.94 -9.26
CA ASP A 44 -7.29 -6.13 -10.08
C ASP A 44 -8.69 -6.69 -9.91
N ASN A 45 -9.53 -6.48 -10.92
CA ASN A 45 -10.91 -6.97 -10.93
C ASN A 45 -11.66 -6.53 -9.67
N GLY A 46 -11.46 -5.29 -9.27
CA GLY A 46 -12.12 -4.76 -8.09
C GLY A 46 -11.47 -5.21 -6.80
N ARG A 47 -10.24 -5.68 -6.88
CA ARG A 47 -9.50 -6.14 -5.71
C ARG A 47 -8.18 -5.41 -5.58
N LEU A 48 -7.68 -5.34 -4.36
CA LEU A 48 -6.43 -4.67 -4.07
C LEU A 48 -5.24 -5.58 -4.37
N GLU A 49 -4.36 -5.12 -5.23
CA GLU A 49 -3.16 -5.86 -5.60
C GLU A 49 -1.95 -5.10 -5.07
N TYR A 50 -0.97 -5.84 -4.52
CA TYR A 50 0.23 -5.22 -3.95
C TYR A 50 0.75 -4.14 -4.74
N PRO A 51 1.37 -4.35 -5.83
CA PRO A 51 1.83 -3.23 -6.42
C PRO A 51 1.12 -2.92 -7.71
N GLY A 52 0.69 -1.72 -7.76
CA GLY A 52 -0.05 -1.27 -8.89
C GLY A 52 0.00 0.21 -9.10
N GLU A 53 -0.99 0.73 -9.81
CA GLU A 53 -1.07 2.15 -10.11
C GLU A 53 -2.52 2.56 -10.39
N SER A 54 -2.90 3.71 -9.84
CA SER A 54 -4.23 4.28 -10.03
C SER A 54 -5.36 3.36 -9.53
N PHE A 55 -5.20 2.77 -8.37
CA PHE A 55 -6.24 1.91 -7.82
C PHE A 55 -7.38 2.78 -7.29
N GLY A 56 -7.02 3.92 -6.70
CA GLY A 56 -8.00 4.83 -6.12
C GLY A 56 -8.98 5.37 -7.13
N SER A 57 -8.60 5.26 -8.40
CA SER A 57 -9.44 5.71 -9.49
C SER A 57 -10.71 4.88 -9.57
N SER A 58 -10.67 3.67 -9.01
CA SER A 58 -11.83 2.79 -9.02
C SER A 58 -12.02 2.13 -7.64
N CYS A 59 -11.41 2.72 -6.62
CA CYS A 59 -11.52 2.18 -5.26
C CYS A 59 -12.02 3.23 -4.29
N VAL A 60 -12.79 2.78 -3.31
CA VAL A 60 -13.34 3.63 -2.27
C VAL A 60 -13.24 2.92 -0.93
N LYS A 61 -13.63 3.59 0.15
CA LYS A 61 -13.58 3.02 1.50
C LYS A 61 -12.15 2.68 1.90
N THR A 62 -11.19 3.49 1.47
CA THR A 62 -9.78 3.27 1.81
C THR A 62 -9.56 3.40 3.30
N ALA A 63 -9.01 2.35 3.90
CA ALA A 63 -8.71 2.32 5.33
C ALA A 63 -7.55 1.37 5.59
N LEU A 64 -6.77 1.66 6.61
CA LEU A 64 -5.63 0.83 6.96
C LEU A 64 -5.91 0.03 8.23
N ASN A 65 -6.00 -1.29 8.10
CA ASN A 65 -6.26 -2.15 9.25
C ASN A 65 -4.98 -2.36 10.02
N ASP A 66 -5.04 -2.06 11.31
CA ASP A 66 -3.92 -2.21 12.23
C ASP A 66 -2.67 -1.47 11.73
N GLY A 67 -2.88 -0.54 10.80
CA GLY A 67 -1.78 0.24 10.25
C GLY A 67 -0.75 -0.59 9.50
N HIS A 68 -1.20 -1.66 8.82
CA HIS A 68 -0.27 -2.50 8.07
C HIS A 68 -0.95 -3.11 6.84
N THR A 69 -2.27 -3.25 6.90
CA THR A 69 -3.03 -3.82 5.80
C THR A 69 -4.01 -2.79 5.23
N LEU A 70 -4.03 -2.64 3.92
CA LEU A 70 -4.95 -1.70 3.28
C LEU A 70 -6.25 -2.39 2.92
N THR A 71 -7.36 -1.75 3.22
CA THR A 71 -8.67 -2.28 2.92
C THR A 71 -9.46 -1.27 2.10
N ALA A 72 -10.06 -1.72 1.01
CA ALA A 72 -10.84 -0.85 0.16
C ALA A 72 -11.80 -1.65 -0.74
N SER A 73 -12.77 -0.95 -1.29
CA SER A 73 -13.76 -1.54 -2.18
C SER A 73 -13.51 -1.01 -3.58
N CYS A 74 -13.20 -1.88 -4.51
CA CYS A 74 -12.88 -1.46 -5.86
C CYS A 74 -13.83 -2.04 -6.90
N LYS A 75 -14.07 -1.26 -7.94
CA LYS A 75 -14.92 -1.67 -9.04
C LYS A 75 -14.05 -2.14 -10.21
N GLY A 76 -14.50 -3.17 -10.92
CA GLY A 76 -13.75 -3.67 -12.04
C GLY A 76 -14.07 -5.12 -12.34
N ALA A 77 -14.47 -5.83 -11.30
CA ALA A 77 -14.84 -7.24 -11.41
C ALA A 77 -15.82 -7.50 -12.56
N ASP A 78 -16.80 -6.61 -12.70
CA ASP A 78 -17.81 -6.72 -13.76
C ASP A 78 -18.76 -5.52 -13.65
N GLY A 79 -18.19 -4.33 -13.60
CA GLY A 79 -18.98 -3.13 -13.46
C GLY A 79 -19.45 -2.93 -12.03
N GLN A 80 -19.12 -3.92 -11.20
CA GLN A 80 -19.49 -3.92 -9.80
C GLN A 80 -18.24 -3.80 -8.95
N TYR A 81 -18.43 -3.39 -7.70
CA TYR A 81 -17.34 -3.22 -6.77
C TYR A 81 -17.29 -4.38 -5.79
N HIS A 82 -16.19 -4.47 -5.03
CA HIS A 82 -16.01 -5.52 -4.04
C HIS A 82 -14.99 -5.09 -3.00
N ASP A 83 -15.28 -5.38 -1.74
CA ASP A 83 -14.39 -5.04 -0.66
C ASP A 83 -13.27 -6.06 -0.56
N SER A 84 -12.03 -5.58 -0.56
CA SER A 84 -10.87 -6.44 -0.48
C SER A 84 -9.78 -5.80 0.38
N SER A 85 -8.67 -6.52 0.56
CA SER A 85 -7.57 -6.00 1.36
C SER A 85 -6.23 -6.32 0.71
N MET A 86 -5.21 -5.59 1.15
CA MET A 86 -3.86 -5.78 0.63
C MET A 86 -2.84 -5.53 1.75
N ASP A 87 -2.03 -6.53 2.04
CA ASP A 87 -1.02 -6.41 3.06
C ASP A 87 0.15 -5.61 2.52
N LEU A 88 0.25 -4.37 2.97
CA LEU A 88 1.29 -3.45 2.54
C LEU A 88 2.65 -3.83 3.12
N ASN A 89 2.62 -4.78 4.05
CA ASN A 89 3.84 -5.26 4.70
C ASN A 89 4.93 -5.59 3.69
N TYR A 90 4.55 -6.07 2.52
CA TYR A 90 5.54 -6.41 1.50
C TYR A 90 5.39 -5.52 0.28
N VAL A 91 4.81 -4.33 0.47
CA VAL A 91 4.64 -3.39 -0.62
C VAL A 91 5.18 -2.00 -0.23
N VAL A 92 5.48 -1.83 1.07
CA VAL A 92 6.04 -0.57 1.57
C VAL A 92 7.13 -0.85 2.59
N GLY A 93 8.17 -0.02 2.60
CA GLY A 93 9.26 -0.18 3.54
C GLY A 93 9.74 1.16 4.06
N ASN A 94 10.61 1.13 5.06
CA ASN A 94 11.15 2.34 5.66
C ASN A 94 12.66 2.36 5.56
N SER A 95 13.21 3.55 5.30
CA SER A 95 14.65 3.73 5.20
C SER A 95 15.03 5.13 5.70
N TYR A 96 15.69 5.17 6.86
CA TYR A 96 16.13 6.44 7.44
C TYR A 96 14.96 7.40 7.69
N GLY A 97 13.85 6.85 8.19
CA GLY A 97 12.67 7.67 8.46
C GLY A 97 12.04 8.19 7.18
N TYR A 98 12.45 7.62 6.05
CA TYR A 98 11.92 8.02 4.76
C TYR A 98 11.19 6.84 4.14
N MET A 99 10.09 7.13 3.48
CA MET A 99 9.28 6.10 2.84
C MET A 99 10.01 5.49 1.65
N GLU A 100 10.06 4.16 1.64
CA GLU A 100 10.68 3.40 0.57
C GLU A 100 9.82 2.20 0.25
N PRO A 101 8.74 2.42 -0.51
CA PRO A 101 7.81 1.36 -0.89
C PRO A 101 8.45 0.32 -1.80
N CYS A 102 8.90 -0.76 -1.19
CA CYS A 102 9.53 -1.85 -1.91
C CYS A 102 8.54 -3.00 -2.07
N ARG A 103 8.42 -3.52 -3.27
CA ARG A 103 7.50 -4.62 -3.52
C ARG A 103 8.25 -5.93 -3.61
N ALA A 104 7.60 -7.00 -3.15
CA ALA A 104 8.21 -8.32 -3.19
C ALA A 104 7.70 -9.13 -4.38
N SER A 105 7.15 -8.43 -5.37
CA SER A 105 6.61 -9.06 -6.55
C SER A 105 6.60 -8.08 -7.73
N ASN A 106 5.41 -7.83 -8.27
CA ASN A 106 5.19 -6.95 -9.41
C ASN A 106 5.87 -7.48 -10.65
N ALA A 107 5.73 -8.79 -10.86
CA ALA A 107 6.31 -9.48 -12.01
C ALA A 107 7.82 -9.24 -12.08
N ASP A 108 8.38 -9.31 -13.27
CA ASP A 108 9.80 -9.07 -13.46
C ASP A 108 10.09 -7.59 -13.41
N HIS A 109 9.14 -6.80 -13.89
CA HIS A 109 9.27 -5.36 -13.91
C HIS A 109 7.99 -4.67 -13.47
N VAL A 110 7.01 -4.66 -14.36
CA VAL A 110 5.73 -4.03 -14.10
C VAL A 110 4.60 -4.92 -14.60
N LEU A 111 3.84 -5.47 -13.66
CA LEU A 111 2.72 -6.35 -13.99
C LEU A 111 1.55 -5.58 -14.57
N LYS A 112 1.64 -4.26 -14.48
CA LYS A 112 0.59 -3.37 -14.98
C LYS A 112 0.70 -3.25 -16.49
N SER A 113 0.25 -4.29 -17.17
CA SER A 113 0.28 -4.37 -18.62
C SER A 113 -0.58 -3.28 -19.25
N SER A 114 0.04 -2.40 -20.02
CA SER A 114 -0.66 -1.32 -20.67
C SER A 114 0.21 -0.70 -21.75
N SER A 115 -0.40 -0.42 -22.91
CA SER A 115 0.31 0.19 -24.03
C SER A 115 0.58 1.65 -23.71
N GLU A 116 -0.24 2.19 -22.82
CA GLU A 116 -0.11 3.57 -22.41
C GLU A 116 -0.08 3.63 -20.88
N MET A 1 13.79 -8.99 -0.49
CA MET A 1 14.20 -8.13 0.65
C MET A 1 13.03 -7.92 1.60
N GLN A 2 13.33 -7.81 2.88
CA GLN A 2 12.32 -7.57 3.89
C GLN A 2 12.15 -6.08 4.11
N CYS A 3 10.97 -5.56 3.82
CA CYS A 3 10.70 -4.14 3.98
C CYS A 3 9.98 -3.86 5.31
N ASN A 4 8.70 -4.24 5.38
CA ASN A 4 7.88 -4.04 6.58
C ASN A 4 7.86 -2.57 7.03
N PHE A 5 7.06 -1.73 6.38
CA PHE A 5 6.99 -0.32 6.78
C PHE A 5 6.46 -0.19 8.21
N ALA A 6 5.38 -0.92 8.50
CA ALA A 6 4.74 -0.90 9.82
C ALA A 6 5.69 -1.30 10.94
N ASN A 7 6.75 -2.02 10.56
CA ASN A 7 7.74 -2.52 11.50
C ASN A 7 8.39 -1.38 12.29
N SER A 8 8.50 -0.21 11.67
CA SER A 8 9.11 0.93 12.32
C SER A 8 8.32 2.20 12.07
N CYS A 9 7.04 2.06 11.76
CA CYS A 9 6.17 3.19 11.50
C CYS A 9 5.01 3.20 12.48
N THR A 10 4.74 4.36 13.07
CA THR A 10 3.68 4.49 14.04
C THR A 10 2.80 5.71 13.74
N GLY A 11 1.55 5.64 14.17
CA GLY A 11 0.62 6.75 13.95
C GLY A 11 0.32 6.97 12.48
N VAL A 12 0.11 5.88 11.76
CA VAL A 12 -0.20 5.97 10.34
C VAL A 12 -1.71 6.09 10.09
N GLU A 13 -2.08 6.90 9.12
CA GLU A 13 -3.47 7.09 8.77
C GLU A 13 -3.65 7.09 7.25
N LEU A 14 -4.87 6.82 6.80
CA LEU A 14 -5.15 6.77 5.36
C LEU A 14 -6.31 7.67 4.99
N TYR A 15 -6.08 8.54 4.01
CA TYR A 15 -7.10 9.45 3.52
C TYR A 15 -7.16 9.40 2.01
N GLY A 16 -8.19 8.74 1.49
CA GLY A 16 -8.35 8.62 0.05
C GLY A 16 -7.39 7.60 -0.54
N TYR A 17 -6.11 7.95 -0.56
CA TYR A 17 -5.06 7.07 -1.08
C TYR A 17 -3.68 7.52 -0.61
N ILE A 18 -3.64 8.27 0.50
CA ILE A 18 -2.37 8.75 1.04
C ILE A 18 -2.14 8.17 2.43
N LEU A 19 -0.94 7.63 2.65
CA LEU A 19 -0.58 7.04 3.93
C LEU A 19 0.49 7.88 4.60
N ARG A 20 0.16 8.48 5.71
CA ARG A 20 1.13 9.29 6.42
C ARG A 20 1.31 8.75 7.83
N GLY A 21 2.55 8.76 8.30
CA GLY A 21 2.83 8.27 9.62
C GLY A 21 4.19 8.69 10.12
N ASP A 22 4.50 8.28 11.33
CA ASP A 22 5.77 8.60 11.94
C ASP A 22 6.66 7.38 11.92
N CYS A 23 7.64 7.39 11.04
CA CYS A 23 8.54 6.26 10.92
C CYS A 23 9.90 6.60 11.52
N ILE A 24 10.40 5.70 12.33
CA ILE A 24 11.68 5.89 13.01
C ILE A 24 12.84 5.78 12.03
N ASN A 25 13.85 6.63 12.21
CA ASN A 25 15.01 6.62 11.35
C ASN A 25 16.21 6.00 12.08
N GLU A 26 17.39 6.07 11.47
CA GLU A 26 18.60 5.51 12.05
C GLU A 26 18.88 6.08 13.46
N ASP A 27 18.47 7.33 13.68
CA ASP A 27 18.67 8.00 14.96
C ASP A 27 17.82 7.35 16.05
N GLY A 28 16.72 6.75 15.66
CA GLY A 28 15.84 6.13 16.63
C GLY A 28 14.64 7.00 16.93
N HIS A 29 14.58 8.14 16.26
CA HIS A 29 13.49 9.09 16.44
C HIS A 29 12.50 9.02 15.27
N PRO A 30 11.21 9.10 15.59
CA PRO A 30 10.11 9.07 14.61
C PRO A 30 10.13 10.27 13.68
N HIS A 31 10.09 10.02 12.38
CA HIS A 31 10.10 11.05 11.36
C HIS A 31 8.79 11.01 10.57
N ALA A 32 8.24 12.18 10.29
CA ALA A 32 6.98 12.26 9.54
C ALA A 32 7.21 12.00 8.06
N THR A 33 6.53 11.00 7.53
CA THR A 33 6.64 10.65 6.13
C THR A 33 5.28 10.26 5.58
N SER A 34 5.11 10.38 4.27
CA SER A 34 3.86 10.04 3.64
C SER A 34 4.10 9.33 2.33
N ILE A 35 3.30 8.32 2.05
CA ILE A 35 3.42 7.57 0.83
C ILE A 35 2.08 7.56 0.11
N ASN A 36 2.11 7.53 -1.21
CA ASN A 36 0.87 7.50 -1.96
C ASN A 36 0.64 6.10 -2.49
N LEU A 37 -0.33 5.41 -1.90
CA LEU A 37 -0.65 4.04 -2.25
C LEU A 37 -1.20 3.97 -3.67
N ASN A 38 -1.72 5.09 -4.15
CA ASN A 38 -2.31 5.15 -5.48
C ASN A 38 -1.28 4.96 -6.57
N TYR A 39 0.00 5.04 -6.22
CA TYR A 39 1.06 4.86 -7.18
C TYR A 39 1.81 3.55 -6.94
N TYR A 40 1.37 2.80 -5.92
CA TYR A 40 2.04 1.55 -5.60
C TYR A 40 1.07 0.37 -5.49
N ILE A 41 -0.22 0.66 -5.30
CA ILE A 41 -1.23 -0.39 -5.22
C ILE A 41 -2.15 -0.28 -6.43
N GLY A 42 -2.52 -1.42 -7.00
CA GLY A 42 -3.38 -1.40 -8.16
C GLY A 42 -4.71 -2.05 -7.92
N ASN A 43 -5.63 -1.79 -8.85
CA ASN A 43 -6.98 -2.33 -8.78
C ASN A 43 -7.16 -3.40 -9.86
N ASP A 44 -7.19 -4.65 -9.45
CA ASP A 44 -7.34 -5.76 -10.37
C ASP A 44 -8.70 -6.43 -10.19
N ASN A 45 -9.59 -6.20 -11.15
CA ASN A 45 -10.94 -6.77 -11.13
C ASN A 45 -11.69 -6.38 -9.86
N GLY A 46 -11.52 -5.13 -9.44
CA GLY A 46 -12.19 -4.65 -8.24
C GLY A 46 -11.54 -5.14 -6.96
N ARG A 47 -10.32 -5.62 -7.08
CA ARG A 47 -9.59 -6.14 -5.92
C ARG A 47 -8.25 -5.43 -5.77
N LEU A 48 -7.78 -5.37 -4.53
CA LEU A 48 -6.51 -4.73 -4.22
C LEU A 48 -5.34 -5.65 -4.53
N GLU A 49 -4.45 -5.17 -5.36
CA GLU A 49 -3.27 -5.92 -5.76
C GLU A 49 -2.03 -5.21 -5.23
N TYR A 50 -1.11 -5.95 -4.60
CA TYR A 50 0.11 -5.38 -4.05
C TYR A 50 0.71 -4.40 -4.89
N PRO A 51 1.17 -4.69 -6.04
CA PRO A 51 1.71 -3.66 -6.69
C PRO A 51 0.92 -3.23 -7.90
N GLY A 52 0.57 -2.00 -7.87
CA GLY A 52 -0.24 -1.46 -8.92
C GLY A 52 -0.18 0.03 -9.00
N GLU A 53 -1.11 0.60 -9.76
CA GLU A 53 -1.20 2.04 -9.93
C GLU A 53 -2.64 2.45 -10.25
N SER A 54 -3.01 3.63 -9.78
CA SER A 54 -4.33 4.21 -9.99
C SER A 54 -5.46 3.34 -9.45
N PHE A 55 -5.32 2.84 -8.23
CA PHE A 55 -6.39 2.04 -7.63
C PHE A 55 -7.48 2.98 -7.10
N GLY A 56 -7.04 4.11 -6.54
CA GLY A 56 -7.95 5.09 -5.96
C GLY A 56 -8.94 5.63 -6.97
N SER A 57 -8.58 5.49 -8.23
CA SER A 57 -9.41 5.95 -9.34
C SER A 57 -10.75 5.19 -9.36
N SER A 58 -10.74 3.95 -8.88
CA SER A 58 -11.95 3.14 -8.85
C SER A 58 -12.13 2.46 -7.50
N CYS A 59 -11.48 2.98 -6.46
CA CYS A 59 -11.57 2.40 -5.13
C CYS A 59 -12.06 3.42 -4.12
N VAL A 60 -12.76 2.92 -3.11
CA VAL A 60 -13.29 3.73 -2.02
C VAL A 60 -13.17 2.95 -0.72
N LYS A 61 -13.55 3.57 0.39
CA LYS A 61 -13.49 2.91 1.70
C LYS A 61 -12.05 2.56 2.07
N THR A 62 -11.12 3.43 1.71
CA THR A 62 -9.71 3.20 2.00
C THR A 62 -9.42 3.33 3.50
N ALA A 63 -8.86 2.26 4.06
CA ALA A 63 -8.52 2.22 5.47
C ALA A 63 -7.35 1.26 5.68
N LEU A 64 -6.53 1.54 6.67
CA LEU A 64 -5.37 0.72 6.96
C LEU A 64 -5.59 -0.14 8.21
N ASN A 65 -5.68 -1.45 8.02
CA ASN A 65 -5.86 -2.36 9.14
C ASN A 65 -4.57 -2.52 9.92
N ASP A 66 -4.60 -2.11 11.18
CA ASP A 66 -3.46 -2.19 12.09
C ASP A 66 -2.22 -1.50 11.50
N GLY A 67 -2.45 -0.57 10.58
CA GLY A 67 -1.38 0.18 9.96
C GLY A 67 -0.40 -0.70 9.18
N HIS A 68 -0.90 -1.74 8.51
CA HIS A 68 -0.02 -2.61 7.72
C HIS A 68 -0.75 -3.15 6.49
N THR A 69 -2.05 -3.32 6.60
CA THR A 69 -2.85 -3.84 5.49
C THR A 69 -3.84 -2.81 4.99
N LEU A 70 -3.90 -2.61 3.69
CA LEU A 70 -4.82 -1.65 3.10
C LEU A 70 -6.12 -2.35 2.72
N THR A 71 -7.22 -1.77 3.14
CA THR A 71 -8.53 -2.31 2.84
C THR A 71 -9.35 -1.28 2.08
N ALA A 72 -9.94 -1.70 0.97
CA ALA A 72 -10.76 -0.80 0.17
C ALA A 72 -11.71 -1.59 -0.73
N SER A 73 -12.72 -0.90 -1.23
CA SER A 73 -13.70 -1.51 -2.11
C SER A 73 -13.50 -0.93 -3.50
N CYS A 74 -13.21 -1.79 -4.47
CA CYS A 74 -12.95 -1.34 -5.82
C CYS A 74 -13.89 -1.95 -6.84
N LYS A 75 -14.16 -1.18 -7.88
CA LYS A 75 -15.02 -1.63 -8.97
C LYS A 75 -14.15 -2.07 -10.14
N GLY A 76 -14.60 -3.08 -10.88
CA GLY A 76 -13.84 -3.55 -12.03
C GLY A 76 -14.17 -4.97 -12.41
N ALA A 77 -14.52 -5.77 -11.42
CA ALA A 77 -14.88 -7.18 -11.64
C ALA A 77 -15.96 -7.34 -12.70
N ASP A 78 -16.96 -6.47 -12.65
CA ASP A 78 -18.08 -6.53 -13.60
C ASP A 78 -18.97 -5.31 -13.42
N GLY A 79 -18.36 -4.13 -13.46
CA GLY A 79 -19.12 -2.89 -13.29
C GLY A 79 -19.56 -2.67 -11.86
N GLN A 80 -19.22 -3.61 -11.01
CA GLN A 80 -19.58 -3.56 -9.61
C GLN A 80 -18.32 -3.55 -8.74
N TYR A 81 -18.47 -3.07 -7.52
CA TYR A 81 -17.35 -3.00 -6.59
C TYR A 81 -17.41 -4.15 -5.59
N HIS A 82 -16.35 -4.31 -4.81
CA HIS A 82 -16.26 -5.37 -3.81
C HIS A 82 -15.16 -5.04 -2.81
N ASP A 83 -15.31 -5.51 -1.58
CA ASP A 83 -14.34 -5.28 -0.52
C ASP A 83 -13.10 -6.14 -0.71
N SER A 84 -11.93 -5.53 -0.61
CA SER A 84 -10.67 -6.24 -0.79
C SER A 84 -9.58 -5.63 0.08
N SER A 85 -8.54 -6.41 0.36
CA SER A 85 -7.43 -5.94 1.18
C SER A 85 -6.10 -6.32 0.56
N MET A 86 -5.06 -5.61 0.96
CA MET A 86 -3.72 -5.86 0.49
C MET A 86 -2.73 -5.54 1.59
N ASP A 87 -1.97 -6.55 2.01
CA ASP A 87 -0.99 -6.35 3.06
C ASP A 87 0.23 -5.63 2.51
N LEU A 88 0.35 -4.36 2.88
CA LEU A 88 1.44 -3.51 2.42
C LEU A 88 2.74 -3.89 3.10
N ASN A 89 2.64 -4.75 4.11
CA ASN A 89 3.81 -5.22 4.85
C ASN A 89 4.90 -5.72 3.91
N TYR A 90 4.51 -6.20 2.72
CA TYR A 90 5.47 -6.70 1.76
C TYR A 90 5.45 -5.88 0.47
N VAL A 91 4.91 -4.67 0.54
CA VAL A 91 4.85 -3.80 -0.62
C VAL A 91 5.47 -2.44 -0.31
N VAL A 92 5.80 -2.23 0.96
CA VAL A 92 6.41 -0.98 1.40
C VAL A 92 7.18 -1.17 2.71
N GLY A 93 8.29 -0.44 2.84
CA GLY A 93 9.11 -0.51 4.03
C GLY A 93 9.54 0.88 4.49
N ASN A 94 10.38 0.92 5.51
CA ASN A 94 10.86 2.20 6.05
C ASN A 94 12.38 2.24 6.08
N SER A 95 12.95 3.31 5.57
CA SER A 95 14.38 3.48 5.54
C SER A 95 14.76 4.89 5.97
N TYR A 96 15.38 4.99 7.14
CA TYR A 96 15.84 6.26 7.68
C TYR A 96 14.67 7.22 7.86
N GLY A 97 13.57 6.70 8.38
CA GLY A 97 12.38 7.51 8.60
C GLY A 97 11.83 8.08 7.31
N TYR A 98 12.13 7.42 6.21
CA TYR A 98 11.66 7.87 4.91
C TYR A 98 10.94 6.76 4.18
N MET A 99 9.95 7.14 3.39
CA MET A 99 9.15 6.19 2.63
C MET A 99 10.00 5.37 1.66
N GLU A 100 9.85 4.06 1.73
CA GLU A 100 10.55 3.15 0.84
C GLU A 100 9.63 2.01 0.41
N PRO A 101 8.74 2.28 -0.55
CA PRO A 101 7.80 1.29 -1.05
C PRO A 101 8.50 0.25 -1.91
N CYS A 102 8.91 -0.83 -1.27
CA CYS A 102 9.60 -1.91 -1.96
C CYS A 102 8.78 -3.19 -1.95
N ARG A 103 8.49 -3.66 -3.14
CA ARG A 103 7.75 -4.88 -3.31
C ARG A 103 8.64 -5.94 -3.93
N ALA A 104 8.41 -7.20 -3.62
CA ALA A 104 9.22 -8.27 -4.17
C ALA A 104 8.49 -8.93 -5.34
N SER A 105 7.99 -8.10 -6.24
CA SER A 105 7.25 -8.55 -7.40
C SER A 105 7.04 -7.36 -8.34
N ASN A 106 5.81 -7.21 -8.82
CA ASN A 106 5.41 -6.13 -9.73
C ASN A 106 5.96 -6.33 -11.14
N ALA A 107 5.07 -6.69 -12.04
CA ALA A 107 5.41 -6.91 -13.44
C ALA A 107 4.14 -6.93 -14.27
N ASP A 108 4.27 -6.78 -15.58
CA ASP A 108 3.12 -6.77 -16.47
C ASP A 108 2.50 -8.15 -16.55
N HIS A 109 3.21 -9.07 -17.19
CA HIS A 109 2.76 -10.44 -17.34
C HIS A 109 3.78 -11.41 -16.75
N VAL A 110 5.07 -11.14 -16.98
CA VAL A 110 6.11 -11.99 -16.43
C VAL A 110 6.39 -11.59 -14.99
N LEU A 111 5.52 -12.06 -14.10
CA LEU A 111 5.63 -11.76 -12.68
C LEU A 111 6.81 -12.50 -12.06
N LYS A 112 8.00 -11.94 -12.20
CA LYS A 112 9.20 -12.54 -11.68
C LYS A 112 9.49 -12.05 -10.26
N SER A 113 9.31 -12.94 -9.30
CA SER A 113 9.59 -12.60 -7.92
C SER A 113 11.06 -12.92 -7.64
N SER A 114 11.93 -12.20 -8.31
CA SER A 114 13.36 -12.40 -8.20
C SER A 114 14.11 -11.08 -8.44
N SER A 115 15.12 -10.85 -7.63
CA SER A 115 15.94 -9.65 -7.74
C SER A 115 16.83 -9.76 -8.97
N GLU A 116 17.24 -10.98 -9.27
CA GLU A 116 18.08 -11.25 -10.42
C GLU A 116 17.31 -11.02 -11.71
N MET A 1 14.02 -9.13 0.30
CA MET A 1 12.74 -9.80 0.01
C MET A 1 11.67 -9.43 1.05
N GLN A 2 12.03 -8.54 1.95
CA GLN A 2 11.11 -8.08 3.00
C GLN A 2 11.32 -6.59 3.24
N CYS A 3 10.25 -5.90 3.58
CA CYS A 3 10.32 -4.48 3.84
C CYS A 3 9.63 -4.15 5.15
N ASN A 4 8.31 -4.39 5.21
CA ASN A 4 7.52 -4.15 6.42
C ASN A 4 7.63 -2.71 6.91
N PHE A 5 6.97 -1.79 6.20
CA PHE A 5 6.97 -0.37 6.58
C PHE A 5 6.43 -0.16 7.99
N ALA A 6 5.47 -0.99 8.37
CA ALA A 6 4.81 -0.90 9.66
C ALA A 6 5.70 -1.30 10.83
N ASN A 7 6.73 -2.08 10.57
CA ASN A 7 7.63 -2.54 11.63
C ASN A 7 8.34 -1.38 12.32
N SER A 8 8.51 -0.28 11.59
CA SER A 8 9.17 0.89 12.16
C SER A 8 8.29 2.13 12.06
N CYS A 9 7.02 1.93 11.75
CA CYS A 9 6.09 3.05 11.62
C CYS A 9 4.96 2.94 12.62
N THR A 10 4.64 4.06 13.25
CA THR A 10 3.57 4.11 14.23
C THR A 10 2.67 5.31 13.96
N GLY A 11 1.42 5.21 14.40
CA GLY A 11 0.46 6.27 14.19
C GLY A 11 0.24 6.56 12.72
N VAL A 12 -0.09 5.52 11.97
CA VAL A 12 -0.34 5.64 10.54
C VAL A 12 -1.81 5.90 10.26
N GLU A 13 -2.08 6.80 9.34
CA GLU A 13 -3.45 7.16 8.98
C GLU A 13 -3.59 7.23 7.46
N LEU A 14 -4.77 6.91 6.95
CA LEU A 14 -5.03 6.93 5.51
C LEU A 14 -6.04 8.00 5.14
N TYR A 15 -5.59 8.95 4.33
CA TYR A 15 -6.44 10.04 3.87
C TYR A 15 -6.62 9.94 2.35
N GLY A 16 -7.74 9.39 1.92
CA GLY A 16 -8.01 9.24 0.50
C GLY A 16 -7.20 8.14 -0.14
N TYR A 17 -5.91 8.38 -0.30
CA TYR A 17 -5.00 7.41 -0.89
C TYR A 17 -3.56 7.70 -0.47
N ILE A 18 -3.40 8.42 0.64
CA ILE A 18 -2.07 8.74 1.15
C ILE A 18 -1.93 8.21 2.57
N LEU A 19 -0.82 7.55 2.83
CA LEU A 19 -0.52 6.97 4.12
C LEU A 19 0.58 7.75 4.81
N ARG A 20 0.29 8.35 5.94
CA ARG A 20 1.30 9.09 6.65
C ARG A 20 1.47 8.52 8.05
N GLY A 21 2.70 8.43 8.49
CA GLY A 21 2.97 7.90 9.81
C GLY A 21 4.35 8.27 10.30
N ASP A 22 4.66 7.83 11.50
CA ASP A 22 5.95 8.12 12.11
C ASP A 22 6.86 6.90 11.99
N CYS A 23 7.83 6.99 11.09
CA CYS A 23 8.77 5.90 10.88
C CYS A 23 10.12 6.25 11.50
N ILE A 24 10.67 5.32 12.26
CA ILE A 24 11.95 5.54 12.92
C ILE A 24 13.11 5.59 11.94
N ASN A 25 14.02 6.52 12.17
CA ASN A 25 15.18 6.70 11.30
C ASN A 25 16.45 6.23 12.03
N GLU A 26 17.61 6.51 11.44
CA GLU A 26 18.89 6.11 12.04
C GLU A 26 19.08 6.64 13.46
N ASP A 27 18.45 7.77 13.76
CA ASP A 27 18.56 8.38 15.08
C ASP A 27 17.87 7.54 16.14
N GLY A 28 16.87 6.77 15.73
CA GLY A 28 16.15 5.95 16.67
C GLY A 28 14.83 6.59 17.06
N HIS A 29 14.62 7.80 16.54
CA HIS A 29 13.40 8.54 16.83
C HIS A 29 12.47 8.50 15.62
N PRO A 30 11.15 8.43 15.88
CA PRO A 30 10.14 8.39 14.82
C PRO A 30 10.09 9.68 13.98
N HIS A 31 10.29 9.52 12.69
CA HIS A 31 10.26 10.62 11.74
C HIS A 31 9.00 10.54 10.90
N ALA A 32 8.28 11.64 10.79
CA ALA A 32 7.04 11.67 10.03
C ALA A 32 7.30 11.58 8.53
N THR A 33 6.76 10.54 7.92
CA THR A 33 6.90 10.33 6.48
C THR A 33 5.54 9.93 5.90
N SER A 34 5.39 10.10 4.60
CA SER A 34 4.14 9.78 3.96
C SER A 34 4.36 9.03 2.65
N ILE A 35 3.37 8.24 2.28
CA ILE A 35 3.43 7.45 1.06
C ILE A 35 2.12 7.60 0.29
N ASN A 36 2.21 7.59 -1.02
CA ASN A 36 1.01 7.71 -1.86
C ASN A 36 0.66 6.34 -2.43
N LEU A 37 -0.24 5.63 -1.75
CA LEU A 37 -0.65 4.28 -2.17
C LEU A 37 -1.19 4.27 -3.59
N ASN A 38 -1.79 5.39 -3.99
CA ASN A 38 -2.38 5.51 -5.33
C ASN A 38 -1.39 5.20 -6.43
N TYR A 39 -0.10 5.43 -6.19
CA TYR A 39 0.91 5.17 -7.21
C TYR A 39 1.69 3.89 -6.92
N TYR A 40 1.21 3.10 -5.97
CA TYR A 40 1.90 1.86 -5.61
C TYR A 40 0.96 0.66 -5.59
N ILE A 41 -0.33 0.89 -5.40
CA ILE A 41 -1.31 -0.19 -5.36
C ILE A 41 -2.22 -0.14 -6.58
N GLY A 42 -2.57 -1.30 -7.11
CA GLY A 42 -3.44 -1.35 -8.27
C GLY A 42 -4.78 -2.01 -7.97
N ASN A 43 -5.59 -2.21 -9.01
CA ASN A 43 -6.90 -2.81 -8.87
C ASN A 43 -7.09 -3.98 -9.84
N ASP A 44 -7.13 -5.19 -9.29
CA ASP A 44 -7.31 -6.39 -10.08
C ASP A 44 -8.65 -7.04 -9.77
N ASN A 45 -9.58 -6.99 -10.73
CA ASN A 45 -10.91 -7.60 -10.57
C ASN A 45 -11.61 -7.05 -9.33
N GLY A 46 -11.56 -5.74 -9.16
CA GLY A 46 -12.20 -5.10 -8.03
C GLY A 46 -11.53 -5.42 -6.71
N ARG A 47 -10.30 -5.89 -6.79
CA ARG A 47 -9.54 -6.24 -5.61
C ARG A 47 -8.23 -5.48 -5.58
N LEU A 48 -7.77 -5.17 -4.38
CA LEU A 48 -6.51 -4.44 -4.21
C LEU A 48 -5.33 -5.34 -4.55
N GLU A 49 -4.48 -4.83 -5.41
CA GLU A 49 -3.29 -5.56 -5.85
C GLU A 49 -2.04 -4.86 -5.38
N TYR A 50 -1.14 -5.63 -4.73
CA TYR A 50 0.12 -5.11 -4.21
C TYR A 50 0.70 -4.12 -5.04
N PRO A 51 1.22 -4.40 -6.18
CA PRO A 51 1.74 -3.33 -6.81
C PRO A 51 0.95 -2.93 -8.02
N GLY A 52 0.58 -1.71 -7.99
CA GLY A 52 -0.20 -1.17 -9.05
C GLY A 52 -0.14 0.33 -9.13
N GLU A 53 -1.13 0.89 -9.82
CA GLU A 53 -1.21 2.34 -10.00
C GLU A 53 -2.65 2.76 -10.21
N SER A 54 -2.96 3.98 -9.79
CA SER A 54 -4.27 4.59 -9.92
C SER A 54 -5.42 3.70 -9.47
N PHE A 55 -5.28 3.02 -8.34
CA PHE A 55 -6.36 2.18 -7.84
C PHE A 55 -7.52 3.06 -7.39
N GLY A 56 -7.18 4.17 -6.73
CA GLY A 56 -8.17 5.09 -6.20
C GLY A 56 -9.15 5.58 -7.24
N SER A 57 -8.72 5.60 -8.49
CA SER A 57 -9.56 6.06 -9.59
C SER A 57 -10.86 5.26 -9.67
N SER A 58 -10.84 4.03 -9.17
CA SER A 58 -12.01 3.17 -9.18
C SER A 58 -12.17 2.44 -7.85
N CYS A 59 -11.66 3.04 -6.79
CA CYS A 59 -11.73 2.45 -5.46
C CYS A 59 -12.24 3.45 -4.42
N VAL A 60 -12.98 2.95 -3.45
CA VAL A 60 -13.53 3.78 -2.38
C VAL A 60 -13.37 3.09 -1.02
N LYS A 61 -13.74 3.79 0.04
CA LYS A 61 -13.65 3.29 1.42
C LYS A 61 -12.21 2.97 1.82
N THR A 62 -11.27 3.80 1.37
CA THR A 62 -9.87 3.61 1.71
C THR A 62 -9.64 3.74 3.21
N ALA A 63 -9.08 2.70 3.82
CA ALA A 63 -8.80 2.68 5.24
C ALA A 63 -7.63 1.75 5.51
N LEU A 64 -6.94 1.96 6.61
CA LEU A 64 -5.80 1.14 6.96
C LEU A 64 -6.10 0.28 8.18
N ASN A 65 -6.02 -1.04 8.01
CA ASN A 65 -6.29 -1.97 9.10
C ASN A 65 -5.06 -2.12 9.96
N ASP A 66 -5.21 -1.76 11.22
CA ASP A 66 -4.13 -1.82 12.23
C ASP A 66 -3.05 -0.79 11.93
N GLY A 67 -2.46 -0.91 10.75
CA GLY A 67 -1.42 -0.02 10.31
C GLY A 67 -0.45 -0.73 9.38
N HIS A 68 -0.97 -1.65 8.58
CA HIS A 68 -0.14 -2.40 7.64
C HIS A 68 -0.94 -2.93 6.46
N THR A 69 -2.25 -3.01 6.59
CA THR A 69 -3.10 -3.51 5.53
C THR A 69 -4.04 -2.44 5.01
N LEU A 70 -4.05 -2.24 3.70
CA LEU A 70 -4.95 -1.27 3.09
C LEU A 70 -6.25 -1.94 2.70
N THR A 71 -7.35 -1.33 3.08
CA THR A 71 -8.66 -1.88 2.76
C THR A 71 -9.47 -0.90 1.94
N ALA A 72 -10.01 -1.38 0.84
CA ALA A 72 -10.83 -0.55 -0.03
C ALA A 72 -11.72 -1.39 -0.93
N SER A 73 -12.73 -0.76 -1.51
CA SER A 73 -13.65 -1.42 -2.40
C SER A 73 -13.42 -0.92 -3.82
N CYS A 74 -13.16 -1.83 -4.74
CA CYS A 74 -12.90 -1.44 -6.12
C CYS A 74 -13.81 -2.16 -7.09
N LYS A 75 -14.04 -1.53 -8.25
CA LYS A 75 -14.88 -2.11 -9.29
C LYS A 75 -13.99 -2.75 -10.35
N GLY A 76 -14.45 -3.86 -10.92
CA GLY A 76 -13.68 -4.51 -11.97
C GLY A 76 -13.99 -5.99 -12.09
N ALA A 77 -14.42 -6.59 -10.98
CA ALA A 77 -14.75 -8.00 -10.93
C ALA A 77 -15.74 -8.38 -12.03
N ASP A 78 -16.74 -7.54 -12.24
CA ASP A 78 -17.75 -7.77 -13.26
C ASP A 78 -18.70 -6.59 -13.35
N GLY A 79 -18.15 -5.40 -13.55
CA GLY A 79 -18.96 -4.20 -13.63
C GLY A 79 -19.58 -3.86 -12.30
N GLN A 80 -18.96 -4.39 -11.25
CA GLN A 80 -19.42 -4.17 -9.89
C GLN A 80 -18.21 -4.05 -8.98
N TYR A 81 -18.41 -3.45 -7.82
CA TYR A 81 -17.32 -3.26 -6.87
C TYR A 81 -17.42 -4.30 -5.76
N HIS A 82 -16.37 -4.42 -4.98
CA HIS A 82 -16.32 -5.38 -3.89
C HIS A 82 -15.23 -4.95 -2.89
N ASP A 83 -15.47 -5.19 -1.62
CA ASP A 83 -14.52 -4.81 -0.59
C ASP A 83 -13.37 -5.81 -0.53
N SER A 84 -12.15 -5.29 -0.51
CA SER A 84 -10.96 -6.13 -0.45
C SER A 84 -9.90 -5.46 0.42
N SER A 85 -8.79 -6.15 0.62
CA SER A 85 -7.70 -5.63 1.42
C SER A 85 -6.37 -5.95 0.78
N MET A 86 -5.33 -5.28 1.22
CA MET A 86 -4.01 -5.50 0.69
C MET A 86 -2.95 -5.33 1.76
N ASP A 87 -2.17 -6.38 1.98
CA ASP A 87 -1.09 -6.33 2.95
C ASP A 87 0.06 -5.53 2.37
N LEU A 88 0.22 -4.31 2.85
CA LEU A 88 1.26 -3.42 2.37
C LEU A 88 2.59 -3.82 2.99
N ASN A 89 2.51 -4.76 3.93
CA ASN A 89 3.70 -5.28 4.62
C ASN A 89 4.80 -5.64 3.63
N TYR A 90 4.43 -6.09 2.43
CA TYR A 90 5.42 -6.46 1.44
C TYR A 90 5.33 -5.56 0.20
N VAL A 91 4.77 -4.37 0.39
CA VAL A 91 4.65 -3.41 -0.71
C VAL A 91 5.23 -2.05 -0.31
N VAL A 92 5.45 -1.85 0.99
CA VAL A 92 6.02 -0.60 1.50
C VAL A 92 7.17 -0.89 2.46
N GLY A 93 8.16 0.00 2.49
CA GLY A 93 9.29 -0.17 3.38
C GLY A 93 9.74 1.16 3.98
N ASN A 94 10.69 1.11 4.89
CA ASN A 94 11.21 2.31 5.54
C ASN A 94 12.73 2.29 5.61
N SER A 95 13.35 3.40 5.25
CA SER A 95 14.79 3.52 5.29
C SER A 95 15.18 4.93 5.74
N TYR A 96 15.84 5.01 6.90
CA TYR A 96 16.29 6.27 7.46
C TYR A 96 15.13 7.23 7.70
N GLY A 97 14.01 6.69 8.19
CA GLY A 97 12.83 7.50 8.45
C GLY A 97 12.22 8.06 7.18
N TYR A 98 12.66 7.55 6.04
CA TYR A 98 12.16 8.01 4.76
C TYR A 98 11.40 6.89 4.08
N MET A 99 10.30 7.24 3.45
CA MET A 99 9.46 6.26 2.75
C MET A 99 10.17 5.66 1.55
N GLU A 100 10.08 4.34 1.43
CA GLU A 100 10.67 3.62 0.32
C GLU A 100 9.89 2.32 0.07
N PRO A 101 8.65 2.44 -0.40
CA PRO A 101 7.78 1.30 -0.69
C PRO A 101 8.42 0.31 -1.66
N CYS A 102 8.91 -0.80 -1.13
CA CYS A 102 9.53 -1.82 -1.94
C CYS A 102 8.64 -3.03 -2.05
N ARG A 103 8.11 -3.24 -3.24
CA ARG A 103 7.26 -4.38 -3.52
C ARG A 103 7.95 -5.26 -4.54
N ALA A 104 7.69 -6.56 -4.49
CA ALA A 104 8.31 -7.48 -5.42
C ALA A 104 7.28 -8.38 -6.09
N SER A 105 6.39 -7.78 -6.89
CA SER A 105 5.38 -8.58 -7.58
C SER A 105 4.77 -7.82 -8.77
N ASN A 106 5.43 -6.74 -9.20
CA ASN A 106 4.94 -5.95 -10.33
C ASN A 106 5.75 -6.25 -11.58
N ALA A 107 6.47 -7.37 -11.54
CA ALA A 107 7.31 -7.80 -12.65
C ALA A 107 7.64 -9.28 -12.51
N ASP A 108 7.66 -9.97 -13.63
CA ASP A 108 7.94 -11.40 -13.64
C ASP A 108 9.44 -11.66 -13.70
N HIS A 109 10.19 -10.69 -14.20
CA HIS A 109 11.64 -10.84 -14.31
C HIS A 109 12.32 -10.34 -13.04
N VAL A 110 12.46 -9.03 -12.94
CA VAL A 110 13.09 -8.43 -11.78
C VAL A 110 12.55 -7.02 -11.53
N LEU A 111 11.83 -6.87 -10.44
CA LEU A 111 11.26 -5.59 -10.08
C LEU A 111 12.21 -4.82 -9.15
N LYS A 112 13.40 -4.52 -9.65
CA LYS A 112 14.36 -3.79 -8.87
C LYS A 112 14.24 -2.30 -9.18
N SER A 113 14.00 -1.51 -8.14
CA SER A 113 13.87 -0.06 -8.27
C SER A 113 15.24 0.61 -8.46
N SER A 114 16.13 -0.08 -9.16
CA SER A 114 17.46 0.42 -9.42
C SER A 114 18.04 -0.31 -10.63
N SER A 115 17.70 0.15 -11.83
CA SER A 115 18.17 -0.45 -13.07
C SER A 115 19.70 -0.41 -13.12
N GLU A 116 20.26 0.62 -12.51
CA GLU A 116 21.70 0.81 -12.45
C GLU A 116 22.24 0.31 -11.10
N MET A 1 16.00 -7.42 4.99
CA MET A 1 15.46 -7.97 3.73
C MET A 1 14.01 -7.53 3.54
N GLN A 2 13.19 -7.75 4.57
CA GLN A 2 11.79 -7.36 4.52
C GLN A 2 11.64 -5.86 4.65
N CYS A 3 10.71 -5.30 3.90
CA CYS A 3 10.45 -3.87 3.92
C CYS A 3 9.67 -3.52 5.18
N ASN A 4 8.43 -4.00 5.27
CA ASN A 4 7.56 -3.82 6.43
C ASN A 4 7.59 -2.39 6.99
N PHE A 5 6.87 -1.46 6.37
CA PHE A 5 6.84 -0.08 6.87
C PHE A 5 6.31 -0.03 8.30
N ALA A 6 5.38 -0.93 8.60
CA ALA A 6 4.75 -1.00 9.91
C ALA A 6 5.74 -1.39 11.01
N ASN A 7 6.84 -2.02 10.62
CA ASN A 7 7.86 -2.46 11.58
C ASN A 7 8.52 -1.28 12.29
N SER A 8 8.40 -0.10 11.70
CA SER A 8 9.00 1.09 12.29
C SER A 8 8.11 2.32 12.11
N CYS A 9 6.83 2.09 11.82
CA CYS A 9 5.90 3.20 11.62
C CYS A 9 4.78 3.14 12.65
N THR A 10 4.45 4.30 13.20
CA THR A 10 3.40 4.41 14.19
C THR A 10 2.49 5.58 13.89
N GLY A 11 1.24 5.50 14.35
CA GLY A 11 0.28 6.56 14.12
C GLY A 11 0.05 6.82 12.65
N VAL A 12 -0.45 5.81 11.94
CA VAL A 12 -0.69 5.92 10.52
C VAL A 12 -2.12 6.35 10.23
N GLU A 13 -2.28 7.15 9.18
CA GLU A 13 -3.59 7.63 8.77
C GLU A 13 -3.72 7.52 7.25
N LEU A 14 -4.88 7.06 6.79
CA LEU A 14 -5.11 6.91 5.37
C LEU A 14 -6.34 7.72 4.95
N TYR A 15 -6.13 8.67 4.05
CA TYR A 15 -7.20 9.49 3.53
C TYR A 15 -7.20 9.47 2.01
N GLY A 16 -8.20 8.83 1.43
CA GLY A 16 -8.31 8.74 -0.01
C GLY A 16 -7.29 7.80 -0.63
N TYR A 17 -6.02 8.18 -0.54
CA TYR A 17 -4.92 7.39 -1.07
C TYR A 17 -3.58 7.86 -0.50
N ILE A 18 -3.64 8.56 0.63
CA ILE A 18 -2.43 9.07 1.26
C ILE A 18 -2.25 8.46 2.64
N LEU A 19 -1.11 7.81 2.84
CA LEU A 19 -0.80 7.19 4.11
C LEU A 19 0.29 7.97 4.81
N ARG A 20 -0.03 8.57 5.94
CA ARG A 20 0.95 9.32 6.67
C ARG A 20 1.21 8.68 8.01
N GLY A 21 2.45 8.67 8.43
CA GLY A 21 2.79 8.08 9.71
C GLY A 21 4.18 8.44 10.14
N ASP A 22 4.55 8.00 11.34
CA ASP A 22 5.87 8.30 11.87
C ASP A 22 6.75 7.06 11.80
N CYS A 23 7.73 7.10 10.91
CA CYS A 23 8.65 5.99 10.75
C CYS A 23 10.02 6.33 11.32
N ILE A 24 10.58 5.42 12.11
CA ILE A 24 11.87 5.62 12.75
C ILE A 24 13.00 5.66 11.72
N ASN A 25 13.92 6.61 11.89
CA ASN A 25 15.04 6.74 10.97
C ASN A 25 16.31 6.19 11.63
N GLU A 26 17.45 6.34 10.96
CA GLU A 26 18.73 5.85 11.47
C GLU A 26 19.03 6.38 12.88
N ASP A 27 18.52 7.56 13.18
CA ASP A 27 18.72 8.20 14.48
C ASP A 27 18.05 7.43 15.60
N GLY A 28 17.02 6.67 15.27
CA GLY A 28 16.32 5.89 16.27
C GLY A 28 15.04 6.56 16.71
N HIS A 29 14.81 7.76 16.19
CA HIS A 29 13.61 8.51 16.51
C HIS A 29 12.66 8.51 15.31
N PRO A 30 11.34 8.49 15.58
CA PRO A 30 10.31 8.49 14.54
C PRO A 30 10.28 9.78 13.74
N HIS A 31 10.20 9.64 12.42
CA HIS A 31 10.16 10.76 11.51
C HIS A 31 8.90 10.67 10.66
N ALA A 32 8.10 11.72 10.69
CA ALA A 32 6.86 11.77 9.94
C ALA A 32 7.11 11.69 8.44
N THR A 33 6.38 10.79 7.79
CA THR A 33 6.49 10.59 6.35
C THR A 33 5.11 10.27 5.78
N SER A 34 4.98 10.36 4.47
CA SER A 34 3.71 10.08 3.81
C SER A 34 3.92 9.33 2.53
N ILE A 35 3.09 8.34 2.27
CA ILE A 35 3.21 7.55 1.06
C ILE A 35 1.92 7.61 0.25
N ASN A 36 2.04 7.59 -1.06
CA ASN A 36 0.89 7.61 -1.95
C ASN A 36 0.64 6.23 -2.52
N LEU A 37 -0.19 5.48 -1.83
CA LEU A 37 -0.54 4.11 -2.20
C LEU A 37 -1.13 4.06 -3.61
N ASN A 38 -1.71 5.17 -4.03
CA ASN A 38 -2.32 5.26 -5.35
C ASN A 38 -1.34 4.90 -6.46
N TYR A 39 -0.06 5.16 -6.24
CA TYR A 39 0.94 4.87 -7.25
C TYR A 39 1.73 3.61 -6.91
N TYR A 40 1.27 2.85 -5.92
CA TYR A 40 1.97 1.64 -5.53
C TYR A 40 1.07 0.41 -5.52
N ILE A 41 -0.22 0.62 -5.30
CA ILE A 41 -1.17 -0.48 -5.28
C ILE A 41 -2.07 -0.41 -6.51
N GLY A 42 -2.38 -1.57 -7.09
CA GLY A 42 -3.23 -1.59 -8.26
C GLY A 42 -4.57 -2.23 -8.02
N ASN A 43 -5.44 -2.11 -9.01
CA ASN A 43 -6.78 -2.67 -8.94
C ASN A 43 -6.96 -3.79 -9.94
N ASP A 44 -7.04 -5.01 -9.44
CA ASP A 44 -7.22 -6.17 -10.31
C ASP A 44 -8.59 -6.78 -10.10
N ASN A 45 -9.50 -6.57 -11.06
CA ASN A 45 -10.84 -7.13 -11.01
C ASN A 45 -11.57 -6.70 -9.74
N GLY A 46 -11.39 -5.43 -9.39
CA GLY A 46 -12.03 -4.89 -8.20
C GLY A 46 -11.36 -5.33 -6.90
N ARG A 47 -10.14 -5.83 -7.01
CA ARG A 47 -9.39 -6.28 -5.84
C ARG A 47 -8.06 -5.57 -5.74
N LEU A 48 -7.64 -5.33 -4.50
CA LEU A 48 -6.37 -4.65 -4.23
C LEU A 48 -5.18 -5.57 -4.47
N GLU A 49 -4.33 -5.18 -5.41
CA GLU A 49 -3.13 -5.95 -5.73
C GLU A 49 -1.90 -5.21 -5.25
N TYR A 50 -0.96 -5.95 -4.63
CA TYR A 50 0.28 -5.38 -4.12
C TYR A 50 0.84 -4.39 -4.97
N PRO A 51 1.32 -4.69 -6.11
CA PRO A 51 1.84 -3.64 -6.78
C PRO A 51 1.04 -3.23 -7.97
N GLY A 52 0.72 -1.99 -7.98
CA GLY A 52 -0.08 -1.46 -9.03
C GLY A 52 -0.05 0.05 -9.11
N GLU A 53 -1.06 0.60 -9.79
CA GLU A 53 -1.17 2.05 -9.95
C GLU A 53 -2.63 2.45 -10.17
N SER A 54 -2.98 3.63 -9.68
CA SER A 54 -4.30 4.21 -9.81
C SER A 54 -5.42 3.33 -9.23
N PHE A 55 -5.17 2.66 -8.12
CA PHE A 55 -6.20 1.81 -7.51
C PHE A 55 -7.27 2.70 -6.88
N GLY A 56 -6.83 3.84 -6.34
CA GLY A 56 -7.73 4.76 -5.69
C GLY A 56 -8.67 5.44 -6.66
N SER A 57 -8.30 5.38 -7.93
CA SER A 57 -9.08 5.97 -8.99
C SER A 57 -10.35 5.14 -9.26
N SER A 58 -10.44 3.99 -8.60
CA SER A 58 -11.60 3.12 -8.74
C SER A 58 -11.86 2.40 -7.42
N CYS A 59 -11.39 2.99 -6.32
CA CYS A 59 -11.57 2.38 -5.01
C CYS A 59 -12.16 3.36 -4.02
N VAL A 60 -12.81 2.80 -3.02
CA VAL A 60 -13.42 3.57 -1.95
C VAL A 60 -13.23 2.82 -0.64
N LYS A 61 -13.62 3.42 0.48
CA LYS A 61 -13.46 2.80 1.81
C LYS A 61 -11.98 2.59 2.14
N THR A 62 -11.11 3.45 1.62
CA THR A 62 -9.68 3.33 1.88
C THR A 62 -9.38 3.46 3.37
N ALA A 63 -8.84 2.41 3.94
CA ALA A 63 -8.49 2.37 5.36
C ALA A 63 -7.31 1.44 5.58
N LEU A 64 -6.65 1.60 6.72
CA LEU A 64 -5.48 0.79 7.04
C LEU A 64 -5.71 -0.01 8.32
N ASN A 65 -5.77 -1.33 8.19
CA ASN A 65 -5.97 -2.18 9.35
C ASN A 65 -4.63 -2.46 10.00
N ASP A 66 -4.58 -2.22 11.31
CA ASP A 66 -3.38 -2.43 12.13
C ASP A 66 -2.15 -1.72 11.54
N GLY A 67 -2.39 -0.74 10.69
CA GLY A 67 -1.31 0.00 10.06
C GLY A 67 -0.39 -0.88 9.23
N HIS A 68 -0.94 -1.90 8.58
CA HIS A 68 -0.13 -2.79 7.74
C HIS A 68 -0.93 -3.33 6.56
N THR A 69 -2.24 -3.35 6.69
CA THR A 69 -3.12 -3.86 5.65
C THR A 69 -4.03 -2.76 5.12
N LEU A 70 -4.07 -2.60 3.81
CA LEU A 70 -4.92 -1.61 3.18
C LEU A 70 -6.23 -2.25 2.75
N THR A 71 -7.32 -1.66 3.15
CA THR A 71 -8.63 -2.17 2.79
C THR A 71 -9.35 -1.14 1.94
N ALA A 72 -9.88 -1.59 0.82
CA ALA A 72 -10.60 -0.70 -0.08
C ALA A 72 -11.48 -1.50 -1.04
N SER A 73 -12.51 -0.84 -1.52
CA SER A 73 -13.45 -1.44 -2.43
C SER A 73 -13.23 -0.89 -3.84
N CYS A 74 -12.68 -1.73 -4.71
CA CYS A 74 -12.41 -1.32 -6.08
C CYS A 74 -13.41 -1.91 -7.06
N LYS A 75 -13.65 -1.17 -8.13
CA LYS A 75 -14.57 -1.59 -9.18
C LYS A 75 -13.79 -2.15 -10.37
N GLY A 76 -14.33 -3.20 -10.98
CA GLY A 76 -13.70 -3.80 -12.14
C GLY A 76 -14.13 -5.23 -12.36
N ALA A 77 -14.44 -5.92 -11.27
CA ALA A 77 -14.89 -7.30 -11.30
C ALA A 77 -16.01 -7.53 -12.32
N ASP A 78 -16.95 -6.60 -12.38
CA ASP A 78 -18.08 -6.70 -13.30
C ASP A 78 -18.90 -5.42 -13.29
N GLY A 79 -18.22 -4.29 -13.41
CA GLY A 79 -18.89 -3.00 -13.38
C GLY A 79 -19.33 -2.64 -11.97
N GLN A 80 -18.98 -3.52 -11.04
CA GLN A 80 -19.29 -3.35 -9.64
C GLN A 80 -18.01 -3.35 -8.84
N TYR A 81 -18.08 -2.85 -7.63
CA TYR A 81 -16.93 -2.82 -6.76
C TYR A 81 -17.05 -3.90 -5.69
N HIS A 82 -15.98 -4.11 -4.95
CA HIS A 82 -15.96 -5.12 -3.90
C HIS A 82 -14.89 -4.79 -2.88
N ASP A 83 -15.25 -4.88 -1.61
CA ASP A 83 -14.32 -4.56 -0.53
C ASP A 83 -13.25 -5.63 -0.40
N SER A 84 -12.01 -5.26 -0.72
CA SER A 84 -10.90 -6.18 -0.64
C SER A 84 -9.80 -5.59 0.23
N SER A 85 -8.74 -6.35 0.48
CA SER A 85 -7.65 -5.89 1.31
C SER A 85 -6.31 -6.25 0.68
N MET A 86 -5.26 -5.60 1.16
CA MET A 86 -3.93 -5.84 0.66
C MET A 86 -2.90 -5.56 1.74
N ASP A 87 -2.10 -6.56 2.09
CA ASP A 87 -1.08 -6.38 3.09
C ASP A 87 0.08 -5.60 2.50
N LEU A 88 0.19 -4.35 2.90
CA LEU A 88 1.24 -3.46 2.42
C LEU A 88 2.57 -3.82 3.05
N ASN A 89 2.50 -4.70 4.04
CA ASN A 89 3.68 -5.16 4.77
C ASN A 89 4.80 -5.58 3.81
N TYR A 90 4.43 -6.06 2.63
CA TYR A 90 5.41 -6.49 1.65
C TYR A 90 5.32 -5.66 0.38
N VAL A 91 4.74 -4.47 0.48
CA VAL A 91 4.63 -3.58 -0.67
C VAL A 91 5.20 -2.21 -0.35
N VAL A 92 5.46 -1.97 0.93
CA VAL A 92 6.02 -0.71 1.39
C VAL A 92 6.82 -0.91 2.67
N GLY A 93 7.97 -0.25 2.75
CA GLY A 93 8.80 -0.35 3.93
C GLY A 93 9.31 1.01 4.37
N ASN A 94 10.24 0.99 5.30
CA ASN A 94 10.82 2.21 5.83
C ASN A 94 12.34 2.18 5.69
N SER A 95 12.91 3.31 5.33
CA SER A 95 14.35 3.42 5.20
C SER A 95 14.79 4.84 5.51
N TYR A 96 15.45 5.00 6.65
CA TYR A 96 15.94 6.29 7.10
C TYR A 96 14.78 7.26 7.34
N GLY A 97 13.73 6.74 7.97
CA GLY A 97 12.57 7.55 8.29
C GLY A 97 11.88 8.13 7.07
N TYR A 98 12.05 7.48 5.93
CA TYR A 98 11.44 7.96 4.71
C TYR A 98 10.70 6.83 4.02
N MET A 99 9.64 7.20 3.31
CA MET A 99 8.81 6.26 2.59
C MET A 99 9.62 5.47 1.56
N GLU A 100 9.67 4.16 1.73
CA GLU A 100 10.37 3.29 0.81
C GLU A 100 9.48 2.11 0.45
N PRO A 101 8.51 2.34 -0.43
CA PRO A 101 7.57 1.32 -0.88
C PRO A 101 8.22 0.29 -1.78
N CYS A 102 8.78 -0.72 -1.17
CA CYS A 102 9.43 -1.79 -1.88
C CYS A 102 8.62 -3.07 -1.76
N ARG A 103 8.38 -3.70 -2.88
CA ARG A 103 7.62 -4.95 -2.90
C ARG A 103 8.54 -6.08 -3.29
N ALA A 104 8.25 -7.27 -2.80
CA ALA A 104 9.05 -8.43 -3.12
C ALA A 104 8.27 -9.35 -4.07
N SER A 105 7.95 -8.82 -5.24
CA SER A 105 7.20 -9.55 -6.24
C SER A 105 7.08 -8.69 -7.50
N ASN A 106 5.86 -8.28 -7.81
CA ASN A 106 5.56 -7.44 -8.98
C ASN A 106 5.81 -8.20 -10.27
N ALA A 107 4.72 -8.61 -10.91
CA ALA A 107 4.76 -9.37 -12.16
C ALA A 107 5.40 -10.72 -11.96
N ASP A 108 4.59 -11.76 -12.02
CA ASP A 108 5.07 -13.11 -11.81
C ASP A 108 4.44 -14.07 -12.81
N HIS A 109 5.12 -15.19 -13.06
CA HIS A 109 4.64 -16.21 -13.98
C HIS A 109 3.21 -16.64 -13.65
N VAL A 110 2.96 -16.87 -12.36
CA VAL A 110 1.63 -17.28 -11.94
C VAL A 110 1.12 -16.41 -10.78
N LEU A 111 1.06 -15.12 -11.05
CA LEU A 111 0.57 -14.16 -10.06
C LEU A 111 -0.95 -14.22 -10.04
N LYS A 112 -1.47 -15.28 -9.45
CA LYS A 112 -2.90 -15.50 -9.35
C LYS A 112 -3.30 -15.91 -7.94
N SER A 113 -2.52 -15.46 -6.97
CA SER A 113 -2.76 -15.76 -5.56
C SER A 113 -2.81 -17.27 -5.33
N SER A 114 -1.91 -17.98 -5.99
CA SER A 114 -1.83 -19.43 -5.88
C SER A 114 -0.37 -19.88 -5.95
N SER A 115 0.24 -20.05 -4.79
CA SER A 115 1.64 -20.45 -4.72
C SER A 115 1.81 -21.90 -5.14
N GLU A 116 0.78 -22.71 -4.92
CA GLU A 116 0.83 -24.12 -5.27
C GLU A 116 0.37 -24.33 -6.70
N MET A 1 11.90 -10.17 -0.70
CA MET A 1 12.40 -9.47 0.50
C MET A 1 11.26 -8.84 1.27
N GLN A 2 11.43 -8.68 2.58
CA GLN A 2 10.41 -8.10 3.42
C GLN A 2 10.81 -6.70 3.86
N CYS A 3 9.82 -5.82 3.92
CA CYS A 3 10.06 -4.44 4.33
C CYS A 3 9.27 -4.11 5.59
N ASN A 4 7.96 -4.33 5.54
CA ASN A 4 7.07 -4.06 6.68
C ASN A 4 7.19 -2.63 7.18
N PHE A 5 6.55 -1.69 6.48
CA PHE A 5 6.59 -0.28 6.87
C PHE A 5 6.09 -0.09 8.31
N ALA A 6 5.07 -0.86 8.67
CA ALA A 6 4.45 -0.78 9.99
C ALA A 6 5.39 -1.22 11.10
N ASN A 7 6.33 -2.08 10.77
CA ASN A 7 7.28 -2.58 11.76
C ASN A 7 8.27 -1.52 12.20
N SER A 8 8.23 -0.37 11.55
CA SER A 8 9.12 0.72 11.88
C SER A 8 8.37 2.06 11.87
N CYS A 9 7.05 1.98 11.74
CA CYS A 9 6.21 3.18 11.70
C CYS A 9 5.18 3.18 12.81
N THR A 10 4.83 4.38 13.26
CA THR A 10 3.84 4.57 14.31
C THR A 10 2.91 5.72 13.96
N GLY A 11 1.65 5.62 14.39
CA GLY A 11 0.68 6.66 14.12
C GLY A 11 0.44 6.87 12.64
N VAL A 12 0.03 5.82 11.96
CA VAL A 12 -0.22 5.89 10.52
C VAL A 12 -1.70 6.06 10.22
N GLU A 13 -2.01 7.03 9.38
CA GLU A 13 -3.38 7.31 8.98
C GLU A 13 -3.51 7.34 7.46
N LEU A 14 -4.57 6.73 6.95
CA LEU A 14 -4.82 6.69 5.51
C LEU A 14 -6.04 7.54 5.17
N TYR A 15 -5.80 8.71 4.60
CA TYR A 15 -6.88 9.59 4.21
C TYR A 15 -6.60 10.15 2.81
N GLY A 16 -7.46 9.83 1.86
CA GLY A 16 -7.29 10.31 0.52
C GLY A 16 -6.23 9.53 -0.24
N TYR A 17 -6.14 8.23 0.06
CA TYR A 17 -5.17 7.33 -0.56
C TYR A 17 -3.74 7.72 -0.15
N ILE A 18 -3.62 8.41 0.98
CA ILE A 18 -2.34 8.87 1.50
C ILE A 18 -2.13 8.31 2.90
N LEU A 19 -1.01 7.65 3.09
CA LEU A 19 -0.67 7.06 4.37
C LEU A 19 0.46 7.84 5.01
N ARG A 20 0.18 8.49 6.12
CA ARG A 20 1.19 9.27 6.79
C ARG A 20 1.46 8.69 8.17
N GLY A 21 2.71 8.66 8.55
CA GLY A 21 3.07 8.14 9.85
C GLY A 21 4.50 8.47 10.24
N ASP A 22 4.89 8.07 11.43
CA ASP A 22 6.25 8.34 11.92
C ASP A 22 7.09 7.07 11.86
N CYS A 23 8.07 7.06 10.97
CA CYS A 23 8.95 5.90 10.83
C CYS A 23 10.32 6.24 11.41
N ILE A 24 10.86 5.35 12.23
CA ILE A 24 12.15 5.58 12.86
C ILE A 24 13.30 5.51 11.85
N ASN A 25 14.20 6.49 11.94
CA ASN A 25 15.34 6.54 11.03
C ASN A 25 16.60 6.06 11.76
N GLU A 26 17.76 6.17 11.12
CA GLU A 26 19.02 5.73 11.72
C GLU A 26 19.30 6.43 13.06
N ASP A 27 18.76 7.63 13.20
CA ASP A 27 18.93 8.43 14.41
C ASP A 27 18.28 7.76 15.61
N GLY A 28 17.31 6.89 15.35
CA GLY A 28 16.63 6.20 16.41
C GLY A 28 15.36 6.91 16.82
N HIS A 29 15.06 8.00 16.14
CA HIS A 29 13.86 8.78 16.42
C HIS A 29 12.89 8.69 15.25
N PRO A 30 11.58 8.71 15.54
CA PRO A 30 10.52 8.63 14.53
C PRO A 30 10.49 9.86 13.63
N HIS A 31 10.54 9.62 12.33
CA HIS A 31 10.52 10.67 11.32
C HIS A 31 9.19 10.62 10.59
N ALA A 32 8.51 11.76 10.52
CA ALA A 32 7.22 11.85 9.85
C ALA A 32 7.38 11.76 8.34
N THR A 33 6.65 10.83 7.74
CA THR A 33 6.69 10.64 6.30
C THR A 33 5.29 10.28 5.80
N SER A 34 5.06 10.43 4.50
CA SER A 34 3.77 10.14 3.93
C SER A 34 3.92 9.42 2.61
N ILE A 35 3.16 8.36 2.43
CA ILE A 35 3.22 7.60 1.20
C ILE A 35 1.89 7.68 0.46
N ASN A 36 1.95 7.75 -0.86
CA ASN A 36 0.75 7.83 -1.66
C ASN A 36 0.44 6.45 -2.24
N LEU A 37 -0.40 5.68 -1.53
CA LEU A 37 -0.77 4.33 -1.96
C LEU A 37 -1.40 4.35 -3.33
N ASN A 38 -2.00 5.49 -3.68
CA ASN A 38 -2.66 5.66 -4.97
C ASN A 38 -1.72 5.32 -6.12
N TYR A 39 -0.43 5.57 -5.94
CA TYR A 39 0.54 5.30 -6.99
C TYR A 39 1.40 4.08 -6.66
N TYR A 40 0.96 3.28 -5.71
CA TYR A 40 1.72 2.08 -5.33
C TYR A 40 0.86 0.83 -5.32
N ILE A 41 -0.44 1.00 -5.18
CA ILE A 41 -1.37 -0.13 -5.18
C ILE A 41 -2.24 -0.08 -6.43
N GLY A 42 -2.52 -1.23 -7.02
CA GLY A 42 -3.33 -1.26 -8.22
C GLY A 42 -4.66 -1.96 -8.00
N ASN A 43 -5.49 -1.91 -9.03
CA ASN A 43 -6.81 -2.52 -9.00
C ASN A 43 -6.89 -3.70 -9.96
N ASP A 44 -6.93 -4.89 -9.40
CA ASP A 44 -7.02 -6.10 -10.22
C ASP A 44 -8.38 -6.77 -10.03
N ASN A 45 -9.24 -6.64 -11.04
CA ASN A 45 -10.57 -7.24 -11.02
C ASN A 45 -11.36 -6.79 -9.79
N GLY A 46 -11.26 -5.50 -9.50
CA GLY A 46 -11.96 -4.95 -8.36
C GLY A 46 -11.34 -5.34 -7.03
N ARG A 47 -10.09 -5.79 -7.07
CA ARG A 47 -9.38 -6.20 -5.88
C ARG A 47 -8.06 -5.44 -5.73
N LEU A 48 -7.69 -5.19 -4.49
CA LEU A 48 -6.45 -4.49 -4.17
C LEU A 48 -5.25 -5.40 -4.44
N GLU A 49 -4.44 -5.03 -5.41
CA GLU A 49 -3.24 -5.79 -5.73
C GLU A 49 -2.01 -5.00 -5.31
N TYR A 50 -1.10 -5.69 -4.60
CA TYR A 50 0.14 -5.11 -4.09
C TYR A 50 0.68 -4.04 -4.88
N PRO A 51 1.27 -4.25 -6.00
CA PRO A 51 1.76 -3.13 -6.56
C PRO A 51 0.99 -2.71 -7.79
N GLY A 52 0.64 -1.48 -7.78
CA GLY A 52 -0.13 -0.96 -8.86
C GLY A 52 -0.08 0.55 -8.93
N GLU A 53 -1.01 1.12 -9.67
CA GLU A 53 -1.10 2.56 -9.84
C GLU A 53 -2.53 2.99 -10.13
N SER A 54 -2.89 4.15 -9.59
CA SER A 54 -4.20 4.75 -9.77
C SER A 54 -5.35 3.83 -9.33
N PHE A 55 -5.15 3.04 -8.29
CA PHE A 55 -6.22 2.16 -7.81
C PHE A 55 -7.38 3.01 -7.30
N GLY A 56 -7.03 4.15 -6.71
CA GLY A 56 -8.03 5.06 -6.16
C GLY A 56 -9.02 5.55 -7.20
N SER A 57 -8.67 5.40 -8.46
CA SER A 57 -9.54 5.81 -9.55
C SER A 57 -10.79 4.92 -9.62
N SER A 58 -10.64 3.66 -9.22
CA SER A 58 -11.75 2.72 -9.24
C SER A 58 -11.97 2.08 -7.86
N CYS A 59 -11.24 2.56 -6.86
CA CYS A 59 -11.35 2.04 -5.51
C CYS A 59 -11.76 3.14 -4.54
N VAL A 60 -12.61 2.79 -3.59
CA VAL A 60 -13.08 3.75 -2.59
C VAL A 60 -13.11 3.11 -1.21
N LYS A 61 -13.36 3.94 -0.18
CA LYS A 61 -13.43 3.48 1.21
C LYS A 61 -12.09 2.92 1.68
N THR A 62 -11.03 3.62 1.34
CA THR A 62 -9.69 3.22 1.73
C THR A 62 -9.46 3.37 3.24
N ALA A 63 -8.88 2.33 3.84
CA ALA A 63 -8.58 2.32 5.26
C ALA A 63 -7.40 1.41 5.53
N LEU A 64 -6.80 1.54 6.71
CA LEU A 64 -5.64 0.72 7.07
C LEU A 64 -5.91 -0.12 8.31
N ASN A 65 -5.96 -1.43 8.14
CA ASN A 65 -6.18 -2.35 9.25
C ASN A 65 -4.95 -2.43 10.12
N ASP A 66 -5.10 -2.01 11.37
CA ASP A 66 -4.01 -2.02 12.37
C ASP A 66 -2.76 -1.28 11.87
N GLY A 67 -2.92 -0.50 10.81
CA GLY A 67 -1.83 0.25 10.25
C GLY A 67 -0.83 -0.61 9.49
N HIS A 68 -1.29 -1.66 8.81
CA HIS A 68 -0.39 -2.53 8.05
C HIS A 68 -1.07 -3.11 6.80
N THR A 69 -2.39 -3.24 6.84
CA THR A 69 -3.14 -3.79 5.73
C THR A 69 -4.10 -2.74 5.15
N LEU A 70 -4.12 -2.63 3.83
CA LEU A 70 -5.01 -1.67 3.17
C LEU A 70 -6.32 -2.34 2.77
N THR A 71 -7.43 -1.68 3.07
CA THR A 71 -8.75 -2.19 2.72
C THR A 71 -9.52 -1.17 1.91
N ALA A 72 -10.09 -1.62 0.79
CA ALA A 72 -10.88 -0.75 -0.06
C ALA A 72 -11.74 -1.57 -1.02
N SER A 73 -12.74 -0.93 -1.60
CA SER A 73 -13.64 -1.59 -2.52
C SER A 73 -13.38 -1.07 -3.93
N CYS A 74 -13.14 -1.98 -4.86
CA CYS A 74 -12.85 -1.59 -6.24
C CYS A 74 -13.79 -2.24 -7.24
N LYS A 75 -14.04 -1.56 -8.33
CA LYS A 75 -14.88 -2.08 -9.40
C LYS A 75 -14.01 -2.62 -10.53
N GLY A 76 -14.41 -3.74 -11.10
CA GLY A 76 -13.67 -4.33 -12.20
C GLY A 76 -13.95 -5.81 -12.35
N ALA A 77 -14.26 -6.46 -11.24
CA ALA A 77 -14.56 -7.88 -11.21
C ALA A 77 -15.66 -8.26 -12.19
N ASP A 78 -16.69 -7.41 -12.29
CA ASP A 78 -17.81 -7.68 -13.18
C ASP A 78 -18.71 -6.45 -13.27
N GLY A 79 -18.11 -5.31 -13.54
CA GLY A 79 -18.86 -4.07 -13.64
C GLY A 79 -19.39 -3.59 -12.30
N GLN A 80 -19.01 -4.29 -11.24
CA GLN A 80 -19.43 -3.95 -9.90
C GLN A 80 -18.22 -3.86 -8.98
N TYR A 81 -18.40 -3.21 -7.84
CA TYR A 81 -17.35 -3.05 -6.86
C TYR A 81 -17.35 -4.22 -5.87
N HIS A 82 -16.23 -4.42 -5.19
CA HIS A 82 -16.09 -5.48 -4.20
C HIS A 82 -15.03 -5.11 -3.19
N ASP A 83 -15.35 -5.28 -1.92
CA ASP A 83 -14.44 -4.95 -0.82
C ASP A 83 -13.27 -5.93 -0.78
N SER A 84 -12.06 -5.42 -0.83
CA SER A 84 -10.87 -6.25 -0.80
C SER A 84 -9.81 -5.65 0.09
N SER A 85 -8.74 -6.40 0.35
CA SER A 85 -7.66 -5.92 1.19
C SER A 85 -6.32 -6.29 0.58
N MET A 86 -5.29 -5.58 0.99
CA MET A 86 -3.94 -5.82 0.51
C MET A 86 -2.93 -5.62 1.63
N ASP A 87 -2.14 -6.65 1.88
CA ASP A 87 -1.11 -6.58 2.90
C ASP A 87 0.03 -5.70 2.41
N LEU A 88 0.12 -4.50 2.96
CA LEU A 88 1.15 -3.56 2.57
C LEU A 88 2.49 -3.95 3.19
N ASN A 89 2.44 -4.92 4.08
CA ASN A 89 3.64 -5.42 4.76
C ASN A 89 4.76 -5.75 3.77
N TYR A 90 4.40 -6.11 2.55
CA TYR A 90 5.40 -6.43 1.54
C TYR A 90 5.26 -5.51 0.33
N VAL A 91 4.66 -4.34 0.55
CA VAL A 91 4.50 -3.37 -0.53
C VAL A 91 5.01 -1.98 -0.07
N VAL A 92 5.29 -1.86 1.22
CA VAL A 92 5.82 -0.61 1.78
C VAL A 92 6.92 -0.90 2.80
N GLY A 93 7.97 -0.08 2.80
CA GLY A 93 9.05 -0.25 3.75
C GLY A 93 9.55 1.07 4.29
N ASN A 94 10.48 1.00 5.22
CA ASN A 94 11.05 2.19 5.84
C ASN A 94 12.57 2.24 5.64
N SER A 95 13.04 3.32 5.04
CA SER A 95 14.46 3.50 4.81
C SER A 95 14.92 4.84 5.35
N TYR A 96 15.42 4.82 6.58
CA TYR A 96 15.93 6.02 7.24
C TYR A 96 14.82 7.04 7.48
N GLY A 97 13.70 6.54 8.01
CA GLY A 97 12.57 7.40 8.29
C GLY A 97 11.97 8.00 7.03
N TYR A 98 12.24 7.38 5.90
CA TYR A 98 11.74 7.86 4.64
C TYR A 98 10.95 6.76 3.95
N MET A 99 9.83 7.14 3.34
CA MET A 99 8.96 6.21 2.64
C MET A 99 9.70 5.47 1.52
N GLU A 100 9.70 4.15 1.62
CA GLU A 100 10.33 3.30 0.61
C GLU A 100 9.49 2.05 0.40
N PRO A 101 8.40 2.18 -0.36
CA PRO A 101 7.49 1.07 -0.64
C PRO A 101 8.08 0.02 -1.59
N CYS A 102 8.64 -1.02 -1.01
CA CYS A 102 9.22 -2.09 -1.79
C CYS A 102 8.18 -3.15 -2.08
N ARG A 103 8.10 -3.59 -3.33
CA ARG A 103 7.13 -4.60 -3.71
C ARG A 103 7.86 -5.87 -4.15
N ALA A 104 7.26 -7.02 -3.89
CA ALA A 104 7.86 -8.27 -4.27
C ALA A 104 7.17 -8.84 -5.51
N SER A 105 6.93 -7.98 -6.49
CA SER A 105 6.28 -8.35 -7.71
C SER A 105 6.47 -7.24 -8.75
N ASN A 106 5.35 -6.79 -9.30
CA ASN A 106 5.32 -5.74 -10.33
C ASN A 106 6.03 -6.20 -11.59
N ALA A 107 5.92 -7.49 -11.86
CA ALA A 107 6.53 -8.09 -13.03
C ALA A 107 5.77 -9.36 -13.44
N ASP A 108 6.33 -10.11 -14.40
CA ASP A 108 5.75 -11.35 -14.90
C ASP A 108 4.46 -11.10 -15.67
N HIS A 109 3.37 -10.95 -14.93
CA HIS A 109 2.07 -10.68 -15.54
C HIS A 109 2.08 -9.29 -16.17
N VAL A 110 1.19 -9.07 -17.13
CA VAL A 110 1.11 -7.79 -17.85
C VAL A 110 0.56 -6.67 -16.98
N LEU A 111 1.29 -6.38 -15.92
CA LEU A 111 0.93 -5.34 -14.97
C LEU A 111 1.39 -3.98 -15.49
N LYS A 112 1.95 -4.00 -16.69
CA LYS A 112 2.43 -2.79 -17.32
C LYS A 112 1.52 -2.42 -18.48
N SER A 113 0.37 -3.07 -18.50
CA SER A 113 -0.65 -2.86 -19.54
C SER A 113 -0.02 -3.09 -20.92
N SER A 114 0.84 -4.09 -21.01
CA SER A 114 1.52 -4.40 -22.25
C SER A 114 0.80 -5.55 -22.95
N SER A 115 -0.34 -5.22 -23.53
CA SER A 115 -1.13 -6.20 -24.24
C SER A 115 -0.39 -6.73 -25.47
N GLU A 116 0.18 -5.80 -26.24
CA GLU A 116 0.93 -6.17 -27.43
C GLU A 116 2.41 -5.95 -27.21
N MET A 1 16.09 -7.97 4.39
CA MET A 1 15.42 -9.11 3.73
C MET A 1 13.99 -8.75 3.31
N GLN A 2 13.35 -7.88 4.08
CA GLN A 2 11.99 -7.45 3.80
C GLN A 2 11.88 -5.94 3.86
N CYS A 3 10.66 -5.43 3.87
CA CYS A 3 10.44 -4.00 3.94
C CYS A 3 9.65 -3.62 5.19
N ASN A 4 8.35 -3.94 5.20
CA ASN A 4 7.47 -3.67 6.34
C ASN A 4 7.53 -2.20 6.77
N PHE A 5 6.78 -1.34 6.09
CA PHE A 5 6.76 0.08 6.44
C PHE A 5 6.26 0.27 7.88
N ALA A 6 5.32 -0.58 8.27
CA ALA A 6 4.71 -0.53 9.61
C ALA A 6 5.64 -1.04 10.69
N ASN A 7 6.67 -1.78 10.28
CA ASN A 7 7.63 -2.37 11.22
C ASN A 7 8.18 -1.32 12.18
N SER A 8 8.33 -0.10 11.69
CA SER A 8 8.84 0.98 12.51
C SER A 8 8.03 2.25 12.31
N CYS A 9 6.78 2.11 11.94
CA CYS A 9 5.92 3.27 11.72
C CYS A 9 4.71 3.25 12.64
N THR A 10 4.45 4.38 13.28
CA THR A 10 3.33 4.51 14.18
C THR A 10 2.52 5.76 13.88
N GLY A 11 1.25 5.75 14.26
CA GLY A 11 0.37 6.90 14.04
C GLY A 11 0.09 7.12 12.57
N VAL A 12 0.08 6.03 11.80
CA VAL A 12 -0.16 6.10 10.37
C VAL A 12 -1.65 6.28 10.07
N GLU A 13 -1.94 7.19 9.16
CA GLU A 13 -3.32 7.48 8.75
C GLU A 13 -3.44 7.45 7.23
N LEU A 14 -4.64 7.11 6.75
CA LEU A 14 -4.90 7.04 5.31
C LEU A 14 -6.04 7.97 4.92
N TYR A 15 -5.70 9.08 4.27
CA TYR A 15 -6.69 10.03 3.82
C TYR A 15 -6.40 10.44 2.39
N GLY A 16 -7.30 10.08 1.48
CA GLY A 16 -7.12 10.43 0.08
C GLY A 16 -6.06 9.60 -0.60
N TYR A 17 -6.01 8.31 -0.25
CA TYR A 17 -5.04 7.36 -0.82
C TYR A 17 -3.60 7.75 -0.44
N ILE A 18 -3.48 8.46 0.68
CA ILE A 18 -2.18 8.90 1.17
C ILE A 18 -1.94 8.36 2.57
N LEU A 19 -0.83 7.68 2.74
CA LEU A 19 -0.48 7.11 4.03
C LEU A 19 0.58 7.96 4.69
N ARG A 20 0.24 8.59 5.78
CA ARG A 20 1.21 9.41 6.47
C ARG A 20 1.36 8.94 7.90
N GLY A 21 2.58 8.81 8.35
CA GLY A 21 2.84 8.37 9.69
C GLY A 21 4.24 8.67 10.14
N ASP A 22 4.59 8.18 11.31
CA ASP A 22 5.90 8.40 11.88
C ASP A 22 6.74 7.14 11.81
N CYS A 23 7.74 7.14 10.95
CA CYS A 23 8.62 5.99 10.80
C CYS A 23 9.95 6.28 11.48
N ILE A 24 10.41 5.34 12.27
CA ILE A 24 11.65 5.50 13.01
C ILE A 24 12.85 5.41 12.08
N ASN A 25 13.86 6.22 12.36
CA ASN A 25 15.08 6.25 11.56
C ASN A 25 16.25 5.66 12.33
N GLU A 26 17.45 5.79 11.79
CA GLU A 26 18.65 5.26 12.42
C GLU A 26 18.84 5.77 13.86
N ASP A 27 18.38 6.98 14.13
CA ASP A 27 18.50 7.58 15.45
C ASP A 27 17.50 6.99 16.44
N GLY A 28 16.55 6.20 15.96
CA GLY A 28 15.59 5.61 16.84
C GLY A 28 14.40 6.52 17.13
N HIS A 29 14.36 7.66 16.46
CA HIS A 29 13.27 8.60 16.66
C HIS A 29 12.36 8.61 15.43
N PRO A 30 11.04 8.56 15.66
CA PRO A 30 10.04 8.56 14.59
C PRO A 30 10.10 9.82 13.73
N HIS A 31 9.96 9.64 12.43
CA HIS A 31 10.00 10.74 11.48
C HIS A 31 8.72 10.77 10.65
N ALA A 32 8.16 11.96 10.47
CA ALA A 32 6.95 12.12 9.69
C ALA A 32 7.21 11.86 8.21
N THR A 33 6.64 10.79 7.72
CA THR A 33 6.80 10.40 6.33
C THR A 33 5.44 10.10 5.72
N SER A 34 5.35 10.18 4.41
CA SER A 34 4.09 9.92 3.73
C SER A 34 4.31 9.14 2.45
N ILE A 35 3.34 8.29 2.12
CA ILE A 35 3.39 7.48 0.93
C ILE A 35 2.10 7.62 0.16
N ASN A 36 2.17 7.61 -1.16
CA ASN A 36 0.98 7.74 -1.98
C ASN A 36 0.60 6.38 -2.56
N LEU A 37 -0.23 5.63 -1.82
CA LEU A 37 -0.66 4.29 -2.20
C LEU A 37 -1.28 4.28 -3.60
N ASN A 38 -1.89 5.40 -3.97
CA ASN A 38 -2.55 5.56 -5.26
C ASN A 38 -1.62 5.24 -6.43
N TYR A 39 -0.32 5.44 -6.25
CA TYR A 39 0.64 5.17 -7.31
C TYR A 39 1.49 3.95 -7.01
N TYR A 40 1.07 3.14 -6.04
CA TYR A 40 1.82 1.94 -5.67
C TYR A 40 0.94 0.69 -5.66
N ILE A 41 -0.35 0.86 -5.47
CA ILE A 41 -1.26 -0.27 -5.42
C ILE A 41 -2.17 -0.28 -6.65
N GLY A 42 -2.47 -1.46 -7.16
CA GLY A 42 -3.32 -1.56 -8.33
C GLY A 42 -4.66 -2.19 -8.06
N ASN A 43 -5.54 -2.12 -9.05
CA ASN A 43 -6.88 -2.66 -8.94
C ASN A 43 -7.08 -3.84 -9.90
N ASP A 44 -7.22 -5.03 -9.32
CA ASP A 44 -7.46 -6.23 -10.12
C ASP A 44 -8.87 -6.72 -9.88
N ASN A 45 -9.75 -6.49 -10.85
CA ASN A 45 -11.15 -6.91 -10.77
C ASN A 45 -11.80 -6.54 -9.45
N GLY A 46 -11.61 -5.30 -9.02
CA GLY A 46 -12.18 -4.85 -7.78
C GLY A 46 -11.43 -5.31 -6.54
N ARG A 47 -10.23 -5.83 -6.73
CA ARG A 47 -9.41 -6.32 -5.62
C ARG A 47 -8.11 -5.55 -5.55
N LEU A 48 -7.64 -5.31 -4.33
CA LEU A 48 -6.40 -4.59 -4.10
C LEU A 48 -5.20 -5.49 -4.37
N GLU A 49 -4.44 -5.15 -5.39
CA GLU A 49 -3.26 -5.90 -5.77
C GLU A 49 -2.03 -5.15 -5.30
N TYR A 50 -1.06 -5.89 -4.74
CA TYR A 50 0.18 -5.31 -4.22
C TYR A 50 0.71 -4.25 -5.03
N PRO A 51 1.33 -4.48 -6.14
CA PRO A 51 1.80 -3.37 -6.73
C PRO A 51 1.07 -3.03 -7.99
N GLY A 52 0.62 -1.82 -8.01
CA GLY A 52 -0.16 -1.35 -9.11
C GLY A 52 -0.13 0.15 -9.28
N GLU A 53 -1.15 0.67 -9.96
CA GLU A 53 -1.26 2.10 -10.21
C GLU A 53 -2.71 2.52 -10.33
N SER A 54 -3.00 3.71 -9.83
CA SER A 54 -4.33 4.33 -9.89
C SER A 54 -5.47 3.40 -9.43
N PHE A 55 -5.27 2.70 -8.32
CA PHE A 55 -6.31 1.82 -7.80
C PHE A 55 -7.49 2.65 -7.30
N GLY A 56 -7.17 3.85 -6.80
CA GLY A 56 -8.17 4.75 -6.27
C GLY A 56 -9.20 5.18 -7.30
N SER A 57 -8.85 5.01 -8.57
CA SER A 57 -9.74 5.38 -9.67
C SER A 57 -11.11 4.73 -9.50
N SER A 58 -11.14 3.54 -8.90
CA SER A 58 -12.39 2.83 -8.68
C SER A 58 -12.48 2.25 -7.27
N CYS A 59 -11.65 2.76 -6.35
CA CYS A 59 -11.65 2.27 -4.97
C CYS A 59 -12.27 3.27 -4.01
N VAL A 60 -12.90 2.73 -2.98
CA VAL A 60 -13.51 3.51 -1.91
C VAL A 60 -13.29 2.80 -0.58
N LYS A 61 -13.67 3.44 0.52
CA LYS A 61 -13.51 2.87 1.87
C LYS A 61 -12.04 2.59 2.18
N THR A 62 -11.16 3.45 1.68
CA THR A 62 -9.73 3.28 1.92
C THR A 62 -9.37 3.50 3.38
N ALA A 63 -8.81 2.46 3.99
CA ALA A 63 -8.41 2.50 5.39
C ALA A 63 -7.27 1.51 5.63
N LEU A 64 -6.43 1.78 6.61
CA LEU A 64 -5.32 0.91 6.92
C LEU A 64 -5.57 0.16 8.22
N ASN A 65 -5.74 -1.16 8.13
CA ASN A 65 -5.97 -1.97 9.32
C ASN A 65 -4.68 -2.16 10.08
N ASP A 66 -4.65 -1.65 11.31
CA ASP A 66 -3.49 -1.74 12.20
C ASP A 66 -2.26 -1.09 11.55
N GLY A 67 -2.51 -0.27 10.56
CA GLY A 67 -1.45 0.43 9.86
C GLY A 67 -0.50 -0.47 9.11
N HIS A 68 -0.99 -1.59 8.58
CA HIS A 68 -0.14 -2.50 7.82
C HIS A 68 -0.88 -3.09 6.62
N THR A 69 -2.19 -3.19 6.73
CA THR A 69 -3.02 -3.73 5.67
C THR A 69 -3.96 -2.68 5.12
N LEU A 70 -3.93 -2.47 3.81
CA LEU A 70 -4.83 -1.52 3.18
C LEU A 70 -6.12 -2.19 2.78
N THR A 71 -7.23 -1.65 3.22
CA THR A 71 -8.53 -2.18 2.91
C THR A 71 -9.34 -1.18 2.12
N ALA A 72 -9.91 -1.64 1.02
CA ALA A 72 -10.72 -0.79 0.18
C ALA A 72 -11.61 -1.62 -0.73
N SER A 73 -12.59 -0.97 -1.32
CA SER A 73 -13.50 -1.64 -2.22
C SER A 73 -13.38 -1.03 -3.61
N CYS A 74 -12.98 -1.84 -4.57
CA CYS A 74 -12.80 -1.36 -5.94
C CYS A 74 -13.79 -2.01 -6.88
N LYS A 75 -14.07 -1.29 -7.94
CA LYS A 75 -14.95 -1.77 -8.98
C LYS A 75 -14.11 -2.28 -10.15
N GLY A 76 -14.62 -3.27 -10.87
CA GLY A 76 -13.88 -3.80 -12.00
C GLY A 76 -14.07 -5.29 -12.18
N ALA A 77 -14.59 -5.95 -11.15
CA ALA A 77 -14.84 -7.38 -11.21
C ALA A 77 -15.78 -7.72 -12.36
N ASP A 78 -16.80 -6.89 -12.54
CA ASP A 78 -17.80 -7.07 -13.59
C ASP A 78 -18.85 -5.97 -13.50
N GLY A 79 -18.40 -4.73 -13.59
CA GLY A 79 -19.31 -3.60 -13.48
C GLY A 79 -19.85 -3.46 -12.08
N GLN A 80 -19.16 -4.06 -11.15
CA GLN A 80 -19.52 -4.04 -9.74
C GLN A 80 -18.27 -3.97 -8.90
N TYR A 81 -18.42 -3.56 -7.65
CA TYR A 81 -17.29 -3.45 -6.75
C TYR A 81 -17.23 -4.63 -5.79
N HIS A 82 -16.09 -4.77 -5.14
CA HIS A 82 -15.88 -5.85 -4.18
C HIS A 82 -14.98 -5.35 -3.06
N ASP A 83 -15.12 -5.94 -1.89
CA ASP A 83 -14.31 -5.57 -0.75
C ASP A 83 -13.05 -6.43 -0.70
N SER A 84 -11.91 -5.80 -0.54
CA SER A 84 -10.66 -6.54 -0.48
C SER A 84 -9.63 -5.83 0.39
N SER A 85 -8.51 -6.48 0.64
CA SER A 85 -7.46 -5.92 1.46
C SER A 85 -6.10 -6.20 0.83
N MET A 86 -5.09 -5.47 1.27
CA MET A 86 -3.76 -5.64 0.75
C MET A 86 -2.71 -5.38 1.83
N ASP A 87 -1.99 -6.42 2.21
CA ASP A 87 -0.94 -6.26 3.21
C ASP A 87 0.23 -5.53 2.59
N LEU A 88 0.38 -4.28 2.99
CA LEU A 88 1.43 -3.41 2.47
C LEU A 88 2.78 -3.79 3.06
N ASN A 89 2.75 -4.69 4.03
CA ASN A 89 3.96 -5.18 4.69
C ASN A 89 5.05 -5.54 3.68
N TYR A 90 4.67 -5.98 2.49
CA TYR A 90 5.63 -6.33 1.47
C TYR A 90 5.48 -5.47 0.22
N VAL A 91 4.82 -4.32 0.37
CA VAL A 91 4.65 -3.41 -0.75
C VAL A 91 5.18 -2.01 -0.38
N VAL A 92 5.49 -1.82 0.90
CA VAL A 92 6.05 -0.56 1.39
C VAL A 92 7.10 -0.85 2.46
N GLY A 93 8.20 -0.10 2.43
CA GLY A 93 9.24 -0.30 3.42
C GLY A 93 9.67 1.01 4.06
N ASN A 94 10.58 0.92 5.04
CA ASN A 94 11.07 2.09 5.75
C ASN A 94 12.60 2.08 5.77
N SER A 95 13.19 3.23 5.47
CA SER A 95 14.63 3.36 5.46
C SER A 95 15.03 4.73 6.00
N TYR A 96 15.65 4.74 7.18
CA TYR A 96 16.09 5.97 7.82
C TYR A 96 14.93 6.94 8.04
N GLY A 97 13.81 6.40 8.49
CA GLY A 97 12.63 7.22 8.75
C GLY A 97 11.95 7.72 7.49
N TYR A 98 12.39 7.24 6.34
CA TYR A 98 11.83 7.67 5.08
C TYR A 98 11.12 6.50 4.41
N MET A 99 10.04 6.81 3.73
CA MET A 99 9.26 5.79 3.05
C MET A 99 10.02 5.21 1.86
N GLU A 100 10.06 3.90 1.80
CA GLU A 100 10.73 3.18 0.72
C GLU A 100 9.87 2.02 0.25
N PRO A 101 8.82 2.32 -0.53
CA PRO A 101 7.91 1.30 -1.04
C PRO A 101 8.60 0.38 -2.03
N CYS A 102 8.64 -0.90 -1.70
CA CYS A 102 9.29 -1.88 -2.54
C CYS A 102 8.27 -2.79 -3.21
N ARG A 103 8.54 -3.19 -4.44
CA ARG A 103 7.64 -4.08 -5.12
C ARG A 103 8.31 -5.45 -5.28
N ALA A 104 7.59 -6.48 -4.90
CA ALA A 104 8.12 -7.83 -5.00
C ALA A 104 7.35 -8.66 -6.00
N SER A 105 6.56 -7.97 -6.83
CA SER A 105 5.75 -8.66 -7.83
C SER A 105 5.37 -7.76 -9.01
N ASN A 106 5.98 -6.59 -9.08
CA ASN A 106 5.69 -5.66 -10.17
C ASN A 106 6.90 -5.54 -11.08
N ALA A 107 7.09 -6.57 -11.86
CA ALA A 107 8.19 -6.64 -12.82
C ALA A 107 7.84 -7.64 -13.90
N ASP A 108 7.36 -8.78 -13.47
CA ASP A 108 6.94 -9.85 -14.34
C ASP A 108 5.48 -9.66 -14.75
N HIS A 109 4.98 -10.54 -15.60
CA HIS A 109 3.61 -10.45 -16.07
C HIS A 109 2.78 -11.65 -15.62
N VAL A 110 3.45 -12.74 -15.30
CA VAL A 110 2.76 -13.95 -14.85
C VAL A 110 2.51 -13.89 -13.35
N LEU A 111 1.69 -12.93 -12.95
CA LEU A 111 1.35 -12.75 -11.55
C LEU A 111 0.07 -13.52 -11.24
N LYS A 112 0.21 -14.82 -11.08
CA LYS A 112 -0.93 -15.67 -10.76
C LYS A 112 -0.61 -16.53 -9.56
N SER A 113 -1.03 -16.08 -8.38
CA SER A 113 -0.80 -16.80 -7.14
C SER A 113 -1.37 -18.22 -7.23
N SER A 114 -0.49 -19.20 -7.24
CA SER A 114 -0.87 -20.59 -7.33
C SER A 114 0.06 -21.45 -6.50
N SER A 115 -0.51 -22.24 -5.59
CA SER A 115 0.26 -23.12 -4.73
C SER A 115 0.75 -24.33 -5.51
N GLU A 116 -0.13 -24.88 -6.33
CA GLU A 116 0.22 -26.03 -7.14
C GLU A 116 0.06 -25.66 -8.62
N MET A 1 16.49 -7.95 2.40
CA MET A 1 16.09 -7.19 3.61
C MET A 1 14.58 -7.06 3.67
N GLN A 2 14.04 -7.13 4.87
CA GLN A 2 12.60 -7.02 5.07
C GLN A 2 12.16 -5.57 5.08
N CYS A 3 11.04 -5.28 4.42
CA CYS A 3 10.52 -3.93 4.35
C CYS A 3 9.85 -3.57 5.68
N ASN A 4 8.60 -4.00 5.88
CA ASN A 4 7.88 -3.78 7.12
C ASN A 4 7.88 -2.30 7.55
N PHE A 5 7.17 -1.45 6.80
CA PHE A 5 7.11 -0.04 7.14
C PHE A 5 6.55 0.15 8.56
N ALA A 6 5.52 -0.64 8.87
CA ALA A 6 4.83 -0.60 10.16
C ALA A 6 5.70 -1.08 11.32
N ASN A 7 6.72 -1.86 11.00
CA ASN A 7 7.63 -2.41 12.01
C ASN A 7 8.22 -1.30 12.87
N SER A 8 8.44 -0.14 12.26
CA SER A 8 8.99 0.99 12.97
C SER A 8 8.23 2.27 12.65
N CYS A 9 6.95 2.13 12.31
CA CYS A 9 6.13 3.29 12.00
C CYS A 9 4.95 3.38 12.95
N THR A 10 4.71 4.59 13.45
CA THR A 10 3.62 4.83 14.37
C THR A 10 2.76 5.99 13.89
N GLY A 11 1.48 5.96 14.27
CA GLY A 11 0.57 7.02 13.89
C GLY A 11 0.36 7.10 12.39
N VAL A 12 -0.11 6.00 11.80
CA VAL A 12 -0.34 5.95 10.36
C VAL A 12 -1.84 6.02 10.07
N GLU A 13 -2.21 6.88 9.13
CA GLU A 13 -3.61 7.04 8.74
C GLU A 13 -3.75 7.05 7.23
N LEU A 14 -4.94 6.71 6.75
CA LEU A 14 -5.22 6.68 5.33
C LEU A 14 -6.37 7.62 5.00
N TYR A 15 -6.13 8.49 4.03
CA TYR A 15 -7.14 9.44 3.60
C TYR A 15 -7.25 9.42 2.08
N GLY A 16 -8.25 8.70 1.57
CA GLY A 16 -8.45 8.62 0.13
C GLY A 16 -7.49 7.66 -0.54
N TYR A 17 -6.20 7.97 -0.48
CA TYR A 17 -5.17 7.12 -1.08
C TYR A 17 -3.77 7.56 -0.64
N ILE A 18 -3.69 8.24 0.49
CA ILE A 18 -2.41 8.70 1.03
C ILE A 18 -2.16 8.13 2.41
N LEU A 19 -0.96 7.63 2.64
CA LEU A 19 -0.60 7.05 3.93
C LEU A 19 0.51 7.87 4.57
N ARG A 20 0.20 8.50 5.67
CA ARG A 20 1.20 9.29 6.35
C ARG A 20 1.41 8.76 7.76
N GLY A 21 2.65 8.74 8.20
CA GLY A 21 2.94 8.26 9.52
C GLY A 21 4.35 8.62 9.95
N ASP A 22 4.72 8.17 11.13
CA ASP A 22 6.04 8.43 11.67
C ASP A 22 6.87 7.16 11.69
N CYS A 23 7.86 7.08 10.80
CA CYS A 23 8.74 5.92 10.75
C CYS A 23 10.08 6.27 11.37
N ILE A 24 10.57 5.41 12.25
CA ILE A 24 11.84 5.64 12.94
C ILE A 24 13.02 5.53 11.98
N ASN A 25 13.92 6.49 12.07
CA ASN A 25 15.10 6.50 11.23
C ASN A 25 16.27 5.85 11.97
N GLU A 26 17.45 5.84 11.35
CA GLU A 26 18.63 5.23 11.95
C GLU A 26 18.93 5.79 13.34
N ASP A 27 18.70 7.08 13.49
CA ASP A 27 18.93 7.78 14.75
C ASP A 27 18.12 7.20 15.89
N GLY A 28 16.95 6.65 15.57
CA GLY A 28 16.10 6.07 16.59
C GLY A 28 14.86 6.90 16.85
N HIS A 29 14.75 8.01 16.15
CA HIS A 29 13.59 8.89 16.31
C HIS A 29 12.64 8.74 15.12
N PRO A 30 11.33 8.74 15.40
CA PRO A 30 10.30 8.64 14.37
C PRO A 30 10.22 9.90 13.51
N HIS A 31 10.32 9.72 12.21
CA HIS A 31 10.28 10.84 11.28
C HIS A 31 9.01 10.77 10.45
N ALA A 32 8.39 11.94 10.27
CA ALA A 32 7.16 12.03 9.49
C ALA A 32 7.41 11.76 8.01
N THR A 33 6.69 10.80 7.47
CA THR A 33 6.82 10.43 6.07
C THR A 33 5.44 10.13 5.50
N SER A 34 5.30 10.20 4.19
CA SER A 34 4.03 9.95 3.54
C SER A 34 4.21 9.16 2.26
N ILE A 35 3.30 8.25 2.00
CA ILE A 35 3.34 7.43 0.81
C ILE A 35 2.01 7.56 0.06
N ASN A 36 2.08 7.52 -1.26
CA ASN A 36 0.88 7.63 -2.07
C ASN A 36 0.48 6.26 -2.60
N LEU A 37 -0.44 5.58 -1.90
CA LEU A 37 -0.88 4.24 -2.28
C LEU A 37 -1.46 4.22 -3.70
N ASN A 38 -1.99 5.37 -4.11
CA ASN A 38 -2.60 5.51 -5.43
C ASN A 38 -1.63 5.10 -6.56
N TYR A 39 -0.34 5.18 -6.28
CA TYR A 39 0.65 4.82 -7.30
C TYR A 39 1.42 3.56 -6.91
N TYR A 40 0.93 2.84 -5.90
CA TYR A 40 1.58 1.61 -5.46
C TYR A 40 0.62 0.45 -5.37
N ILE A 41 -0.66 0.73 -5.45
CA ILE A 41 -1.65 -0.32 -5.42
C ILE A 41 -2.52 -0.20 -6.65
N GLY A 42 -2.75 -1.32 -7.31
CA GLY A 42 -3.56 -1.32 -8.49
C GLY A 42 -4.90 -1.95 -8.29
N ASN A 43 -5.75 -1.81 -9.28
CA ASN A 43 -7.09 -2.36 -9.23
C ASN A 43 -7.23 -3.51 -10.22
N ASP A 44 -7.20 -4.72 -9.68
CA ASP A 44 -7.34 -5.90 -10.52
C ASP A 44 -8.67 -6.59 -10.22
N ASN A 45 -9.61 -6.44 -11.16
CA ASN A 45 -10.95 -7.04 -11.04
C ASN A 45 -11.61 -6.65 -9.70
N GLY A 46 -11.54 -5.37 -9.38
CA GLY A 46 -12.13 -4.88 -8.15
C GLY A 46 -11.39 -5.34 -6.91
N ARG A 47 -10.15 -5.75 -7.09
CA ARG A 47 -9.32 -6.22 -5.99
C ARG A 47 -8.09 -5.37 -5.84
N LEU A 48 -7.58 -5.29 -4.61
CA LEU A 48 -6.41 -4.49 -4.32
C LEU A 48 -5.13 -5.29 -4.58
N GLU A 49 -4.34 -4.80 -5.52
CA GLU A 49 -3.08 -5.45 -5.88
C GLU A 49 -1.91 -4.56 -5.43
N TYR A 50 -1.00 -5.15 -4.68
CA TYR A 50 0.13 -4.46 -4.06
C TYR A 50 1.12 -3.77 -4.87
N PRO A 51 1.22 -3.90 -6.15
CA PRO A 51 2.19 -3.07 -6.69
C PRO A 51 1.73 -2.24 -7.86
N GLY A 52 0.47 -2.32 -8.01
CA GLY A 52 -0.28 -1.69 -9.05
C GLY A 52 -0.32 -0.17 -9.02
N GLU A 53 -1.21 0.40 -9.82
CA GLU A 53 -1.38 1.85 -9.89
C GLU A 53 -2.84 2.22 -10.14
N SER A 54 -3.21 3.43 -9.70
CA SER A 54 -4.54 3.99 -9.88
C SER A 54 -5.67 3.12 -9.31
N PHE A 55 -5.50 2.60 -8.10
CA PHE A 55 -6.56 1.79 -7.50
C PHE A 55 -7.64 2.69 -6.92
N GLY A 56 -7.20 3.82 -6.36
CA GLY A 56 -8.11 4.77 -5.72
C GLY A 56 -9.01 5.44 -6.74
N SER A 57 -8.59 5.36 -7.99
CA SER A 57 -9.34 5.93 -9.09
C SER A 57 -10.67 5.20 -9.29
N SER A 58 -10.80 4.04 -8.66
CA SER A 58 -12.02 3.25 -8.75
C SER A 58 -12.25 2.47 -7.45
N CYS A 59 -11.74 2.98 -6.35
CA CYS A 59 -11.89 2.33 -5.04
C CYS A 59 -12.52 3.27 -4.04
N VAL A 60 -13.16 2.67 -3.04
CA VAL A 60 -13.81 3.42 -1.99
C VAL A 60 -13.61 2.70 -0.65
N LYS A 61 -13.99 3.36 0.43
CA LYS A 61 -13.85 2.80 1.79
C LYS A 61 -12.38 2.55 2.13
N THR A 62 -11.49 3.38 1.60
CA THR A 62 -10.06 3.25 1.86
C THR A 62 -9.75 3.36 3.35
N ALA A 63 -9.11 2.33 3.90
CA ALA A 63 -8.75 2.31 5.30
C ALA A 63 -7.50 1.46 5.51
N LEU A 64 -6.86 1.62 6.66
CA LEU A 64 -5.65 0.87 6.98
C LEU A 64 -5.86 0.08 8.26
N ASN A 65 -5.89 -1.25 8.14
CA ASN A 65 -6.09 -2.11 9.30
C ASN A 65 -4.77 -2.39 10.00
N ASP A 66 -4.75 -2.07 11.29
CA ASP A 66 -3.58 -2.29 12.15
C ASP A 66 -2.34 -1.57 11.62
N GLY A 67 -2.56 -0.57 10.79
CA GLY A 67 -1.48 0.20 10.22
C GLY A 67 -0.51 -0.60 9.36
N HIS A 68 -1.02 -1.58 8.62
CA HIS A 68 -0.15 -2.38 7.75
C HIS A 68 -0.92 -2.98 6.57
N THR A 69 -2.22 -3.13 6.70
CA THR A 69 -3.02 -3.69 5.63
C THR A 69 -4.03 -2.66 5.10
N LEU A 70 -4.04 -2.48 3.80
CA LEU A 70 -4.96 -1.54 3.17
C LEU A 70 -6.25 -2.24 2.78
N THR A 71 -7.37 -1.66 3.16
CA THR A 71 -8.67 -2.22 2.84
C THR A 71 -9.48 -1.21 2.05
N ALA A 72 -10.03 -1.67 0.94
CA ALA A 72 -10.86 -0.83 0.10
C ALA A 72 -11.69 -1.67 -0.85
N SER A 73 -12.68 -1.06 -1.45
CA SER A 73 -13.53 -1.74 -2.39
C SER A 73 -13.39 -1.10 -3.76
N CYS A 74 -12.80 -1.83 -4.69
CA CYS A 74 -12.58 -1.32 -6.04
C CYS A 74 -13.59 -1.90 -6.99
N LYS A 75 -13.95 -1.10 -7.97
CA LYS A 75 -14.87 -1.52 -9.01
C LYS A 75 -14.08 -1.87 -10.26
N GLY A 76 -14.48 -2.92 -10.95
CA GLY A 76 -13.77 -3.30 -12.15
C GLY A 76 -14.01 -4.74 -12.56
N ALA A 77 -14.36 -5.56 -11.57
CA ALA A 77 -14.66 -6.97 -11.80
C ALA A 77 -15.60 -7.15 -12.99
N ASP A 78 -16.65 -6.34 -13.01
CA ASP A 78 -17.66 -6.36 -14.06
C ASP A 78 -18.73 -5.32 -13.75
N GLY A 79 -18.29 -4.08 -13.63
CA GLY A 79 -19.21 -2.98 -13.32
C GLY A 79 -19.61 -2.98 -11.87
N GLN A 80 -19.07 -3.95 -11.13
CA GLN A 80 -19.35 -4.09 -9.72
C GLN A 80 -18.08 -3.93 -8.90
N TYR A 81 -18.24 -3.71 -7.61
CA TYR A 81 -17.12 -3.54 -6.71
C TYR A 81 -17.02 -4.72 -5.75
N HIS A 82 -15.92 -4.79 -5.02
CA HIS A 82 -15.72 -5.86 -4.06
C HIS A 82 -14.75 -5.41 -2.99
N ASP A 83 -15.09 -5.69 -1.74
CA ASP A 83 -14.26 -5.32 -0.62
C ASP A 83 -13.02 -6.20 -0.60
N SER A 84 -11.87 -5.59 -0.80
CA SER A 84 -10.63 -6.33 -0.81
C SER A 84 -9.60 -5.67 0.09
N SER A 85 -8.52 -6.38 0.37
CA SER A 85 -7.47 -5.86 1.22
C SER A 85 -6.12 -6.23 0.66
N MET A 86 -5.11 -5.52 1.09
CA MET A 86 -3.76 -5.76 0.63
C MET A 86 -2.77 -5.48 1.74
N ASP A 87 -1.91 -6.45 2.04
CA ASP A 87 -0.92 -6.29 3.08
C ASP A 87 0.24 -5.45 2.56
N LEU A 88 0.33 -4.23 3.06
CA LEU A 88 1.37 -3.29 2.66
C LEU A 88 2.66 -3.56 3.42
N ASN A 89 2.56 -4.42 4.43
CA ASN A 89 3.72 -4.79 5.25
C ASN A 89 4.90 -5.24 4.38
N TYR A 90 4.62 -5.75 3.19
CA TYR A 90 5.67 -6.20 2.31
C TYR A 90 5.70 -5.37 1.02
N VAL A 91 5.05 -4.20 1.06
CA VAL A 91 5.04 -3.33 -0.10
C VAL A 91 5.58 -1.95 0.26
N VAL A 92 5.77 -1.73 1.55
CA VAL A 92 6.32 -0.47 2.03
C VAL A 92 7.39 -0.77 3.06
N GLY A 93 8.59 -0.27 2.83
CA GLY A 93 9.64 -0.47 3.78
C GLY A 93 10.08 0.83 4.41
N ASN A 94 10.71 0.74 5.57
CA ASN A 94 11.20 1.93 6.26
C ASN A 94 12.71 1.99 6.18
N SER A 95 13.22 3.08 5.63
CA SER A 95 14.64 3.26 5.49
C SER A 95 15.04 4.68 5.86
N TYR A 96 15.67 4.82 7.02
CA TYR A 96 16.14 6.12 7.50
C TYR A 96 14.98 7.09 7.69
N GLY A 97 13.88 6.57 8.22
CA GLY A 97 12.71 7.38 8.46
C GLY A 97 12.05 7.88 7.19
N TYR A 98 12.37 7.24 6.07
CA TYR A 98 11.79 7.65 4.81
C TYR A 98 11.11 6.45 4.16
N MET A 99 10.04 6.72 3.41
CA MET A 99 9.28 5.68 2.74
C MET A 99 10.11 5.00 1.65
N GLU A 100 10.16 3.68 1.71
CA GLU A 100 10.86 2.88 0.72
C GLU A 100 9.99 1.73 0.29
N PRO A 101 8.97 2.03 -0.53
CA PRO A 101 8.03 1.03 -1.02
C PRO A 101 8.71 -0.04 -1.86
N CYS A 102 8.34 -1.29 -1.59
CA CYS A 102 8.91 -2.42 -2.29
C CYS A 102 7.80 -3.25 -2.95
N ARG A 103 7.77 -3.24 -4.27
CA ARG A 103 6.77 -3.99 -5.00
C ARG A 103 7.28 -5.40 -5.28
N ALA A 104 6.38 -6.38 -5.31
CA ALA A 104 6.78 -7.75 -5.56
C ALA A 104 5.86 -8.45 -6.55
N SER A 105 5.29 -7.67 -7.47
CA SER A 105 4.38 -8.23 -8.49
C SER A 105 4.09 -7.28 -9.64
N ASN A 106 4.81 -6.18 -9.71
CA ASN A 106 4.61 -5.23 -10.79
C ASN A 106 5.67 -5.44 -11.86
N ALA A 107 6.56 -6.38 -11.60
CA ALA A 107 7.64 -6.72 -12.51
C ALA A 107 7.14 -7.74 -13.53
N ASP A 108 6.22 -8.57 -13.07
CA ASP A 108 5.61 -9.59 -13.91
C ASP A 108 4.21 -9.16 -14.27
N HIS A 109 3.72 -9.64 -15.41
CA HIS A 109 2.38 -9.28 -15.86
C HIS A 109 1.47 -10.50 -15.85
N VAL A 110 0.21 -10.28 -16.23
CA VAL A 110 -0.83 -11.31 -16.28
C VAL A 110 -0.71 -12.29 -15.12
N LEU A 111 -0.95 -11.78 -13.94
CA LEU A 111 -0.85 -12.54 -12.72
C LEU A 111 -2.24 -12.81 -12.14
N LYS A 112 -3.26 -12.66 -12.97
CA LYS A 112 -4.64 -12.90 -12.53
C LYS A 112 -4.84 -14.37 -12.20
N SER A 113 -5.12 -14.66 -10.94
CA SER A 113 -5.35 -16.03 -10.50
C SER A 113 -6.74 -16.51 -10.91
N SER A 114 -6.92 -16.68 -12.21
CA SER A 114 -8.18 -17.12 -12.77
C SER A 114 -7.98 -17.67 -14.17
N SER A 115 -8.63 -18.80 -14.43
CA SER A 115 -8.55 -19.45 -15.74
C SER A 115 -9.10 -18.52 -16.80
N GLU A 116 -10.09 -17.75 -16.41
CA GLU A 116 -10.73 -16.81 -17.29
C GLU A 116 -10.36 -15.38 -16.90
N MET A 1 15.08 -8.75 2.18
CA MET A 1 15.24 -7.34 2.61
C MET A 1 14.15 -6.93 3.60
N GLN A 2 12.92 -7.40 3.35
CA GLN A 2 11.77 -7.10 4.20
C GLN A 2 11.50 -5.61 4.34
N CYS A 3 10.51 -5.16 3.62
CA CYS A 3 10.10 -3.77 3.62
C CYS A 3 9.42 -3.44 4.96
N ASN A 4 8.17 -3.86 5.10
CA ASN A 4 7.38 -3.66 6.33
C ASN A 4 7.56 -2.27 6.95
N PHE A 5 6.93 -1.26 6.36
CA PHE A 5 7.04 0.10 6.91
C PHE A 5 6.45 0.17 8.33
N ALA A 6 5.43 -0.64 8.58
CA ALA A 6 4.74 -0.66 9.87
C ALA A 6 5.59 -1.19 11.02
N ASN A 7 6.62 -1.96 10.70
CA ASN A 7 7.48 -2.52 11.73
C ASN A 7 8.21 -1.43 12.50
N SER A 8 8.41 -0.30 11.85
CA SER A 8 9.07 0.83 12.47
C SER A 8 8.26 2.11 12.28
N CYS A 9 6.95 1.98 12.15
CA CYS A 9 6.09 3.15 11.97
C CYS A 9 4.93 3.14 12.95
N THR A 10 4.55 4.33 13.40
CA THR A 10 3.45 4.47 14.34
C THR A 10 2.59 5.69 14.00
N GLY A 11 1.31 5.59 14.28
CA GLY A 11 0.39 6.67 14.02
C GLY A 11 0.18 6.93 12.54
N VAL A 12 -0.07 5.86 11.79
CA VAL A 12 -0.29 5.97 10.36
C VAL A 12 -1.77 6.11 10.03
N GLU A 13 -2.09 7.08 9.18
CA GLU A 13 -3.47 7.34 8.78
C GLU A 13 -3.61 7.33 7.25
N LEU A 14 -4.81 7.04 6.77
CA LEU A 14 -5.06 6.98 5.33
C LEU A 14 -6.19 7.93 4.93
N TYR A 15 -5.87 8.88 4.06
CA TYR A 15 -6.87 9.84 3.58
C TYR A 15 -7.04 9.71 2.06
N GLY A 16 -8.07 9.00 1.64
CA GLY A 16 -8.31 8.81 0.22
C GLY A 16 -7.34 7.84 -0.43
N TYR A 17 -6.06 8.19 -0.41
CA TYR A 17 -5.01 7.35 -0.98
C TYR A 17 -3.63 7.80 -0.51
N ILE A 18 -3.59 8.52 0.61
CA ILE A 18 -2.32 8.98 1.17
C ILE A 18 -2.11 8.40 2.57
N LEU A 19 -0.95 7.80 2.76
CA LEU A 19 -0.61 7.19 4.04
C LEU A 19 0.46 8.01 4.73
N ARG A 20 0.14 8.56 5.88
CA ARG A 20 1.13 9.34 6.60
C ARG A 20 1.25 8.89 8.03
N GLY A 21 2.48 8.82 8.50
CA GLY A 21 2.75 8.39 9.85
C GLY A 21 4.16 8.70 10.28
N ASP A 22 4.56 8.15 11.41
CA ASP A 22 5.91 8.37 11.93
C ASP A 22 6.73 7.10 11.88
N CYS A 23 7.73 7.09 11.01
CA CYS A 23 8.60 5.94 10.85
C CYS A 23 9.96 6.25 11.48
N ILE A 24 10.47 5.32 12.26
CA ILE A 24 11.75 5.49 12.94
C ILE A 24 12.90 5.52 11.94
N ASN A 25 13.82 6.44 12.14
CA ASN A 25 14.95 6.57 11.25
C ASN A 25 16.21 6.01 11.90
N GLU A 26 17.34 6.15 11.24
CA GLU A 26 18.63 5.67 11.74
C GLU A 26 18.91 6.15 13.17
N ASP A 27 18.45 7.36 13.48
CA ASP A 27 18.65 7.97 14.79
C ASP A 27 17.96 7.17 15.89
N GLY A 28 16.89 6.48 15.53
CA GLY A 28 16.15 5.70 16.51
C GLY A 28 14.88 6.39 16.92
N HIS A 29 14.68 7.60 16.40
CA HIS A 29 13.49 8.38 16.69
C HIS A 29 12.54 8.37 15.49
N PRO A 30 11.23 8.40 15.76
CA PRO A 30 10.21 8.40 14.71
C PRO A 30 10.21 9.71 13.91
N HIS A 31 10.21 9.56 12.60
CA HIS A 31 10.22 10.70 11.69
C HIS A 31 8.97 10.67 10.82
N ALA A 32 8.32 11.81 10.71
CA ALA A 32 7.10 11.92 9.92
C ALA A 32 7.38 11.68 8.45
N THR A 33 6.63 10.75 7.87
CA THR A 33 6.77 10.40 6.48
C THR A 33 5.40 10.10 5.89
N SER A 34 5.29 10.20 4.57
CA SER A 34 4.04 9.94 3.89
C SER A 34 4.28 9.16 2.62
N ILE A 35 3.29 8.37 2.23
CA ILE A 35 3.38 7.55 1.04
C ILE A 35 2.08 7.64 0.24
N ASN A 36 2.19 7.56 -1.09
CA ASN A 36 1.02 7.62 -1.95
C ASN A 36 0.67 6.23 -2.47
N LEU A 37 -0.26 5.58 -1.79
CA LEU A 37 -0.70 4.22 -2.16
C LEU A 37 -1.28 4.23 -3.56
N ASN A 38 -1.82 5.37 -3.95
CA ASN A 38 -2.43 5.56 -5.26
C ASN A 38 -1.47 5.22 -6.39
N TYR A 39 -0.18 5.35 -6.14
CA TYR A 39 0.82 5.08 -7.16
C TYR A 39 1.62 3.84 -6.84
N TYR A 40 1.17 3.07 -5.85
CA TYR A 40 1.87 1.85 -5.47
C TYR A 40 0.95 0.64 -5.43
N ILE A 41 -0.35 0.86 -5.32
CA ILE A 41 -1.32 -0.24 -5.28
C ILE A 41 -2.21 -0.18 -6.52
N GLY A 42 -2.53 -1.34 -7.07
CA GLY A 42 -3.36 -1.39 -8.25
C GLY A 42 -4.72 -2.03 -8.01
N ASN A 43 -5.55 -2.04 -9.03
CA ASN A 43 -6.90 -2.61 -8.95
C ASN A 43 -7.05 -3.79 -9.90
N ASP A 44 -7.09 -4.99 -9.33
CA ASP A 44 -7.21 -6.20 -10.12
C ASP A 44 -8.57 -6.88 -9.88
N ASN A 45 -9.46 -6.79 -10.88
CA ASN A 45 -10.78 -7.40 -10.80
C ASN A 45 -11.53 -6.90 -9.58
N GLY A 46 -11.41 -5.60 -9.30
CA GLY A 46 -12.08 -5.02 -8.15
C GLY A 46 -11.42 -5.42 -6.83
N ARG A 47 -10.18 -5.86 -6.90
CA ARG A 47 -9.45 -6.28 -5.72
C ARG A 47 -8.15 -5.50 -5.60
N LEU A 48 -7.62 -5.42 -4.38
CA LEU A 48 -6.39 -4.69 -4.12
C LEU A 48 -5.17 -5.52 -4.47
N GLU A 49 -4.42 -5.03 -5.44
CA GLU A 49 -3.22 -5.69 -5.89
C GLU A 49 -2.00 -4.95 -5.36
N TYR A 50 -1.10 -5.71 -4.73
CA TYR A 50 0.13 -5.16 -4.15
C TYR A 50 0.70 -4.11 -4.92
N PRO A 51 1.35 -4.33 -6.01
CA PRO A 51 1.83 -3.21 -6.58
C PRO A 51 1.10 -2.84 -7.85
N GLY A 52 0.61 -1.66 -7.83
CA GLY A 52 -0.14 -1.17 -8.93
C GLY A 52 -0.07 0.33 -9.07
N GLU A 53 -1.03 0.89 -9.79
CA GLU A 53 -1.10 2.32 -10.02
C GLU A 53 -2.53 2.74 -10.31
N SER A 54 -2.88 3.93 -9.80
CA SER A 54 -4.20 4.53 -10.00
C SER A 54 -5.35 3.61 -9.54
N PHE A 55 -5.20 2.97 -8.39
CA PHE A 55 -6.26 2.11 -7.87
C PHE A 55 -7.42 2.97 -7.40
N GLY A 56 -7.09 4.14 -6.82
CA GLY A 56 -8.09 5.05 -6.28
C GLY A 56 -9.06 5.52 -7.34
N SER A 57 -8.65 5.37 -8.59
CA SER A 57 -9.46 5.74 -9.73
C SER A 57 -10.73 4.89 -9.81
N SER A 58 -10.75 3.78 -9.10
CA SER A 58 -11.90 2.89 -9.07
C SER A 58 -12.03 2.20 -7.72
N CYS A 59 -11.46 2.81 -6.68
CA CYS A 59 -11.49 2.24 -5.34
C CYS A 59 -11.96 3.28 -4.32
N VAL A 60 -12.81 2.83 -3.41
CA VAL A 60 -13.34 3.68 -2.36
C VAL A 60 -13.22 2.94 -1.03
N LYS A 61 -13.64 3.60 0.05
CA LYS A 61 -13.60 3.00 1.40
C LYS A 61 -12.16 2.69 1.83
N THR A 62 -11.24 3.57 1.45
CA THR A 62 -9.82 3.40 1.78
C THR A 62 -9.56 3.55 3.28
N ALA A 63 -8.98 2.52 3.88
CA ALA A 63 -8.67 2.53 5.31
C ALA A 63 -7.49 1.60 5.59
N LEU A 64 -6.71 1.91 6.60
CA LEU A 64 -5.56 1.09 6.94
C LEU A 64 -5.83 0.28 8.20
N ASN A 65 -5.87 -1.04 8.06
CA ASN A 65 -6.12 -1.92 9.19
C ASN A 65 -4.82 -2.24 9.90
N ASP A 66 -4.76 -1.88 11.18
CA ASP A 66 -3.59 -2.13 12.01
C ASP A 66 -2.34 -1.46 11.45
N GLY A 67 -2.55 -0.41 10.65
CA GLY A 67 -1.46 0.33 10.06
C GLY A 67 -0.48 -0.51 9.25
N HIS A 68 -0.97 -1.56 8.62
CA HIS A 68 -0.10 -2.42 7.81
C HIS A 68 -0.85 -3.02 6.62
N THR A 69 -2.15 -3.14 6.76
CA THR A 69 -2.99 -3.71 5.73
C THR A 69 -3.95 -2.66 5.18
N LEU A 70 -3.95 -2.49 3.86
CA LEU A 70 -4.85 -1.52 3.25
C LEU A 70 -6.15 -2.20 2.89
N THR A 71 -7.24 -1.57 3.24
CA THR A 71 -8.55 -2.11 2.95
C THR A 71 -9.35 -1.11 2.13
N ALA A 72 -9.93 -1.58 1.03
CA ALA A 72 -10.72 -0.73 0.17
C ALA A 72 -11.64 -1.57 -0.70
N SER A 73 -12.60 -0.91 -1.33
CA SER A 73 -13.54 -1.56 -2.21
C SER A 73 -13.32 -1.06 -3.63
N CYS A 74 -13.06 -1.97 -4.55
CA CYS A 74 -12.76 -1.58 -5.92
C CYS A 74 -13.72 -2.22 -6.93
N LYS A 75 -13.95 -1.49 -8.02
CA LYS A 75 -14.80 -1.97 -9.10
C LYS A 75 -13.93 -2.50 -10.24
N GLY A 76 -14.35 -3.60 -10.85
CA GLY A 76 -13.60 -4.18 -11.95
C GLY A 76 -14.01 -5.61 -12.23
N ALA A 77 -14.39 -6.31 -11.17
CA ALA A 77 -14.81 -7.70 -11.26
C ALA A 77 -15.92 -7.90 -12.29
N ASP A 78 -16.88 -6.99 -12.35
CA ASP A 78 -17.99 -7.11 -13.29
C ASP A 78 -18.83 -5.83 -13.23
N GLY A 79 -18.18 -4.70 -13.38
CA GLY A 79 -18.87 -3.42 -13.35
C GLY A 79 -19.38 -3.08 -11.96
N GLN A 80 -18.95 -3.87 -10.98
CA GLN A 80 -19.36 -3.70 -9.60
C GLN A 80 -18.14 -3.73 -8.70
N TYR A 81 -18.28 -3.16 -7.50
CA TYR A 81 -17.19 -3.13 -6.54
C TYR A 81 -17.37 -4.20 -5.48
N HIS A 82 -16.30 -4.45 -4.73
CA HIS A 82 -16.31 -5.43 -3.66
C HIS A 82 -15.19 -5.11 -2.69
N ASP A 83 -15.38 -5.42 -1.42
CA ASP A 83 -14.38 -5.14 -0.40
C ASP A 83 -13.16 -6.04 -0.58
N SER A 84 -11.99 -5.46 -0.40
CA SER A 84 -10.73 -6.19 -0.52
C SER A 84 -9.67 -5.56 0.36
N SER A 85 -8.60 -6.31 0.62
CA SER A 85 -7.51 -5.80 1.44
C SER A 85 -6.18 -6.15 0.78
N MET A 86 -5.14 -5.49 1.24
CA MET A 86 -3.81 -5.72 0.73
C MET A 86 -2.77 -5.50 1.80
N ASP A 87 -1.98 -6.53 2.08
CA ASP A 87 -0.91 -6.42 3.07
C ASP A 87 0.23 -5.60 2.47
N LEU A 88 0.36 -4.38 2.94
CA LEU A 88 1.38 -3.47 2.45
C LEU A 88 2.74 -3.85 3.01
N ASN A 89 2.73 -4.77 3.97
CA ASN A 89 3.95 -5.26 4.61
C ASN A 89 5.04 -5.61 3.60
N TYR A 90 4.63 -6.06 2.41
CA TYR A 90 5.59 -6.42 1.38
C TYR A 90 5.40 -5.56 0.13
N VAL A 91 4.82 -4.38 0.30
CA VAL A 91 4.63 -3.47 -0.82
C VAL A 91 5.19 -2.09 -0.48
N VAL A 92 5.46 -1.86 0.80
CA VAL A 92 6.02 -0.59 1.25
C VAL A 92 6.88 -0.80 2.50
N GLY A 93 8.05 -0.19 2.50
CA GLY A 93 8.95 -0.31 3.63
C GLY A 93 9.43 1.02 4.14
N ASN A 94 10.25 0.98 5.17
CA ASN A 94 10.79 2.18 5.79
C ASN A 94 12.31 2.10 5.82
N SER A 95 12.97 3.18 5.48
CA SER A 95 14.42 3.24 5.50
C SER A 95 14.85 4.65 5.84
N TYR A 96 15.59 4.77 6.93
CA TYR A 96 16.10 6.06 7.40
C TYR A 96 14.95 7.03 7.65
N GLY A 97 13.88 6.51 8.25
CA GLY A 97 12.71 7.31 8.54
C GLY A 97 12.08 7.91 7.31
N TYR A 98 12.21 7.22 6.18
CA TYR A 98 11.65 7.72 4.95
C TYR A 98 10.97 6.58 4.19
N MET A 99 9.96 6.94 3.41
CA MET A 99 9.20 5.98 2.64
C MET A 99 10.08 5.24 1.61
N GLU A 100 10.02 3.92 1.65
CA GLU A 100 10.76 3.08 0.71
C GLU A 100 9.87 1.90 0.30
N PRO A 101 8.85 2.17 -0.51
CA PRO A 101 7.92 1.14 -0.97
C PRO A 101 8.55 0.19 -1.98
N CYS A 102 8.93 -0.98 -1.50
CA CYS A 102 9.53 -1.99 -2.35
C CYS A 102 8.50 -3.07 -2.68
N ARG A 103 8.17 -3.19 -3.96
CA ARG A 103 7.19 -4.18 -4.40
C ARG A 103 7.88 -5.48 -4.79
N ALA A 104 7.18 -6.59 -4.61
CA ALA A 104 7.75 -7.90 -4.94
C ALA A 104 6.79 -8.73 -5.77
N SER A 105 5.88 -8.07 -6.49
CA SER A 105 4.89 -8.78 -7.31
C SER A 105 4.23 -7.84 -8.32
N ASN A 106 5.04 -7.06 -9.02
CA ASN A 106 4.54 -6.10 -10.01
C ASN A 106 4.41 -6.72 -11.39
N ALA A 107 4.35 -8.04 -11.45
CA ALA A 107 4.22 -8.75 -12.72
C ALA A 107 3.86 -10.21 -12.49
N ASP A 108 3.44 -10.88 -13.55
CA ASP A 108 3.07 -12.29 -13.47
C ASP A 108 4.28 -13.18 -13.56
N HIS A 109 5.01 -13.05 -14.66
CA HIS A 109 6.21 -13.85 -14.89
C HIS A 109 7.44 -12.97 -15.00
N VAL A 110 7.31 -11.85 -15.69
CA VAL A 110 8.44 -10.94 -15.86
C VAL A 110 8.50 -9.96 -14.68
N LEU A 111 8.63 -10.54 -13.49
CA LEU A 111 8.69 -9.76 -12.28
C LEU A 111 10.09 -9.21 -12.03
N LYS A 112 10.35 -8.03 -12.55
CA LYS A 112 11.63 -7.39 -12.37
C LYS A 112 11.50 -6.18 -11.47
N SER A 113 12.09 -6.27 -10.30
CA SER A 113 12.08 -5.17 -9.35
C SER A 113 13.35 -4.37 -9.54
N SER A 114 13.74 -4.25 -10.80
CA SER A 114 14.94 -3.56 -11.20
C SER A 114 14.71 -2.95 -12.58
N SER A 115 15.60 -2.07 -13.01
CA SER A 115 15.47 -1.48 -14.32
C SER A 115 15.76 -2.54 -15.38
N GLU A 116 16.86 -3.23 -15.21
CA GLU A 116 17.26 -4.29 -16.12
C GLU A 116 16.86 -5.65 -15.54
N MET A 1 15.68 -8.42 5.45
CA MET A 1 14.71 -9.26 4.70
C MET A 1 13.40 -8.50 4.52
N GLN A 2 12.87 -8.51 3.31
CA GLN A 2 11.61 -7.83 3.00
C GLN A 2 11.74 -6.33 3.25
N CYS A 3 10.61 -5.65 3.38
CA CYS A 3 10.60 -4.22 3.63
C CYS A 3 9.97 -3.93 4.99
N ASN A 4 8.65 -4.12 5.08
CA ASN A 4 7.90 -3.92 6.32
C ASN A 4 7.94 -2.46 6.80
N PHE A 5 7.11 -1.60 6.22
CA PHE A 5 7.07 -0.20 6.67
C PHE A 5 6.57 -0.12 8.11
N ALA A 6 5.62 -1.00 8.43
CA ALA A 6 5.02 -1.06 9.77
C ALA A 6 6.01 -1.51 10.83
N ASN A 7 7.08 -2.16 10.38
CA ASN A 7 8.11 -2.69 11.27
C ASN A 7 8.63 -1.61 12.23
N SER A 8 8.62 -0.36 11.76
CA SER A 8 9.08 0.74 12.58
C SER A 8 8.25 1.99 12.31
N CYS A 9 6.99 1.80 11.96
CA CYS A 9 6.09 2.93 11.70
C CYS A 9 4.91 2.91 12.66
N THR A 10 4.51 4.10 13.07
CA THR A 10 3.39 4.27 13.99
C THR A 10 2.57 5.49 13.61
N GLY A 11 1.31 5.51 14.03
CA GLY A 11 0.44 6.64 13.73
C GLY A 11 0.26 6.88 12.25
N VAL A 12 -0.29 5.88 11.56
CA VAL A 12 -0.50 5.98 10.12
C VAL A 12 -1.96 6.32 9.82
N GLU A 13 -2.16 7.20 8.85
CA GLU A 13 -3.50 7.60 8.45
C GLU A 13 -3.65 7.52 6.94
N LEU A 14 -4.81 7.03 6.49
CA LEU A 14 -5.08 6.90 5.06
C LEU A 14 -6.35 7.63 4.67
N TYR A 15 -6.22 8.54 3.71
CA TYR A 15 -7.35 9.31 3.22
C TYR A 15 -7.36 9.33 1.70
N GLY A 16 -8.23 8.53 1.11
CA GLY A 16 -8.34 8.46 -0.34
C GLY A 16 -7.26 7.60 -0.95
N TYR A 17 -6.01 8.02 -0.81
CA TYR A 17 -4.88 7.28 -1.35
C TYR A 17 -3.55 7.81 -0.79
N ILE A 18 -3.62 8.50 0.34
CA ILE A 18 -2.43 9.05 0.96
C ILE A 18 -2.19 8.42 2.33
N LEU A 19 -0.99 7.93 2.56
CA LEU A 19 -0.66 7.31 3.83
C LEU A 19 0.47 8.06 4.51
N ARG A 20 0.18 8.66 5.64
CA ARG A 20 1.20 9.36 6.38
C ARG A 20 1.42 8.64 7.70
N GLY A 21 2.66 8.46 8.07
CA GLY A 21 2.96 7.79 9.30
C GLY A 21 4.31 8.19 9.86
N ASP A 22 4.54 7.81 11.09
CA ASP A 22 5.79 8.11 11.76
C ASP A 22 6.69 6.90 11.73
N CYS A 23 7.71 6.94 10.88
CA CYS A 23 8.64 5.83 10.76
C CYS A 23 9.94 6.19 11.45
N ILE A 24 10.43 5.29 12.27
CA ILE A 24 11.66 5.51 13.02
C ILE A 24 12.88 5.47 12.12
N ASN A 25 13.78 6.42 12.33
CA ASN A 25 15.01 6.50 11.55
C ASN A 25 16.15 5.89 12.35
N GLU A 26 17.37 5.94 11.81
CA GLU A 26 18.54 5.36 12.49
C GLU A 26 18.71 5.89 13.91
N ASP A 27 18.33 7.16 14.13
CA ASP A 27 18.45 7.79 15.44
C ASP A 27 17.60 7.09 16.49
N GLY A 28 16.52 6.47 16.05
CA GLY A 28 15.64 5.78 16.97
C GLY A 28 14.37 6.55 17.24
N HIS A 29 14.23 7.70 16.59
CA HIS A 29 13.06 8.53 16.76
C HIS A 29 12.18 8.48 15.50
N PRO A 30 10.85 8.46 15.70
CA PRO A 30 9.89 8.43 14.60
C PRO A 30 9.89 9.71 13.78
N HIS A 31 9.98 9.56 12.47
CA HIS A 31 9.99 10.68 11.55
C HIS A 31 8.73 10.65 10.68
N ALA A 32 8.07 11.80 10.56
CA ALA A 32 6.87 11.91 9.77
C ALA A 32 7.16 11.76 8.28
N THR A 33 6.49 10.81 7.65
CA THR A 33 6.64 10.55 6.23
C THR A 33 5.29 10.18 5.63
N SER A 34 5.12 10.45 4.35
CA SER A 34 3.87 10.13 3.67
C SER A 34 4.12 9.50 2.32
N ILE A 35 3.25 8.57 1.93
CA ILE A 35 3.40 7.89 0.67
C ILE A 35 2.09 7.90 -0.11
N ASN A 36 2.19 7.85 -1.44
CA ASN A 36 1.02 7.84 -2.31
C ASN A 36 0.77 6.43 -2.82
N LEU A 37 -0.08 5.70 -2.12
CA LEU A 37 -0.41 4.31 -2.47
C LEU A 37 -1.03 4.25 -3.86
N ASN A 38 -1.62 5.36 -4.29
CA ASN A 38 -2.28 5.46 -5.58
C ASN A 38 -1.34 5.07 -6.73
N TYR A 39 -0.05 5.32 -6.55
CA TYR A 39 0.91 5.02 -7.59
C TYR A 39 1.74 3.78 -7.26
N TYR A 40 1.29 3.01 -6.27
CA TYR A 40 2.01 1.81 -5.87
C TYR A 40 1.13 0.58 -5.79
N ILE A 41 -0.17 0.77 -5.58
CA ILE A 41 -1.10 -0.35 -5.49
C ILE A 41 -2.05 -0.32 -6.69
N GLY A 42 -2.37 -1.50 -7.20
CA GLY A 42 -3.27 -1.57 -8.34
C GLY A 42 -4.57 -2.25 -8.00
N ASN A 43 -5.51 -2.16 -8.93
CA ASN A 43 -6.83 -2.74 -8.74
C ASN A 43 -7.12 -3.80 -9.80
N ASP A 44 -7.23 -5.04 -9.36
CA ASP A 44 -7.53 -6.15 -10.25
C ASP A 44 -8.93 -6.69 -10.00
N ASN A 45 -9.84 -6.42 -10.93
CA ASN A 45 -11.23 -6.87 -10.83
C ASN A 45 -11.86 -6.49 -9.49
N GLY A 46 -11.61 -5.27 -9.05
CA GLY A 46 -12.17 -4.79 -7.81
C GLY A 46 -11.42 -5.28 -6.57
N ARG A 47 -10.19 -5.73 -6.76
CA ARG A 47 -9.39 -6.22 -5.65
C ARG A 47 -8.05 -5.50 -5.57
N LEU A 48 -7.54 -5.39 -4.35
CA LEU A 48 -6.29 -4.71 -4.09
C LEU A 48 -5.09 -5.62 -4.36
N GLU A 49 -4.29 -5.24 -5.34
CA GLU A 49 -3.10 -6.00 -5.70
C GLU A 49 -1.86 -5.19 -5.35
N TYR A 50 -0.90 -5.85 -4.68
CA TYR A 50 0.36 -5.22 -4.23
C TYR A 50 0.83 -4.20 -5.11
N PRO A 51 1.37 -4.49 -6.23
CA PRO A 51 1.84 -3.42 -6.90
C PRO A 51 1.01 -3.06 -8.10
N GLY A 52 0.68 -1.81 -8.16
CA GLY A 52 -0.15 -1.35 -9.22
C GLY A 52 -0.13 0.15 -9.37
N GLU A 53 -1.14 0.68 -10.04
CA GLU A 53 -1.26 2.11 -10.28
C GLU A 53 -2.72 2.54 -10.40
N SER A 54 -3.00 3.73 -9.92
CA SER A 54 -4.32 4.36 -9.96
C SER A 54 -5.44 3.47 -9.42
N PHE A 55 -5.19 2.77 -8.32
CA PHE A 55 -6.23 1.92 -7.73
C PHE A 55 -7.34 2.80 -7.15
N GLY A 56 -6.94 3.91 -6.53
CA GLY A 56 -7.89 4.82 -5.92
C GLY A 56 -8.88 5.40 -6.90
N SER A 57 -8.57 5.32 -8.18
CA SER A 57 -9.45 5.83 -9.22
C SER A 57 -10.72 4.97 -9.31
N SER A 58 -10.63 3.75 -8.80
CA SER A 58 -11.77 2.83 -8.81
C SER A 58 -11.96 2.15 -7.46
N CYS A 59 -11.34 2.71 -6.41
CA CYS A 59 -11.44 2.15 -5.06
C CYS A 59 -11.92 3.21 -4.07
N VAL A 60 -12.73 2.77 -3.12
CA VAL A 60 -13.27 3.64 -2.10
C VAL A 60 -13.18 2.98 -0.72
N LYS A 61 -13.50 3.73 0.33
CA LYS A 61 -13.47 3.23 1.70
C LYS A 61 -12.06 2.81 2.11
N THR A 62 -11.07 3.57 1.66
CA THR A 62 -9.67 3.29 1.95
C THR A 62 -9.37 3.41 3.45
N ALA A 63 -8.78 2.36 4.01
CA ALA A 63 -8.41 2.33 5.42
C ALA A 63 -7.20 1.43 5.63
N LEU A 64 -6.51 1.61 6.75
CA LEU A 64 -5.33 0.82 7.07
C LEU A 64 -5.53 0.01 8.35
N ASN A 65 -5.59 -1.32 8.21
CA ASN A 65 -5.77 -2.21 9.34
C ASN A 65 -4.52 -2.22 10.21
N ASP A 66 -4.66 -1.72 11.44
CA ASP A 66 -3.58 -1.66 12.43
C ASP A 66 -2.33 -0.93 11.91
N GLY A 67 -2.42 -0.40 10.70
CA GLY A 67 -1.30 0.30 10.11
C GLY A 67 -0.33 -0.60 9.38
N HIS A 68 -0.84 -1.48 8.52
CA HIS A 68 0.00 -2.39 7.75
C HIS A 68 -0.75 -2.98 6.56
N THR A 69 -2.04 -3.14 6.70
CA THR A 69 -2.87 -3.69 5.65
C THR A 69 -3.88 -2.66 5.16
N LEU A 70 -4.00 -2.54 3.86
CA LEU A 70 -4.94 -1.60 3.26
C LEU A 70 -6.25 -2.29 2.92
N THR A 71 -7.35 -1.70 3.32
CA THR A 71 -8.66 -2.25 3.02
C THR A 71 -9.46 -1.25 2.21
N ALA A 72 -10.01 -1.70 1.10
CA ALA A 72 -10.81 -0.84 0.26
C ALA A 72 -11.74 -1.65 -0.63
N SER A 73 -12.75 -0.97 -1.16
CA SER A 73 -13.72 -1.59 -2.03
C SER A 73 -13.49 -1.04 -3.42
N CYS A 74 -13.21 -1.92 -4.37
CA CYS A 74 -12.94 -1.48 -5.73
C CYS A 74 -13.90 -2.09 -6.73
N LYS A 75 -14.18 -1.33 -7.77
CA LYS A 75 -15.05 -1.79 -8.84
C LYS A 75 -14.19 -2.28 -10.00
N GLY A 76 -14.67 -3.27 -10.73
CA GLY A 76 -13.92 -3.77 -11.87
C GLY A 76 -14.20 -5.23 -12.16
N ALA A 77 -14.74 -5.94 -11.18
CA ALA A 77 -15.06 -7.35 -11.36
C ALA A 77 -16.10 -7.54 -12.47
N ASP A 78 -17.04 -6.59 -12.54
CA ASP A 78 -18.11 -6.61 -13.55
C ASP A 78 -19.01 -5.41 -13.34
N GLY A 79 -18.43 -4.22 -13.41
CA GLY A 79 -19.18 -2.99 -13.20
C GLY A 79 -19.59 -2.79 -11.75
N GLN A 80 -19.28 -3.78 -10.92
CA GLN A 80 -19.62 -3.73 -9.50
C GLN A 80 -18.35 -3.71 -8.66
N TYR A 81 -18.49 -3.29 -7.41
CA TYR A 81 -17.36 -3.21 -6.50
C TYR A 81 -17.39 -4.34 -5.47
N HIS A 82 -16.28 -4.52 -4.78
CA HIS A 82 -16.16 -5.56 -3.76
C HIS A 82 -15.09 -5.14 -2.76
N ASP A 83 -15.32 -5.47 -1.49
CA ASP A 83 -14.37 -5.13 -0.43
C ASP A 83 -13.22 -6.12 -0.40
N SER A 84 -12.00 -5.59 -0.43
CA SER A 84 -10.81 -6.43 -0.41
C SER A 84 -9.73 -5.79 0.45
N SER A 85 -8.62 -6.50 0.65
CA SER A 85 -7.54 -5.96 1.45
C SER A 85 -6.19 -6.26 0.80
N MET A 86 -5.18 -5.53 1.24
CA MET A 86 -3.84 -5.70 0.71
C MET A 86 -2.81 -5.39 1.80
N ASP A 87 -2.01 -6.36 2.17
CA ASP A 87 -0.99 -6.13 3.18
C ASP A 87 0.17 -5.37 2.53
N LEU A 88 0.26 -4.10 2.87
CA LEU A 88 1.28 -3.21 2.31
C LEU A 88 2.62 -3.42 2.98
N ASN A 89 2.62 -4.16 4.07
CA ASN A 89 3.85 -4.41 4.81
C ASN A 89 4.91 -5.06 3.91
N TYR A 90 4.49 -5.62 2.78
CA TYR A 90 5.44 -6.21 1.85
C TYR A 90 5.39 -5.51 0.50
N VAL A 91 4.85 -4.28 0.50
CA VAL A 91 4.78 -3.48 -0.72
C VAL A 91 5.42 -2.12 -0.47
N VAL A 92 5.77 -1.87 0.79
CA VAL A 92 6.41 -0.62 1.20
C VAL A 92 7.27 -0.86 2.44
N GLY A 93 8.38 -0.14 2.56
CA GLY A 93 9.26 -0.29 3.69
C GLY A 93 9.70 1.04 4.27
N ASN A 94 10.56 0.96 5.28
CA ASN A 94 11.08 2.15 5.94
C ASN A 94 12.59 2.18 5.89
N SER A 95 13.14 3.29 5.41
CA SER A 95 14.57 3.45 5.33
C SER A 95 15.01 4.75 6.00
N TYR A 96 15.36 4.65 7.27
CA TYR A 96 15.80 5.79 8.06
C TYR A 96 14.72 6.85 8.14
N GLY A 97 13.54 6.44 8.59
CA GLY A 97 12.41 7.35 8.72
C GLY A 97 12.03 8.01 7.41
N TYR A 98 12.29 7.32 6.30
CA TYR A 98 11.97 7.86 5.00
C TYR A 98 11.17 6.85 4.19
N MET A 99 10.22 7.37 3.43
CA MET A 99 9.35 6.53 2.59
C MET A 99 10.15 5.78 1.55
N GLU A 100 10.05 4.46 1.59
CA GLU A 100 10.73 3.60 0.63
C GLU A 100 9.81 2.47 0.20
N PRO A 101 8.92 2.76 -0.75
CA PRO A 101 7.97 1.79 -1.28
C PRO A 101 8.67 0.71 -2.11
N CYS A 102 8.84 -0.45 -1.50
CA CYS A 102 9.49 -1.58 -2.15
C CYS A 102 8.60 -2.81 -2.05
N ARG A 103 8.07 -3.25 -3.19
CA ARG A 103 7.20 -4.41 -3.23
C ARG A 103 8.04 -5.68 -3.25
N ALA A 104 7.51 -6.74 -2.68
CA ALA A 104 8.21 -8.01 -2.65
C ALA A 104 7.61 -8.99 -3.65
N SER A 105 7.52 -8.54 -4.89
CA SER A 105 6.98 -9.33 -5.99
C SER A 105 7.03 -8.52 -7.29
N ASN A 106 5.87 -8.05 -7.72
CA ASN A 106 5.72 -7.24 -8.93
C ASN A 106 5.96 -8.05 -10.18
N ALA A 107 4.89 -8.27 -10.92
CA ALA A 107 4.94 -9.01 -12.16
C ALA A 107 3.90 -8.47 -13.13
N ASP A 108 4.21 -8.52 -14.42
CA ASP A 108 3.32 -8.07 -15.49
C ASP A 108 3.00 -6.58 -15.34
N HIS A 109 3.93 -5.84 -14.74
CA HIS A 109 3.75 -4.41 -14.55
C HIS A 109 5.11 -3.74 -14.49
N VAL A 110 5.13 -2.48 -14.84
CA VAL A 110 6.36 -1.71 -14.85
C VAL A 110 6.56 -0.95 -13.54
N LEU A 111 7.06 -1.67 -12.55
CA LEU A 111 7.32 -1.09 -11.23
C LEU A 111 8.57 -1.72 -10.63
N LYS A 112 9.56 -1.93 -11.48
CA LYS A 112 10.81 -2.53 -11.06
C LYS A 112 11.69 -1.50 -10.37
N SER A 113 11.87 -1.66 -9.06
CA SER A 113 12.69 -0.75 -8.29
C SER A 113 14.17 -1.15 -8.41
N SER A 114 14.64 -1.24 -9.64
CA SER A 114 16.00 -1.61 -9.94
C SER A 114 16.40 -1.01 -11.28
N SER A 115 17.59 -0.40 -11.30
CA SER A 115 18.11 0.24 -12.51
C SER A 115 18.30 -0.78 -13.63
N GLU A 116 18.70 -1.99 -13.25
CA GLU A 116 18.91 -3.05 -14.22
C GLU A 116 18.14 -4.30 -13.81
N MET A 1 15.24 -9.15 2.45
CA MET A 1 14.89 -8.01 1.56
C MET A 1 13.43 -7.62 1.75
N GLN A 2 12.97 -7.70 3.00
CA GLN A 2 11.60 -7.35 3.32
C GLN A 2 11.57 -5.93 3.91
N CYS A 3 10.75 -5.10 3.31
CA CYS A 3 10.62 -3.71 3.73
C CYS A 3 9.89 -3.60 5.05
N ASN A 4 8.62 -4.03 5.09
CA ASN A 4 7.81 -3.98 6.30
C ASN A 4 7.74 -2.55 6.86
N PHE A 5 7.03 -1.68 6.15
CA PHE A 5 6.90 -0.27 6.56
C PHE A 5 6.30 -0.15 7.97
N ALA A 6 5.34 -1.01 8.27
CA ALA A 6 4.64 -1.00 9.55
C ALA A 6 5.53 -1.37 10.72
N ASN A 7 6.61 -2.08 10.46
CA ASN A 7 7.50 -2.52 11.52
C ASN A 7 8.25 -1.34 12.13
N SER A 8 8.31 -0.23 11.40
CA SER A 8 8.99 0.95 11.87
C SER A 8 8.10 2.18 11.77
N CYS A 9 6.82 1.98 11.48
CA CYS A 9 5.89 3.10 11.35
C CYS A 9 4.77 3.01 12.38
N THR A 10 4.42 4.15 12.95
CA THR A 10 3.38 4.23 13.95
C THR A 10 2.41 5.37 13.64
N GLY A 11 1.16 5.22 14.07
CA GLY A 11 0.16 6.25 13.84
C GLY A 11 -0.05 6.57 12.38
N VAL A 12 -0.24 5.52 11.57
CA VAL A 12 -0.44 5.70 10.14
C VAL A 12 -1.90 6.02 9.82
N GLU A 13 -2.10 7.10 9.08
CA GLU A 13 -3.44 7.54 8.70
C GLU A 13 -3.60 7.47 7.18
N LEU A 14 -4.74 6.97 6.72
CA LEU A 14 -5.00 6.84 5.29
C LEU A 14 -6.19 7.67 4.86
N TYR A 15 -5.99 8.47 3.81
CA TYR A 15 -7.05 9.31 3.26
C TYR A 15 -7.08 9.21 1.74
N GLY A 16 -8.03 8.46 1.21
CA GLY A 16 -8.15 8.29 -0.23
C GLY A 16 -7.11 7.35 -0.80
N TYR A 17 -5.86 7.77 -0.75
CA TYR A 17 -4.74 6.97 -1.25
C TYR A 17 -3.41 7.49 -0.73
N ILE A 18 -3.46 8.23 0.37
CA ILE A 18 -2.25 8.77 0.98
C ILE A 18 -2.12 8.27 2.42
N LEU A 19 -0.97 7.71 2.73
CA LEU A 19 -0.70 7.18 4.06
C LEU A 19 0.38 8.01 4.74
N ARG A 20 0.03 8.69 5.81
CA ARG A 20 1.01 9.48 6.53
C ARG A 20 1.17 8.93 7.94
N GLY A 21 2.40 8.74 8.35
CA GLY A 21 2.66 8.23 9.67
C GLY A 21 4.04 8.59 10.16
N ASP A 22 4.41 8.04 11.30
CA ASP A 22 5.71 8.30 11.88
C ASP A 22 6.59 7.06 11.79
N CYS A 23 7.60 7.13 10.93
CA CYS A 23 8.52 6.01 10.76
C CYS A 23 9.85 6.35 11.42
N ILE A 24 10.37 5.42 12.20
CA ILE A 24 11.61 5.62 12.91
C ILE A 24 12.81 5.57 11.97
N ASN A 25 13.76 6.47 12.19
CA ASN A 25 14.97 6.52 11.37
C ASN A 25 16.13 5.91 12.14
N GLU A 26 17.36 6.11 11.65
CA GLU A 26 18.53 5.54 12.31
C GLU A 26 18.73 6.10 13.72
N ASP A 27 18.25 7.33 13.93
CA ASP A 27 18.37 8.01 15.21
C ASP A 27 17.58 7.30 16.30
N GLY A 28 16.53 6.60 15.89
CA GLY A 28 15.70 5.90 16.85
C GLY A 28 14.43 6.67 17.14
N HIS A 29 14.33 7.84 16.53
CA HIS A 29 13.16 8.70 16.70
C HIS A 29 12.26 8.64 15.47
N PRO A 30 10.94 8.67 15.69
CA PRO A 30 9.96 8.64 14.61
C PRO A 30 10.00 9.92 13.77
N HIS A 31 10.00 9.75 12.46
CA HIS A 31 10.03 10.85 11.53
C HIS A 31 8.73 10.88 10.72
N ALA A 32 8.20 12.07 10.49
CA ALA A 32 6.97 12.24 9.75
C ALA A 32 7.18 11.98 8.27
N THR A 33 6.47 10.99 7.75
CA THR A 33 6.58 10.63 6.35
C THR A 33 5.20 10.24 5.81
N SER A 34 5.01 10.42 4.51
CA SER A 34 3.75 10.11 3.87
C SER A 34 3.99 9.42 2.54
N ILE A 35 3.23 8.38 2.28
CA ILE A 35 3.37 7.64 1.05
C ILE A 35 2.10 7.69 0.23
N ASN A 36 2.24 7.74 -1.07
CA ASN A 36 1.09 7.80 -1.97
C ASN A 36 0.89 6.42 -2.59
N LEU A 37 0.14 5.58 -1.90
CA LEU A 37 -0.14 4.20 -2.31
C LEU A 37 -0.80 4.15 -3.68
N ASN A 38 -1.36 5.28 -4.11
CA ASN A 38 -2.05 5.36 -5.39
C ASN A 38 -1.18 4.86 -6.54
N TYR A 39 0.13 5.04 -6.43
CA TYR A 39 1.04 4.60 -7.48
C TYR A 39 1.83 3.37 -7.06
N TYR A 40 1.35 2.67 -6.04
CA TYR A 40 2.04 1.48 -5.55
C TYR A 40 1.12 0.27 -5.51
N ILE A 41 -0.17 0.49 -5.31
CA ILE A 41 -1.14 -0.60 -5.25
C ILE A 41 -2.05 -0.53 -6.46
N GLY A 42 -2.43 -1.70 -6.99
CA GLY A 42 -3.29 -1.72 -8.15
C GLY A 42 -4.62 -2.36 -7.89
N ASN A 43 -5.52 -2.17 -8.84
CA ASN A 43 -6.87 -2.71 -8.76
C ASN A 43 -7.06 -3.82 -9.79
N ASP A 44 -7.17 -5.04 -9.30
CA ASP A 44 -7.37 -6.20 -10.16
C ASP A 44 -8.78 -6.75 -9.98
N ASN A 45 -9.65 -6.50 -10.97
CA ASN A 45 -11.03 -6.98 -10.97
C ASN A 45 -11.77 -6.59 -9.69
N GLY A 46 -11.57 -5.35 -9.24
CA GLY A 46 -12.24 -4.87 -8.05
C GLY A 46 -11.54 -5.27 -6.77
N ARG A 47 -10.39 -5.90 -6.90
CA ARG A 47 -9.61 -6.34 -5.75
C ARG A 47 -8.29 -5.60 -5.65
N LEU A 48 -7.81 -5.46 -4.43
CA LEU A 48 -6.55 -4.77 -4.19
C LEU A 48 -5.39 -5.75 -4.38
N GLU A 49 -4.43 -5.35 -5.19
CA GLU A 49 -3.26 -6.16 -5.48
C GLU A 49 -2.01 -5.42 -5.04
N TYR A 50 -1.05 -6.15 -4.43
CA TYR A 50 0.20 -5.56 -3.95
C TYR A 50 0.76 -4.60 -4.85
N PRO A 51 1.24 -4.95 -5.97
CA PRO A 51 1.77 -3.92 -6.68
C PRO A 51 0.97 -3.55 -7.89
N GLY A 52 0.64 -2.31 -7.92
CA GLY A 52 -0.15 -1.82 -8.98
C GLY A 52 -0.07 -0.33 -9.14
N GLU A 53 -1.05 0.24 -9.83
CA GLU A 53 -1.11 1.67 -10.08
C GLU A 53 -2.54 2.12 -10.28
N SER A 54 -2.84 3.32 -9.78
CA SER A 54 -4.15 3.94 -9.91
C SER A 54 -5.27 3.11 -9.28
N PHE A 55 -5.05 2.60 -8.06
CA PHE A 55 -6.10 1.82 -7.39
C PHE A 55 -7.12 2.77 -6.74
N GLY A 56 -6.61 3.88 -6.19
CA GLY A 56 -7.46 4.83 -5.51
C GLY A 56 -8.42 5.52 -6.44
N SER A 57 -8.12 5.46 -7.71
CA SER A 57 -8.94 6.06 -8.74
C SER A 57 -10.27 5.32 -8.88
N SER A 58 -10.28 4.05 -8.50
CA SER A 58 -11.47 3.23 -8.60
C SER A 58 -11.84 2.62 -7.24
N CYS A 59 -11.04 2.93 -6.22
CA CYS A 59 -11.28 2.40 -4.88
C CYS A 59 -11.80 3.47 -3.96
N VAL A 60 -12.57 3.05 -2.96
CA VAL A 60 -13.13 3.94 -1.97
C VAL A 60 -13.13 3.25 -0.62
N LYS A 61 -13.40 4.01 0.45
CA LYS A 61 -13.43 3.47 1.81
C LYS A 61 -12.06 2.98 2.23
N THR A 62 -11.03 3.68 1.79
CA THR A 62 -9.65 3.32 2.09
C THR A 62 -9.36 3.41 3.60
N ALA A 63 -8.74 2.37 4.12
CA ALA A 63 -8.39 2.28 5.53
C ALA A 63 -7.18 1.37 5.71
N LEU A 64 -6.51 1.48 6.84
CA LEU A 64 -5.34 0.66 7.13
C LEU A 64 -5.50 -0.14 8.41
N ASN A 65 -5.59 -1.47 8.27
CA ASN A 65 -5.73 -2.36 9.41
C ASN A 65 -4.38 -2.62 10.04
N ASP A 66 -4.29 -2.32 11.35
CA ASP A 66 -3.07 -2.51 12.13
C ASP A 66 -1.90 -1.74 11.53
N GLY A 67 -2.23 -0.79 10.66
CA GLY A 67 -1.22 0.02 10.01
C GLY A 67 -0.33 -0.77 9.07
N HIS A 68 -0.86 -1.84 8.47
CA HIS A 68 -0.07 -2.64 7.53
C HIS A 68 -0.93 -3.14 6.38
N THR A 69 -2.21 -3.37 6.64
CA THR A 69 -3.10 -3.86 5.61
C THR A 69 -4.02 -2.78 5.09
N LEU A 70 -4.01 -2.58 3.80
CA LEU A 70 -4.87 -1.59 3.17
C LEU A 70 -6.18 -2.24 2.79
N THR A 71 -7.26 -1.60 3.17
CA THR A 71 -8.58 -2.11 2.88
C THR A 71 -9.38 -1.08 2.11
N ALA A 72 -9.96 -1.50 1.01
CA ALA A 72 -10.77 -0.63 0.18
C ALA A 72 -11.65 -1.44 -0.76
N SER A 73 -12.58 -0.78 -1.40
CA SER A 73 -13.47 -1.45 -2.33
C SER A 73 -13.31 -0.85 -3.72
N CYS A 74 -12.95 -1.68 -4.68
CA CYS A 74 -12.75 -1.23 -6.05
C CYS A 74 -13.75 -1.86 -7.00
N LYS A 75 -13.98 -1.17 -8.10
CA LYS A 75 -14.87 -1.63 -9.15
C LYS A 75 -14.05 -2.22 -10.30
N GLY A 76 -14.59 -3.22 -10.99
CA GLY A 76 -13.87 -3.79 -12.11
C GLY A 76 -14.31 -5.20 -12.44
N ALA A 77 -14.71 -5.94 -11.43
CA ALA A 77 -15.16 -7.31 -11.58
C ALA A 77 -16.29 -7.43 -12.60
N ASP A 78 -17.25 -6.52 -12.52
CA ASP A 78 -18.40 -6.54 -13.44
C ASP A 78 -19.26 -5.30 -13.25
N GLY A 79 -18.64 -4.14 -13.39
CA GLY A 79 -19.36 -2.88 -13.23
C GLY A 79 -19.75 -2.60 -11.79
N GLN A 80 -19.41 -3.51 -10.91
CA GLN A 80 -19.72 -3.37 -9.51
C GLN A 80 -18.43 -3.36 -8.69
N TYR A 81 -18.55 -3.00 -7.42
CA TYR A 81 -17.40 -2.94 -6.54
C TYR A 81 -17.48 -4.07 -5.50
N HIS A 82 -16.34 -4.37 -4.89
CA HIS A 82 -16.27 -5.41 -3.88
C HIS A 82 -15.13 -5.12 -2.91
N ASP A 83 -15.40 -5.27 -1.63
CA ASP A 83 -14.41 -5.02 -0.58
C ASP A 83 -13.21 -5.95 -0.73
N SER A 84 -12.02 -5.40 -0.62
CA SER A 84 -10.79 -6.15 -0.75
C SER A 84 -9.71 -5.55 0.15
N SER A 85 -8.71 -6.35 0.50
CA SER A 85 -7.62 -5.87 1.33
C SER A 85 -6.28 -6.26 0.72
N MET A 86 -5.22 -5.60 1.17
CA MET A 86 -3.88 -5.86 0.68
C MET A 86 -2.86 -5.56 1.76
N ASP A 87 -1.98 -6.51 2.03
CA ASP A 87 -0.96 -6.31 3.04
C ASP A 87 0.18 -5.50 2.45
N LEU A 88 0.31 -4.27 2.91
CA LEU A 88 1.33 -3.37 2.43
C LEU A 88 2.66 -3.66 3.10
N ASN A 89 2.62 -4.52 4.11
CA ASN A 89 3.83 -4.92 4.85
C ASN A 89 4.92 -5.40 3.89
N TYR A 90 4.52 -5.89 2.73
CA TYR A 90 5.49 -6.36 1.74
C TYR A 90 5.41 -5.53 0.46
N VAL A 91 4.83 -4.33 0.56
CA VAL A 91 4.72 -3.45 -0.59
C VAL A 91 5.23 -2.03 -0.26
N VAL A 92 5.44 -1.75 1.03
CA VAL A 92 5.95 -0.46 1.48
C VAL A 92 7.11 -0.67 2.45
N GLY A 93 8.08 0.24 2.44
CA GLY A 93 9.21 0.12 3.35
C GLY A 93 9.61 1.46 3.95
N ASN A 94 10.53 1.40 4.90
CA ASN A 94 11.03 2.59 5.57
C ASN A 94 12.55 2.60 5.58
N SER A 95 13.12 3.67 5.04
CA SER A 95 14.56 3.80 5.00
C SER A 95 14.98 5.10 5.65
N TYR A 96 15.40 5.01 6.91
CA TYR A 96 15.85 6.17 7.65
C TYR A 96 14.73 7.19 7.82
N GLY A 97 13.57 6.71 8.25
CA GLY A 97 12.43 7.58 8.45
C GLY A 97 11.95 8.21 7.15
N TYR A 98 12.30 7.58 6.04
CA TYR A 98 11.93 8.09 4.74
C TYR A 98 11.12 7.04 3.98
N MET A 99 10.09 7.51 3.28
CA MET A 99 9.21 6.65 2.49
C MET A 99 9.99 5.89 1.42
N GLU A 100 10.00 4.57 1.51
CA GLU A 100 10.69 3.73 0.54
C GLU A 100 9.90 2.46 0.29
N PRO A 101 8.76 2.58 -0.42
CA PRO A 101 7.90 1.43 -0.74
C PRO A 101 8.53 0.47 -1.74
N CYS A 102 8.82 -0.74 -1.28
CA CYS A 102 9.40 -1.74 -2.15
C CYS A 102 8.46 -2.93 -2.27
N ARG A 103 8.30 -3.45 -3.47
CA ARG A 103 7.45 -4.59 -3.68
C ARG A 103 8.31 -5.81 -3.96
N ALA A 104 7.88 -6.97 -3.49
CA ALA A 104 8.65 -8.17 -3.70
C ALA A 104 8.17 -8.94 -4.92
N SER A 105 7.41 -8.26 -5.75
CA SER A 105 6.87 -8.86 -6.94
C SER A 105 6.86 -7.82 -8.07
N ASN A 106 5.78 -7.82 -8.84
CA ASN A 106 5.62 -6.90 -9.98
C ASN A 106 6.74 -7.08 -11.00
N ALA A 107 7.37 -8.26 -10.97
CA ALA A 107 8.45 -8.57 -11.90
C ALA A 107 8.50 -10.07 -12.14
N ASP A 108 8.50 -10.45 -13.42
CA ASP A 108 8.53 -11.86 -13.82
C ASP A 108 7.23 -12.58 -13.43
N HIS A 109 6.92 -13.65 -14.15
CA HIS A 109 5.71 -14.45 -13.92
C HIS A 109 4.47 -13.72 -14.39
N VAL A 110 3.44 -14.49 -14.70
CA VAL A 110 2.18 -13.96 -15.16
C VAL A 110 1.34 -13.50 -13.97
N LEU A 111 1.47 -12.23 -13.65
CA LEU A 111 0.73 -11.62 -12.55
C LEU A 111 -0.77 -11.65 -12.81
N LYS A 112 -1.10 -11.75 -14.07
CA LYS A 112 -2.49 -11.82 -14.50
C LYS A 112 -3.07 -13.19 -14.19
N SER A 113 -3.82 -13.28 -13.11
CA SER A 113 -4.42 -14.53 -12.69
C SER A 113 -5.70 -14.81 -13.47
N SER A 114 -5.54 -15.17 -14.73
CA SER A 114 -6.66 -15.47 -15.60
C SER A 114 -6.46 -16.82 -16.29
N SER A 115 -6.61 -17.89 -15.51
CA SER A 115 -6.44 -19.24 -16.04
C SER A 115 -7.68 -19.67 -16.80
N GLU A 116 -8.81 -19.06 -16.48
CA GLU A 116 -10.07 -19.37 -17.13
C GLU A 116 -10.40 -18.34 -18.21
N MET A 1 11.37 -12.69 2.20
CA MET A 1 11.65 -11.49 3.02
C MET A 1 10.65 -10.39 2.67
N GLN A 2 10.27 -9.59 3.67
CA GLN A 2 9.32 -8.51 3.46
C GLN A 2 9.84 -7.22 4.09
N CYS A 3 9.55 -6.11 3.42
CA CYS A 3 9.97 -4.80 3.88
C CYS A 3 9.38 -4.48 5.26
N ASN A 4 8.08 -4.70 5.40
CA ASN A 4 7.37 -4.48 6.67
C ASN A 4 7.55 -3.06 7.21
N PHE A 5 6.95 -2.09 6.52
CA PHE A 5 7.02 -0.70 6.93
C PHE A 5 6.50 -0.54 8.37
N ALA A 6 5.43 -1.26 8.67
CA ALA A 6 4.75 -1.20 9.97
C ALA A 6 5.66 -1.58 11.14
N ASN A 7 6.73 -2.32 10.88
CA ASN A 7 7.63 -2.75 11.95
C ASN A 7 8.47 -1.59 12.48
N SER A 8 8.37 -0.44 11.84
CA SER A 8 9.12 0.73 12.28
C SER A 8 8.33 2.00 12.01
N CYS A 9 7.02 1.84 11.82
CA CYS A 9 6.14 2.96 11.53
C CYS A 9 4.95 2.97 12.49
N THR A 10 4.65 4.13 13.04
CA THR A 10 3.56 4.28 13.99
C THR A 10 2.74 5.53 13.70
N GLY A 11 1.47 5.50 14.10
CA GLY A 11 0.60 6.65 13.88
C GLY A 11 0.34 6.88 12.41
N VAL A 12 -0.20 5.86 11.75
CA VAL A 12 -0.47 5.93 10.33
C VAL A 12 -1.91 6.38 10.05
N GLU A 13 -2.04 7.25 9.04
CA GLU A 13 -3.34 7.77 8.63
C GLU A 13 -3.51 7.56 7.13
N LEU A 14 -4.75 7.26 6.71
CA LEU A 14 -5.03 7.06 5.29
C LEU A 14 -6.20 7.93 4.86
N TYR A 15 -5.90 8.93 4.05
CA TYR A 15 -6.92 9.83 3.54
C TYR A 15 -7.02 9.72 2.02
N GLY A 16 -8.03 9.00 1.56
CA GLY A 16 -8.24 8.84 0.14
C GLY A 16 -7.28 7.84 -0.49
N TYR A 17 -6.00 8.19 -0.49
CA TYR A 17 -4.97 7.34 -1.08
C TYR A 17 -3.57 7.74 -0.59
N ILE A 18 -3.50 8.45 0.52
CA ILE A 18 -2.22 8.87 1.08
C ILE A 18 -2.03 8.30 2.48
N LEU A 19 -0.87 7.71 2.71
CA LEU A 19 -0.55 7.11 3.99
C LEU A 19 0.55 7.89 4.68
N ARG A 20 0.24 8.52 5.79
CA ARG A 20 1.25 9.26 6.52
C ARG A 20 1.48 8.58 7.84
N GLY A 21 2.72 8.49 8.25
CA GLY A 21 3.03 7.85 9.51
C GLY A 21 4.38 8.27 10.05
N ASP A 22 4.60 7.98 11.32
CA ASP A 22 5.84 8.30 11.97
C ASP A 22 6.74 7.07 11.97
N CYS A 23 7.71 7.06 11.08
CA CYS A 23 8.62 5.94 10.97
C CYS A 23 9.97 6.33 11.55
N ILE A 24 10.51 5.46 12.38
CA ILE A 24 11.79 5.71 13.04
C ILE A 24 12.94 5.68 12.03
N ASN A 25 13.79 6.69 12.10
CA ASN A 25 14.93 6.79 11.20
C ASN A 25 16.20 6.40 11.94
N GLU A 26 17.36 6.61 11.31
CA GLU A 26 18.64 6.27 11.93
C GLU A 26 18.83 6.97 13.28
N ASP A 27 18.20 8.13 13.42
CA ASP A 27 18.29 8.91 14.65
C ASP A 27 17.66 8.18 15.83
N GLY A 28 16.72 7.30 15.55
CA GLY A 28 16.04 6.56 16.61
C GLY A 28 14.75 7.21 17.00
N HIS A 29 14.45 8.33 16.35
CA HIS A 29 13.22 9.07 16.61
C HIS A 29 12.27 8.94 15.43
N PRO A 30 10.97 8.84 15.71
CA PRO A 30 9.93 8.73 14.68
C PRO A 30 9.88 9.96 13.77
N HIS A 31 10.04 9.74 12.48
CA HIS A 31 10.02 10.81 11.50
C HIS A 31 8.73 10.73 10.69
N ALA A 32 8.06 11.87 10.52
CA ALA A 32 6.82 11.92 9.77
C ALA A 32 7.07 11.82 8.28
N THR A 33 6.55 10.76 7.68
CA THR A 33 6.68 10.53 6.25
C THR A 33 5.34 10.14 5.67
N SER A 34 5.19 10.27 4.37
CA SER A 34 3.94 9.94 3.72
C SER A 34 4.19 9.15 2.45
N ILE A 35 3.27 8.26 2.13
CA ILE A 35 3.39 7.46 0.94
C ILE A 35 2.09 7.57 0.14
N ASN A 36 2.21 7.59 -1.17
CA ASN A 36 1.05 7.70 -2.04
C ASN A 36 0.69 6.33 -2.61
N LEU A 37 -0.14 5.60 -1.87
CA LEU A 37 -0.55 4.23 -2.26
C LEU A 37 -1.14 4.21 -3.66
N ASN A 38 -1.75 5.32 -4.06
CA ASN A 38 -2.38 5.42 -5.38
C ASN A 38 -1.42 5.03 -6.49
N TYR A 39 -0.15 5.36 -6.34
CA TYR A 39 0.83 5.05 -7.37
C TYR A 39 1.65 3.82 -7.02
N TYR A 40 1.21 3.07 -6.02
CA TYR A 40 1.95 1.87 -5.61
C TYR A 40 1.06 0.64 -5.58
N ILE A 41 -0.25 0.82 -5.43
CA ILE A 41 -1.20 -0.28 -5.39
C ILE A 41 -2.11 -0.22 -6.60
N GLY A 42 -2.43 -1.38 -7.16
CA GLY A 42 -3.28 -1.43 -8.32
C GLY A 42 -4.62 -2.10 -8.05
N ASN A 43 -5.52 -1.97 -9.01
CA ASN A 43 -6.86 -2.55 -8.90
C ASN A 43 -7.09 -3.60 -9.98
N ASP A 44 -7.16 -4.86 -9.56
CA ASP A 44 -7.40 -5.97 -10.46
C ASP A 44 -8.78 -6.56 -10.19
N ASN A 45 -9.69 -6.34 -11.13
CA ASN A 45 -11.07 -6.81 -11.08
C ASN A 45 -11.74 -6.53 -9.72
N GLY A 46 -11.60 -5.30 -9.27
CA GLY A 46 -12.22 -4.88 -8.02
C GLY A 46 -11.46 -5.34 -6.79
N ARG A 47 -10.22 -5.77 -6.97
CA ARG A 47 -9.42 -6.25 -5.86
C ARG A 47 -8.09 -5.49 -5.76
N LEU A 48 -7.60 -5.37 -4.54
CA LEU A 48 -6.34 -4.67 -4.27
C LEU A 48 -5.15 -5.57 -4.56
N GLU A 49 -4.27 -5.10 -5.43
CA GLU A 49 -3.06 -5.82 -5.79
C GLU A 49 -1.86 -5.02 -5.32
N TYR A 50 -0.91 -5.70 -4.64
CA TYR A 50 0.28 -5.08 -4.11
C TYR A 50 0.82 -4.06 -4.96
N PRO A 51 1.36 -4.34 -6.08
CA PRO A 51 1.85 -3.27 -6.72
C PRO A 51 1.07 -2.91 -7.96
N GLY A 52 0.69 -1.69 -7.99
CA GLY A 52 -0.11 -1.21 -9.08
C GLY A 52 -0.05 0.27 -9.23
N GLU A 53 -1.03 0.83 -9.93
CA GLU A 53 -1.10 2.26 -10.17
C GLU A 53 -2.54 2.70 -10.38
N SER A 54 -2.87 3.85 -9.80
CA SER A 54 -4.19 4.46 -9.92
C SER A 54 -5.33 3.57 -9.40
N PHE A 55 -5.14 2.91 -8.26
CA PHE A 55 -6.21 2.08 -7.71
C PHE A 55 -7.31 3.00 -7.15
N GLY A 56 -6.89 4.12 -6.58
CA GLY A 56 -7.82 5.07 -5.99
C GLY A 56 -8.78 5.64 -7.02
N SER A 57 -8.40 5.49 -8.27
CA SER A 57 -9.20 5.96 -9.38
C SER A 57 -10.46 5.10 -9.57
N SER A 58 -10.49 3.95 -8.92
CA SER A 58 -11.64 3.06 -9.00
C SER A 58 -11.89 2.35 -7.67
N CYS A 59 -11.26 2.84 -6.61
CA CYS A 59 -11.40 2.26 -5.28
C CYS A 59 -11.81 3.32 -4.26
N VAL A 60 -12.56 2.89 -3.25
CA VAL A 60 -13.02 3.78 -2.19
C VAL A 60 -12.95 3.08 -0.84
N LYS A 61 -13.22 3.83 0.24
CA LYS A 61 -13.21 3.28 1.60
C LYS A 61 -11.80 2.83 2.00
N THR A 62 -10.81 3.62 1.61
CA THR A 62 -9.42 3.34 1.91
C THR A 62 -9.11 3.47 3.41
N ALA A 63 -8.64 2.38 4.01
CA ALA A 63 -8.26 2.38 5.42
C ALA A 63 -7.11 1.43 5.66
N LEU A 64 -6.43 1.57 6.79
CA LEU A 64 -5.29 0.74 7.11
C LEU A 64 -5.52 -0.08 8.38
N ASN A 65 -5.61 -1.39 8.23
CA ASN A 65 -5.82 -2.31 9.34
C ASN A 65 -4.52 -2.50 10.09
N ASP A 66 -4.52 -2.12 11.37
CA ASP A 66 -3.36 -2.26 12.25
C ASP A 66 -2.12 -1.59 11.65
N GLY A 67 -2.35 -0.69 10.71
CA GLY A 67 -1.26 0.02 10.06
C GLY A 67 -0.35 -0.88 9.25
N HIS A 68 -0.90 -1.96 8.68
CA HIS A 68 -0.09 -2.88 7.86
C HIS A 68 -0.87 -3.40 6.66
N THR A 69 -2.18 -3.44 6.77
CA THR A 69 -3.03 -3.92 5.70
C THR A 69 -3.95 -2.82 5.17
N LEU A 70 -3.95 -2.61 3.87
CA LEU A 70 -4.81 -1.62 3.26
C LEU A 70 -6.11 -2.27 2.82
N THR A 71 -7.23 -1.67 3.20
CA THR A 71 -8.52 -2.18 2.81
C THR A 71 -9.28 -1.15 2.02
N ALA A 72 -9.81 -1.57 0.89
CA ALA A 72 -10.59 -0.69 0.03
C ALA A 72 -11.49 -1.49 -0.88
N SER A 73 -12.55 -0.86 -1.33
CA SER A 73 -13.48 -1.51 -2.23
C SER A 73 -13.30 -0.96 -3.63
N CYS A 74 -13.08 -1.83 -4.59
CA CYS A 74 -12.86 -1.41 -5.96
C CYS A 74 -13.85 -2.02 -6.93
N LYS A 75 -14.12 -1.29 -8.01
CA LYS A 75 -15.02 -1.75 -9.06
C LYS A 75 -14.19 -2.28 -10.22
N GLY A 76 -14.72 -3.26 -10.93
CA GLY A 76 -14.00 -3.80 -12.07
C GLY A 76 -14.22 -5.29 -12.26
N ALA A 77 -14.76 -5.93 -11.25
CA ALA A 77 -15.05 -7.35 -11.33
C ALA A 77 -16.16 -7.65 -12.32
N ASP A 78 -17.17 -6.77 -12.35
CA ASP A 78 -18.31 -6.94 -13.25
C ASP A 78 -19.25 -5.74 -13.13
N GLY A 79 -18.70 -4.54 -13.33
CA GLY A 79 -19.50 -3.33 -13.24
C GLY A 79 -19.86 -2.97 -11.81
N GLN A 80 -19.55 -3.88 -10.90
CA GLN A 80 -19.84 -3.70 -9.49
C GLN A 80 -18.54 -3.69 -8.69
N TYR A 81 -18.64 -3.31 -7.43
CA TYR A 81 -17.47 -3.23 -6.57
C TYR A 81 -17.51 -4.31 -5.49
N HIS A 82 -16.37 -4.57 -4.90
CA HIS A 82 -16.25 -5.57 -3.86
C HIS A 82 -15.16 -5.15 -2.88
N ASP A 83 -15.30 -5.52 -1.63
CA ASP A 83 -14.31 -5.18 -0.62
C ASP A 83 -13.06 -6.02 -0.82
N SER A 84 -11.91 -5.41 -0.61
CA SER A 84 -10.64 -6.12 -0.77
C SER A 84 -9.60 -5.53 0.15
N SER A 85 -8.58 -6.31 0.45
CA SER A 85 -7.51 -5.87 1.31
C SER A 85 -6.18 -6.18 0.67
N MET A 86 -5.15 -5.55 1.18
CA MET A 86 -3.82 -5.76 0.67
C MET A 86 -2.78 -5.56 1.76
N ASP A 87 -1.99 -6.59 2.02
CA ASP A 87 -0.95 -6.49 3.02
C ASP A 87 0.21 -5.68 2.47
N LEU A 88 0.32 -4.46 2.96
CA LEU A 88 1.37 -3.54 2.53
C LEU A 88 2.70 -3.97 3.09
N ASN A 89 2.65 -4.96 3.98
CA ASN A 89 3.84 -5.52 4.63
C ASN A 89 4.92 -5.84 3.59
N TYR A 90 4.52 -6.19 2.39
CA TYR A 90 5.47 -6.51 1.34
C TYR A 90 5.36 -5.54 0.17
N VAL A 91 4.83 -4.35 0.46
CA VAL A 91 4.70 -3.32 -0.57
C VAL A 91 5.25 -1.98 -0.09
N VAL A 92 5.52 -1.87 1.22
CA VAL A 92 6.08 -0.66 1.80
C VAL A 92 7.18 -1.03 2.80
N GLY A 93 8.22 -0.23 2.84
CA GLY A 93 9.31 -0.47 3.76
C GLY A 93 9.79 0.81 4.40
N ASN A 94 10.51 0.69 5.50
CA ASN A 94 11.02 1.87 6.20
C ASN A 94 12.52 1.98 6.01
N SER A 95 12.95 3.01 5.31
CA SER A 95 14.36 3.23 5.08
C SER A 95 14.80 4.52 5.72
N TYR A 96 15.09 4.44 7.01
CA TYR A 96 15.55 5.60 7.78
C TYR A 96 14.48 6.69 7.83
N GLY A 97 13.29 6.31 8.30
CA GLY A 97 12.17 7.25 8.40
C GLY A 97 11.83 7.89 7.08
N TYR A 98 12.10 7.19 6.00
CA TYR A 98 11.83 7.72 4.67
C TYR A 98 10.88 6.80 3.91
N MET A 99 9.97 7.42 3.17
CA MET A 99 9.01 6.70 2.35
C MET A 99 9.68 5.83 1.30
N GLU A 100 9.85 4.55 1.60
CA GLU A 100 10.48 3.62 0.67
C GLU A 100 9.61 2.39 0.46
N PRO A 101 8.56 2.51 -0.35
CA PRO A 101 7.66 1.39 -0.63
C PRO A 101 8.27 0.37 -1.58
N CYS A 102 8.84 -0.66 -1.02
CA CYS A 102 9.46 -1.72 -1.79
C CYS A 102 8.55 -2.93 -1.88
N ARG A 103 8.44 -3.48 -3.08
CA ARG A 103 7.60 -4.66 -3.29
C ARG A 103 8.46 -5.86 -3.63
N ALA A 104 8.00 -7.04 -3.27
CA ALA A 104 8.74 -8.25 -3.54
C ALA A 104 8.07 -9.07 -4.63
N SER A 105 7.45 -8.38 -5.58
CA SER A 105 6.75 -9.03 -6.67
C SER A 105 6.65 -8.12 -7.89
N ASN A 106 5.43 -7.75 -8.25
CA ASN A 106 5.12 -6.89 -9.40
C ASN A 106 5.31 -7.64 -10.71
N ALA A 107 6.54 -7.96 -10.97
CA ALA A 107 6.93 -8.68 -12.18
C ALA A 107 7.08 -10.17 -11.92
N ASP A 108 6.94 -10.56 -10.66
CA ASP A 108 7.07 -11.97 -10.27
C ASP A 108 5.95 -12.82 -10.89
N HIS A 109 4.82 -12.20 -11.16
CA HIS A 109 3.69 -12.89 -11.77
C HIS A 109 3.19 -12.09 -12.96
N VAL A 110 2.20 -12.62 -13.67
CA VAL A 110 1.65 -11.96 -14.85
C VAL A 110 0.80 -10.73 -14.52
N LEU A 111 1.44 -9.75 -13.92
CA LEU A 111 0.78 -8.52 -13.54
C LEU A 111 1.24 -7.41 -14.46
N LYS A 112 2.46 -7.57 -14.90
CA LYS A 112 3.11 -6.62 -15.78
C LYS A 112 2.26 -6.37 -17.02
N SER A 113 2.11 -5.11 -17.38
CA SER A 113 1.33 -4.72 -18.55
C SER A 113 2.13 -4.96 -19.83
N SER A 114 2.81 -6.10 -19.87
CA SER A 114 3.64 -6.48 -21.00
C SER A 114 3.67 -7.99 -21.10
N SER A 115 3.82 -8.50 -22.32
CA SER A 115 3.88 -9.93 -22.54
C SER A 115 5.28 -10.45 -22.20
N GLU A 116 6.25 -9.57 -22.36
CA GLU A 116 7.62 -9.93 -22.08
C GLU A 116 8.28 -8.85 -21.23
N MET A 1 12.90 -9.30 -0.34
CA MET A 1 13.23 -8.87 1.05
C MET A 1 12.01 -8.30 1.74
N GLN A 2 11.91 -8.52 3.04
CA GLN A 2 10.79 -8.00 3.81
C GLN A 2 11.05 -6.55 4.13
N CYS A 3 10.13 -5.69 3.69
CA CYS A 3 10.26 -4.26 3.91
C CYS A 3 9.71 -3.89 5.29
N ASN A 4 8.49 -4.35 5.58
CA ASN A 4 7.85 -4.11 6.87
C ASN A 4 7.83 -2.63 7.24
N PHE A 5 7.07 -1.83 6.49
CA PHE A 5 6.98 -0.40 6.76
C PHE A 5 6.40 -0.14 8.15
N ALA A 6 5.39 -0.94 8.51
CA ALA A 6 4.69 -0.80 9.78
C ALA A 6 5.55 -1.23 10.96
N ASN A 7 6.54 -2.06 10.71
CA ASN A 7 7.40 -2.56 11.78
C ASN A 7 8.32 -1.46 12.30
N SER A 8 8.31 -0.32 11.64
CA SER A 8 9.13 0.80 12.04
C SER A 8 8.34 2.10 11.92
N CYS A 9 7.02 1.97 11.80
CA CYS A 9 6.15 3.13 11.66
C CYS A 9 5.03 3.10 12.69
N THR A 10 4.72 4.26 13.23
CA THR A 10 3.67 4.39 14.22
C THR A 10 2.81 5.62 13.93
N GLY A 11 1.53 5.53 14.27
CA GLY A 11 0.62 6.64 14.05
C GLY A 11 0.32 6.85 12.58
N VAL A 12 0.01 5.77 11.88
CA VAL A 12 -0.28 5.85 10.45
C VAL A 12 -1.77 6.10 10.21
N GLU A 13 -2.07 6.89 9.19
CA GLU A 13 -3.45 7.19 8.84
C GLU A 13 -3.60 7.23 7.32
N LEU A 14 -4.77 6.82 6.84
CA LEU A 14 -5.03 6.80 5.40
C LEU A 14 -6.32 7.53 5.06
N TYR A 15 -6.19 8.52 4.19
CA TYR A 15 -7.35 9.30 3.75
C TYR A 15 -7.33 9.42 2.23
N GLY A 16 -8.30 8.80 1.58
CA GLY A 16 -8.40 8.85 0.14
C GLY A 16 -7.37 7.95 -0.54
N TYR A 17 -6.10 8.32 -0.42
CA TYR A 17 -5.00 7.58 -1.03
C TYR A 17 -3.65 8.02 -0.46
N ILE A 18 -3.68 8.67 0.70
CA ILE A 18 -2.46 9.15 1.32
C ILE A 18 -2.26 8.52 2.69
N LEU A 19 -1.11 7.90 2.87
CA LEU A 19 -0.77 7.26 4.14
C LEU A 19 0.34 8.03 4.83
N ARG A 20 0.04 8.60 5.96
CA ARG A 20 1.04 9.35 6.70
C ARG A 20 1.32 8.68 8.02
N GLY A 21 2.58 8.57 8.38
CA GLY A 21 2.95 7.95 9.63
C GLY A 21 4.34 8.33 10.05
N ASP A 22 4.70 7.98 11.28
CA ASP A 22 6.02 8.28 11.79
C ASP A 22 6.89 7.04 11.75
N CYS A 23 7.89 7.06 10.89
CA CYS A 23 8.80 5.93 10.75
C CYS A 23 10.14 6.28 11.39
N ILE A 24 10.65 5.37 12.20
CA ILE A 24 11.91 5.58 12.91
C ILE A 24 13.09 5.59 11.94
N ASN A 25 14.00 6.52 12.12
CA ASN A 25 15.17 6.63 11.27
C ASN A 25 16.40 6.04 11.99
N GLU A 26 17.57 6.15 11.37
CA GLU A 26 18.79 5.60 11.95
C GLU A 26 19.07 6.13 13.36
N ASP A 27 18.58 7.34 13.65
CA ASP A 27 18.78 7.96 14.96
C ASP A 27 18.03 7.21 16.06
N GLY A 28 16.99 6.48 15.68
CA GLY A 28 16.21 5.75 16.66
C GLY A 28 14.97 6.52 17.04
N HIS A 29 14.76 7.63 16.37
CA HIS A 29 13.60 8.48 16.61
C HIS A 29 12.66 8.43 15.40
N PRO A 30 11.35 8.45 15.64
CA PRO A 30 10.34 8.41 14.58
C PRO A 30 10.26 9.72 13.81
N HIS A 31 10.23 9.62 12.49
CA HIS A 31 10.14 10.78 11.61
C HIS A 31 8.88 10.70 10.77
N ALA A 32 8.13 11.79 10.72
CA ALA A 32 6.89 11.84 9.96
C ALA A 32 7.15 11.74 8.46
N THR A 33 6.47 10.80 7.82
CA THR A 33 6.59 10.58 6.39
C THR A 33 5.23 10.27 5.80
N SER A 34 5.07 10.49 4.51
CA SER A 34 3.81 10.24 3.85
C SER A 34 4.03 9.44 2.58
N ILE A 35 3.07 8.60 2.24
CA ILE A 35 3.18 7.78 1.05
C ILE A 35 1.88 7.83 0.23
N ASN A 36 2.02 7.74 -1.09
CA ASN A 36 0.86 7.76 -1.99
C ASN A 36 0.60 6.38 -2.52
N LEU A 37 -0.31 5.67 -1.88
CA LEU A 37 -0.65 4.29 -2.25
C LEU A 37 -1.24 4.24 -3.65
N ASN A 38 -1.83 5.35 -4.07
CA ASN A 38 -2.46 5.44 -5.39
C ASN A 38 -1.48 5.10 -6.51
N TYR A 39 -0.20 5.33 -6.28
CA TYR A 39 0.81 5.06 -7.30
C TYR A 39 1.63 3.83 -6.96
N TYR A 40 1.20 3.06 -5.97
CA TYR A 40 1.93 1.86 -5.57
C TYR A 40 1.04 0.63 -5.52
N ILE A 41 -0.26 0.82 -5.36
CA ILE A 41 -1.20 -0.29 -5.29
C ILE A 41 -2.09 -0.30 -6.53
N GLY A 42 -2.37 -1.49 -7.04
CA GLY A 42 -3.21 -1.59 -8.21
C GLY A 42 -4.55 -2.22 -7.94
N ASN A 43 -5.46 -2.03 -8.88
CA ASN A 43 -6.81 -2.56 -8.78
C ASN A 43 -7.04 -3.64 -9.82
N ASP A 44 -7.07 -4.89 -9.37
CA ASP A 44 -7.27 -6.03 -10.25
C ASP A 44 -8.62 -6.66 -10.00
N ASN A 45 -9.54 -6.46 -10.94
CA ASN A 45 -10.89 -7.01 -10.86
C ASN A 45 -11.60 -6.54 -9.60
N GLY A 46 -11.43 -5.27 -9.28
CA GLY A 46 -12.06 -4.70 -8.10
C GLY A 46 -11.40 -5.13 -6.81
N ARG A 47 -10.18 -5.63 -6.92
CA ARG A 47 -9.44 -6.09 -5.75
C ARG A 47 -8.08 -5.41 -5.65
N LEU A 48 -7.69 -5.12 -4.43
CA LEU A 48 -6.43 -4.47 -4.15
C LEU A 48 -5.27 -5.42 -4.37
N GLU A 49 -4.33 -5.03 -5.22
CA GLU A 49 -3.17 -5.85 -5.51
C GLU A 49 -1.92 -5.09 -5.06
N TYR A 50 -0.99 -5.81 -4.43
CA TYR A 50 0.27 -5.24 -3.95
C TYR A 50 0.81 -4.23 -4.80
N PRO A 51 1.33 -4.52 -5.93
CA PRO A 51 1.84 -3.47 -6.58
C PRO A 51 1.07 -3.12 -7.82
N GLY A 52 0.71 -1.88 -7.87
CA GLY A 52 -0.07 -1.42 -8.96
C GLY A 52 -0.02 0.07 -9.15
N GLU A 53 -0.98 0.60 -9.88
CA GLU A 53 -1.06 2.03 -10.16
C GLU A 53 -2.51 2.45 -10.40
N SER A 54 -2.85 3.64 -9.92
CA SER A 54 -4.17 4.23 -10.10
C SER A 54 -5.31 3.34 -9.62
N PHE A 55 -5.16 2.70 -8.46
CA PHE A 55 -6.22 1.86 -7.93
C PHE A 55 -7.39 2.73 -7.48
N GLY A 56 -7.05 3.92 -6.96
CA GLY A 56 -8.05 4.85 -6.47
C GLY A 56 -9.08 5.24 -7.51
N SER A 57 -8.75 5.01 -8.78
CA SER A 57 -9.65 5.32 -9.88
C SER A 57 -11.02 4.69 -9.64
N SER A 58 -11.03 3.41 -9.28
CA SER A 58 -12.28 2.70 -9.04
C SER A 58 -12.37 2.19 -7.60
N CYS A 59 -11.48 2.65 -6.73
CA CYS A 59 -11.48 2.21 -5.33
C CYS A 59 -11.90 3.33 -4.39
N VAL A 60 -12.72 2.97 -3.43
CA VAL A 60 -13.20 3.91 -2.42
C VAL A 60 -13.16 3.24 -1.05
N LYS A 61 -13.48 4.01 0.00
CA LYS A 61 -13.48 3.47 1.37
C LYS A 61 -12.09 2.99 1.77
N THR A 62 -11.08 3.77 1.43
CA THR A 62 -9.70 3.45 1.75
C THR A 62 -9.45 3.51 3.25
N ALA A 63 -8.85 2.46 3.79
CA ALA A 63 -8.54 2.38 5.22
C ALA A 63 -7.32 1.50 5.45
N LEU A 64 -6.72 1.60 6.63
CA LEU A 64 -5.54 0.81 6.96
C LEU A 64 -5.77 -0.04 8.21
N ASN A 65 -5.79 -1.36 8.04
CA ASN A 65 -5.97 -2.29 9.14
C ASN A 65 -4.66 -2.57 9.83
N ASP A 66 -4.62 -2.28 11.14
CA ASP A 66 -3.44 -2.49 11.98
C ASP A 66 -2.23 -1.72 11.44
N GLY A 67 -2.50 -0.76 10.59
CA GLY A 67 -1.45 0.06 10.01
C GLY A 67 -0.51 -0.73 9.11
N HIS A 68 -1.01 -1.79 8.48
CA HIS A 68 -0.18 -2.58 7.59
C HIS A 68 -0.96 -3.08 6.38
N THR A 69 -2.26 -3.26 6.53
CA THR A 69 -3.10 -3.74 5.46
C THR A 69 -4.04 -2.66 4.94
N LEU A 70 -4.06 -2.47 3.63
CA LEU A 70 -4.94 -1.50 3.02
C LEU A 70 -6.27 -2.16 2.66
N THR A 71 -7.36 -1.54 3.07
CA THR A 71 -8.68 -2.05 2.78
C THR A 71 -9.48 -1.04 2.01
N ALA A 72 -10.08 -1.49 0.92
CA ALA A 72 -10.89 -0.61 0.09
C ALA A 72 -11.86 -1.42 -0.76
N SER A 73 -12.81 -0.74 -1.36
CA SER A 73 -13.79 -1.37 -2.22
C SER A 73 -13.57 -0.89 -3.64
N CYS A 74 -13.35 -1.81 -4.56
CA CYS A 74 -13.08 -1.42 -5.94
C CYS A 74 -14.00 -2.09 -6.94
N LYS A 75 -14.29 -1.37 -8.00
CA LYS A 75 -15.13 -1.88 -9.08
C LYS A 75 -14.25 -2.35 -10.23
N GLY A 76 -14.67 -3.42 -10.91
CA GLY A 76 -13.90 -3.92 -12.03
C GLY A 76 -14.14 -5.39 -12.28
N ALA A 77 -14.53 -6.11 -11.25
CA ALA A 77 -14.80 -7.53 -11.36
C ALA A 77 -15.88 -7.82 -12.39
N ASP A 78 -16.92 -6.99 -12.41
CA ASP A 78 -18.03 -7.18 -13.35
C ASP A 78 -18.96 -5.96 -13.30
N GLY A 79 -18.39 -4.79 -13.45
CA GLY A 79 -19.18 -3.56 -13.40
C GLY A 79 -19.66 -3.23 -12.00
N GLN A 80 -19.26 -4.06 -11.06
CA GLN A 80 -19.66 -3.89 -9.66
C GLN A 80 -18.42 -3.78 -8.78
N TYR A 81 -18.58 -3.19 -7.61
CA TYR A 81 -17.49 -3.01 -6.68
C TYR A 81 -17.51 -4.10 -5.62
N HIS A 82 -16.40 -4.28 -4.92
CA HIS A 82 -16.30 -5.28 -3.87
C HIS A 82 -15.16 -4.91 -2.94
N ASP A 83 -15.34 -5.18 -1.66
CA ASP A 83 -14.33 -4.88 -0.66
C ASP A 83 -13.17 -5.86 -0.76
N SER A 84 -11.97 -5.36 -0.56
CA SER A 84 -10.78 -6.17 -0.62
C SER A 84 -9.70 -5.58 0.29
N SER A 85 -8.60 -6.29 0.44
CA SER A 85 -7.52 -5.82 1.28
C SER A 85 -6.17 -6.22 0.70
N MET A 86 -5.16 -5.45 1.06
CA MET A 86 -3.81 -5.70 0.59
C MET A 86 -2.80 -5.44 1.68
N ASP A 87 -2.01 -6.45 2.02
CA ASP A 87 -1.00 -6.30 3.05
C ASP A 87 0.17 -5.50 2.48
N LEU A 88 0.27 -4.27 2.93
CA LEU A 88 1.31 -3.35 2.47
C LEU A 88 2.61 -3.65 3.17
N ASN A 89 2.55 -4.51 4.19
CA ASN A 89 3.73 -4.90 4.95
C ASN A 89 4.86 -5.37 4.03
N TYR A 90 4.51 -5.87 2.85
CA TYR A 90 5.50 -6.34 1.90
C TYR A 90 5.48 -5.51 0.63
N VAL A 91 4.87 -4.32 0.70
CA VAL A 91 4.81 -3.43 -0.45
C VAL A 91 5.37 -2.05 -0.10
N VAL A 92 5.57 -1.83 1.20
CA VAL A 92 6.14 -0.57 1.70
C VAL A 92 7.22 -0.88 2.72
N GLY A 93 8.27 -0.07 2.75
CA GLY A 93 9.34 -0.26 3.69
C GLY A 93 9.81 1.05 4.28
N ASN A 94 10.72 0.96 5.24
CA ASN A 94 11.26 2.15 5.89
C ASN A 94 12.78 2.18 5.76
N SER A 95 13.31 3.33 5.41
CA SER A 95 14.73 3.51 5.27
C SER A 95 15.12 4.91 5.70
N TYR A 96 15.71 5.00 6.89
CA TYR A 96 16.16 6.28 7.45
C TYR A 96 14.98 7.23 7.65
N GLY A 97 13.88 6.69 8.20
CA GLY A 97 12.68 7.48 8.44
C GLY A 97 12.15 8.13 7.18
N TYR A 98 12.30 7.43 6.07
CA TYR A 98 11.85 7.95 4.78
C TYR A 98 11.03 6.90 4.05
N MET A 99 9.99 7.36 3.35
CA MET A 99 9.12 6.47 2.59
C MET A 99 9.88 5.68 1.53
N GLU A 100 9.93 4.38 1.70
CA GLU A 100 10.60 3.50 0.75
C GLU A 100 9.74 2.27 0.46
N PRO A 101 8.66 2.46 -0.31
CA PRO A 101 7.75 1.38 -0.66
C PRO A 101 8.37 0.39 -1.63
N CYS A 102 8.89 -0.69 -1.08
CA CYS A 102 9.53 -1.73 -1.86
C CYS A 102 8.63 -2.95 -1.97
N ARG A 103 8.35 -3.36 -3.19
CA ARG A 103 7.51 -4.53 -3.41
C ARG A 103 8.36 -5.66 -4.00
N ALA A 104 7.99 -6.89 -3.70
CA ALA A 104 8.71 -8.05 -4.19
C ALA A 104 7.98 -8.70 -5.36
N SER A 105 7.31 -7.89 -6.16
CA SER A 105 6.55 -8.40 -7.28
C SER A 105 6.45 -7.32 -8.37
N ASN A 106 5.23 -7.10 -8.84
CA ASN A 106 4.91 -6.13 -9.90
C ASN A 106 5.47 -6.59 -11.25
N ALA A 107 4.57 -7.13 -12.06
CA ALA A 107 4.91 -7.61 -13.39
C ALA A 107 3.63 -7.89 -14.18
N ASP A 108 3.78 -8.43 -15.37
CA ASP A 108 2.61 -8.75 -16.20
C ASP A 108 2.19 -10.19 -16.00
N HIS A 109 3.01 -11.11 -16.44
CA HIS A 109 2.73 -12.53 -16.32
C HIS A 109 3.85 -13.22 -15.58
N VAL A 110 3.59 -14.47 -15.16
CA VAL A 110 4.56 -15.30 -14.43
C VAL A 110 5.35 -14.47 -13.40
N LEU A 111 4.66 -14.12 -12.32
CA LEU A 111 5.23 -13.33 -11.25
C LEU A 111 6.18 -14.17 -10.40
N LYS A 112 7.42 -14.29 -10.86
CA LYS A 112 8.43 -15.05 -10.14
C LYS A 112 9.24 -14.16 -9.22
N SER A 113 8.99 -14.28 -7.94
CA SER A 113 9.72 -13.50 -6.93
C SER A 113 11.05 -14.17 -6.62
N SER A 114 11.22 -15.38 -7.16
CA SER A 114 12.43 -16.14 -6.95
C SER A 114 13.16 -16.30 -8.28
N SER A 115 14.06 -15.37 -8.54
CA SER A 115 14.83 -15.37 -9.78
C SER A 115 16.03 -16.30 -9.66
N GLU A 116 16.60 -16.34 -8.46
CA GLU A 116 17.75 -17.16 -8.19
C GLU A 116 17.33 -18.52 -7.62
N MET A 1 15.90 -8.44 5.20
CA MET A 1 14.99 -8.97 4.16
C MET A 1 13.62 -8.30 4.28
N GLN A 2 12.86 -8.32 3.18
CA GLN A 2 11.53 -7.72 3.14
C GLN A 2 11.62 -6.21 3.37
N CYS A 3 10.52 -5.60 3.79
CA CYS A 3 10.50 -4.17 4.03
C CYS A 3 9.89 -3.88 5.40
N ASN A 4 8.61 -4.22 5.56
CA ASN A 4 7.92 -4.02 6.84
C ASN A 4 7.90 -2.55 7.26
N PHE A 5 7.18 -1.71 6.50
CA PHE A 5 7.09 -0.29 6.82
C PHE A 5 6.49 -0.08 8.22
N ALA A 6 5.45 -0.86 8.51
CA ALA A 6 4.71 -0.79 9.78
C ALA A 6 5.53 -1.30 10.94
N ASN A 7 6.54 -2.11 10.64
CA ASN A 7 7.41 -2.70 11.65
C ASN A 7 8.12 -1.63 12.46
N SER A 8 8.27 -0.45 11.87
CA SER A 8 8.93 0.65 12.54
C SER A 8 8.16 1.95 12.30
N CYS A 9 6.87 1.83 12.04
CA CYS A 9 6.02 2.99 11.80
C CYS A 9 4.82 3.00 12.74
N THR A 10 4.54 4.15 13.33
CA THR A 10 3.41 4.30 14.24
C THR A 10 2.58 5.53 13.88
N GLY A 11 1.33 5.53 14.32
CA GLY A 11 0.45 6.66 14.06
C GLY A 11 0.24 6.91 12.58
N VAL A 12 -0.32 5.92 11.90
CA VAL A 12 -0.55 6.03 10.47
C VAL A 12 -1.98 6.49 10.18
N GLU A 13 -2.13 7.21 9.07
CA GLU A 13 -3.44 7.71 8.64
C GLU A 13 -3.59 7.54 7.13
N LEU A 14 -4.78 7.16 6.69
CA LEU A 14 -5.05 6.96 5.28
C LEU A 14 -6.26 7.77 4.83
N TYR A 15 -6.05 8.63 3.85
CA TYR A 15 -7.12 9.46 3.31
C TYR A 15 -7.16 9.36 1.79
N GLY A 16 -8.15 8.65 1.26
CA GLY A 16 -8.27 8.50 -0.18
C GLY A 16 -7.27 7.53 -0.75
N TYR A 17 -6.00 7.89 -0.69
CA TYR A 17 -4.91 7.06 -1.19
C TYR A 17 -3.55 7.55 -0.69
N ILE A 18 -3.56 8.28 0.42
CA ILE A 18 -2.33 8.80 1.01
C ILE A 18 -2.15 8.27 2.42
N LEU A 19 -0.99 7.69 2.68
CA LEU A 19 -0.67 7.12 3.97
C LEU A 19 0.42 7.91 4.64
N ARG A 20 0.13 8.45 5.80
CA ARG A 20 1.11 9.22 6.53
C ARG A 20 1.34 8.59 7.89
N GLY A 21 2.59 8.52 8.31
CA GLY A 21 2.90 7.92 9.59
C GLY A 21 4.29 8.26 10.07
N ASP A 22 4.61 7.84 11.28
CA ASP A 22 5.90 8.10 11.86
C ASP A 22 6.78 6.86 11.77
N CYS A 23 7.76 6.89 10.88
CA CYS A 23 8.66 5.75 10.71
C CYS A 23 10.00 6.08 11.34
N ILE A 24 10.53 5.15 12.13
CA ILE A 24 11.79 5.35 12.81
C ILE A 24 12.96 5.41 11.83
N ASN A 25 13.84 6.38 12.03
CA ASN A 25 15.00 6.55 11.16
C ASN A 25 16.26 6.04 11.84
N GLU A 26 17.40 6.30 11.24
CA GLU A 26 18.70 5.88 11.76
C GLU A 26 18.87 6.29 13.22
N ASP A 27 18.45 7.51 13.53
CA ASP A 27 18.57 8.06 14.88
C ASP A 27 17.83 7.23 15.92
N GLY A 28 16.78 6.53 15.48
CA GLY A 28 16.00 5.74 16.41
C GLY A 28 14.71 6.44 16.79
N HIS A 29 14.52 7.62 16.23
CA HIS A 29 13.32 8.41 16.50
C HIS A 29 12.38 8.38 15.30
N PRO A 30 11.09 8.24 15.60
CA PRO A 30 10.01 8.21 14.61
C PRO A 30 9.95 9.51 13.80
N HIS A 31 10.08 9.39 12.50
CA HIS A 31 10.04 10.54 11.60
C HIS A 31 8.80 10.48 10.75
N ALA A 32 8.03 11.57 10.76
CA ALA A 32 6.81 11.65 9.99
C ALA A 32 7.09 11.62 8.49
N THR A 33 6.43 10.71 7.81
CA THR A 33 6.59 10.53 6.38
C THR A 33 5.24 10.19 5.76
N SER A 34 5.11 10.40 4.47
CA SER A 34 3.88 10.10 3.77
C SER A 34 4.16 9.33 2.50
N ILE A 35 3.22 8.47 2.14
CA ILE A 35 3.36 7.67 0.93
C ILE A 35 2.06 7.71 0.14
N ASN A 36 2.16 7.73 -1.17
CA ASN A 36 0.99 7.75 -2.01
C ASN A 36 0.75 6.37 -2.59
N LEU A 37 -0.12 5.61 -1.93
CA LEU A 37 -0.44 4.24 -2.34
C LEU A 37 -0.99 4.20 -3.74
N ASN A 38 -1.52 5.34 -4.19
CA ASN A 38 -2.10 5.45 -5.51
C ASN A 38 -1.11 5.04 -6.61
N TYR A 39 0.17 5.25 -6.37
CA TYR A 39 1.18 4.89 -7.36
C TYR A 39 1.91 3.61 -6.99
N TYR A 40 1.43 2.91 -5.97
CA TYR A 40 2.09 1.68 -5.54
C TYR A 40 1.14 0.49 -5.48
N ILE A 41 -0.15 0.75 -5.34
CA ILE A 41 -1.14 -0.31 -5.29
C ILE A 41 -2.04 -0.24 -6.52
N GLY A 42 -2.35 -1.41 -7.08
CA GLY A 42 -3.19 -1.45 -8.25
C GLY A 42 -4.54 -2.06 -7.97
N ASN A 43 -5.43 -1.95 -8.94
CA ASN A 43 -6.78 -2.49 -8.81
C ASN A 43 -7.00 -3.60 -9.82
N ASP A 44 -7.04 -4.83 -9.34
CA ASP A 44 -7.27 -5.97 -10.21
C ASP A 44 -8.67 -6.52 -10.00
N ASN A 45 -9.54 -6.27 -10.98
CA ASN A 45 -10.93 -6.71 -10.95
C ASN A 45 -11.62 -6.34 -9.65
N GLY A 46 -11.38 -5.13 -9.17
CA GLY A 46 -12.02 -4.67 -7.95
C GLY A 46 -11.32 -5.14 -6.69
N ARG A 47 -10.08 -5.61 -6.83
CA ARG A 47 -9.32 -6.08 -5.69
C ARG A 47 -7.99 -5.35 -5.57
N LEU A 48 -7.56 -5.14 -4.35
CA LEU A 48 -6.31 -4.46 -4.08
C LEU A 48 -5.13 -5.37 -4.36
N GLU A 49 -4.32 -4.99 -5.33
CA GLU A 49 -3.14 -5.77 -5.70
C GLU A 49 -1.88 -5.04 -5.23
N TYR A 50 -0.98 -5.78 -4.58
CA TYR A 50 0.27 -5.23 -4.06
C TYR A 50 0.88 -4.25 -4.91
N PRO A 51 1.36 -4.55 -6.05
CA PRO A 51 1.93 -3.49 -6.68
C PRO A 51 1.19 -3.08 -7.91
N GLY A 52 0.76 -1.87 -7.86
CA GLY A 52 0.00 -1.34 -8.94
C GLY A 52 0.06 0.15 -9.07
N GLU A 53 -0.87 0.70 -9.82
CA GLU A 53 -0.95 2.14 -10.05
C GLU A 53 -2.38 2.57 -10.34
N SER A 54 -2.74 3.73 -9.83
CA SER A 54 -4.05 4.34 -10.05
C SER A 54 -5.20 3.43 -9.57
N PHE A 55 -5.08 2.85 -8.37
CA PHE A 55 -6.13 1.99 -7.85
C PHE A 55 -7.31 2.83 -7.35
N GLY A 56 -6.99 3.97 -6.72
CA GLY A 56 -8.01 4.86 -6.17
C GLY A 56 -8.98 5.35 -7.20
N SER A 57 -8.58 5.25 -8.45
CA SER A 57 -9.40 5.66 -9.57
C SER A 57 -10.73 4.90 -9.62
N SER A 58 -10.77 3.75 -8.95
CA SER A 58 -11.98 2.94 -8.91
C SER A 58 -12.13 2.27 -7.55
N CYS A 59 -11.56 2.88 -6.51
CA CYS A 59 -11.62 2.33 -5.17
C CYS A 59 -12.13 3.35 -4.17
N VAL A 60 -12.89 2.86 -3.20
CA VAL A 60 -13.45 3.69 -2.14
C VAL A 60 -13.30 2.98 -0.81
N LYS A 61 -13.62 3.67 0.28
CA LYS A 61 -13.53 3.09 1.63
C LYS A 61 -12.10 2.74 1.98
N THR A 62 -11.16 3.58 1.56
CA THR A 62 -9.74 3.34 1.82
C THR A 62 -9.44 3.51 3.31
N ALA A 63 -8.90 2.46 3.92
CA ALA A 63 -8.55 2.48 5.32
C ALA A 63 -7.41 1.49 5.58
N LEU A 64 -6.64 1.74 6.63
CA LEU A 64 -5.52 0.89 6.98
C LEU A 64 -5.81 0.10 8.25
N ASN A 65 -5.86 -1.22 8.13
CA ASN A 65 -6.12 -2.08 9.28
C ASN A 65 -4.83 -2.34 10.04
N ASP A 66 -4.82 -1.91 11.30
CA ASP A 66 -3.67 -2.09 12.20
C ASP A 66 -2.46 -1.28 11.72
N GLY A 67 -2.60 -0.61 10.59
CA GLY A 67 -1.51 0.18 10.05
C GLY A 67 -0.53 -0.63 9.24
N HIS A 68 -0.99 -1.72 8.63
CA HIS A 68 -0.11 -2.56 7.82
C HIS A 68 -0.84 -3.10 6.60
N THR A 69 -2.15 -3.29 6.73
CA THR A 69 -2.95 -3.81 5.65
C THR A 69 -3.94 -2.75 5.13
N LEU A 70 -3.98 -2.55 3.83
CA LEU A 70 -4.89 -1.60 3.21
C LEU A 70 -6.19 -2.30 2.85
N THR A 71 -7.28 -1.71 3.25
CA THR A 71 -8.60 -2.24 2.95
C THR A 71 -9.40 -1.22 2.18
N ALA A 72 -9.98 -1.66 1.07
CA ALA A 72 -10.80 -0.77 0.24
C ALA A 72 -11.71 -1.58 -0.67
N SER A 73 -12.71 -0.91 -1.21
CA SER A 73 -13.67 -1.55 -2.09
C SER A 73 -13.46 -0.99 -3.49
N CYS A 74 -13.19 -1.85 -4.44
CA CYS A 74 -12.93 -1.40 -5.80
C CYS A 74 -13.87 -2.03 -6.80
N LYS A 75 -14.16 -1.27 -7.85
CA LYS A 75 -15.02 -1.72 -8.93
C LYS A 75 -14.14 -2.19 -10.09
N GLY A 76 -14.56 -3.26 -10.76
CA GLY A 76 -13.79 -3.75 -11.90
C GLY A 76 -14.06 -5.21 -12.23
N ALA A 77 -14.52 -5.97 -11.24
CA ALA A 77 -14.82 -7.39 -11.44
C ALA A 77 -15.92 -7.59 -12.47
N ASP A 78 -16.93 -6.72 -12.45
CA ASP A 78 -18.05 -6.80 -13.37
C ASP A 78 -18.94 -5.57 -13.20
N GLY A 79 -18.34 -4.40 -13.34
CA GLY A 79 -19.08 -3.15 -13.18
C GLY A 79 -19.49 -2.92 -11.73
N GLN A 80 -19.16 -3.87 -10.89
CA GLN A 80 -19.49 -3.81 -9.48
C GLN A 80 -18.24 -3.67 -8.64
N TYR A 81 -18.43 -3.33 -7.37
CA TYR A 81 -17.32 -3.16 -6.45
C TYR A 81 -17.27 -4.34 -5.47
N HIS A 82 -16.19 -4.43 -4.73
CA HIS A 82 -16.00 -5.49 -3.76
C HIS A 82 -14.91 -5.11 -2.76
N ASP A 83 -15.19 -5.31 -1.49
CA ASP A 83 -14.23 -4.98 -0.44
C ASP A 83 -13.09 -5.99 -0.42
N SER A 84 -11.88 -5.49 -0.57
CA SER A 84 -10.71 -6.34 -0.58
C SER A 84 -9.62 -5.73 0.29
N SER A 85 -8.52 -6.45 0.48
CA SER A 85 -7.43 -5.95 1.29
C SER A 85 -6.08 -6.32 0.68
N MET A 86 -5.10 -5.52 1.02
CA MET A 86 -3.75 -5.72 0.55
C MET A 86 -2.76 -5.42 1.66
N ASP A 87 -2.04 -6.43 2.11
CA ASP A 87 -1.07 -6.24 3.17
C ASP A 87 0.13 -5.48 2.62
N LEU A 88 0.23 -4.23 3.04
CA LEU A 88 1.30 -3.34 2.60
C LEU A 88 2.61 -3.66 3.30
N ASN A 89 2.53 -4.52 4.31
CA ASN A 89 3.69 -4.93 5.08
C ASN A 89 4.83 -5.40 4.16
N TYR A 90 4.47 -5.88 2.97
CA TYR A 90 5.48 -6.34 2.03
C TYR A 90 5.46 -5.49 0.76
N VAL A 91 4.79 -4.34 0.80
CA VAL A 91 4.74 -3.44 -0.36
C VAL A 91 5.28 -2.06 -0.01
N VAL A 92 5.52 -1.83 1.27
CA VAL A 92 6.09 -0.56 1.73
C VAL A 92 7.22 -0.82 2.71
N GLY A 93 8.29 -0.07 2.57
CA GLY A 93 9.41 -0.23 3.47
C GLY A 93 9.82 1.08 4.10
N ASN A 94 10.57 0.99 5.19
CA ASN A 94 11.04 2.16 5.92
C ASN A 94 12.55 2.25 5.84
N SER A 95 13.04 3.41 5.47
CA SER A 95 14.46 3.65 5.37
C SER A 95 14.78 5.08 5.79
N TYR A 96 15.49 5.23 6.91
CA TYR A 96 15.85 6.54 7.44
C TYR A 96 14.61 7.42 7.65
N GLY A 97 13.52 6.79 8.08
CA GLY A 97 12.28 7.51 8.32
C GLY A 97 11.72 8.13 7.06
N TYR A 98 12.11 7.60 5.91
CA TYR A 98 11.64 8.12 4.64
C TYR A 98 10.88 7.04 3.87
N MET A 99 9.86 7.47 3.13
CA MET A 99 9.04 6.57 2.33
C MET A 99 9.86 5.79 1.32
N GLU A 100 9.99 4.49 1.53
CA GLU A 100 10.74 3.63 0.62
C GLU A 100 9.96 2.34 0.35
N PRO A 101 8.91 2.42 -0.48
CA PRO A 101 8.08 1.27 -0.82
C PRO A 101 8.79 0.28 -1.74
N CYS A 102 8.42 -0.98 -1.61
CA CYS A 102 9.02 -2.03 -2.41
C CYS A 102 7.94 -2.97 -2.91
N ARG A 103 8.09 -3.49 -4.12
CA ARG A 103 7.09 -4.40 -4.65
C ARG A 103 7.67 -5.80 -4.75
N ALA A 104 6.82 -6.80 -4.56
CA ALA A 104 7.26 -8.19 -4.64
C ALA A 104 6.97 -8.79 -6.01
N SER A 105 6.53 -7.93 -6.92
CA SER A 105 6.19 -8.33 -8.28
C SER A 105 6.27 -7.12 -9.22
N ASN A 106 5.13 -6.75 -9.77
CA ASN A 106 4.99 -5.61 -10.69
C ASN A 106 6.05 -5.65 -11.79
N ALA A 107 6.35 -6.86 -12.25
CA ALA A 107 7.35 -7.04 -13.29
C ALA A 107 6.73 -7.67 -14.53
N ASP A 108 5.44 -7.93 -14.45
CA ASP A 108 4.71 -8.54 -15.55
C ASP A 108 3.79 -7.52 -16.22
N HIS A 109 3.02 -7.97 -17.18
CA HIS A 109 2.11 -7.09 -17.88
C HIS A 109 0.81 -6.93 -17.11
N VAL A 110 0.03 -8.01 -17.05
CA VAL A 110 -1.23 -8.01 -16.33
C VAL A 110 -1.39 -9.29 -15.52
N LEU A 111 -1.02 -9.20 -14.26
CA LEU A 111 -1.12 -10.34 -13.36
C LEU A 111 -2.51 -10.41 -12.75
N LYS A 112 -3.50 -10.55 -13.63
CA LYS A 112 -4.89 -10.63 -13.22
C LYS A 112 -5.13 -11.80 -12.28
N SER A 113 -5.66 -11.51 -11.12
CA SER A 113 -5.96 -12.52 -10.12
C SER A 113 -7.38 -13.04 -10.29
N SER A 114 -7.62 -13.68 -11.42
CA SER A 114 -8.94 -14.22 -11.71
C SER A 114 -8.81 -15.54 -12.46
N SER A 115 -9.21 -16.63 -11.80
CA SER A 115 -9.15 -17.94 -12.40
C SER A 115 -10.08 -18.02 -13.62
N GLU A 116 -11.26 -17.44 -13.47
CA GLU A 116 -12.24 -17.43 -14.54
C GLU A 116 -12.58 -15.99 -14.91
N MET A 1 16.60 -8.97 4.44
CA MET A 1 15.64 -8.34 5.37
C MET A 1 14.40 -7.90 4.60
N GLN A 2 13.24 -8.20 5.17
CA GLN A 2 11.97 -7.83 4.55
C GLN A 2 11.73 -6.33 4.71
N CYS A 3 10.81 -5.78 3.93
CA CYS A 3 10.53 -4.34 4.01
C CYS A 3 9.80 -4.02 5.31
N ASN A 4 8.53 -4.42 5.40
CA ASN A 4 7.70 -4.20 6.59
C ASN A 4 7.71 -2.73 7.01
N PHE A 5 6.97 -1.89 6.29
CA PHE A 5 6.91 -0.47 6.62
C PHE A 5 6.43 -0.28 8.05
N ALA A 6 5.37 -1.03 8.41
CA ALA A 6 4.77 -0.96 9.73
C ALA A 6 5.74 -1.37 10.85
N ASN A 7 6.77 -2.11 10.49
CA ASN A 7 7.76 -2.60 11.44
C ASN A 7 8.41 -1.45 12.21
N SER A 8 8.50 -0.29 11.58
CA SER A 8 9.13 0.85 12.22
C SER A 8 8.28 2.12 12.05
N CYS A 9 7.02 1.95 11.71
CA CYS A 9 6.13 3.09 11.52
C CYS A 9 4.98 3.04 12.51
N THR A 10 4.70 4.18 13.13
CA THR A 10 3.65 4.28 14.12
C THR A 10 2.72 5.47 13.84
N GLY A 11 1.45 5.32 14.22
CA GLY A 11 0.48 6.38 14.01
C GLY A 11 0.24 6.68 12.55
N VAL A 12 0.06 5.63 11.75
CA VAL A 12 -0.18 5.79 10.33
C VAL A 12 -1.67 5.93 10.04
N GLU A 13 -2.00 6.89 9.17
CA GLU A 13 -3.39 7.16 8.79
C GLU A 13 -3.52 7.20 7.28
N LEU A 14 -4.73 6.96 6.77
CA LEU A 14 -4.96 6.94 5.33
C LEU A 14 -6.15 7.80 4.94
N TYR A 15 -5.92 8.74 4.03
CA TYR A 15 -6.98 9.61 3.53
C TYR A 15 -7.04 9.56 2.01
N GLY A 16 -7.97 8.77 1.49
CA GLY A 16 -8.12 8.65 0.04
C GLY A 16 -7.07 7.75 -0.59
N TYR A 17 -5.81 8.15 -0.47
CA TYR A 17 -4.69 7.40 -1.03
C TYR A 17 -3.38 7.93 -0.48
N ILE A 18 -3.45 8.55 0.70
CA ILE A 18 -2.29 9.12 1.34
C ILE A 18 -2.03 8.47 2.70
N LEU A 19 -0.91 7.79 2.82
CA LEU A 19 -0.54 7.13 4.07
C LEU A 19 0.52 7.94 4.76
N ARG A 20 0.20 8.51 5.90
CA ARG A 20 1.17 9.30 6.63
C ARG A 20 1.34 8.73 8.02
N GLY A 21 2.57 8.76 8.51
CA GLY A 21 2.85 8.25 9.83
C GLY A 21 4.24 8.59 10.29
N ASP A 22 4.58 8.18 11.49
CA ASP A 22 5.88 8.43 12.05
C ASP A 22 6.74 7.17 11.98
N CYS A 23 7.73 7.17 11.11
CA CYS A 23 8.59 6.03 10.96
C CYS A 23 9.95 6.35 11.58
N ILE A 24 10.43 5.43 12.40
CA ILE A 24 11.69 5.62 13.09
C ILE A 24 12.88 5.43 12.17
N ASN A 25 13.84 6.33 12.29
CA ASN A 25 15.04 6.28 11.47
C ASN A 25 16.20 5.73 12.31
N GLU A 26 17.40 5.74 11.76
CA GLU A 26 18.58 5.24 12.46
C GLU A 26 18.76 5.92 13.83
N ASP A 27 18.43 7.21 13.89
CA ASP A 27 18.55 7.99 15.11
C ASP A 27 17.71 7.41 16.23
N GLY A 28 16.64 6.73 15.87
CA GLY A 28 15.76 6.15 16.87
C GLY A 28 14.55 7.01 17.13
N HIS A 29 14.46 8.11 16.41
CA HIS A 29 13.34 9.03 16.54
C HIS A 29 12.39 8.92 15.36
N PRO A 30 11.09 8.99 15.65
CA PRO A 30 10.03 8.93 14.63
C PRO A 30 10.08 10.11 13.67
N HIS A 31 10.20 9.81 12.39
CA HIS A 31 10.26 10.81 11.35
C HIS A 31 8.93 10.85 10.60
N ALA A 32 8.38 12.04 10.45
CA ALA A 32 7.12 12.21 9.75
C ALA A 32 7.28 12.02 8.25
N THR A 33 6.65 10.98 7.72
CA THR A 33 6.73 10.66 6.31
C THR A 33 5.34 10.30 5.77
N SER A 34 5.16 10.44 4.47
CA SER A 34 3.88 10.14 3.85
C SER A 34 4.09 9.45 2.50
N ILE A 35 3.24 8.49 2.19
CA ILE A 35 3.36 7.78 0.94
C ILE A 35 2.03 7.80 0.19
N ASN A 36 2.10 7.87 -1.13
CA ASN A 36 0.91 7.87 -1.96
C ASN A 36 0.67 6.49 -2.54
N LEU A 37 -0.24 5.75 -1.90
CA LEU A 37 -0.55 4.38 -2.30
C LEU A 37 -1.14 4.36 -3.71
N ASN A 38 -1.67 5.49 -4.12
CA ASN A 38 -2.30 5.63 -5.43
C ASN A 38 -1.34 5.24 -6.56
N TYR A 39 -0.06 5.49 -6.38
CA TYR A 39 0.92 5.18 -7.42
C TYR A 39 1.71 3.92 -7.10
N TYR A 40 1.24 3.15 -6.12
CA TYR A 40 1.94 1.94 -5.74
C TYR A 40 1.01 0.73 -5.64
N ILE A 41 -0.29 0.97 -5.56
CA ILE A 41 -1.26 -0.13 -5.45
C ILE A 41 -2.20 -0.12 -6.63
N GLY A 42 -2.56 -1.31 -7.10
CA GLY A 42 -3.46 -1.42 -8.23
C GLY A 42 -4.71 -2.17 -7.89
N ASN A 43 -5.72 -2.06 -8.75
CA ASN A 43 -6.98 -2.73 -8.53
C ASN A 43 -7.26 -3.73 -9.65
N ASP A 44 -7.22 -5.01 -9.31
CA ASP A 44 -7.46 -6.06 -10.28
C ASP A 44 -8.78 -6.75 -10.00
N ASN A 45 -9.74 -6.61 -10.93
CA ASN A 45 -11.06 -7.23 -10.80
C ASN A 45 -11.77 -6.76 -9.54
N GLY A 46 -11.53 -5.50 -9.19
CA GLY A 46 -12.17 -4.94 -8.01
C GLY A 46 -11.46 -5.32 -6.72
N ARG A 47 -10.29 -5.93 -6.84
CA ARG A 47 -9.52 -6.34 -5.68
C ARG A 47 -8.21 -5.58 -5.61
N LEU A 48 -7.68 -5.47 -4.40
CA LEU A 48 -6.42 -4.75 -4.18
C LEU A 48 -5.22 -5.63 -4.48
N GLU A 49 -4.39 -5.16 -5.40
CA GLU A 49 -3.18 -5.86 -5.79
C GLU A 49 -1.96 -5.08 -5.32
N TYR A 50 -0.96 -5.79 -4.77
CA TYR A 50 0.26 -5.17 -4.27
C TYR A 50 0.74 -4.10 -5.08
N PRO A 51 1.23 -4.32 -6.23
CA PRO A 51 1.67 -3.22 -6.85
C PRO A 51 0.83 -2.84 -8.03
N GLY A 52 0.49 -1.61 -8.06
CA GLY A 52 -0.34 -1.13 -9.11
C GLY A 52 -0.23 0.35 -9.37
N GLU A 53 -1.26 0.89 -10.00
CA GLU A 53 -1.28 2.31 -10.35
C GLU A 53 -2.72 2.83 -10.42
N SER A 54 -2.90 4.02 -9.87
CA SER A 54 -4.19 4.72 -9.87
C SER A 54 -5.36 3.83 -9.43
N PHE A 55 -5.17 3.06 -8.36
CA PHE A 55 -6.25 2.20 -7.87
C PHE A 55 -7.41 3.06 -7.36
N GLY A 56 -7.06 4.19 -6.75
CA GLY A 56 -8.05 5.10 -6.21
C GLY A 56 -9.04 5.60 -7.23
N SER A 57 -8.69 5.47 -8.51
CA SER A 57 -9.55 5.91 -9.60
C SER A 57 -10.85 5.10 -9.59
N SER A 58 -10.79 3.87 -9.10
CA SER A 58 -11.96 3.00 -9.05
C SER A 58 -12.02 2.27 -7.70
N CYS A 59 -11.48 2.89 -6.65
CA CYS A 59 -11.49 2.30 -5.33
C CYS A 59 -11.92 3.32 -4.28
N VAL A 60 -12.72 2.88 -3.33
CA VAL A 60 -13.22 3.74 -2.27
C VAL A 60 -13.11 3.03 -0.92
N LYS A 61 -13.43 3.74 0.16
CA LYS A 61 -13.39 3.19 1.52
C LYS A 61 -11.97 2.80 1.92
N THR A 62 -11.01 3.63 1.54
CA THR A 62 -9.61 3.39 1.86
C THR A 62 -9.34 3.48 3.36
N ALA A 63 -8.74 2.45 3.92
CA ALA A 63 -8.41 2.39 5.33
C ALA A 63 -7.19 1.49 5.55
N LEU A 64 -6.54 1.62 6.70
CA LEU A 64 -5.36 0.82 7.00
C LEU A 64 -5.58 -0.03 8.26
N ASN A 65 -5.62 -1.34 8.08
CA ASN A 65 -5.80 -2.28 9.18
C ASN A 65 -4.53 -2.41 9.99
N ASP A 66 -4.60 -2.00 11.25
CA ASP A 66 -3.46 -2.09 12.19
C ASP A 66 -2.22 -1.37 11.63
N GLY A 67 -2.44 -0.56 10.61
CA GLY A 67 -1.36 0.17 9.99
C GLY A 67 -0.40 -0.71 9.21
N HIS A 68 -0.93 -1.73 8.52
CA HIS A 68 -0.08 -2.61 7.72
C HIS A 68 -0.81 -3.11 6.47
N THR A 69 -2.12 -3.24 6.56
CA THR A 69 -2.91 -3.72 5.45
C THR A 69 -3.89 -2.64 4.97
N LEU A 70 -3.95 -2.43 3.68
CA LEU A 70 -4.88 -1.46 3.10
C LEU A 70 -6.19 -2.13 2.73
N THR A 71 -7.29 -1.53 3.13
CA THR A 71 -8.61 -2.05 2.82
C THR A 71 -9.38 -1.06 1.99
N ALA A 72 -9.95 -1.53 0.90
CA ALA A 72 -10.74 -0.67 0.03
C ALA A 72 -11.65 -1.51 -0.86
N SER A 73 -12.63 -0.85 -1.45
CA SER A 73 -13.58 -1.49 -2.33
C SER A 73 -13.37 -0.97 -3.74
N CYS A 74 -13.13 -1.87 -4.67
CA CYS A 74 -12.89 -1.47 -6.06
C CYS A 74 -13.85 -2.14 -7.02
N LYS A 75 -14.07 -1.49 -8.15
CA LYS A 75 -14.94 -2.00 -9.20
C LYS A 75 -14.11 -2.65 -10.30
N GLY A 76 -14.66 -3.66 -10.97
CA GLY A 76 -13.95 -4.31 -12.06
C GLY A 76 -14.36 -5.75 -12.26
N ALA A 77 -14.76 -6.39 -11.17
CA ALA A 77 -15.19 -7.78 -11.20
C ALA A 77 -16.32 -8.03 -12.20
N ASP A 78 -17.26 -7.10 -12.30
CA ASP A 78 -18.38 -7.22 -13.22
C ASP A 78 -19.22 -5.96 -13.21
N GLY A 79 -18.55 -4.83 -13.41
CA GLY A 79 -19.24 -3.54 -13.40
C GLY A 79 -19.73 -3.18 -12.00
N GLN A 80 -19.34 -3.99 -11.05
CA GLN A 80 -19.70 -3.81 -9.66
C GLN A 80 -18.44 -3.73 -8.81
N TYR A 81 -18.62 -3.37 -7.55
CA TYR A 81 -17.50 -3.25 -6.63
C TYR A 81 -17.53 -4.34 -5.57
N HIS A 82 -16.42 -4.53 -4.88
CA HIS A 82 -16.33 -5.52 -3.83
C HIS A 82 -15.23 -5.09 -2.87
N ASP A 83 -15.37 -5.45 -1.60
CA ASP A 83 -14.36 -5.09 -0.61
C ASP A 83 -13.19 -6.05 -0.68
N SER A 84 -12.00 -5.51 -0.52
CA SER A 84 -10.78 -6.30 -0.54
C SER A 84 -9.70 -5.63 0.30
N SER A 85 -8.63 -6.35 0.58
CA SER A 85 -7.54 -5.81 1.37
C SER A 85 -6.22 -6.12 0.71
N MET A 86 -5.19 -5.39 1.13
CA MET A 86 -3.86 -5.56 0.59
C MET A 86 -2.81 -5.31 1.65
N ASP A 87 -2.09 -6.35 2.04
CA ASP A 87 -1.04 -6.21 3.03
C ASP A 87 0.13 -5.45 2.43
N LEU A 88 0.27 -4.21 2.85
CA LEU A 88 1.33 -3.33 2.35
C LEU A 88 2.65 -3.68 3.02
N ASN A 89 2.58 -4.55 4.02
CA ASN A 89 3.77 -4.98 4.76
C ASN A 89 4.88 -5.43 3.80
N TYR A 90 4.50 -5.93 2.64
CA TYR A 90 5.48 -6.38 1.67
C TYR A 90 5.42 -5.56 0.39
N VAL A 91 4.84 -4.37 0.48
CA VAL A 91 4.76 -3.48 -0.67
C VAL A 91 5.34 -2.10 -0.31
N VAL A 92 5.56 -1.89 0.99
CA VAL A 92 6.15 -0.65 1.49
C VAL A 92 7.23 -0.98 2.53
N GLY A 93 8.26 -0.18 2.60
CA GLY A 93 9.32 -0.39 3.56
C GLY A 93 9.79 0.90 4.19
N ASN A 94 10.63 0.79 5.20
CA ASN A 94 11.16 1.97 5.89
C ASN A 94 12.67 2.06 5.72
N SER A 95 13.14 3.22 5.31
CA SER A 95 14.55 3.46 5.13
C SER A 95 14.95 4.79 5.74
N TYR A 96 15.53 4.74 6.94
CA TYR A 96 15.97 5.94 7.64
C TYR A 96 14.79 6.88 7.92
N GLY A 97 13.68 6.30 8.36
CA GLY A 97 12.49 7.08 8.65
C GLY A 97 11.97 7.79 7.42
N TYR A 98 12.20 7.19 6.26
CA TYR A 98 11.78 7.79 5.00
C TYR A 98 11.00 6.77 4.18
N MET A 99 10.04 7.27 3.41
CA MET A 99 9.20 6.42 2.56
C MET A 99 10.00 5.68 1.50
N GLU A 100 9.95 4.37 1.55
CA GLU A 100 10.64 3.52 0.59
C GLU A 100 9.78 2.29 0.29
N PRO A 101 8.76 2.46 -0.56
CA PRO A 101 7.85 1.37 -0.92
C PRO A 101 8.50 0.30 -1.79
N CYS A 102 9.01 -0.73 -1.14
CA CYS A 102 9.64 -1.83 -1.82
C CYS A 102 8.72 -3.04 -1.79
N ARG A 103 8.45 -3.60 -2.96
CA ARG A 103 7.57 -4.76 -3.04
C ARG A 103 8.37 -6.05 -3.07
N ALA A 104 7.81 -7.09 -2.49
CA ALA A 104 8.48 -8.38 -2.46
C ALA A 104 7.80 -9.38 -3.38
N SER A 105 7.19 -8.87 -4.44
CA SER A 105 6.48 -9.72 -5.38
C SER A 105 6.40 -9.08 -6.75
N ASN A 106 5.28 -8.42 -7.01
CA ASN A 106 5.02 -7.72 -8.28
C ASN A 106 4.82 -8.72 -9.41
N ALA A 107 3.57 -8.85 -9.84
CA ALA A 107 3.24 -9.74 -10.93
C ALA A 107 3.24 -8.98 -12.25
N ASP A 108 2.64 -7.79 -12.24
CA ASP A 108 2.57 -6.96 -13.43
C ASP A 108 2.84 -5.50 -13.09
N HIS A 109 2.88 -4.65 -14.11
CA HIS A 109 3.14 -3.22 -13.97
C HIS A 109 4.54 -2.90 -13.47
N VAL A 110 5.04 -1.76 -13.91
CA VAL A 110 6.35 -1.28 -13.54
C VAL A 110 6.22 0.05 -12.81
N LEU A 111 6.22 -0.02 -11.50
CA LEU A 111 6.08 1.17 -10.68
C LEU A 111 7.43 1.61 -10.12
N LYS A 112 8.20 2.29 -10.95
CA LYS A 112 9.51 2.78 -10.55
C LYS A 112 9.51 4.31 -10.57
N SER A 113 9.49 4.92 -9.40
CA SER A 113 9.48 6.37 -9.28
C SER A 113 10.84 6.94 -9.66
N SER A 114 11.88 6.36 -9.08
CA SER A 114 13.26 6.77 -9.33
C SER A 114 13.43 8.19 -8.82
N SER A 115 13.62 8.29 -7.51
CA SER A 115 13.77 9.57 -6.84
C SER A 115 14.92 10.37 -7.45
N GLU A 116 16.08 9.74 -7.56
CA GLU A 116 17.26 10.39 -8.13
C GLU A 116 17.51 9.87 -9.54
N MET A 1 16.67 -9.18 4.96
CA MET A 1 15.79 -8.21 5.64
C MET A 1 14.61 -7.85 4.76
N GLN A 2 13.43 -7.73 5.36
CA GLN A 2 12.23 -7.40 4.62
C GLN A 2 11.81 -5.97 4.93
N CYS A 3 11.14 -5.32 3.98
CA CYS A 3 10.70 -3.94 4.13
C CYS A 3 9.86 -3.72 5.40
N ASN A 4 8.56 -4.04 5.34
CA ASN A 4 7.67 -3.89 6.51
C ASN A 4 7.72 -2.48 7.09
N PHE A 5 7.03 -1.53 6.44
CA PHE A 5 7.03 -0.14 6.92
C PHE A 5 6.53 -0.06 8.36
N ALA A 6 5.56 -0.89 8.70
CA ALA A 6 4.95 -0.90 10.02
C ALA A 6 5.91 -1.34 11.13
N ASN A 7 6.97 -2.06 10.75
CA ASN A 7 7.95 -2.55 11.73
C ASN A 7 8.63 -1.41 12.47
N SER A 8 8.56 -0.20 11.92
CA SER A 8 9.17 0.96 12.54
C SER A 8 8.33 2.22 12.28
N CYS A 9 7.02 2.02 12.13
CA CYS A 9 6.12 3.14 11.89
C CYS A 9 4.95 3.13 12.86
N THR A 10 4.66 4.28 13.44
CA THR A 10 3.57 4.41 14.38
C THR A 10 2.69 5.60 14.00
N GLY A 11 1.44 5.57 14.46
CA GLY A 11 0.52 6.66 14.17
C GLY A 11 0.29 6.83 12.67
N VAL A 12 -0.18 5.78 12.02
CA VAL A 12 -0.41 5.83 10.58
C VAL A 12 -1.90 6.02 10.27
N GLU A 13 -2.18 6.84 9.26
CA GLU A 13 -3.56 7.12 8.85
C GLU A 13 -3.66 7.12 7.33
N LEU A 14 -4.85 6.86 6.81
CA LEU A 14 -5.08 6.80 5.37
C LEU A 14 -6.23 7.69 4.94
N TYR A 15 -5.96 8.62 4.03
CA TYR A 15 -6.98 9.54 3.52
C TYR A 15 -7.05 9.45 1.99
N GLY A 16 -8.02 8.71 1.49
CA GLY A 16 -8.21 8.58 0.06
C GLY A 16 -7.19 7.66 -0.59
N TYR A 17 -5.91 8.04 -0.52
CA TYR A 17 -4.84 7.25 -1.10
C TYR A 17 -3.47 7.69 -0.58
N ILE A 18 -3.44 8.35 0.57
CA ILE A 18 -2.20 8.80 1.16
C ILE A 18 -2.02 8.21 2.56
N LEU A 19 -0.88 7.58 2.78
CA LEU A 19 -0.58 6.96 4.07
C LEU A 19 0.48 7.78 4.78
N ARG A 20 0.14 8.36 5.90
CA ARG A 20 1.09 9.15 6.64
C ARG A 20 1.30 8.54 8.01
N GLY A 21 2.52 8.55 8.47
CA GLY A 21 2.83 8.01 9.77
C GLY A 21 4.21 8.38 10.22
N ASP A 22 4.57 7.97 11.42
CA ASP A 22 5.87 8.26 11.98
C ASP A 22 6.77 7.05 11.87
N CYS A 23 7.74 7.12 10.98
CA CYS A 23 8.67 6.02 10.79
C CYS A 23 10.01 6.39 11.39
N ILE A 24 10.58 5.47 12.16
CA ILE A 24 11.86 5.71 12.82
C ILE A 24 13.00 5.75 11.81
N ASN A 25 13.93 6.68 12.02
CA ASN A 25 15.08 6.83 11.15
C ASN A 25 16.35 6.37 11.88
N GLU A 26 17.51 6.58 11.27
CA GLU A 26 18.78 6.17 11.88
C GLU A 26 18.99 6.77 13.28
N ASP A 27 18.38 7.93 13.51
CA ASP A 27 18.50 8.63 14.78
C ASP A 27 17.80 7.86 15.90
N GLY A 28 16.90 6.96 15.53
CA GLY A 28 16.18 6.18 16.50
C GLY A 28 14.89 6.85 16.93
N HIS A 29 14.59 7.97 16.30
CA HIS A 29 13.37 8.71 16.61
C HIS A 29 12.41 8.66 15.43
N PRO A 30 11.11 8.61 15.70
CA PRO A 30 10.08 8.56 14.68
C PRO A 30 9.97 9.86 13.87
N HIS A 31 10.10 9.74 12.56
CA HIS A 31 10.00 10.88 11.66
C HIS A 31 8.78 10.70 10.76
N ALA A 32 7.98 11.75 10.64
CA ALA A 32 6.78 11.70 9.83
C ALA A 32 7.08 11.56 8.35
N THR A 33 6.46 10.56 7.75
CA THR A 33 6.61 10.27 6.33
C THR A 33 5.24 9.97 5.75
N SER A 34 5.08 10.18 4.46
CA SER A 34 3.81 9.93 3.81
C SER A 34 4.01 9.27 2.47
N ILE A 35 3.26 8.22 2.23
CA ILE A 35 3.37 7.50 0.99
C ILE A 35 2.07 7.59 0.21
N ASN A 36 2.19 7.66 -1.11
CA ASN A 36 1.02 7.77 -1.96
C ASN A 36 0.69 6.38 -2.53
N LEU A 37 -0.18 5.65 -1.84
CA LEU A 37 -0.56 4.28 -2.24
C LEU A 37 -1.12 4.27 -3.66
N ASN A 38 -1.69 5.38 -4.08
CA ASN A 38 -2.29 5.50 -5.41
C ASN A 38 -1.32 5.11 -6.51
N TYR A 39 -0.03 5.34 -6.28
CA TYR A 39 0.98 5.03 -7.29
C TYR A 39 1.73 3.74 -6.94
N TYR A 40 1.26 2.99 -5.96
CA TYR A 40 1.93 1.76 -5.56
C TYR A 40 1.00 0.56 -5.49
N ILE A 41 -0.29 0.80 -5.34
CA ILE A 41 -1.27 -0.27 -5.26
C ILE A 41 -2.17 -0.25 -6.48
N GLY A 42 -2.52 -1.44 -6.98
CA GLY A 42 -3.37 -1.51 -8.15
C GLY A 42 -4.72 -2.12 -7.87
N ASN A 43 -5.60 -2.03 -8.87
CA ASN A 43 -6.95 -2.56 -8.78
C ASN A 43 -7.11 -3.70 -9.77
N ASP A 44 -7.12 -4.92 -9.27
CA ASP A 44 -7.26 -6.09 -10.13
C ASP A 44 -8.60 -6.77 -9.89
N ASN A 45 -9.52 -6.61 -10.84
CA ASN A 45 -10.86 -7.19 -10.78
C ASN A 45 -11.61 -6.72 -9.55
N GLY A 46 -11.46 -5.44 -9.22
CA GLY A 46 -12.14 -4.89 -8.08
C GLY A 46 -11.49 -5.29 -6.76
N ARG A 47 -10.26 -5.76 -6.84
CA ARG A 47 -9.53 -6.19 -5.66
C ARG A 47 -8.20 -5.46 -5.55
N LEU A 48 -7.75 -5.27 -4.33
CA LEU A 48 -6.49 -4.60 -4.07
C LEU A 48 -5.33 -5.51 -4.39
N GLU A 49 -4.44 -5.04 -5.26
CA GLU A 49 -3.26 -5.80 -5.65
C GLU A 49 -2.03 -5.09 -5.11
N TYR A 50 -1.06 -5.87 -4.60
CA TYR A 50 0.17 -5.32 -4.06
C TYR A 50 0.72 -4.27 -4.87
N PRO A 51 1.33 -4.51 -5.97
CA PRO A 51 1.79 -3.40 -6.58
C PRO A 51 1.01 -3.05 -7.82
N GLY A 52 0.60 -1.85 -7.84
CA GLY A 52 -0.19 -1.38 -8.92
C GLY A 52 -0.11 0.10 -9.12
N GLU A 53 -1.11 0.64 -9.82
CA GLU A 53 -1.18 2.06 -10.11
C GLU A 53 -2.63 2.52 -10.24
N SER A 54 -2.85 3.77 -9.83
CA SER A 54 -4.15 4.43 -9.90
C SER A 54 -5.32 3.57 -9.40
N PHE A 55 -5.16 2.91 -8.27
CA PHE A 55 -6.23 2.09 -7.72
C PHE A 55 -7.34 2.99 -7.18
N GLY A 56 -6.93 4.10 -6.55
CA GLY A 56 -7.88 5.04 -5.96
C GLY A 56 -8.81 5.63 -6.98
N SER A 57 -8.40 5.54 -8.24
CA SER A 57 -9.18 6.05 -9.35
C SER A 57 -10.49 5.28 -9.49
N SER A 58 -10.56 4.09 -8.91
CA SER A 58 -11.75 3.26 -8.96
C SER A 58 -11.98 2.54 -7.63
N CYS A 59 -11.38 3.04 -6.57
CA CYS A 59 -11.51 2.43 -5.25
C CYS A 59 -11.97 3.46 -4.23
N VAL A 60 -12.79 3.03 -3.30
CA VAL A 60 -13.31 3.89 -2.25
C VAL A 60 -13.27 3.16 -0.92
N LYS A 61 -13.58 3.88 0.16
CA LYS A 61 -13.59 3.29 1.51
C LYS A 61 -12.20 2.85 1.92
N THR A 62 -11.21 3.67 1.58
CA THR A 62 -9.82 3.38 1.91
C THR A 62 -9.56 3.46 3.41
N ALA A 63 -8.94 2.44 3.97
CA ALA A 63 -8.61 2.40 5.38
C ALA A 63 -7.38 1.53 5.60
N LEU A 64 -6.76 1.67 6.75
CA LEU A 64 -5.57 0.88 7.07
C LEU A 64 -5.82 0.08 8.33
N ASN A 65 -5.89 -1.24 8.19
CA ASN A 65 -6.13 -2.13 9.31
C ASN A 65 -4.84 -2.47 10.03
N ASP A 66 -4.81 -2.15 11.32
CA ASP A 66 -3.67 -2.42 12.18
C ASP A 66 -2.40 -1.76 11.66
N GLY A 67 -2.58 -0.70 10.88
CA GLY A 67 -1.47 0.04 10.31
C GLY A 67 -0.50 -0.82 9.53
N HIS A 68 -1.02 -1.77 8.75
CA HIS A 68 -0.15 -2.63 7.95
C HIS A 68 -0.88 -3.15 6.71
N THR A 69 -2.19 -3.29 6.81
CA THR A 69 -2.99 -3.79 5.71
C THR A 69 -3.97 -2.74 5.20
N LEU A 70 -4.00 -2.54 3.90
CA LEU A 70 -4.91 -1.57 3.29
C LEU A 70 -6.24 -2.24 2.92
N THR A 71 -7.33 -1.56 3.25
CA THR A 71 -8.65 -2.07 2.95
C THR A 71 -9.44 -1.06 2.12
N ALA A 72 -10.03 -1.51 1.03
CA ALA A 72 -10.82 -0.64 0.17
C ALA A 72 -11.71 -1.44 -0.77
N SER A 73 -12.72 -0.78 -1.30
CA SER A 73 -13.66 -1.38 -2.22
C SER A 73 -13.38 -0.87 -3.63
N CYS A 74 -13.16 -1.77 -4.56
CA CYS A 74 -12.84 -1.36 -5.93
C CYS A 74 -13.78 -1.99 -6.95
N LYS A 75 -14.01 -1.27 -8.03
CA LYS A 75 -14.85 -1.74 -9.13
C LYS A 75 -13.96 -2.29 -10.25
N GLY A 76 -14.41 -3.36 -10.89
CA GLY A 76 -13.65 -3.92 -11.99
C GLY A 76 -14.00 -5.37 -12.25
N ALA A 77 -14.37 -6.08 -11.19
CA ALA A 77 -14.75 -7.49 -11.28
C ALA A 77 -15.73 -7.74 -12.41
N ASP A 78 -16.74 -6.88 -12.53
CA ASP A 78 -17.75 -7.02 -13.57
C ASP A 78 -18.65 -5.79 -13.57
N GLY A 79 -18.03 -4.61 -13.58
CA GLY A 79 -18.79 -3.37 -13.56
C GLY A 79 -19.32 -3.06 -12.17
N GLN A 80 -18.99 -3.91 -11.22
CA GLN A 80 -19.42 -3.73 -9.85
C GLN A 80 -18.21 -3.66 -8.93
N TYR A 81 -18.40 -3.11 -7.74
CA TYR A 81 -17.33 -2.95 -6.78
C TYR A 81 -17.39 -4.04 -5.71
N HIS A 82 -16.27 -4.25 -5.04
CA HIS A 82 -16.18 -5.24 -4.00
C HIS A 82 -15.09 -4.83 -3.02
N ASP A 83 -15.32 -5.06 -1.74
CA ASP A 83 -14.36 -4.68 -0.72
C ASP A 83 -13.27 -5.74 -0.58
N SER A 84 -12.03 -5.30 -0.54
CA SER A 84 -10.89 -6.20 -0.43
C SER A 84 -9.81 -5.57 0.45
N SER A 85 -8.71 -6.31 0.64
CA SER A 85 -7.62 -5.83 1.46
C SER A 85 -6.27 -6.18 0.83
N MET A 86 -5.23 -5.49 1.24
CA MET A 86 -3.89 -5.71 0.73
C MET A 86 -2.86 -5.52 1.81
N ASP A 87 -2.01 -6.52 2.03
CA ASP A 87 -0.97 -6.42 3.04
C ASP A 87 0.18 -5.61 2.47
N LEU A 88 0.31 -4.38 2.94
CA LEU A 88 1.34 -3.47 2.47
C LEU A 88 2.70 -3.83 3.04
N ASN A 89 2.70 -4.73 4.01
CA ASN A 89 3.95 -5.17 4.65
C ASN A 89 5.03 -5.54 3.63
N TYR A 90 4.60 -6.08 2.50
CA TYR A 90 5.55 -6.47 1.47
C TYR A 90 5.39 -5.63 0.21
N VAL A 91 4.79 -4.45 0.37
CA VAL A 91 4.62 -3.54 -0.75
C VAL A 91 5.18 -2.16 -0.41
N VAL A 92 5.56 -1.97 0.85
CA VAL A 92 6.13 -0.71 1.30
C VAL A 92 7.05 -0.91 2.51
N GLY A 93 8.18 -0.21 2.51
CA GLY A 93 9.13 -0.32 3.61
C GLY A 93 9.58 1.03 4.13
N ASN A 94 10.32 0.99 5.23
CA ASN A 94 10.83 2.21 5.85
C ASN A 94 12.35 2.24 5.77
N SER A 95 12.88 3.21 5.06
CA SER A 95 14.31 3.35 4.93
C SER A 95 14.82 4.58 5.65
N TYR A 96 14.93 4.46 6.97
CA TYR A 96 15.43 5.57 7.80
C TYR A 96 14.45 6.74 7.80
N GLY A 97 13.25 6.49 8.27
CA GLY A 97 12.24 7.53 8.32
C GLY A 97 11.91 8.05 6.94
N TYR A 98 12.19 7.24 5.93
CA TYR A 98 11.96 7.62 4.55
C TYR A 98 11.11 6.58 3.84
N MET A 99 10.09 7.06 3.15
CA MET A 99 9.19 6.18 2.40
C MET A 99 9.92 5.47 1.26
N GLU A 100 9.97 4.14 1.33
CA GLU A 100 10.59 3.35 0.28
C GLU A 100 9.79 2.07 0.06
N PRO A 101 8.71 2.16 -0.71
CA PRO A 101 7.84 1.01 -1.01
C PRO A 101 8.51 0.02 -1.97
N CYS A 102 8.57 -1.23 -1.56
CA CYS A 102 9.20 -2.26 -2.37
C CYS A 102 8.19 -3.29 -2.82
N ARG A 103 8.18 -3.62 -4.10
CA ARG A 103 7.24 -4.62 -4.60
C ARG A 103 8.02 -5.86 -5.03
N ALA A 104 7.47 -7.03 -4.75
CA ALA A 104 8.14 -8.27 -5.12
C ALA A 104 7.23 -9.13 -5.98
N SER A 105 6.18 -8.53 -6.50
CA SER A 105 5.22 -9.25 -7.33
C SER A 105 4.41 -8.30 -8.21
N ASN A 106 5.09 -7.64 -9.12
CA ASN A 106 4.47 -6.71 -10.06
C ASN A 106 4.58 -7.26 -11.47
N ALA A 107 3.70 -8.19 -11.79
CA ALA A 107 3.69 -8.82 -13.10
C ALA A 107 3.37 -7.79 -14.18
N ASP A 108 4.33 -7.57 -15.07
CA ASP A 108 4.16 -6.61 -16.15
C ASP A 108 5.17 -6.90 -17.25
N HIS A 109 6.43 -6.64 -16.98
CA HIS A 109 7.50 -6.87 -17.94
C HIS A 109 8.68 -7.57 -17.29
N VAL A 110 9.44 -6.82 -16.49
CA VAL A 110 10.60 -7.37 -15.80
C VAL A 110 10.41 -7.28 -14.30
N LEU A 111 9.89 -8.34 -13.72
CA LEU A 111 9.67 -8.37 -12.28
C LEU A 111 10.88 -8.96 -11.60
N LYS A 112 11.84 -8.10 -11.25
CA LYS A 112 13.05 -8.50 -10.56
C LYS A 112 13.84 -9.50 -11.40
N SER A 113 13.69 -9.37 -12.72
CA SER A 113 14.33 -10.25 -13.69
C SER A 113 13.92 -11.71 -13.42
N SER A 114 12.78 -11.87 -12.75
CA SER A 114 12.25 -13.17 -12.40
C SER A 114 10.73 -13.16 -12.56
N SER A 115 10.29 -12.77 -13.76
CA SER A 115 8.87 -12.69 -14.06
C SER A 115 8.22 -14.07 -14.08
N GLU A 116 8.99 -15.08 -14.48
CA GLU A 116 8.49 -16.45 -14.52
C GLU A 116 8.79 -17.16 -13.21
N MET A 1 13.94 -10.84 2.44
CA MET A 1 13.60 -9.44 2.10
C MET A 1 12.22 -9.08 2.65
N GLN A 2 12.21 -8.48 3.84
CA GLN A 2 10.96 -8.08 4.49
C GLN A 2 11.01 -6.60 4.79
N CYS A 3 10.23 -5.85 4.03
CA CYS A 3 10.18 -4.40 4.19
C CYS A 3 9.44 -4.02 5.48
N ASN A 4 8.15 -4.38 5.58
CA ASN A 4 7.35 -4.09 6.76
C ASN A 4 7.41 -2.61 7.14
N PHE A 5 6.68 -1.77 6.41
CA PHE A 5 6.66 -0.34 6.67
C PHE A 5 6.14 -0.05 8.09
N ALA A 6 5.09 -0.78 8.47
CA ALA A 6 4.46 -0.63 9.78
C ALA A 6 5.36 -1.08 10.91
N ASN A 7 6.30 -1.95 10.58
CA ASN A 7 7.24 -2.50 11.56
C ASN A 7 8.08 -1.40 12.19
N SER A 8 8.31 -0.34 11.44
CA SER A 8 9.10 0.77 11.94
C SER A 8 8.31 2.08 11.87
N CYS A 9 6.99 1.98 11.71
CA CYS A 9 6.14 3.16 11.61
C CYS A 9 5.03 3.16 12.65
N THR A 10 4.69 4.34 13.11
CA THR A 10 3.65 4.53 14.10
C THR A 10 2.82 5.77 13.77
N GLY A 11 1.56 5.77 14.19
CA GLY A 11 0.69 6.91 13.92
C GLY A 11 0.33 7.02 12.46
N VAL A 12 0.22 5.89 11.79
CA VAL A 12 -0.13 5.87 10.37
C VAL A 12 -1.62 6.06 10.15
N GLU A 13 -1.96 6.95 9.22
CA GLU A 13 -3.35 7.22 8.88
C GLU A 13 -3.53 7.20 7.36
N LEU A 14 -4.72 6.83 6.92
CA LEU A 14 -5.02 6.76 5.49
C LEU A 14 -6.19 7.66 5.13
N TYR A 15 -5.94 8.61 4.25
CA TYR A 15 -6.98 9.52 3.81
C TYR A 15 -7.09 9.50 2.30
N GLY A 16 -8.09 8.78 1.79
CA GLY A 16 -8.30 8.70 0.36
C GLY A 16 -7.36 7.72 -0.32
N TYR A 17 -6.08 8.05 -0.34
CA TYR A 17 -5.06 7.21 -0.97
C TYR A 17 -3.65 7.59 -0.50
N ILE A 18 -3.57 8.32 0.61
CA ILE A 18 -2.30 8.75 1.16
C ILE A 18 -2.13 8.24 2.58
N LEU A 19 -0.98 7.64 2.84
CA LEU A 19 -0.66 7.08 4.15
C LEU A 19 0.47 7.86 4.78
N ARG A 20 0.19 8.53 5.88
CA ARG A 20 1.22 9.30 6.55
C ARG A 20 1.42 8.75 7.95
N GLY A 21 2.66 8.72 8.38
CA GLY A 21 2.97 8.23 9.69
C GLY A 21 4.39 8.56 10.10
N ASP A 22 4.78 8.09 11.26
CA ASP A 22 6.11 8.34 11.79
C ASP A 22 6.95 7.08 11.75
N CYS A 23 7.96 7.07 10.88
CA CYS A 23 8.85 5.93 10.77
C CYS A 23 10.19 6.29 11.40
N ILE A 24 10.71 5.39 12.22
CA ILE A 24 11.99 5.63 12.89
C ILE A 24 13.13 5.62 11.88
N ASN A 25 14.01 6.60 12.00
CA ASN A 25 15.15 6.70 11.10
C ASN A 25 16.42 6.27 11.83
N GLU A 26 17.58 6.45 11.19
CA GLU A 26 18.85 6.06 11.79
C GLU A 26 19.08 6.77 13.14
N ASP A 27 18.45 7.91 13.32
CA ASP A 27 18.57 8.68 14.55
C ASP A 27 17.92 7.94 15.72
N GLY A 28 17.02 7.02 15.40
CA GLY A 28 16.34 6.26 16.43
C GLY A 28 15.06 6.92 16.87
N HIS A 29 14.75 8.05 16.23
CA HIS A 29 13.54 8.79 16.55
C HIS A 29 12.58 8.72 15.36
N PRO A 30 11.28 8.67 15.64
CA PRO A 30 10.24 8.60 14.61
C PRO A 30 10.20 9.87 13.76
N HIS A 31 10.34 9.69 12.45
CA HIS A 31 10.32 10.78 11.49
C HIS A 31 9.03 10.72 10.67
N ALA A 32 8.35 11.86 10.58
CA ALA A 32 7.09 11.93 9.84
C ALA A 32 7.32 11.84 8.33
N THR A 33 6.67 10.86 7.71
CA THR A 33 6.79 10.63 6.28
C THR A 33 5.43 10.19 5.73
N SER A 34 5.26 10.26 4.42
CA SER A 34 3.99 9.89 3.82
C SER A 34 4.21 9.10 2.54
N ILE A 35 3.28 8.21 2.25
CA ILE A 35 3.35 7.38 1.08
C ILE A 35 2.06 7.49 0.28
N ASN A 36 2.16 7.49 -1.02
CA ASN A 36 1.00 7.60 -1.89
C ASN A 36 0.67 6.23 -2.47
N LEU A 37 -0.20 5.49 -1.77
CA LEU A 37 -0.59 4.14 -2.19
C LEU A 37 -1.16 4.13 -3.60
N ASN A 38 -1.78 5.23 -4.01
CA ASN A 38 -2.38 5.35 -5.34
C ASN A 38 -1.38 4.97 -6.43
N TYR A 39 -0.10 5.28 -6.23
CA TYR A 39 0.90 4.98 -7.23
C TYR A 39 1.71 3.75 -6.88
N TYR A 40 1.21 2.93 -5.96
CA TYR A 40 1.91 1.72 -5.56
C TYR A 40 1.01 0.49 -5.57
N ILE A 41 -0.29 0.68 -5.38
CA ILE A 41 -1.24 -0.42 -5.36
C ILE A 41 -2.16 -0.34 -6.58
N GLY A 42 -2.48 -1.48 -7.16
CA GLY A 42 -3.34 -1.51 -8.32
C GLY A 42 -4.69 -2.14 -8.05
N ASN A 43 -5.57 -2.03 -9.04
CA ASN A 43 -6.92 -2.55 -8.94
C ASN A 43 -7.13 -3.70 -9.92
N ASP A 44 -7.24 -4.91 -9.40
CA ASP A 44 -7.46 -6.08 -10.23
C ASP A 44 -8.86 -6.61 -10.01
N ASN A 45 -9.73 -6.38 -10.99
CA ASN A 45 -11.12 -6.81 -10.96
C ASN A 45 -11.82 -6.44 -9.63
N GLY A 46 -11.51 -5.26 -9.12
CA GLY A 46 -12.12 -4.78 -7.90
C GLY A 46 -11.36 -5.20 -6.66
N ARG A 47 -10.23 -5.85 -6.84
CA ARG A 47 -9.42 -6.29 -5.73
C ARG A 47 -8.14 -5.49 -5.64
N LEU A 48 -7.60 -5.42 -4.43
CA LEU A 48 -6.38 -4.67 -4.19
C LEU A 48 -5.16 -5.54 -4.49
N GLU A 49 -4.39 -5.11 -5.47
CA GLU A 49 -3.19 -5.82 -5.88
C GLU A 49 -1.95 -5.08 -5.41
N TYR A 50 -1.04 -5.81 -4.73
CA TYR A 50 0.20 -5.23 -4.20
C TYR A 50 0.75 -4.24 -5.04
N PRO A 51 1.22 -4.55 -6.19
CA PRO A 51 1.76 -3.52 -6.85
C PRO A 51 0.94 -3.08 -8.04
N GLY A 52 0.64 -1.83 -8.04
CA GLY A 52 -0.16 -1.29 -9.09
C GLY A 52 -0.13 0.22 -9.17
N GLU A 53 -1.12 0.76 -9.85
CA GLU A 53 -1.25 2.21 -10.02
C GLU A 53 -2.71 2.61 -10.20
N SER A 54 -3.03 3.80 -9.71
CA SER A 54 -4.37 4.37 -9.80
C SER A 54 -5.48 3.47 -9.26
N PHE A 55 -5.24 2.79 -8.15
CA PHE A 55 -6.28 1.93 -7.57
C PHE A 55 -7.37 2.81 -6.96
N GLY A 56 -6.95 3.95 -6.41
CA GLY A 56 -7.87 4.87 -5.77
C GLY A 56 -8.83 5.48 -6.77
N SER A 57 -8.46 5.41 -8.03
CA SER A 57 -9.26 5.94 -9.12
C SER A 57 -10.55 5.13 -9.31
N SER A 58 -10.65 4.00 -8.61
CA SER A 58 -11.82 3.15 -8.70
C SER A 58 -12.11 2.48 -7.35
N CYS A 59 -11.37 2.89 -6.32
CA CYS A 59 -11.52 2.33 -4.98
C CYS A 59 -12.17 3.31 -4.02
N VAL A 60 -12.83 2.78 -3.02
CA VAL A 60 -13.48 3.57 -1.99
C VAL A 60 -13.33 2.89 -0.64
N LYS A 61 -13.64 3.62 0.43
CA LYS A 61 -13.56 3.10 1.80
C LYS A 61 -12.12 2.76 2.18
N THR A 62 -11.18 3.51 1.63
CA THR A 62 -9.76 3.30 1.90
C THR A 62 -9.45 3.44 3.39
N ALA A 63 -8.90 2.39 3.98
CA ALA A 63 -8.56 2.36 5.40
C ALA A 63 -7.40 1.41 5.63
N LEU A 64 -6.74 1.55 6.77
CA LEU A 64 -5.61 0.70 7.09
C LEU A 64 -5.89 -0.18 8.30
N ASN A 65 -5.95 -1.50 8.06
CA ASN A 65 -6.18 -2.45 9.14
C ASN A 65 -4.94 -2.58 9.98
N ASP A 66 -5.05 -2.19 11.24
CA ASP A 66 -3.96 -2.25 12.21
C ASP A 66 -2.71 -1.52 11.71
N GLY A 67 -2.91 -0.63 10.74
CA GLY A 67 -1.82 0.14 10.17
C GLY A 67 -0.82 -0.67 9.37
N HIS A 68 -1.25 -1.77 8.75
CA HIS A 68 -0.35 -2.59 7.95
C HIS A 68 -1.04 -3.14 6.70
N THR A 69 -2.36 -3.26 6.75
CA THR A 69 -3.11 -3.78 5.63
C THR A 69 -4.06 -2.71 5.07
N LEU A 70 -4.06 -2.54 3.77
CA LEU A 70 -4.95 -1.57 3.14
C LEU A 70 -6.26 -2.23 2.78
N THR A 71 -7.35 -1.62 3.17
CA THR A 71 -8.67 -2.14 2.88
C THR A 71 -9.47 -1.15 2.07
N ALA A 72 -10.04 -1.61 0.96
CA ALA A 72 -10.85 -0.76 0.10
C ALA A 72 -11.69 -1.59 -0.83
N SER A 73 -12.68 -0.95 -1.42
CA SER A 73 -13.57 -1.60 -2.36
C SER A 73 -13.38 -0.98 -3.74
N CYS A 74 -12.98 -1.79 -4.71
CA CYS A 74 -12.75 -1.29 -6.06
C CYS A 74 -13.70 -1.91 -7.06
N LYS A 75 -13.91 -1.19 -8.15
CA LYS A 75 -14.76 -1.66 -9.23
C LYS A 75 -13.91 -2.24 -10.34
N GLY A 76 -14.39 -3.30 -10.99
CA GLY A 76 -13.62 -3.87 -12.07
C GLY A 76 -13.90 -5.34 -12.30
N ALA A 77 -14.49 -6.02 -11.33
CA ALA A 77 -14.79 -7.43 -11.47
C ALA A 77 -15.79 -7.65 -12.60
N ASP A 78 -16.75 -6.73 -12.70
CA ASP A 78 -17.77 -6.79 -13.75
C ASP A 78 -18.68 -5.57 -13.66
N GLY A 79 -18.10 -4.39 -13.78
CA GLY A 79 -18.87 -3.16 -13.69
C GLY A 79 -19.42 -2.94 -12.29
N GLN A 80 -18.86 -3.65 -11.34
CA GLN A 80 -19.27 -3.56 -9.96
C GLN A 80 -18.05 -3.59 -9.05
N TYR A 81 -18.24 -3.18 -7.81
CA TYR A 81 -17.16 -3.13 -6.83
C TYR A 81 -17.17 -4.37 -5.95
N HIS A 82 -16.12 -4.52 -5.15
CA HIS A 82 -16.00 -5.64 -4.24
C HIS A 82 -15.03 -5.29 -3.11
N ASP A 83 -15.40 -5.65 -1.89
CA ASP A 83 -14.57 -5.35 -0.73
C ASP A 83 -13.30 -6.20 -0.75
N SER A 84 -12.16 -5.55 -0.61
CA SER A 84 -10.89 -6.26 -0.63
C SER A 84 -9.87 -5.61 0.31
N SER A 85 -8.77 -6.31 0.54
CA SER A 85 -7.70 -5.82 1.40
C SER A 85 -6.36 -6.17 0.79
N MET A 86 -5.31 -5.53 1.26
CA MET A 86 -3.98 -5.78 0.74
C MET A 86 -2.92 -5.59 1.81
N ASP A 87 -2.08 -6.60 2.01
CA ASP A 87 -1.01 -6.52 2.98
C ASP A 87 0.10 -5.65 2.42
N LEU A 88 0.22 -4.44 2.94
CA LEU A 88 1.24 -3.51 2.48
C LEU A 88 2.58 -3.87 3.09
N ASN A 89 2.54 -4.80 4.03
CA ASN A 89 3.73 -5.28 4.73
C ASN A 89 4.84 -5.67 3.75
N TYR A 90 4.46 -6.08 2.54
CA TYR A 90 5.43 -6.46 1.54
C TYR A 90 5.33 -5.57 0.30
N VAL A 91 4.75 -4.38 0.47
CA VAL A 91 4.62 -3.44 -0.64
C VAL A 91 5.19 -2.08 -0.25
N VAL A 92 5.37 -1.86 1.06
CA VAL A 92 5.94 -0.63 1.58
C VAL A 92 7.02 -0.95 2.60
N GLY A 93 8.03 -0.11 2.70
CA GLY A 93 9.09 -0.35 3.65
C GLY A 93 9.67 0.94 4.18
N ASN A 94 10.42 0.86 5.27
CA ASN A 94 11.02 2.03 5.89
C ASN A 94 12.52 2.03 5.66
N SER A 95 13.04 3.18 5.27
CA SER A 95 14.46 3.34 5.04
C SER A 95 14.91 4.69 5.58
N TYR A 96 15.44 4.68 6.80
CA TYR A 96 15.93 5.90 7.45
C TYR A 96 14.79 6.89 7.64
N GLY A 97 13.66 6.38 8.13
CA GLY A 97 12.49 7.22 8.37
C GLY A 97 12.03 7.95 7.14
N TYR A 98 12.27 7.35 5.97
CA TYR A 98 11.89 7.97 4.72
C TYR A 98 11.05 7.02 3.88
N MET A 99 10.12 7.59 3.12
CA MET A 99 9.23 6.83 2.24
C MET A 99 10.02 6.03 1.21
N GLU A 100 10.14 4.73 1.45
CA GLU A 100 10.84 3.84 0.53
C GLU A 100 10.07 2.53 0.36
N PRO A 101 8.89 2.62 -0.26
CA PRO A 101 8.03 1.45 -0.50
C PRO A 101 8.68 0.41 -1.41
N CYS A 102 8.93 -0.76 -0.84
CA CYS A 102 9.53 -1.85 -1.58
C CYS A 102 8.61 -3.05 -1.59
N ARG A 103 8.35 -3.59 -2.76
CA ARG A 103 7.48 -4.75 -2.90
C ARG A 103 8.29 -5.96 -3.33
N ALA A 104 7.89 -7.13 -2.88
CA ALA A 104 8.58 -8.36 -3.25
C ALA A 104 7.73 -9.16 -4.23
N SER A 105 7.37 -8.53 -5.34
CA SER A 105 6.57 -9.17 -6.36
C SER A 105 6.59 -8.32 -7.63
N ASN A 106 5.39 -7.96 -8.09
CA ASN A 106 5.20 -7.15 -9.29
C ASN A 106 5.70 -7.87 -10.55
N ALA A 107 4.76 -8.41 -11.30
CA ALA A 107 5.03 -9.16 -12.55
C ALA A 107 5.73 -10.48 -12.30
N ASP A 108 6.56 -10.53 -11.26
CA ASP A 108 7.29 -11.74 -10.87
C ASP A 108 6.32 -12.85 -10.48
N HIS A 109 5.15 -12.45 -10.02
CA HIS A 109 4.12 -13.39 -9.62
C HIS A 109 2.78 -12.96 -10.15
N VAL A 110 1.90 -13.92 -10.30
CA VAL A 110 0.56 -13.70 -10.79
C VAL A 110 -0.43 -13.95 -9.66
N LEU A 111 -0.82 -12.89 -8.98
CA LEU A 111 -1.72 -12.99 -7.86
C LEU A 111 -3.19 -13.08 -8.31
N LYS A 112 -3.57 -14.24 -8.81
CA LYS A 112 -4.94 -14.46 -9.26
C LYS A 112 -5.69 -15.25 -8.21
N SER A 113 -6.40 -14.53 -7.37
CA SER A 113 -7.18 -15.12 -6.30
C SER A 113 -8.54 -15.58 -6.82
N SER A 114 -8.50 -16.52 -7.76
CA SER A 114 -9.72 -17.05 -8.35
C SER A 114 -9.45 -18.43 -8.94
N SER A 115 -9.73 -19.46 -8.18
CA SER A 115 -9.53 -20.82 -8.62
C SER A 115 -10.58 -21.18 -9.66
N GLU A 116 -11.84 -20.98 -9.28
CA GLU A 116 -12.95 -21.26 -10.16
C GLU A 116 -14.00 -20.15 -10.05
#